data_7NDG
#
_entry.id   7NDG
#
_cell.length_a   1.00
_cell.length_b   1.00
_cell.length_c   1.00
_cell.angle_alpha   90.00
_cell.angle_beta   90.00
_cell.angle_gamma   90.00
#
_symmetry.space_group_name_H-M   'P 1'
#
loop_
_entity.id
_entity.type
_entity.pdbx_description
1 polymer Netrin-1
2 polymer Neogenin
3 polymer 'Repulsive Guidance Molecule B (C-terminal region)'
4 polymer 'RGM domain family member B'
5 non-polymer 'CALCIUM ION'
6 non-polymer 2-acetamido-2-deoxy-beta-D-glucopyranose
#
loop_
_entity_poly.entity_id
_entity_poly.type
_entity_poly.pdbx_seq_one_letter_code
_entity_poly.pdbx_strand_id
1 'polypeptide(L)'
;GPGLSMFAGQAAQPDPCSDENGHPRRCIPDFVNAAFGKDVRVSSTCGRPPARYCVVSERGEERLRSCHLCNASDPKKAHP
PAFLTDLNNPHNLTCWQSENYLQFPHNVTLTLSLGKKFEVTYVSLQFCSPRPESMAIYKSMDYGRTWVPFQFYSTQCRKM
YNRPHRAPITKQNEQEAVCTDSHTDMRPLSGGLIAFSTLDGRPSAHDFDNSPVLQDWVTATDIRVAFSRLHTFGDENEDD
SELARDSYFYAVSDLQVGGRCKCNGHAARCVRDRDDSLVCDCRHNTAGPECDRCKPFHYDRPWQRATAREANECVACNCN
LHARRCRFNMELYKLSGRKSGGVCLNCRHNTAGRHCHYCKEGYYRDMGKPITHRKACKACDCHPVGAAGKTCNQTTGQCP
CKDGVTGITCNRCAKGYQQSRSPIAPCIKGSGTETSQVAPA
;
A,G,D
2 'polypeptide(L)'
;ETGETRVPEVPSSLHVRPLVTSIVVSWTPPENQNIVVRGYAIGYGIGSPHAQTIKVDYKQRYYTIENLDPSSHYVITLKA
FNNVGEGIPLYESAVTRPHTVPDPTPMMPPVGVQASILSHDTIRITWADNSLPKHQKITDSRYYTVRWKTNIPANTKYKN
ANATTLSYLVTGLKPNTLYEFSVMVTKGRRSSTWSMTAHGATFELVPTSPPKDVTVVSKEGKPRTIIVNWQPPSEANGKI
TGYIIYYSTDVNAEIHDWVIEPVVGNRLTHQIQELTLDTPYYFKIQARNSKGMGPMSEAVQFRTPKALGSAGKGSRLPDL
GSDYKPPMSGSNSPHGSPTSPLDSNGTKHHHHHH
;
B,H,E
3 'polypeptide(L)'
;PHLRTFKDNFQTCKVEGAWPLIDNNYLSVQVTNVPVVPGSSATATNKITIIFKAHHECTDQKVYQAVTDDLPAAFVDGTT
SGGDSDAKSLRIVERESGHYVEMHARYIGTTVFVRQVGRYLTLAIRMPEDLAMSYEESQDLQLCVNGCPLSERIDDGQGQ
VSAILGHSLPRTSLVQAWPGYTLETANTQCHEKMPVKDIYFQSCVFDLLTTGDANFTAAAHSALEDVEALHPRKERWHIF
PSSGTKHHHHHH
;
F,C,I
4 'polypeptide(L)'
;ETGQCRIQKCTTDFVSLTSHLNSAVDGFDSEFCKALRAYAGCTQRTSKACRGNLVYHSAVLGISDLMSQRNCSKDGPTSS
TNPEVTHDPCNYHSHAGAREHRRGDQNPPSYLFCGLFGD
;
N,M,O
#
# COMPACT_ATOMS: atom_id res chain seq x y z
N PRO A 14 -3.18 19.37 -8.39
CA PRO A 14 -3.64 20.76 -8.49
C PRO A 14 -3.17 21.65 -7.32
N ASP A 15 -3.12 21.09 -6.11
CA ASP A 15 -2.73 21.77 -4.87
C ASP A 15 -1.23 22.14 -4.83
N PRO A 16 -0.88 23.43 -4.55
CA PRO A 16 0.54 23.82 -4.50
C PRO A 16 1.29 23.30 -3.27
N CYS A 17 0.56 22.96 -2.21
CA CYS A 17 1.09 22.45 -0.94
C CYS A 17 1.59 21.00 -1.05
N SER A 18 1.11 20.26 -2.05
CA SER A 18 1.48 18.87 -2.30
C SER A 18 2.57 18.78 -3.39
N ASP A 19 3.56 17.91 -3.15
CA ASP A 19 4.66 17.64 -4.09
C ASP A 19 4.19 16.66 -5.18
N GLU A 20 5.09 16.31 -6.13
CA GLU A 20 4.82 15.38 -7.23
C GLU A 20 4.44 13.98 -6.74
N ASN A 21 5.05 13.54 -5.61
CA ASN A 21 4.75 12.25 -4.98
C ASN A 21 3.61 12.40 -3.97
N GLY A 22 3.49 13.60 -3.40
CA GLY A 22 2.46 13.94 -2.42
C GLY A 22 3.01 14.28 -1.05
N HIS A 23 4.29 14.71 -0.99
CA HIS A 23 4.97 15.10 0.24
C HIS A 23 4.76 16.59 0.55
N PRO A 24 4.76 17.00 1.85
CA PRO A 24 4.54 18.43 2.15
C PRO A 24 5.66 19.35 1.68
N ARG A 25 5.29 20.58 1.25
CA ARG A 25 6.20 21.63 0.77
C ARG A 25 5.65 23.02 1.12
N ARG A 26 6.56 24.00 1.34
CA ARG A 26 6.26 25.40 1.70
C ARG A 26 5.17 26.03 0.81
N CYS A 27 4.15 26.66 1.43
CA CYS A 27 3.03 27.29 0.70
C CYS A 27 3.05 28.80 0.87
N ILE A 28 3.09 29.52 -0.25
CA ILE A 28 3.13 30.98 -0.25
C ILE A 28 1.95 31.54 -1.06
N PRO A 29 1.13 32.46 -0.48
CA PRO A 29 0.04 33.07 -1.26
C PRO A 29 0.62 34.02 -2.31
N ASP A 30 -0.08 34.19 -3.45
CA ASP A 30 0.37 35.05 -4.56
C ASP A 30 0.56 36.51 -4.16
N PHE A 31 1.53 37.19 -4.80
CA PHE A 31 1.85 38.60 -4.58
C PHE A 31 0.68 39.43 -5.09
N VAL A 32 0.11 40.27 -4.22
CA VAL A 32 -1.08 41.07 -4.52
C VAL A 32 -0.90 42.53 -4.04
N ASN A 33 -1.58 43.48 -4.72
CA ASN A 33 -1.65 44.86 -4.28
C ASN A 33 -2.85 44.87 -3.33
N ALA A 34 -2.56 44.73 -2.03
CA ALA A 34 -3.54 44.67 -0.95
C ALA A 34 -4.42 45.93 -0.85
N ALA A 35 -3.97 47.06 -1.40
CA ALA A 35 -4.69 48.32 -1.39
C ALA A 35 -5.85 48.34 -2.39
N PHE A 36 -5.69 47.69 -3.57
CA PHE A 36 -6.65 47.65 -4.68
C PHE A 36 -8.10 47.42 -4.26
N GLY A 37 -8.96 48.32 -4.72
CA GLY A 37 -10.41 48.33 -4.48
C GLY A 37 -10.86 48.51 -3.03
N LYS A 38 -9.95 48.89 -2.12
CA LYS A 38 -10.28 49.03 -0.70
C LYS A 38 -10.54 50.47 -0.26
N ASP A 39 -11.57 50.67 0.59
CA ASP A 39 -11.98 51.95 1.15
C ASP A 39 -10.87 52.56 2.01
N VAL A 40 -10.51 53.84 1.73
CA VAL A 40 -9.46 54.57 2.45
C VAL A 40 -10.08 55.80 3.12
N ARG A 41 -9.90 55.93 4.45
CA ARG A 41 -10.42 57.07 5.19
C ARG A 41 -9.43 58.23 5.17
N VAL A 42 -9.84 59.37 4.58
CA VAL A 42 -9.01 60.57 4.48
C VAL A 42 -9.55 61.70 5.36
N SER A 43 -8.67 62.64 5.77
CA SER A 43 -9.05 63.77 6.60
C SER A 43 -9.73 64.90 5.83
N SER A 44 -9.35 65.10 4.55
CA SER A 44 -9.92 66.17 3.71
C SER A 44 -10.15 65.80 2.25
N THR A 45 -11.21 66.38 1.65
CA THR A 45 -11.63 66.22 0.25
C THR A 45 -12.36 67.49 -0.20
N CYS A 46 -11.98 68.03 -1.38
CA CYS A 46 -12.58 69.23 -1.97
C CYS A 46 -14.00 68.95 -2.48
N GLY A 47 -14.85 69.97 -2.47
CA GLY A 47 -16.22 69.88 -2.96
C GLY A 47 -17.31 70.13 -1.94
N ARG A 48 -16.98 70.02 -0.63
CA ARG A 48 -17.94 70.22 0.46
C ARG A 48 -17.43 71.27 1.49
N PRO A 49 -17.66 72.59 1.30
CA PRO A 49 -18.35 73.25 0.16
C PRO A 49 -17.50 73.32 -1.11
N PRO A 50 -18.08 73.48 -2.33
CA PRO A 50 -17.25 73.52 -3.55
C PRO A 50 -16.31 74.71 -3.61
N ALA A 51 -15.01 74.43 -3.79
CA ALA A 51 -13.95 75.44 -3.83
C ALA A 51 -13.07 75.32 -5.07
N ARG A 52 -12.41 76.43 -5.44
CA ARG A 52 -11.50 76.52 -6.59
C ARG A 52 -10.07 76.10 -6.26
N TYR A 53 -9.44 75.38 -7.19
CA TYR A 53 -8.04 74.92 -7.08
C TYR A 53 -7.27 75.27 -8.35
N CYS A 54 -5.96 75.52 -8.23
CA CYS A 54 -5.16 75.91 -9.39
C CYS A 54 -3.98 74.97 -9.65
N VAL A 55 -3.85 74.51 -10.90
CA VAL A 55 -2.78 73.61 -11.34
C VAL A 55 -1.61 74.45 -11.86
N VAL A 56 -0.41 74.24 -11.29
CA VAL A 56 0.81 74.95 -11.70
C VAL A 56 1.64 74.07 -12.65
N SER A 57 2.15 74.68 -13.73
CA SER A 57 2.94 74.02 -14.76
C SER A 57 4.16 74.85 -15.13
N GLU A 58 5.35 74.23 -15.09
CA GLU A 58 6.61 74.89 -15.39
C GLU A 58 7.14 74.50 -16.78
N ARG A 59 7.50 75.53 -17.59
CA ARG A 59 8.06 75.36 -18.93
C ARG A 59 9.13 76.42 -19.16
N GLY A 60 10.37 75.95 -19.31
CA GLY A 60 11.54 76.81 -19.49
C GLY A 60 11.92 77.48 -18.20
N GLU A 61 11.80 78.81 -18.14
CA GLU A 61 12.10 79.61 -16.95
C GLU A 61 10.84 80.24 -16.35
N GLU A 62 9.66 80.03 -16.98
CA GLU A 62 8.39 80.59 -16.54
C GLU A 62 7.41 79.56 -15.97
N ARG A 63 6.55 80.01 -15.04
CA ARG A 63 5.50 79.23 -14.38
C ARG A 63 4.13 79.67 -14.89
N LEU A 64 3.25 78.70 -15.13
CA LEU A 64 1.88 78.94 -15.62
C LEU A 64 0.85 78.30 -14.69
N ARG A 65 -0.30 78.96 -14.49
CA ARG A 65 -1.35 78.45 -13.62
C ARG A 65 -2.70 78.34 -14.33
N SER A 66 -3.36 77.18 -14.18
CA SER A 66 -4.69 76.90 -14.73
C SER A 66 -5.64 76.54 -13.60
N CYS A 67 -6.61 77.42 -13.29
CA CYS A 67 -7.55 77.22 -12.20
C CYS A 67 -8.83 76.49 -12.63
N HIS A 68 -9.19 75.44 -11.87
CA HIS A 68 -10.37 74.59 -12.07
C HIS A 68 -11.22 74.55 -10.79
N LEU A 69 -12.43 73.97 -10.88
CA LEU A 69 -13.34 73.87 -9.73
C LEU A 69 -13.54 72.41 -9.31
N CYS A 70 -13.58 72.17 -7.98
CA CYS A 70 -13.80 70.84 -7.42
C CYS A 70 -15.23 70.78 -6.85
N ASN A 71 -16.11 70.02 -7.52
CA ASN A 71 -17.52 69.84 -7.15
C ASN A 71 -17.73 68.37 -6.81
N ALA A 72 -17.93 68.06 -5.50
CA ALA A 72 -18.14 66.71 -4.98
C ALA A 72 -19.35 65.98 -5.57
N SER A 73 -20.42 66.73 -5.91
CA SER A 73 -21.64 66.19 -6.49
C SER A 73 -21.48 65.72 -7.95
N ASP A 74 -20.78 66.53 -8.78
CA ASP A 74 -20.52 66.21 -10.19
C ASP A 74 -19.44 65.13 -10.32
N PRO A 75 -19.72 63.98 -11.01
CA PRO A 75 -18.70 62.92 -11.10
C PRO A 75 -17.42 63.26 -11.85
N LYS A 76 -17.52 64.15 -12.85
CA LYS A 76 -16.38 64.60 -13.65
C LYS A 76 -15.52 65.65 -12.92
N LYS A 77 -16.12 66.37 -11.95
CA LYS A 77 -15.45 67.42 -11.18
C LYS A 77 -14.97 66.97 -9.79
N ALA A 78 -15.54 65.87 -9.26
CA ALA A 78 -15.19 65.33 -7.94
C ALA A 78 -13.85 64.59 -7.92
N HIS A 79 -13.23 64.54 -6.73
CA HIS A 79 -11.98 63.84 -6.46
C HIS A 79 -12.14 63.05 -5.13
N PRO A 80 -12.99 61.99 -5.09
CA PRO A 80 -13.21 61.27 -3.81
C PRO A 80 -12.06 60.34 -3.39
N PRO A 81 -12.03 59.84 -2.12
CA PRO A 81 -10.94 58.93 -1.71
C PRO A 81 -10.94 57.59 -2.46
N ALA A 82 -12.03 57.27 -3.16
CA ALA A 82 -12.19 56.04 -3.95
C ALA A 82 -11.28 56.08 -5.20
N PHE A 83 -10.82 57.29 -5.59
CA PHE A 83 -9.95 57.55 -6.74
C PHE A 83 -8.48 57.18 -6.47
N LEU A 84 -8.15 56.80 -5.21
CA LEU A 84 -6.81 56.38 -4.81
C LEU A 84 -6.63 54.90 -5.14
N THR A 85 -7.65 54.10 -4.75
CA THR A 85 -7.72 52.64 -4.84
C THR A 85 -8.25 52.09 -6.18
N ASP A 86 -8.90 52.93 -7.01
CA ASP A 86 -9.45 52.51 -8.31
C ASP A 86 -8.35 52.14 -9.32
N LEU A 87 -8.72 51.54 -10.46
CA LEU A 87 -7.74 51.14 -11.49
C LEU A 87 -7.00 52.34 -12.07
N ASN A 88 -5.66 52.26 -12.06
CA ASN A 88 -4.78 53.30 -12.57
C ASN A 88 -4.67 53.15 -14.08
N ASN A 89 -5.12 54.19 -14.80
CA ASN A 89 -5.09 54.24 -16.26
C ASN A 89 -4.26 55.44 -16.72
N PRO A 90 -3.11 55.23 -17.43
CA PRO A 90 -2.30 56.37 -17.87
C PRO A 90 -3.02 57.31 -18.83
N HIS A 91 -3.92 56.75 -19.66
CA HIS A 91 -4.73 57.47 -20.65
C HIS A 91 -5.76 58.36 -19.94
N ASN A 92 -6.42 57.84 -18.89
CA ASN A 92 -7.41 58.56 -18.09
C ASN A 92 -7.08 58.42 -16.60
N LEU A 93 -6.25 59.33 -16.09
CA LEU A 93 -5.84 59.31 -14.68
C LEU A 93 -6.95 59.84 -13.79
N THR A 94 -7.09 59.23 -12.60
CA THR A 94 -8.10 59.59 -11.60
C THR A 94 -7.41 59.77 -10.26
N CYS A 95 -7.42 61.00 -9.72
CA CYS A 95 -6.82 61.28 -8.42
C CYS A 95 -7.75 61.94 -7.43
N TRP A 96 -7.49 61.69 -6.13
CA TRP A 96 -8.18 62.28 -5.00
C TRP A 96 -7.47 63.61 -4.71
N GLN A 97 -8.19 64.59 -4.18
CA GLN A 97 -7.60 65.88 -3.85
C GLN A 97 -8.05 66.40 -2.49
N SER A 98 -7.06 66.77 -1.65
CA SER A 98 -7.27 67.31 -0.31
C SER A 98 -7.78 68.76 -0.37
N GLU A 99 -8.25 69.30 0.78
CA GLU A 99 -8.72 70.68 0.89
C GLU A 99 -7.55 71.64 0.68
N ASN A 100 -7.82 72.80 0.05
CA ASN A 100 -6.81 73.78 -0.28
C ASN A 100 -6.12 74.42 0.94
N TYR A 101 -4.79 74.53 0.84
CA TYR A 101 -3.85 75.11 1.81
C TYR A 101 -4.04 74.55 3.24
N LEU A 102 -3.62 73.28 3.44
CA LEU A 102 -3.63 72.62 4.73
C LEU A 102 -2.16 72.38 5.14
N GLN A 103 -1.39 73.47 5.09
CA GLN A 103 0.03 73.53 5.41
C GLN A 103 0.27 73.33 6.91
N PHE A 104 1.48 72.85 7.25
CA PHE A 104 1.97 72.60 8.61
C PHE A 104 1.63 73.77 9.56
N PRO A 105 1.18 73.53 10.83
CA PRO A 105 1.04 72.26 11.55
C PRO A 105 -0.03 71.29 11.05
N HIS A 106 -1.07 71.79 10.37
CA HIS A 106 -2.18 70.99 9.85
C HIS A 106 -1.67 69.91 8.90
N ASN A 107 -2.24 68.71 8.98
CA ASN A 107 -1.84 67.59 8.13
C ASN A 107 -3.01 66.90 7.45
N VAL A 108 -2.71 66.08 6.42
CA VAL A 108 -3.70 65.30 5.67
C VAL A 108 -3.26 63.84 5.75
N THR A 109 -4.09 62.98 6.37
CA THR A 109 -3.79 61.55 6.57
C THR A 109 -4.69 60.62 5.77
N LEU A 110 -4.17 59.44 5.39
CA LEU A 110 -4.93 58.40 4.68
C LEU A 110 -4.74 57.08 5.40
N THR A 111 -5.82 56.56 6.02
CA THR A 111 -5.79 55.29 6.74
C THR A 111 -6.37 54.17 5.88
N LEU A 112 -5.59 53.10 5.72
CA LEU A 112 -5.99 51.92 4.95
C LEU A 112 -6.04 50.72 5.88
N SER A 113 -7.18 50.01 5.91
CA SER A 113 -7.35 48.83 6.75
C SER A 113 -7.46 47.56 5.92
N LEU A 114 -6.47 46.67 6.06
CA LEU A 114 -6.42 45.39 5.34
C LEU A 114 -7.28 44.35 6.06
N GLY A 115 -7.35 44.46 7.39
CA GLY A 115 -8.11 43.56 8.25
C GLY A 115 -7.48 42.20 8.46
N LYS A 116 -6.16 42.08 8.15
CA LYS A 116 -5.37 40.84 8.27
C LYS A 116 -3.87 41.12 8.20
N LYS A 117 -3.04 40.25 8.83
CA LYS A 117 -1.58 40.38 8.80
C LYS A 117 -1.06 40.07 7.39
N PHE A 118 -0.37 41.04 6.79
CA PHE A 118 0.22 40.95 5.47
C PHE A 118 1.71 41.23 5.55
N GLU A 119 2.52 40.47 4.82
CA GLU A 119 3.97 40.69 4.76
C GLU A 119 4.24 41.67 3.61
N VAL A 120 4.18 42.98 3.93
CA VAL A 120 4.36 44.12 3.03
C VAL A 120 5.77 44.19 2.44
N THR A 121 5.87 44.27 1.11
CA THR A 121 7.11 44.38 0.36
C THR A 121 7.36 45.84 -0.02
N TYR A 122 6.28 46.57 -0.35
CA TYR A 122 6.36 47.98 -0.73
C TYR A 122 5.06 48.75 -0.47
N VAL A 123 5.18 50.08 -0.33
CA VAL A 123 4.08 51.03 -0.19
C VAL A 123 4.41 52.17 -1.15
N SER A 124 3.64 52.32 -2.24
CA SER A 124 3.88 53.33 -3.26
C SER A 124 2.75 54.36 -3.41
N LEU A 125 3.12 55.57 -3.83
CA LEU A 125 2.20 56.69 -4.05
C LEU A 125 2.58 57.46 -5.31
N GLN A 126 1.63 57.59 -6.25
CA GLN A 126 1.79 58.32 -7.52
C GLN A 126 0.99 59.62 -7.35
N PHE A 127 1.68 60.76 -7.40
CA PHE A 127 1.09 62.08 -7.14
C PHE A 127 0.66 62.86 -8.38
N CYS A 128 -0.49 63.54 -8.30
CA CYS A 128 -1.02 64.41 -9.35
C CYS A 128 -0.46 65.82 -9.12
N SER A 129 -0.43 66.24 -7.84
CA SER A 129 0.12 67.51 -7.37
C SER A 129 1.63 67.29 -7.08
N PRO A 130 2.47 68.31 -6.77
CA PRO A 130 3.88 68.00 -6.44
C PRO A 130 3.98 67.20 -5.14
N ARG A 131 5.00 66.33 -5.03
CA ARG A 131 5.25 65.49 -3.85
C ARG A 131 5.41 66.34 -2.58
N PRO A 132 5.04 65.82 -1.37
CA PRO A 132 5.16 66.67 -0.18
C PRO A 132 6.60 66.88 0.27
N GLU A 133 6.83 67.99 0.99
CA GLU A 133 8.11 68.33 1.58
C GLU A 133 8.35 67.38 2.76
N SER A 134 7.25 66.99 3.45
CA SER A 134 7.25 66.06 4.57
C SER A 134 6.08 65.08 4.53
N MET A 135 6.41 63.78 4.46
CA MET A 135 5.47 62.65 4.41
C MET A 135 6.00 61.53 5.31
N ALA A 136 5.09 60.73 5.90
CA ALA A 136 5.44 59.60 6.75
C ALA A 136 4.49 58.42 6.57
N ILE A 137 5.05 57.21 6.59
CA ILE A 137 4.31 55.95 6.47
C ILE A 137 4.28 55.29 7.85
N TYR A 138 3.08 54.89 8.28
CA TYR A 138 2.81 54.26 9.57
C TYR A 138 2.11 52.93 9.37
N LYS A 139 2.36 51.98 10.26
CA LYS A 139 1.75 50.66 10.23
C LYS A 139 1.10 50.33 11.56
N SER A 140 0.23 49.30 11.59
CA SER A 140 -0.43 48.86 12.81
C SER A 140 -0.35 47.35 12.92
N MET A 141 0.20 46.86 14.03
CA MET A 141 0.34 45.42 14.31
C MET A 141 -1.02 44.87 14.73
N ASP A 142 -1.69 45.59 15.67
CA ASP A 142 -3.06 45.32 16.08
C ASP A 142 -3.93 45.95 14.99
N TYR A 143 -5.23 45.72 15.02
CA TYR A 143 -6.08 46.21 13.94
C TYR A 143 -6.50 47.70 14.09
N GLY A 144 -5.50 48.57 14.23
CA GLY A 144 -5.67 50.02 14.32
C GLY A 144 -5.54 50.69 15.68
N ARG A 145 -5.29 49.92 16.77
CA ARG A 145 -5.17 50.47 18.12
C ARG A 145 -3.94 51.35 18.30
N THR A 146 -2.73 50.78 18.18
CA THR A 146 -1.48 51.53 18.29
C THR A 146 -0.78 51.60 16.92
N TRP A 147 -0.04 52.69 16.67
CA TRP A 147 0.67 52.91 15.41
C TRP A 147 2.18 52.98 15.60
N VAL A 148 2.93 52.31 14.72
CA VAL A 148 4.39 52.26 14.73
C VAL A 148 4.90 52.82 13.38
N PRO A 149 5.85 53.79 13.36
CA PRO A 149 6.34 54.32 12.07
C PRO A 149 7.05 53.27 11.21
N PHE A 150 6.89 53.39 9.88
CA PHE A 150 7.42 52.49 8.87
C PHE A 150 8.56 53.15 8.06
N GLN A 151 8.37 54.42 7.63
CA GLN A 151 9.34 55.20 6.84
C GLN A 151 8.99 56.68 6.87
N PHE A 152 10.01 57.54 6.88
CA PHE A 152 9.85 58.99 6.87
C PHE A 152 10.51 59.60 5.63
N TYR A 153 9.91 60.67 5.10
CA TYR A 153 10.43 61.42 3.94
C TYR A 153 10.32 62.92 4.25
N SER A 154 11.47 63.62 4.34
CA SER A 154 11.52 65.07 4.64
C SER A 154 12.85 65.71 4.25
N THR A 155 12.84 67.05 4.09
CA THR A 155 14.05 67.85 3.80
C THR A 155 14.84 68.01 5.11
N GLN A 156 14.11 68.19 6.22
CA GLN A 156 14.67 68.34 7.57
C GLN A 156 14.08 67.23 8.43
N CYS A 157 14.73 66.06 8.41
CA CYS A 157 14.34 64.89 9.19
C CYS A 157 14.38 65.19 10.70
N ARG A 158 15.41 65.95 11.12
CA ARG A 158 15.63 66.38 12.50
C ARG A 158 14.48 67.26 13.00
N LYS A 159 14.28 68.42 12.36
CA LYS A 159 13.27 69.42 12.73
C LYS A 159 11.83 68.95 12.59
N MET A 160 11.54 68.10 11.59
CA MET A 160 10.18 67.64 11.34
C MET A 160 9.78 66.33 12.01
N TYR A 161 10.54 65.25 11.78
CA TYR A 161 10.19 63.92 12.27
C TYR A 161 11.09 63.34 13.39
N ASN A 162 11.99 64.16 13.97
CA ASN A 162 12.90 63.78 15.06
C ASN A 162 13.63 62.46 14.75
N ARG A 163 14.27 62.41 13.59
CA ARG A 163 15.03 61.25 13.10
C ARG A 163 16.28 61.76 12.36
N PRO A 164 17.40 61.02 12.35
CA PRO A 164 18.59 61.51 11.62
C PRO A 164 18.40 61.48 10.11
N HIS A 165 18.84 62.55 9.45
CA HIS A 165 18.79 62.72 8.00
C HIS A 165 19.80 61.77 7.34
N ARG A 166 19.36 61.02 6.31
CA ARG A 166 20.16 60.04 5.55
C ARG A 166 20.88 59.02 6.47
N ALA A 167 20.15 58.50 7.46
CA ALA A 167 20.68 57.53 8.41
C ALA A 167 20.86 56.15 7.77
N PRO A 168 22.07 55.53 7.88
CA PRO A 168 22.25 54.18 7.30
C PRO A 168 21.57 53.12 8.16
N ILE A 169 21.05 52.05 7.53
CA ILE A 169 20.34 50.98 8.22
C ILE A 169 21.27 50.18 9.13
N THR A 170 20.97 50.20 10.44
CA THR A 170 21.74 49.52 11.47
C THR A 170 21.29 48.06 11.63
N LYS A 171 22.27 47.15 11.82
CA LYS A 171 22.04 45.72 12.03
C LYS A 171 21.40 45.52 13.42
N GLN A 172 21.73 46.41 14.36
CA GLN A 172 21.27 46.42 15.75
C GLN A 172 19.77 46.66 15.86
N ASN A 173 19.20 47.48 14.96
CA ASN A 173 17.75 47.74 14.90
C ASN A 173 17.26 47.99 13.49
N GLU A 174 16.81 46.91 12.83
CA GLU A 174 16.28 46.90 11.48
C GLU A 174 14.76 47.13 11.56
N GLN A 175 14.19 47.00 12.77
CA GLN A 175 12.75 47.20 13.04
C GLN A 175 12.43 48.67 13.31
N GLU A 176 13.36 49.57 12.98
CA GLU A 176 13.19 51.00 13.18
C GLU A 176 12.98 51.70 11.84
N ALA A 177 12.05 52.67 11.83
CA ALA A 177 11.74 53.50 10.66
C ALA A 177 12.91 54.46 10.43
N VAL A 178 13.27 54.68 9.16
CA VAL A 178 14.38 55.54 8.77
C VAL A 178 13.88 56.73 7.94
N CYS A 179 14.52 57.90 8.11
CA CYS A 179 14.19 59.13 7.38
C CYS A 179 15.27 59.49 6.35
N THR A 180 14.83 59.93 5.16
CA THR A 180 15.70 60.37 4.04
C THR A 180 15.08 61.56 3.33
N ASP A 181 15.92 62.32 2.61
CA ASP A 181 15.49 63.46 1.80
C ASP A 181 15.23 63.01 0.36
N SER A 182 15.43 61.71 0.09
CA SER A 182 15.20 61.09 -1.22
C SER A 182 13.71 61.10 -1.54
N HIS A 183 13.36 61.23 -2.84
CA HIS A 183 11.99 61.25 -3.38
C HIS A 183 11.13 62.44 -2.88
N THR A 184 11.76 63.47 -2.26
CA THR A 184 11.02 64.62 -1.74
C THR A 184 11.03 65.83 -2.68
N ASP A 185 11.93 65.82 -3.71
CA ASP A 185 12.08 66.90 -4.69
C ASP A 185 10.76 67.36 -5.31
N MET A 186 10.57 68.69 -5.45
CA MET A 186 9.39 69.29 -6.04
C MET A 186 9.19 68.86 -7.51
N ARG A 187 10.30 68.66 -8.24
CA ARG A 187 10.31 68.19 -9.62
C ARG A 187 10.33 66.65 -9.59
N PRO A 188 9.39 65.95 -10.28
CA PRO A 188 8.31 66.45 -11.15
C PRO A 188 7.12 67.03 -10.40
N LEU A 189 6.59 68.18 -10.88
CA LEU A 189 5.44 68.87 -10.29
C LEU A 189 4.12 68.11 -10.48
N SER A 190 4.15 67.06 -11.32
CA SER A 190 3.05 66.15 -11.62
C SER A 190 3.65 64.81 -12.04
N GLY A 191 3.08 63.72 -11.51
CA GLY A 191 3.53 62.36 -11.79
C GLY A 191 4.63 61.85 -10.89
N GLY A 192 4.91 62.57 -9.82
CA GLY A 192 5.93 62.24 -8.84
C GLY A 192 5.62 60.95 -8.09
N LEU A 193 6.63 60.07 -7.96
CA LEU A 193 6.47 58.78 -7.29
C LEU A 193 7.33 58.61 -6.03
N ILE A 194 6.73 58.01 -4.98
CA ILE A 194 7.37 57.67 -3.71
C ILE A 194 7.05 56.19 -3.44
N ALA A 195 8.03 55.30 -3.64
CA ALA A 195 7.84 53.87 -3.39
C ALA A 195 8.79 53.40 -2.30
N PHE A 196 8.21 52.95 -1.17
CA PHE A 196 8.96 52.50 -0.01
C PHE A 196 9.18 50.98 -0.02
N SER A 197 10.45 50.57 -0.10
CA SER A 197 10.85 49.18 -0.07
C SER A 197 11.13 48.83 1.39
N THR A 198 10.29 47.94 1.95
CA THR A 198 10.35 47.51 3.35
C THR A 198 11.65 46.81 3.73
N LEU A 199 12.26 46.07 2.80
CA LEU A 199 13.50 45.34 3.07
C LEU A 199 14.76 46.03 2.49
N ASP A 200 14.61 47.28 2.04
CA ASP A 200 15.72 48.06 1.47
C ASP A 200 16.73 48.43 2.53
N GLY A 201 18.00 48.21 2.21
CA GLY A 201 19.14 48.54 3.07
C GLY A 201 19.33 47.71 4.32
N ARG A 202 18.30 46.94 4.74
CA ARG A 202 18.30 46.08 5.93
C ARG A 202 19.39 45.00 5.77
N PRO A 203 20.41 45.00 6.67
CA PRO A 203 21.54 44.06 6.51
C PRO A 203 21.22 42.57 6.43
N SER A 204 20.27 42.06 7.24
CA SER A 204 19.94 40.63 7.24
C SER A 204 18.75 40.27 6.31
N ALA A 205 18.37 41.18 5.38
CA ALA A 205 17.28 40.97 4.41
C ALA A 205 17.55 39.80 3.46
N HIS A 206 18.85 39.52 3.19
CA HIS A 206 19.29 38.41 2.34
C HIS A 206 18.89 37.04 2.91
N ASP A 207 18.91 36.91 4.26
CA ASP A 207 18.55 35.69 4.98
C ASP A 207 17.22 35.94 5.73
N PHE A 208 16.21 36.43 4.98
CA PHE A 208 14.87 36.76 5.46
C PHE A 208 14.14 35.57 6.09
N ASP A 209 14.15 34.40 5.40
CA ASP A 209 13.50 33.16 5.86
C ASP A 209 13.92 32.72 7.26
N ASN A 210 15.17 33.03 7.65
CA ASN A 210 15.73 32.69 8.96
C ASN A 210 15.75 33.88 9.94
N SER A 211 15.36 35.07 9.49
CA SER A 211 15.33 36.29 10.30
C SER A 211 13.90 36.64 10.78
N PRO A 212 13.55 36.33 12.06
CA PRO A 212 12.20 36.69 12.54
C PRO A 212 12.03 38.18 12.81
N VAL A 213 13.16 38.89 13.04
CA VAL A 213 13.21 40.32 13.31
C VAL A 213 12.65 41.10 12.10
N LEU A 214 13.07 40.73 10.87
CA LEU A 214 12.58 41.37 9.65
C LEU A 214 11.23 40.82 9.21
N GLN A 215 10.92 39.56 9.60
CA GLN A 215 9.65 38.91 9.32
C GLN A 215 8.53 39.66 10.04
N ASP A 216 8.84 40.23 11.22
CA ASP A 216 7.94 41.02 12.03
C ASP A 216 7.86 42.45 11.48
N TRP A 217 8.98 42.95 10.91
CA TRP A 217 9.07 44.30 10.33
C TRP A 217 8.15 44.47 9.12
N VAL A 218 8.08 43.47 8.25
CA VAL A 218 7.23 43.49 7.05
C VAL A 218 5.73 43.35 7.38
N THR A 219 5.40 42.76 8.55
CA THR A 219 4.03 42.52 9.02
C THR A 219 3.30 43.81 9.38
N ALA A 220 2.08 43.97 8.82
CA ALA A 220 1.18 45.11 9.07
C ALA A 220 -0.26 44.70 8.78
N THR A 221 -1.21 45.22 9.58
CA THR A 221 -2.64 44.93 9.39
C THR A 221 -3.35 46.16 8.80
N ASP A 222 -2.78 47.36 9.02
CA ASP A 222 -3.29 48.63 8.53
C ASP A 222 -2.12 49.54 8.14
N ILE A 223 -2.30 50.38 7.10
CA ILE A 223 -1.25 51.32 6.64
C ILE A 223 -1.81 52.75 6.65
N ARG A 224 -1.10 53.68 7.32
CA ARG A 224 -1.48 55.08 7.41
C ARG A 224 -0.38 55.96 6.83
N VAL A 225 -0.71 56.80 5.84
CA VAL A 225 0.25 57.73 5.24
C VAL A 225 -0.18 59.15 5.62
N ALA A 226 0.70 59.88 6.32
CA ALA A 226 0.42 61.24 6.76
C ALA A 226 1.26 62.25 6.00
N PHE A 227 0.60 63.21 5.32
CA PHE A 227 1.26 64.28 4.58
C PHE A 227 1.34 65.46 5.54
N SER A 228 2.55 65.78 6.04
CA SER A 228 2.72 66.82 7.05
C SER A 228 3.00 68.22 6.48
N ARG A 229 4.02 68.37 5.61
CA ARG A 229 4.35 69.67 5.01
C ARG A 229 4.38 69.61 3.49
N LEU A 230 3.79 70.62 2.83
CA LEU A 230 3.76 70.69 1.35
C LEU A 230 4.75 71.69 0.81
N HIS A 231 5.22 71.47 -0.43
CA HIS A 231 6.16 72.33 -1.11
C HIS A 231 5.51 73.65 -1.52
N THR A 232 6.22 74.76 -1.30
CA THR A 232 5.72 76.10 -1.61
C THR A 232 6.82 76.98 -2.22
N PHE A 233 6.41 77.99 -3.02
CA PHE A 233 7.31 78.94 -3.67
C PHE A 233 7.58 80.19 -2.79
N GLY A 234 6.69 80.43 -1.82
CA GLY A 234 6.78 81.55 -0.89
C GLY A 234 5.96 82.76 -1.29
N ASP A 235 4.97 82.56 -2.17
CA ASP A 235 4.08 83.61 -2.67
C ASP A 235 2.74 83.71 -1.92
N GLU A 236 2.48 82.78 -0.97
CA GLU A 236 1.25 82.72 -0.17
C GLU A 236 1.07 83.92 0.78
N ASN A 237 2.18 84.49 1.27
CA ASN A 237 2.18 85.61 2.20
C ASN A 237 2.12 87.00 1.52
N GLU A 238 2.02 87.01 0.17
CA GLU A 238 1.94 88.23 -0.64
C GLU A 238 0.59 88.98 -0.46
N ASP A 239 0.40 90.09 -1.21
CA ASP A 239 -0.82 90.92 -1.18
C ASP A 239 -2.07 90.10 -1.52
N ASP A 240 -2.01 89.26 -2.57
CA ASP A 240 -3.12 88.40 -2.96
C ASP A 240 -2.85 86.98 -2.45
N SER A 241 -3.55 86.61 -1.36
CA SER A 241 -3.42 85.31 -0.71
C SER A 241 -4.29 84.24 -1.36
N GLU A 242 -5.51 84.61 -1.81
CA GLU A 242 -6.50 83.73 -2.44
C GLU A 242 -5.94 82.92 -3.62
N LEU A 243 -5.43 83.60 -4.67
CA LEU A 243 -4.85 82.99 -5.87
C LEU A 243 -3.70 82.02 -5.56
N ALA A 244 -2.80 82.42 -4.65
CA ALA A 244 -1.61 81.65 -4.27
C ALA A 244 -1.96 80.41 -3.45
N ARG A 245 -2.68 80.58 -2.31
CA ARG A 245 -3.05 79.48 -1.40
C ARG A 245 -3.94 78.41 -2.06
N ASP A 246 -4.70 78.77 -3.12
CA ASP A 246 -5.56 77.83 -3.85
C ASP A 246 -4.75 76.85 -4.73
N SER A 247 -3.48 77.19 -5.03
CA SER A 247 -2.61 76.35 -5.89
C SER A 247 -1.69 75.39 -5.11
N TYR A 248 -1.94 75.20 -3.79
CA TYR A 248 -1.18 74.27 -2.94
C TYR A 248 -2.13 73.27 -2.27
N PHE A 249 -2.03 71.98 -2.66
CA PHE A 249 -2.88 70.88 -2.18
C PHE A 249 -2.20 69.52 -2.38
N TYR A 250 -2.70 68.46 -1.69
CA TYR A 250 -2.18 67.10 -1.83
C TYR A 250 -3.11 66.30 -2.75
N ALA A 251 -2.57 65.70 -3.81
CA ALA A 251 -3.34 64.89 -4.76
C ALA A 251 -2.58 63.62 -5.14
N VAL A 252 -3.25 62.45 -5.02
CA VAL A 252 -2.65 61.14 -5.29
C VAL A 252 -3.55 60.34 -6.24
N SER A 253 -2.98 59.83 -7.35
CA SER A 253 -3.69 59.02 -8.33
C SER A 253 -3.63 57.52 -8.05
N ASP A 254 -2.47 57.03 -7.57
CA ASP A 254 -2.28 55.60 -7.31
C ASP A 254 -1.58 55.31 -5.97
N LEU A 255 -2.25 54.47 -5.15
CA LEU A 255 -1.76 54.01 -3.85
C LEU A 255 -1.65 52.49 -3.89
N GLN A 256 -0.41 51.96 -3.86
CA GLN A 256 -0.18 50.53 -3.93
C GLN A 256 0.55 49.97 -2.72
N VAL A 257 -0.10 49.04 -2.00
CA VAL A 257 0.48 48.36 -0.85
C VAL A 257 0.68 46.91 -1.30
N GLY A 258 1.89 46.62 -1.77
CA GLY A 258 2.23 45.29 -2.29
C GLY A 258 2.83 44.38 -1.24
N GLY A 259 2.47 43.10 -1.33
CA GLY A 259 2.95 42.07 -0.42
C GLY A 259 2.03 40.87 -0.34
N ARG A 260 2.57 39.75 0.15
CA ARG A 260 1.85 38.50 0.28
C ARG A 260 1.17 38.37 1.65
N CYS A 261 0.09 37.58 1.70
CA CYS A 261 -0.72 37.27 2.89
C CYS A 261 0.17 36.50 3.88
N LYS A 262 0.30 36.98 5.15
CA LYS A 262 1.15 36.31 6.13
C LYS A 262 0.52 35.00 6.60
N CYS A 263 1.04 33.87 6.11
CA CYS A 263 0.55 32.53 6.44
C CYS A 263 1.67 31.60 6.93
N ASN A 264 2.82 32.18 7.30
CA ASN A 264 4.04 31.52 7.81
C ASN A 264 4.51 30.31 6.97
N GLY A 265 4.19 30.33 5.68
CA GLY A 265 4.56 29.29 4.73
C GLY A 265 3.71 28.04 4.80
N HIS A 266 2.47 28.17 5.31
CA HIS A 266 1.55 27.05 5.45
C HIS A 266 0.23 27.19 4.67
N ALA A 267 0.11 28.22 3.81
CA ALA A 267 -1.10 28.44 3.01
C ALA A 267 -0.80 29.07 1.67
N ALA A 268 -1.53 28.64 0.62
CA ALA A 268 -1.39 29.13 -0.76
C ALA A 268 -2.41 30.25 -1.09
N ARG A 269 -3.44 30.45 -0.23
CA ARG A 269 -4.48 31.47 -0.42
C ARG A 269 -5.20 31.87 0.88
N CYS A 270 -5.67 33.14 0.93
CA CYS A 270 -6.43 33.72 2.04
C CYS A 270 -7.91 33.77 1.62
N VAL A 271 -8.80 33.17 2.42
CA VAL A 271 -10.24 33.06 2.15
C VAL A 271 -11.05 33.72 3.28
N ARG A 272 -12.19 34.38 2.94
CA ARG A 272 -13.11 34.97 3.92
C ARG A 272 -13.92 33.86 4.60
N ASP A 273 -13.94 33.83 5.95
CA ASP A 273 -14.64 32.80 6.74
C ASP A 273 -16.15 33.07 6.92
N ARG A 274 -16.77 32.33 7.88
CA ARG A 274 -18.19 32.40 8.24
C ARG A 274 -18.61 33.77 8.82
N ASP A 275 -17.68 34.52 9.43
CA ASP A 275 -17.92 35.84 10.01
C ASP A 275 -17.47 36.98 9.07
N ASP A 276 -17.17 36.64 7.80
CA ASP A 276 -16.69 37.53 6.73
C ASP A 276 -15.36 38.23 7.11
N SER A 277 -14.40 37.42 7.62
CA SER A 277 -13.07 37.88 8.04
C SER A 277 -11.99 37.17 7.19
N LEU A 278 -11.02 37.93 6.65
CA LEU A 278 -9.92 37.38 5.85
C LEU A 278 -9.00 36.54 6.73
N VAL A 279 -8.84 35.24 6.39
CA VAL A 279 -8.05 34.24 7.12
C VAL A 279 -7.29 33.35 6.12
N CYS A 280 -6.09 32.85 6.50
CA CYS A 280 -5.30 31.92 5.68
C CYS A 280 -6.04 30.58 5.58
N ASP A 281 -5.90 29.87 4.45
CA ASP A 281 -6.46 28.53 4.31
C ASP A 281 -5.29 27.59 4.67
N CYS A 282 -5.05 27.46 6.00
CA CYS A 282 -3.96 26.70 6.60
C CYS A 282 -3.88 25.25 6.13
N ARG A 283 -2.65 24.76 5.95
CA ARG A 283 -2.28 23.40 5.52
C ARG A 283 -1.12 22.88 6.39
N HIS A 284 -0.61 21.65 6.10
CA HIS A 284 0.47 20.96 6.84
C HIS A 284 0.04 20.67 8.30
N ASN A 285 -1.28 20.40 8.50
CA ASN A 285 -1.93 20.11 9.78
C ASN A 285 -1.83 21.29 10.78
N THR A 286 -2.02 22.52 10.28
CA THR A 286 -1.98 23.73 11.11
C THR A 286 -3.34 24.46 11.10
N ALA A 287 -3.52 25.38 12.07
CA ALA A 287 -4.70 26.22 12.23
C ALA A 287 -4.26 27.59 12.75
N GLY A 288 -5.14 28.58 12.65
CA GLY A 288 -4.86 29.95 13.07
C GLY A 288 -5.12 30.97 11.98
N PRO A 289 -5.24 32.28 12.33
CA PRO A 289 -5.48 33.29 11.29
C PRO A 289 -4.29 33.49 10.35
N GLU A 290 -3.06 33.31 10.88
CA GLU A 290 -1.78 33.45 10.17
C GLU A 290 -1.01 32.12 10.17
N CYS A 291 -1.68 31.00 10.49
CA CYS A 291 -1.15 29.64 10.63
C CYS A 291 -0.04 29.59 11.73
N ASP A 292 -0.14 30.51 12.72
CA ASP A 292 0.80 30.67 13.83
C ASP A 292 0.78 29.53 14.85
N ARG A 293 -0.37 28.86 15.01
CA ARG A 293 -0.50 27.74 15.94
C ARG A 293 -0.67 26.41 15.19
N CYS A 294 -1.01 25.32 15.91
CA CYS A 294 -1.18 24.01 15.29
C CYS A 294 -2.52 23.37 15.62
N LYS A 295 -3.10 22.67 14.62
CA LYS A 295 -4.38 21.96 14.66
C LYS A 295 -4.44 20.98 15.84
N PRO A 296 -5.60 20.81 16.53
CA PRO A 296 -5.65 19.85 17.66
C PRO A 296 -5.23 18.44 17.28
N PHE A 297 -4.60 17.72 18.23
CA PHE A 297 -4.08 16.36 18.09
C PHE A 297 -2.85 16.29 17.14
N HIS A 298 -2.18 17.43 16.94
CA HIS A 298 -0.97 17.53 16.11
C HIS A 298 0.17 18.21 16.89
N TYR A 299 0.20 18.02 18.22
CA TYR A 299 1.21 18.61 19.10
C TYR A 299 2.40 17.67 19.36
N ASP A 300 2.82 16.90 18.34
CA ASP A 300 3.94 15.97 18.45
C ASP A 300 5.30 16.68 18.27
N ARG A 301 5.27 17.89 17.67
CA ARG A 301 6.44 18.72 17.41
C ARG A 301 6.11 20.21 17.66
N PRO A 302 7.06 21.03 18.21
CA PRO A 302 6.74 22.46 18.44
C PRO A 302 6.57 23.20 17.12
N TRP A 303 5.66 24.20 17.09
CA TRP A 303 5.37 24.98 15.90
C TRP A 303 6.61 25.70 15.36
N GLN A 304 6.80 25.63 14.03
CA GLN A 304 7.91 26.27 13.34
C GLN A 304 7.47 26.76 11.95
N ARG A 305 7.89 27.98 11.58
CA ARG A 305 7.58 28.62 10.30
C ARG A 305 8.30 27.86 9.18
N ALA A 306 7.63 27.71 8.03
CA ALA A 306 8.18 26.99 6.87
C ALA A 306 9.29 27.75 6.15
N THR A 307 10.33 27.01 5.73
CA THR A 307 11.47 27.52 4.97
C THR A 307 11.51 26.87 3.57
N ALA A 308 12.41 27.34 2.68
CA ALA A 308 12.53 26.83 1.32
C ALA A 308 13.00 25.37 1.25
N ARG A 309 13.99 25.00 2.08
CA ARG A 309 14.54 23.64 2.13
C ARG A 309 13.67 22.68 2.94
N GLU A 310 13.16 23.12 4.11
CA GLU A 310 12.32 22.28 4.98
C GLU A 310 10.87 22.75 5.04
N ALA A 311 9.92 21.83 4.79
CA ALA A 311 8.48 22.07 4.79
C ALA A 311 7.93 22.50 6.16
N ASN A 312 8.52 21.95 7.25
CA ASN A 312 8.17 22.21 8.65
C ASN A 312 6.67 21.97 8.93
N GLU A 313 6.17 20.79 8.53
CA GLU A 313 4.79 20.36 8.73
C GLU A 313 4.51 20.05 10.19
N CYS A 314 3.24 20.14 10.62
CA CYS A 314 2.87 19.85 11.99
C CYS A 314 2.57 18.34 12.13
N VAL A 315 3.42 17.64 12.91
CA VAL A 315 3.38 16.18 13.12
C VAL A 315 2.17 15.74 13.97
N ALA A 316 1.42 14.75 13.45
CA ALA A 316 0.24 14.18 14.08
C ALA A 316 0.59 13.26 15.24
N CYS A 317 -0.26 13.25 16.29
CA CYS A 317 -0.11 12.40 17.47
C CYS A 317 -0.55 10.98 17.13
N ASN A 318 -0.01 9.99 17.86
CA ASN A 318 -0.38 8.59 17.70
C ASN A 318 -0.76 8.02 19.06
N CYS A 319 -2.06 7.69 19.23
CA CYS A 319 -2.60 7.14 20.48
C CYS A 319 -3.19 5.74 20.31
N ASN A 320 -2.98 5.13 19.11
CA ASN A 320 -3.46 3.80 18.71
C ASN A 320 -4.99 3.66 18.85
N LEU A 321 -5.71 4.79 18.62
CA LEU A 321 -7.16 4.94 18.69
C LEU A 321 -7.71 4.67 20.11
N HIS A 322 -6.99 5.16 21.14
CA HIS A 322 -7.37 5.01 22.54
C HIS A 322 -7.56 6.36 23.26
N ALA A 323 -7.06 7.45 22.66
CA ALA A 323 -7.20 8.79 23.22
C ALA A 323 -7.57 9.80 22.13
N ARG A 324 -8.45 10.73 22.47
CA ARG A 324 -8.92 11.78 21.56
C ARG A 324 -8.09 13.06 21.67
N ARG A 325 -7.42 13.27 22.83
CA ARG A 325 -6.61 14.45 23.12
C ARG A 325 -5.16 14.09 23.50
N CYS A 326 -4.19 14.79 22.89
CA CYS A 326 -2.76 14.64 23.16
C CYS A 326 -2.14 15.99 23.55
N ARG A 327 -1.07 15.98 24.36
CA ARG A 327 -0.38 17.19 24.83
C ARG A 327 1.12 17.12 24.54
N PHE A 328 1.75 18.29 24.32
CA PHE A 328 3.19 18.38 24.05
C PHE A 328 3.98 18.49 25.35
N ASN A 329 5.01 17.64 25.49
CA ASN A 329 5.90 17.64 26.63
C ASN A 329 7.30 18.04 26.15
N MET A 330 7.80 19.17 26.67
CA MET A 330 9.11 19.71 26.32
C MET A 330 10.26 18.80 26.75
N GLU A 331 10.16 18.25 27.99
CA GLU A 331 11.15 17.34 28.59
C GLU A 331 11.28 16.05 27.78
N LEU A 332 10.14 15.47 27.33
CA LEU A 332 10.12 14.26 26.51
C LEU A 332 10.69 14.52 25.12
N TYR A 333 10.44 15.73 24.57
CA TYR A 333 10.97 16.17 23.28
C TYR A 333 12.48 16.34 23.37
N LYS A 334 12.96 16.80 24.55
CA LYS A 334 14.39 16.98 24.86
C LYS A 334 15.06 15.61 25.03
N LEU A 335 14.37 14.67 25.71
CA LEU A 335 14.86 13.31 25.96
C LEU A 335 14.90 12.45 24.69
N SER A 336 14.04 12.78 23.70
CA SER A 336 13.97 12.07 22.41
C SER A 336 15.03 12.57 21.41
N GLY A 337 15.74 13.64 21.77
CA GLY A 337 16.76 14.26 20.95
C GLY A 337 16.16 15.08 19.81
N ARG A 338 15.18 15.94 20.16
CA ARG A 338 14.43 16.82 19.26
C ARG A 338 13.73 16.06 18.12
N LYS A 339 13.13 14.91 18.45
CA LYS A 339 12.41 14.06 17.49
C LYS A 339 10.90 14.18 17.67
N SER A 340 10.37 13.68 18.82
CA SER A 340 8.95 13.68 19.15
C SER A 340 8.74 13.97 20.64
N GLY A 341 7.66 14.67 20.96
CA GLY A 341 7.32 15.03 22.34
C GLY A 341 5.84 15.00 22.67
N GLY A 342 5.05 14.33 21.84
CA GLY A 342 3.61 14.21 22.03
C GLY A 342 3.19 13.06 22.92
N VAL A 343 2.61 13.40 24.09
CA VAL A 343 2.10 12.45 25.08
C VAL A 343 0.57 12.49 25.11
N CYS A 344 -0.07 11.33 24.89
CA CYS A 344 -1.53 11.18 24.88
C CYS A 344 -2.14 11.42 26.25
N LEU A 345 -3.32 12.07 26.30
CA LEU A 345 -4.02 12.38 27.55
C LEU A 345 -5.23 11.47 27.76
N ASN A 346 -5.40 10.97 29.02
CA ASN A 346 -6.49 10.09 29.47
C ASN A 346 -6.69 8.88 28.55
N CYS A 347 -5.74 7.94 28.60
CA CYS A 347 -5.74 6.74 27.78
C CYS A 347 -6.90 5.80 28.14
N ARG A 348 -7.75 5.47 27.14
CA ARG A 348 -8.92 4.59 27.33
C ARG A 348 -8.56 3.13 27.06
N HIS A 349 -9.53 2.21 27.33
CA HIS A 349 -9.47 0.75 27.11
C HIS A 349 -8.35 0.08 27.93
N ASN A 350 -8.13 0.57 29.17
CA ASN A 350 -7.15 0.08 30.15
C ASN A 350 -5.71 -0.01 29.59
N THR A 351 -5.27 1.09 28.95
CA THR A 351 -3.93 1.22 28.36
C THR A 351 -3.13 2.32 29.05
N ALA A 352 -1.80 2.29 28.90
CA ALA A 352 -0.88 3.27 29.49
C ALA A 352 0.28 3.62 28.53
N GLY A 353 1.07 4.63 28.91
CA GLY A 353 2.24 5.05 28.10
C GLY A 353 1.88 6.12 27.09
N ARG A 354 2.87 6.87 26.59
CA ARG A 354 2.60 7.86 25.50
C ARG A 354 2.14 7.02 24.29
N HIS A 355 2.72 5.83 24.12
CA HIS A 355 2.29 4.91 23.04
C HIS A 355 0.82 4.55 23.28
N CYS A 356 0.40 4.44 24.54
CA CYS A 356 -1.02 4.17 24.90
C CYS A 356 -1.40 2.69 24.75
N HIS A 357 -0.44 1.76 24.89
CA HIS A 357 -0.80 0.31 24.93
C HIS A 357 -0.14 -0.35 26.15
N TYR A 358 -0.93 -0.97 27.04
CA TYR A 358 -0.36 -1.53 28.31
C TYR A 358 -1.37 -2.44 29.04
N CYS A 359 -0.94 -3.08 30.14
CA CYS A 359 -1.81 -3.99 30.92
C CYS A 359 -1.80 -3.56 32.40
N LYS A 360 -2.77 -4.01 33.21
CA LYS A 360 -2.89 -3.52 34.61
C LYS A 360 -2.91 -4.66 35.64
N GLU A 361 -2.74 -4.36 36.93
CA GLU A 361 -2.72 -5.38 38.02
C GLU A 361 -4.11 -5.97 38.27
N GLY A 362 -4.20 -7.12 38.95
CA GLY A 362 -5.51 -7.79 39.10
C GLY A 362 -5.87 -8.35 37.75
N TYR A 363 -4.95 -8.21 36.80
CA TYR A 363 -5.15 -8.64 35.41
C TYR A 363 -3.84 -9.17 34.81
N TYR A 364 -3.94 -10.06 33.81
CA TYR A 364 -2.79 -10.67 33.13
C TYR A 364 -2.98 -10.70 31.61
N ARG A 365 -1.87 -10.66 30.85
CA ARG A 365 -1.87 -10.63 29.39
C ARG A 365 -2.13 -12.00 28.72
N ASP A 366 -3.02 -12.00 27.70
CA ASP A 366 -3.37 -13.18 26.89
C ASP A 366 -2.37 -13.26 25.74
N MET A 367 -1.56 -14.33 25.72
CA MET A 367 -0.49 -14.52 24.73
C MET A 367 -0.98 -14.83 23.30
N GLY A 368 -2.20 -15.35 23.19
CA GLY A 368 -2.81 -15.69 21.90
C GLY A 368 -3.12 -14.51 21.00
N LYS A 369 -3.34 -13.32 21.61
CA LYS A 369 -3.66 -12.07 20.90
C LYS A 369 -2.64 -10.96 21.19
N PRO A 370 -2.31 -10.07 20.21
CA PRO A 370 -1.32 -9.00 20.48
C PRO A 370 -1.79 -7.92 21.47
N ILE A 371 -0.86 -7.05 21.90
CA ILE A 371 -1.11 -5.98 22.87
C ILE A 371 -2.10 -4.91 22.34
N THR A 372 -2.13 -4.69 21.01
CA THR A 372 -3.02 -3.73 20.36
C THR A 372 -4.50 -4.14 20.39
N HIS A 373 -4.79 -5.46 20.58
CA HIS A 373 -6.15 -6.01 20.63
C HIS A 373 -6.94 -5.55 21.87
N ARG A 374 -8.28 -5.56 21.76
CA ARG A 374 -9.21 -5.15 22.82
C ARG A 374 -9.12 -6.11 24.02
N LYS A 375 -9.16 -7.43 23.74
CA LYS A 375 -9.07 -8.48 24.74
C LYS A 375 -7.61 -8.91 24.94
N ALA A 376 -6.73 -7.94 25.23
CA ALA A 376 -5.30 -8.17 25.46
C ALA A 376 -5.03 -8.57 26.89
N CYS A 377 -5.88 -8.13 27.83
CA CYS A 377 -5.74 -8.44 29.25
C CYS A 377 -6.95 -9.22 29.79
N LYS A 378 -6.71 -10.46 30.24
CA LYS A 378 -7.72 -11.34 30.83
C LYS A 378 -7.80 -11.03 32.33
N ALA A 379 -8.97 -11.26 32.94
CA ALA A 379 -9.19 -11.04 34.37
C ALA A 379 -8.48 -12.08 35.22
N CYS A 380 -7.76 -11.61 36.26
CA CYS A 380 -7.05 -12.50 37.17
C CYS A 380 -7.93 -12.72 38.42
N ASP A 381 -8.70 -13.83 38.40
CA ASP A 381 -9.67 -14.19 39.42
C ASP A 381 -9.05 -14.89 40.63
N CYS A 382 -8.18 -14.17 41.36
CA CYS A 382 -7.51 -14.71 42.55
C CYS A 382 -8.49 -14.89 43.71
N HIS A 383 -8.55 -16.12 44.25
CA HIS A 383 -9.43 -16.52 45.35
C HIS A 383 -9.22 -15.61 46.58
N PRO A 384 -10.30 -15.13 47.23
CA PRO A 384 -10.12 -14.22 48.38
C PRO A 384 -9.53 -14.86 49.63
N VAL A 385 -9.71 -16.19 49.82
CA VAL A 385 -9.17 -16.88 50.99
C VAL A 385 -7.92 -17.71 50.62
N GLY A 386 -7.82 -18.13 49.36
CA GLY A 386 -6.72 -18.92 48.84
C GLY A 386 -5.46 -18.12 48.58
N ALA A 387 -5.55 -17.15 47.65
CA ALA A 387 -4.44 -16.28 47.27
C ALA A 387 -4.09 -15.24 48.34
N ALA A 388 -2.81 -14.84 48.38
CA ALA A 388 -2.29 -13.84 49.32
C ALA A 388 -2.62 -12.43 48.84
N GLY A 389 -2.35 -12.15 47.57
CA GLY A 389 -2.62 -10.87 46.93
C GLY A 389 -3.54 -10.98 45.73
N LYS A 390 -3.93 -9.83 45.17
CA LYS A 390 -4.81 -9.74 44.00
C LYS A 390 -4.00 -9.70 42.70
N THR A 391 -2.84 -9.00 42.72
CA THR A 391 -1.92 -8.86 41.59
C THR A 391 -1.20 -10.20 41.35
N CYS A 392 -1.26 -10.70 40.10
CA CYS A 392 -0.71 -11.99 39.69
C CYS A 392 0.42 -11.90 38.66
N ASN A 393 0.87 -13.07 38.14
CA ASN A 393 1.89 -13.21 37.12
C ASN A 393 1.29 -12.83 35.77
N GLN A 394 1.88 -11.85 35.08
CA GLN A 394 1.41 -11.30 33.81
C GLN A 394 1.56 -12.22 32.59
N THR A 395 2.63 -13.03 32.52
CA THR A 395 2.87 -13.89 31.35
C THR A 395 2.18 -15.27 31.45
N THR A 396 2.08 -15.86 32.66
CA THR A 396 1.50 -17.19 32.84
C THR A 396 0.06 -17.18 33.40
N GLY A 397 -0.22 -16.22 34.27
CA GLY A 397 -1.53 -16.08 34.91
C GLY A 397 -1.62 -16.94 36.17
N GLN A 398 -0.68 -16.72 37.10
CA GLN A 398 -0.61 -17.45 38.36
C GLN A 398 -0.73 -16.50 39.55
N CYS A 399 -1.76 -16.72 40.38
CA CYS A 399 -2.02 -15.92 41.58
C CYS A 399 -1.01 -16.26 42.70
N PRO A 400 -0.62 -15.29 43.55
CA PRO A 400 0.34 -15.62 44.63
C PRO A 400 -0.30 -16.47 45.71
N CYS A 401 -0.15 -17.80 45.59
CA CYS A 401 -0.73 -18.77 46.52
C CYS A 401 -0.04 -18.80 47.88
N LYS A 402 -0.82 -19.09 48.92
CA LYS A 402 -0.37 -19.21 50.30
C LYS A 402 -0.49 -20.67 50.73
N ASP A 403 0.49 -21.17 51.51
CA ASP A 403 0.58 -22.55 52.02
C ASP A 403 0.74 -23.60 50.89
N GLY A 404 1.44 -23.19 49.83
CA GLY A 404 1.73 -24.02 48.66
C GLY A 404 0.54 -24.59 47.91
N VAL A 405 -0.48 -23.74 47.64
CA VAL A 405 -1.70 -24.12 46.92
C VAL A 405 -1.40 -24.35 45.43
N THR A 406 -1.82 -25.52 44.89
CA THR A 406 -1.59 -25.95 43.51
C THR A 406 -2.49 -25.26 42.47
N GLY A 407 -3.60 -24.66 42.91
CA GLY A 407 -4.55 -23.98 42.05
C GLY A 407 -3.97 -22.84 41.23
N ILE A 408 -4.46 -22.67 39.99
CA ILE A 408 -4.04 -21.63 39.03
C ILE A 408 -4.48 -20.24 39.56
N THR A 409 -5.66 -20.19 40.19
CA THR A 409 -6.25 -19.00 40.81
C THR A 409 -6.30 -19.15 42.33
N CYS A 410 -5.48 -20.10 42.86
CA CYS A 410 -5.34 -20.47 44.27
C CYS A 410 -6.67 -20.99 44.87
N ASN A 411 -7.34 -21.91 44.16
CA ASN A 411 -8.64 -22.46 44.54
C ASN A 411 -8.60 -23.85 45.19
N ARG A 412 -7.59 -24.69 44.91
CA ARG A 412 -7.54 -26.04 45.48
C ARG A 412 -6.31 -26.29 46.36
N CYS A 413 -6.51 -26.97 47.51
CA CYS A 413 -5.41 -27.32 48.44
C CYS A 413 -4.45 -28.33 47.80
N ALA A 414 -3.18 -28.30 48.22
CA ALA A 414 -2.15 -29.21 47.72
C ALA A 414 -2.36 -30.65 48.21
N LYS A 415 -1.52 -31.60 47.73
CA LYS A 415 -1.55 -33.01 48.10
C LYS A 415 -1.29 -33.16 49.61
N GLY A 416 -2.12 -33.96 50.26
CA GLY A 416 -2.04 -34.21 51.70
C GLY A 416 -2.62 -33.13 52.58
N TYR A 417 -2.82 -31.91 52.01
CA TYR A 417 -3.36 -30.75 52.70
C TYR A 417 -4.89 -30.76 52.72
N GLN A 418 -5.48 -30.44 53.88
CA GLN A 418 -6.92 -30.35 54.10
C GLN A 418 -7.31 -28.89 54.37
N GLN A 419 -8.52 -28.49 53.95
CA GLN A 419 -9.05 -27.13 54.12
C GLN A 419 -9.27 -26.77 55.60
N SER A 420 -8.77 -25.60 56.01
CA SER A 420 -8.82 -25.10 57.38
C SER A 420 -9.75 -23.90 57.61
N ARG A 421 -10.16 -23.69 58.88
CA ARG A 421 -11.03 -22.61 59.34
C ARG A 421 -10.29 -21.27 59.44
N SER A 422 -8.95 -21.30 59.65
CA SER A 422 -8.11 -20.10 59.82
C SER A 422 -7.94 -19.31 58.52
N PRO A 423 -8.05 -17.95 58.56
CA PRO A 423 -7.86 -17.16 57.33
C PRO A 423 -6.39 -16.99 56.93
N ILE A 424 -5.46 -17.22 57.88
CA ILE A 424 -4.01 -17.13 57.68
C ILE A 424 -3.51 -18.41 57.02
N ALA A 425 -3.95 -19.58 57.53
CA ALA A 425 -3.58 -20.89 56.99
C ALA A 425 -4.81 -21.59 56.34
N PRO A 426 -5.01 -21.44 55.00
CA PRO A 426 -6.18 -22.09 54.38
C PRO A 426 -6.06 -23.60 54.21
N CYS A 427 -4.83 -24.13 54.08
CA CYS A 427 -4.56 -25.56 53.94
C CYS A 427 -3.59 -26.06 55.01
N ILE A 428 -3.93 -27.17 55.69
CA ILE A 428 -3.11 -27.79 56.73
C ILE A 428 -2.77 -29.24 56.36
N LYS A 429 -1.48 -29.60 56.44
CA LYS A 429 -0.96 -30.93 56.13
C LYS A 429 -1.25 -31.90 57.28
N THR B 2 -12.10 45.34 -32.32
CA THR B 2 -13.40 44.74 -32.02
C THR B 2 -14.11 45.49 -30.88
N GLY B 3 -13.58 45.37 -29.66
CA GLY B 3 -14.17 45.99 -28.48
C GLY B 3 -13.23 46.91 -27.72
N GLU B 4 -13.41 48.24 -27.91
CA GLU B 4 -12.64 49.29 -27.26
C GLU B 4 -13.53 50.16 -26.36
N THR B 5 -14.76 49.68 -26.06
CA THR B 5 -15.73 50.35 -25.20
C THR B 5 -15.32 50.28 -23.72
N ARG B 6 -14.54 49.25 -23.35
CA ARG B 6 -14.05 49.01 -21.99
C ARG B 6 -12.54 48.75 -21.93
N VAL B 7 -11.96 48.86 -20.72
CA VAL B 7 -10.54 48.64 -20.41
C VAL B 7 -10.29 47.10 -20.35
N PRO B 8 -9.16 46.55 -20.88
CA PRO B 8 -8.96 45.08 -20.85
C PRO B 8 -9.02 44.43 -19.48
N GLU B 9 -9.50 43.18 -19.45
CA GLU B 9 -9.64 42.37 -18.24
C GLU B 9 -8.28 41.94 -17.69
N VAL B 10 -8.26 41.54 -16.41
CA VAL B 10 -7.07 41.04 -15.69
C VAL B 10 -6.52 39.74 -16.36
N PRO B 11 -5.20 39.63 -16.65
CA PRO B 11 -4.69 38.38 -17.28
C PRO B 11 -4.92 37.14 -16.42
N SER B 12 -5.08 35.97 -17.06
CA SER B 12 -5.36 34.69 -16.39
C SER B 12 -4.22 34.16 -15.53
N SER B 13 -2.97 34.06 -16.07
CA SER B 13 -1.82 33.56 -15.30
C SER B 13 -0.53 34.33 -15.54
N LEU B 14 0.42 34.21 -14.59
CA LEU B 14 1.74 34.84 -14.61
C LEU B 14 2.75 33.93 -13.89
N HIS B 15 3.86 33.60 -14.55
CA HIS B 15 4.90 32.73 -14.01
C HIS B 15 6.31 33.26 -14.28
N VAL B 16 7.10 33.42 -13.21
CA VAL B 16 8.48 33.89 -13.27
C VAL B 16 9.49 32.75 -13.05
N ARG B 17 10.72 32.94 -13.53
CA ARG B 17 11.82 31.98 -13.38
C ARG B 17 13.12 32.79 -13.19
N PRO B 18 13.61 32.93 -11.94
CA PRO B 18 14.81 33.75 -11.71
C PRO B 18 16.12 33.03 -12.00
N LEU B 19 17.05 33.74 -12.64
CA LEU B 19 18.39 33.28 -12.97
C LEU B 19 19.42 34.21 -12.32
N VAL B 20 20.71 34.05 -12.67
CA VAL B 20 21.81 34.82 -12.11
C VAL B 20 21.66 36.34 -12.38
N THR B 21 21.39 36.74 -13.64
CA THR B 21 21.25 38.14 -14.06
C THR B 21 19.99 38.39 -14.91
N SER B 22 19.07 37.40 -14.97
CA SER B 22 17.84 37.50 -15.77
C SER B 22 16.62 36.83 -15.11
N ILE B 23 15.39 37.19 -15.54
CA ILE B 23 14.13 36.59 -15.04
C ILE B 23 13.21 36.22 -16.21
N VAL B 24 12.94 34.92 -16.40
CA VAL B 24 12.07 34.41 -17.46
C VAL B 24 10.61 34.57 -17.05
N VAL B 25 9.89 35.49 -17.70
CA VAL B 25 8.49 35.77 -17.42
C VAL B 25 7.61 35.08 -18.47
N SER B 26 6.56 34.39 -18.02
CA SER B 26 5.59 33.68 -18.87
C SER B 26 4.18 34.07 -18.44
N TRP B 27 3.26 34.20 -19.41
CA TRP B 27 1.87 34.60 -19.13
C TRP B 27 0.86 34.01 -20.11
N THR B 28 -0.44 34.24 -19.83
CA THR B 28 -1.59 33.80 -20.64
C THR B 28 -2.62 34.95 -20.73
N PRO B 29 -3.18 35.25 -21.93
CA PRO B 29 -4.17 36.35 -22.06
C PRO B 29 -5.43 36.18 -21.20
N PRO B 30 -6.20 37.27 -20.92
CA PRO B 30 -7.43 37.10 -20.12
C PRO B 30 -8.48 36.20 -20.77
N GLU B 31 -9.36 35.60 -19.96
CA GLU B 31 -10.44 34.69 -20.41
C GLU B 31 -11.44 35.33 -21.36
N ASN B 32 -11.75 36.64 -21.15
CA ASN B 32 -12.69 37.38 -21.98
C ASN B 32 -12.04 37.83 -23.30
N GLN B 33 -12.72 37.56 -24.43
CA GLN B 33 -12.25 37.90 -25.76
C GLN B 33 -13.01 39.08 -26.39
N ASN B 34 -14.15 39.48 -25.80
CA ASN B 34 -15.00 40.57 -26.28
C ASN B 34 -14.26 41.91 -26.31
N ILE B 35 -13.37 42.14 -25.32
CA ILE B 35 -12.53 43.34 -25.23
C ILE B 35 -11.18 43.02 -25.89
N VAL B 36 -10.86 43.75 -26.97
CA VAL B 36 -9.63 43.57 -27.75
C VAL B 36 -8.38 44.00 -26.94
N VAL B 37 -7.27 43.25 -27.10
CA VAL B 37 -6.01 43.52 -26.41
C VAL B 37 -4.89 43.75 -27.45
N ARG B 38 -4.21 44.91 -27.36
CA ARG B 38 -3.13 45.28 -28.28
C ARG B 38 -1.77 44.71 -27.87
N GLY B 39 -1.56 44.54 -26.57
CA GLY B 39 -0.30 44.01 -26.05
C GLY B 39 -0.22 43.84 -24.55
N TYR B 40 1.01 43.53 -24.07
CA TYR B 40 1.33 43.32 -22.66
C TYR B 40 2.42 44.28 -22.19
N ALA B 41 2.31 44.75 -20.94
CA ALA B 41 3.27 45.66 -20.34
C ALA B 41 3.91 45.06 -19.08
N ILE B 42 5.20 44.68 -19.20
CA ILE B 42 5.97 44.09 -18.11
C ILE B 42 6.59 45.23 -17.28
N GLY B 43 6.32 45.24 -15.99
CA GLY B 43 6.83 46.25 -15.06
C GLY B 43 7.64 45.61 -13.96
N TYR B 44 8.96 45.78 -13.98
CA TYR B 44 9.86 45.15 -13.01
C TYR B 44 10.66 46.15 -12.14
N GLY B 45 11.40 45.63 -11.16
CA GLY B 45 12.22 46.41 -10.24
C GLY B 45 12.35 45.83 -8.84
N ILE B 46 13.44 46.21 -8.13
CA ILE B 46 13.73 45.75 -6.77
C ILE B 46 12.77 46.42 -5.78
N GLY B 47 12.05 45.60 -5.01
CA GLY B 47 11.10 46.07 -4.01
C GLY B 47 9.76 46.49 -4.56
N SER B 48 9.77 47.35 -5.58
CA SER B 48 8.56 47.84 -6.23
C SER B 48 8.63 47.54 -7.73
N PRO B 49 7.50 47.33 -8.44
CA PRO B 49 7.58 47.06 -9.88
C PRO B 49 7.70 48.32 -10.75
N HIS B 50 7.69 49.51 -10.13
CA HIS B 50 7.72 50.83 -10.78
C HIS B 50 9.05 51.23 -11.46
N ALA B 51 10.16 50.52 -11.18
CA ALA B 51 11.50 50.86 -11.71
C ALA B 51 11.59 50.97 -13.24
N GLN B 52 11.19 49.91 -13.99
CA GLN B 52 11.22 49.89 -15.45
C GLN B 52 10.02 49.21 -16.08
N THR B 53 9.66 49.64 -17.32
CA THR B 53 8.50 49.13 -18.07
C THR B 53 8.83 48.74 -19.51
N ILE B 54 8.52 47.48 -19.88
CA ILE B 54 8.73 46.94 -21.22
C ILE B 54 7.38 46.56 -21.82
N LYS B 55 7.01 47.22 -22.94
CA LYS B 55 5.76 46.99 -23.66
C LYS B 55 6.00 46.08 -24.87
N VAL B 56 5.22 45.00 -24.98
CA VAL B 56 5.31 44.00 -26.06
C VAL B 56 3.96 43.82 -26.79
N ASP B 57 3.99 43.19 -27.98
CA ASP B 57 2.79 42.92 -28.79
C ASP B 57 1.90 41.85 -28.16
N TYR B 58 0.61 41.77 -28.59
CA TYR B 58 -0.39 40.82 -28.09
C TYR B 58 -0.06 39.36 -28.39
N LYS B 59 0.73 39.09 -29.46
CA LYS B 59 1.12 37.74 -29.86
C LYS B 59 2.09 37.08 -28.89
N GLN B 60 2.96 37.89 -28.24
CA GLN B 60 3.98 37.44 -27.27
C GLN B 60 3.35 36.78 -26.03
N ARG B 61 3.92 35.65 -25.60
CA ARG B 61 3.45 34.89 -24.43
C ARG B 61 4.52 34.71 -23.35
N TYR B 62 5.81 34.92 -23.70
CA TYR B 62 6.96 34.81 -22.79
C TYR B 62 8.03 35.86 -23.10
N TYR B 63 8.72 36.34 -22.05
CA TYR B 63 9.78 37.36 -22.15
C TYR B 63 10.80 37.25 -21.01
N THR B 64 12.09 37.23 -21.35
CA THR B 64 13.18 37.15 -20.37
C THR B 64 13.75 38.54 -20.05
N ILE B 65 13.53 39.04 -18.82
CA ILE B 65 14.03 40.35 -18.40
C ILE B 65 15.53 40.24 -18.15
N GLU B 66 16.35 40.93 -18.96
CA GLU B 66 17.81 40.90 -18.91
C GLU B 66 18.42 42.01 -18.05
N ASN B 67 19.78 41.97 -17.87
CA ASN B 67 20.61 42.92 -17.12
C ASN B 67 20.05 43.24 -15.71
N LEU B 68 20.14 42.28 -14.80
CA LEU B 68 19.65 42.43 -13.44
C LEU B 68 20.74 42.21 -12.40
N ASP B 69 20.50 42.61 -11.15
CA ASP B 69 21.45 42.46 -10.05
C ASP B 69 21.48 41.00 -9.52
N PRO B 70 22.64 40.51 -9.02
CA PRO B 70 22.75 39.10 -8.64
C PRO B 70 21.82 38.54 -7.56
N SER B 71 21.78 39.10 -6.35
CA SER B 71 20.95 38.50 -5.29
C SER B 71 19.73 39.35 -4.89
N SER B 72 19.33 40.27 -5.78
CA SER B 72 18.21 41.19 -5.57
C SER B 72 16.83 40.55 -5.70
N HIS B 73 15.84 41.14 -4.99
CA HIS B 73 14.45 40.68 -4.96
C HIS B 73 13.58 41.62 -5.82
N TYR B 74 13.24 41.14 -7.01
CA TYR B 74 12.45 41.88 -7.99
C TYR B 74 10.97 41.58 -7.88
N VAL B 75 10.13 42.58 -8.18
CA VAL B 75 8.67 42.45 -8.21
C VAL B 75 8.26 42.73 -9.67
N ILE B 76 7.72 41.71 -10.35
CA ILE B 76 7.29 41.79 -11.76
C ILE B 76 5.77 41.95 -11.84
N THR B 77 5.30 42.88 -12.68
CA THR B 77 3.89 43.22 -12.87
C THR B 77 3.49 43.10 -14.34
N LEU B 78 2.37 42.39 -14.62
CA LEU B 78 1.88 42.21 -15.98
C LEU B 78 0.52 42.85 -16.18
N LYS B 79 0.43 43.74 -17.18
CA LYS B 79 -0.77 44.48 -17.55
C LYS B 79 -1.14 44.20 -19.00
N ALA B 80 -2.45 44.12 -19.30
CA ALA B 80 -2.96 43.93 -20.65
C ALA B 80 -3.42 45.30 -21.14
N PHE B 81 -2.86 45.81 -22.26
CA PHE B 81 -3.21 47.14 -22.75
C PHE B 81 -3.71 47.19 -24.19
N ASN B 82 -4.62 48.13 -24.46
CA ASN B 82 -5.21 48.42 -25.77
C ASN B 82 -5.16 49.93 -26.07
N ASN B 83 -6.04 50.44 -26.96
CA ASN B 83 -6.08 51.86 -27.32
C ASN B 83 -6.76 52.74 -26.27
N VAL B 84 -7.71 52.18 -25.49
CA VAL B 84 -8.42 52.94 -24.45
C VAL B 84 -7.55 53.08 -23.17
N GLY B 85 -6.65 52.12 -22.93
CA GLY B 85 -5.75 52.16 -21.77
C GLY B 85 -5.23 50.82 -21.27
N GLU B 86 -4.63 50.85 -20.06
CA GLU B 86 -4.02 49.69 -19.38
C GLU B 86 -5.00 49.01 -18.41
N GLY B 87 -5.04 47.69 -18.47
CA GLY B 87 -5.91 46.86 -17.64
C GLY B 87 -5.43 46.62 -16.21
N ILE B 88 -6.14 45.73 -15.50
CA ILE B 88 -5.87 45.37 -14.10
C ILE B 88 -4.57 44.54 -14.03
N PRO B 89 -3.59 44.92 -13.18
CA PRO B 89 -2.32 44.18 -13.14
C PRO B 89 -2.34 42.84 -12.40
N LEU B 90 -1.34 42.00 -12.72
CA LEU B 90 -1.09 40.69 -12.13
C LEU B 90 0.35 40.72 -11.61
N TYR B 91 0.55 40.55 -10.30
CA TYR B 91 1.85 40.66 -9.63
C TYR B 91 2.48 39.32 -9.28
N GLU B 92 3.83 39.29 -9.24
CA GLU B 92 4.66 38.14 -8.85
C GLU B 92 6.05 38.65 -8.48
N SER B 93 6.68 38.04 -7.46
CA SER B 93 8.03 38.42 -7.03
C SER B 93 9.02 37.27 -7.12
N ALA B 94 10.30 37.60 -7.37
CA ALA B 94 11.39 36.62 -7.50
C ALA B 94 12.73 37.17 -7.01
N VAL B 95 13.55 36.29 -6.43
CA VAL B 95 14.90 36.63 -5.94
C VAL B 95 15.90 35.99 -6.90
N THR B 96 16.69 36.83 -7.60
CA THR B 96 17.70 36.41 -8.58
C THR B 96 18.81 35.58 -7.91
N ARG B 97 19.34 34.59 -8.63
CA ARG B 97 20.37 33.67 -8.06
C ARG B 97 21.71 34.39 -7.94
N PRO B 98 22.46 34.23 -6.82
CA PRO B 98 23.73 34.92 -6.62
C PRO B 98 24.80 34.54 -7.65
N HIS B 99 25.60 35.50 -8.10
CA HIS B 99 26.68 35.22 -9.08
C HIS B 99 27.73 34.31 -8.43
N THR B 100 28.18 33.28 -9.17
CA THR B 100 29.23 32.36 -8.66
C THR B 100 30.58 33.10 -8.62
N VAL B 101 31.37 32.91 -7.56
CA VAL B 101 32.72 33.53 -7.48
C VAL B 101 33.77 32.41 -7.51
N PRO B 102 34.75 32.43 -8.44
CA PRO B 102 35.80 31.41 -8.47
C PRO B 102 36.68 31.49 -7.21
N ASP B 103 36.97 30.34 -6.59
CA ASP B 103 37.86 30.32 -5.40
C ASP B 103 39.31 30.54 -5.85
N PRO B 104 40.14 31.29 -5.10
CA PRO B 104 41.56 31.46 -5.45
C PRO B 104 42.27 30.10 -5.35
N THR B 105 43.19 29.82 -6.28
CA THR B 105 43.95 28.54 -6.26
C THR B 105 44.78 28.50 -4.98
N PRO B 106 44.85 27.38 -4.24
CA PRO B 106 45.57 27.33 -2.96
C PRO B 106 47.09 27.31 -3.10
N MET B 107 47.81 27.57 -2.00
CA MET B 107 49.28 27.53 -2.02
C MET B 107 49.78 26.14 -1.63
N MET B 108 51.10 25.92 -1.74
CA MET B 108 51.75 24.67 -1.36
C MET B 108 51.97 24.71 0.16
N PRO B 109 51.56 23.65 0.91
CA PRO B 109 51.73 23.69 2.38
C PRO B 109 53.19 23.53 2.82
N PRO B 110 53.58 23.93 4.05
CA PRO B 110 54.98 23.74 4.47
C PRO B 110 55.38 22.25 4.56
N VAL B 111 56.66 21.96 4.30
CA VAL B 111 57.23 20.62 4.33
C VAL B 111 58.28 20.49 5.43
N GLY B 112 58.70 19.25 5.72
CA GLY B 112 59.71 18.94 6.73
C GLY B 112 59.36 19.40 8.13
N VAL B 113 58.10 19.17 8.55
CA VAL B 113 57.61 19.56 9.88
C VAL B 113 58.09 18.54 10.93
N GLN B 114 58.99 19.01 11.83
CA GLN B 114 59.58 18.16 12.87
C GLN B 114 59.38 18.74 14.28
N ALA B 115 58.91 17.89 15.20
CA ALA B 115 58.68 18.25 16.60
C ALA B 115 59.91 17.88 17.44
N SER B 116 60.48 18.88 18.13
CA SER B 116 61.66 18.71 18.98
C SER B 116 61.30 19.05 20.43
N ILE B 117 61.15 18.00 21.27
CA ILE B 117 60.78 18.13 22.68
C ILE B 117 61.96 18.66 23.50
N LEU B 118 61.75 19.80 24.17
CA LEU B 118 62.76 20.45 24.99
C LEU B 118 62.54 20.17 26.47
N SER B 119 61.30 20.40 26.96
CA SER B 119 60.94 20.17 28.35
C SER B 119 59.50 19.62 28.48
N HIS B 120 59.00 19.50 29.73
CA HIS B 120 57.66 19.02 30.08
C HIS B 120 56.52 19.92 29.58
N ASP B 121 56.82 21.21 29.32
CA ASP B 121 55.83 22.20 28.87
C ASP B 121 56.25 22.94 27.59
N THR B 122 57.44 22.61 27.03
CA THR B 122 57.94 23.27 25.82
C THR B 122 58.42 22.30 24.75
N ILE B 123 57.93 22.51 23.50
CA ILE B 123 58.28 21.77 22.28
C ILE B 123 58.47 22.81 21.17
N ARG B 124 59.62 22.75 20.46
CA ARG B 124 59.88 23.66 19.33
C ARG B 124 59.56 22.97 18.01
N ILE B 125 58.84 23.67 17.12
CA ILE B 125 58.41 23.16 15.83
C ILE B 125 59.19 23.83 14.71
N THR B 126 59.76 23.00 13.81
CA THR B 126 60.57 23.45 12.68
C THR B 126 59.95 22.98 11.36
N TRP B 127 59.72 23.93 10.44
CA TRP B 127 59.17 23.65 9.11
C TRP B 127 59.94 24.39 8.02
N ALA B 128 59.87 23.88 6.79
CA ALA B 128 60.51 24.43 5.60
C ALA B 128 59.45 24.83 4.56
N ASP B 129 59.87 25.60 3.53
CA ASP B 129 58.99 26.05 2.46
C ASP B 129 59.70 25.98 1.10
N ASN B 130 59.19 25.11 0.21
CA ASN B 130 59.74 24.91 -1.14
C ASN B 130 59.48 26.09 -2.07
N SER B 131 58.45 26.91 -1.77
CA SER B 131 58.04 28.10 -2.53
C SER B 131 59.08 29.22 -2.43
N LEU B 132 59.79 29.30 -1.28
CA LEU B 132 60.82 30.29 -0.98
C LEU B 132 62.08 30.09 -1.83
N PRO B 133 62.50 31.10 -2.66
CA PRO B 133 63.71 30.92 -3.48
C PRO B 133 64.98 31.33 -2.76
N THR B 139 60.82 39.53 1.34
CA THR B 139 60.11 40.32 0.34
C THR B 139 58.60 40.25 0.54
N ASP B 140 58.01 39.03 0.48
CA ASP B 140 56.58 38.77 0.66
C ASP B 140 56.11 39.13 2.07
N SER B 141 54.80 39.32 2.26
CA SER B 141 54.22 39.61 3.57
C SER B 141 53.42 38.40 4.09
N ARG B 142 53.87 37.18 3.73
CA ARG B 142 53.24 35.92 4.14
C ARG B 142 53.69 35.50 5.53
N TYR B 143 52.72 35.10 6.35
CA TYR B 143 52.95 34.65 7.72
C TYR B 143 52.47 33.22 7.89
N TYR B 144 53.18 32.45 8.72
CA TYR B 144 52.84 31.05 9.00
C TYR B 144 52.01 30.95 10.27
N THR B 145 51.11 29.95 10.34
CA THR B 145 50.25 29.72 11.51
C THR B 145 50.48 28.30 12.02
N VAL B 146 50.62 28.15 13.35
CA VAL B 146 50.87 26.87 14.03
C VAL B 146 49.64 26.48 14.86
N ARG B 147 49.31 25.17 14.90
CA ARG B 147 48.20 24.66 15.70
C ARG B 147 48.56 23.39 16.47
N TRP B 148 48.03 23.24 17.70
CA TRP B 148 48.27 22.07 18.55
C TRP B 148 47.10 21.73 19.46
N LYS B 149 46.88 20.42 19.70
CA LYS B 149 45.79 19.92 20.54
C LYS B 149 46.11 18.56 21.16
N THR B 150 45.67 18.38 22.42
CA THR B 150 45.76 17.13 23.17
C THR B 150 44.33 16.56 23.25
N ASN B 151 44.21 15.24 23.34
CA ASN B 151 42.90 14.59 23.38
C ASN B 151 42.19 14.73 24.74
N ILE B 152 42.92 15.11 25.82
CA ILE B 152 42.33 15.29 27.14
C ILE B 152 42.48 16.76 27.61
N PRO B 153 41.38 17.47 27.95
CA PRO B 153 39.97 17.03 28.01
C PRO B 153 39.34 16.81 26.64
N ALA B 154 38.14 16.21 26.63
CA ALA B 154 37.37 15.88 25.42
C ALA B 154 36.76 17.10 24.74
N ASN B 155 36.58 16.99 23.41
CA ASN B 155 35.99 17.99 22.51
C ASN B 155 36.65 19.38 22.60
N THR B 156 37.96 19.42 22.86
CA THR B 156 38.74 20.66 22.93
C THR B 156 39.14 21.08 21.51
N LYS B 157 39.51 22.36 21.32
CA LYS B 157 39.89 22.89 20.02
C LYS B 157 41.39 23.17 19.92
N TYR B 158 41.92 23.26 18.68
CA TYR B 158 43.32 23.52 18.38
C TYR B 158 43.72 24.93 18.80
N LYS B 159 44.86 25.05 19.51
CA LYS B 159 45.38 26.34 19.94
C LYS B 159 46.20 26.92 18.79
N ASN B 160 45.85 28.13 18.32
CA ASN B 160 46.53 28.79 17.21
C ASN B 160 47.54 29.83 17.66
N ALA B 161 48.62 29.99 16.87
CA ALA B 161 49.71 30.94 17.11
C ALA B 161 50.40 31.33 15.80
N ASN B 162 50.58 32.64 15.56
CA ASN B 162 51.20 33.17 14.34
C ASN B 162 52.72 33.29 14.46
N ALA B 163 53.43 32.93 13.37
CA ALA B 163 54.89 32.96 13.27
C ALA B 163 55.36 33.46 11.91
N THR B 164 56.31 34.43 11.90
CA THR B 164 56.87 35.01 10.67
C THR B 164 58.16 34.29 10.22
N THR B 165 58.80 33.57 11.16
CA THR B 165 60.02 32.81 10.91
C THR B 165 59.67 31.32 10.66
N LEU B 166 60.66 30.51 10.21
CA LEU B 166 60.48 29.10 9.89
C LEU B 166 60.42 28.14 11.11
N SER B 167 60.30 28.69 12.34
CA SER B 167 60.22 27.90 13.56
C SER B 167 59.38 28.55 14.67
N TYR B 168 58.77 27.74 15.56
CA TYR B 168 57.96 28.26 16.66
C TYR B 168 58.09 27.43 17.94
N LEU B 169 58.26 28.12 19.09
CA LEU B 169 58.41 27.56 20.43
C LEU B 169 57.04 27.51 21.14
N VAL B 170 56.50 26.28 21.33
CA VAL B 170 55.20 26.06 21.96
C VAL B 170 55.38 25.98 23.49
N THR B 171 54.64 26.82 24.23
CA THR B 171 54.68 26.88 25.70
C THR B 171 53.30 26.62 26.34
N GLY B 172 53.29 26.37 27.64
CA GLY B 172 52.09 26.12 28.43
C GLY B 172 51.43 24.78 28.14
N LEU B 173 52.24 23.71 28.08
CA LEU B 173 51.79 22.34 27.81
C LEU B 173 51.80 21.49 29.09
N LYS B 174 51.03 20.39 29.08
CA LYS B 174 50.95 19.45 30.21
C LYS B 174 52.08 18.40 30.10
N PRO B 175 52.64 17.87 31.21
CA PRO B 175 53.72 16.88 31.07
C PRO B 175 53.22 15.48 30.72
N ASN B 176 54.02 14.72 29.93
CA ASN B 176 53.73 13.36 29.45
C ASN B 176 52.35 13.23 28.79
N THR B 177 52.14 13.98 27.69
CA THR B 177 50.90 13.94 26.93
C THR B 177 51.18 14.20 25.45
N LEU B 178 50.61 13.35 24.59
CA LEU B 178 50.78 13.41 23.13
C LEU B 178 50.05 14.60 22.50
N TYR B 179 50.78 15.40 21.72
CA TYR B 179 50.28 16.57 21.00
C TYR B 179 50.47 16.41 19.50
N GLU B 180 49.51 16.94 18.72
CA GLU B 180 49.58 16.94 17.26
C GLU B 180 49.89 18.35 16.77
N PHE B 181 50.86 18.46 15.85
CA PHE B 181 51.29 19.75 15.31
C PHE B 181 51.20 19.80 13.80
N SER B 182 50.81 20.97 13.27
CA SER B 182 50.71 21.25 11.84
C SER B 182 50.83 22.74 11.59
N VAL B 183 51.32 23.11 10.40
CA VAL B 183 51.50 24.52 10.03
C VAL B 183 50.89 24.84 8.67
N MET B 184 50.43 26.09 8.51
CA MET B 184 49.86 26.59 7.26
C MET B 184 50.48 27.93 6.89
N VAL B 185 50.40 28.31 5.60
CA VAL B 185 50.93 29.58 5.11
C VAL B 185 49.78 30.44 4.59
N THR B 186 49.75 31.73 4.99
CA THR B 186 48.70 32.68 4.59
C THR B 186 49.35 33.92 3.94
N LYS B 187 49.09 34.15 2.64
CA LYS B 187 49.63 35.31 1.91
C LYS B 187 48.64 36.46 1.82
N GLY B 188 47.35 36.15 1.75
CA GLY B 188 46.26 37.12 1.69
C GLY B 188 44.94 36.41 1.59
N ARG B 189 44.22 36.63 0.48
CA ARG B 189 42.95 35.95 0.17
C ARG B 189 43.26 34.50 -0.18
N ARG B 190 44.50 34.27 -0.66
CA ARG B 190 45.09 32.98 -1.02
C ARG B 190 45.83 32.44 0.22
N SER B 191 45.51 31.21 0.63
CA SER B 191 46.14 30.55 1.78
C SER B 191 46.15 29.04 1.62
N SER B 192 47.25 28.39 2.04
CA SER B 192 47.42 26.95 1.96
C SER B 192 46.83 26.21 3.15
N THR B 193 46.39 24.97 2.92
CA THR B 193 45.85 24.07 3.94
C THR B 193 46.95 23.65 4.93
N TRP B 194 46.58 22.94 6.01
CA TRP B 194 47.51 22.49 7.04
C TRP B 194 48.48 21.43 6.55
N SER B 195 49.74 21.53 6.98
CA SER B 195 50.83 20.61 6.63
C SER B 195 50.64 19.23 7.28
N MET B 196 51.45 18.24 6.86
CA MET B 196 51.43 16.89 7.40
C MET B 196 51.57 16.93 8.93
N THR B 197 50.69 16.21 9.65
CA THR B 197 50.66 16.18 11.11
C THR B 197 51.92 15.55 11.70
N ALA B 198 52.59 16.28 12.61
CA ALA B 198 53.79 15.87 13.32
C ALA B 198 53.46 15.75 14.80
N HIS B 199 53.70 14.55 15.39
CA HIS B 199 53.38 14.30 16.79
C HIS B 199 54.55 14.49 17.72
N GLY B 200 54.29 15.18 18.83
CA GLY B 200 55.28 15.45 19.87
C GLY B 200 54.73 15.19 21.26
N ALA B 201 55.35 14.24 21.97
CA ALA B 201 54.97 13.87 23.34
C ALA B 201 55.88 14.54 24.35
N THR B 202 55.29 15.28 25.31
CA THR B 202 56.02 16.00 26.37
C THR B 202 56.77 15.07 27.33
N PHE B 203 57.82 15.60 27.99
CA PHE B 203 58.61 14.86 28.95
C PHE B 203 57.83 14.68 30.25
N GLU B 204 58.12 13.58 30.98
CA GLU B 204 57.50 13.25 32.26
C GLU B 204 57.98 14.21 33.36
N LEU B 205 57.15 14.38 34.41
CA LEU B 205 57.46 15.27 35.53
C LEU B 205 56.99 14.69 36.88
N VAL B 206 57.51 15.23 37.99
CA VAL B 206 57.18 14.88 39.37
C VAL B 206 55.70 15.27 39.59
N PRO B 207 54.83 14.36 40.09
CA PRO B 207 53.41 14.73 40.29
C PRO B 207 53.19 15.94 41.19
N THR B 208 52.26 16.83 40.80
CA THR B 208 51.98 18.08 41.51
C THR B 208 50.60 18.08 42.22
N SER B 209 49.84 16.96 42.14
CA SER B 209 48.54 16.83 42.80
C SER B 209 48.36 15.48 43.52
N PRO B 210 47.76 15.44 44.74
CA PRO B 210 47.59 14.16 45.44
C PRO B 210 46.39 13.32 44.96
N PRO B 211 46.38 11.97 45.15
CA PRO B 211 45.23 11.17 44.69
C PRO B 211 43.91 11.50 45.37
N LYS B 212 42.88 11.75 44.53
CA LYS B 212 41.54 12.14 44.95
C LYS B 212 40.62 10.93 45.20
N ASP B 213 39.44 11.19 45.82
CA ASP B 213 38.38 10.24 46.16
C ASP B 213 38.86 9.06 47.03
N VAL B 214 39.41 9.39 48.22
CA VAL B 214 39.89 8.40 49.19
C VAL B 214 38.68 7.88 49.98
N THR B 215 38.29 6.62 49.74
CA THR B 215 37.13 6.00 50.39
C THR B 215 37.52 4.71 51.14
N VAL B 216 37.23 4.68 52.45
CA VAL B 216 37.51 3.55 53.35
C VAL B 216 36.17 3.00 53.87
N VAL B 217 35.95 1.68 53.72
CA VAL B 217 34.71 1.02 54.15
C VAL B 217 34.97 -0.37 54.76
N SER B 218 34.16 -0.75 55.77
CA SER B 218 34.26 -2.04 56.47
C SER B 218 33.76 -3.18 55.57
N LYS B 219 34.61 -4.20 55.38
CA LYS B 219 34.31 -5.36 54.54
C LYS B 219 33.33 -6.31 55.23
N GLU B 220 32.23 -6.67 54.52
CA GLU B 220 31.22 -7.62 55.01
C GLU B 220 31.85 -9.01 54.89
N GLY B 221 32.06 -9.66 56.03
CA GLY B 221 32.75 -10.93 56.11
C GLY B 221 34.20 -10.61 56.44
N LYS B 222 34.66 -11.06 57.62
CA LYS B 222 35.98 -10.78 58.21
C LYS B 222 36.06 -9.27 58.54
N PRO B 223 35.48 -8.84 59.69
CA PRO B 223 35.49 -7.41 60.03
C PRO B 223 36.87 -6.85 60.42
N ARG B 224 37.83 -7.76 60.74
CA ARG B 224 39.21 -7.40 61.09
C ARG B 224 39.98 -6.87 59.89
N THR B 225 39.45 -7.08 58.67
CA THR B 225 40.02 -6.64 57.40
C THR B 225 39.17 -5.51 56.81
N ILE B 226 39.79 -4.35 56.52
CA ILE B 226 39.11 -3.18 55.95
C ILE B 226 39.84 -2.73 54.66
N ILE B 227 39.07 -2.66 53.55
CA ILE B 227 39.53 -2.30 52.21
C ILE B 227 39.60 -0.76 51.99
N VAL B 228 40.71 -0.29 51.39
CA VAL B 228 40.96 1.12 51.05
C VAL B 228 40.85 1.30 49.52
N ASN B 229 40.05 2.29 49.09
CA ASN B 229 39.81 2.58 47.68
C ASN B 229 40.25 4.00 47.30
N TRP B 230 41.05 4.10 46.23
CA TRP B 230 41.55 5.38 45.72
C TRP B 230 41.46 5.49 44.21
N GLN B 231 41.53 6.73 43.70
CA GLN B 231 41.50 7.05 42.28
C GLN B 231 42.79 7.80 41.90
N PRO B 232 43.26 7.76 40.62
CA PRO B 232 44.51 8.47 40.29
C PRO B 232 44.34 9.99 40.27
N PRO B 233 45.37 10.77 40.67
CA PRO B 233 45.22 12.24 40.67
C PRO B 233 45.13 12.84 39.27
N SER B 234 44.59 14.07 39.17
CA SER B 234 44.44 14.79 37.91
C SER B 234 45.79 15.10 37.28
N GLU B 235 46.72 15.67 38.06
CA GLU B 235 48.07 15.99 37.60
C GLU B 235 49.02 14.81 37.88
N ALA B 236 48.86 13.72 37.09
CA ALA B 236 49.69 12.53 37.21
C ALA B 236 51.10 12.80 36.71
N ASN B 237 51.23 13.69 35.68
CA ASN B 237 52.47 14.16 35.03
C ASN B 237 53.37 13.03 34.50
N GLY B 238 52.80 11.85 34.26
CA GLY B 238 53.51 10.69 33.76
C GLY B 238 52.88 9.34 34.04
N LYS B 239 53.54 8.26 33.60
CA LYS B 239 53.11 6.87 33.79
C LYS B 239 53.34 6.47 35.24
N ILE B 240 52.25 6.20 35.99
CA ILE B 240 52.29 5.81 37.40
C ILE B 240 52.73 4.35 37.54
N THR B 241 53.82 4.12 38.32
CA THR B 241 54.41 2.80 38.54
C THR B 241 53.95 2.14 39.85
N GLY B 242 53.61 2.96 40.84
CA GLY B 242 53.16 2.49 42.15
C GLY B 242 52.36 3.49 42.96
N TYR B 243 51.84 3.03 44.12
CA TYR B 243 51.08 3.85 45.07
C TYR B 243 51.50 3.53 46.50
N ILE B 244 51.64 4.56 47.35
CA ILE B 244 52.04 4.37 48.74
C ILE B 244 50.89 4.72 49.69
N ILE B 245 50.44 3.73 50.49
CA ILE B 245 49.36 3.89 51.46
C ILE B 245 49.98 4.05 52.86
N TYR B 246 49.47 5.04 53.62
CA TYR B 246 49.91 5.34 54.98
C TYR B 246 48.74 5.21 55.95
N TYR B 247 48.92 4.45 57.05
CA TYR B 247 47.86 4.26 58.04
C TYR B 247 48.40 4.24 59.47
N SER B 248 47.79 5.07 60.35
CA SER B 248 48.17 5.19 61.76
C SER B 248 47.01 5.68 62.64
N THR B 249 47.09 5.40 63.94
CA THR B 249 46.08 5.79 64.93
C THR B 249 46.12 7.29 65.24
N ASP B 250 47.32 7.90 65.16
CA ASP B 250 47.54 9.32 65.42
C ASP B 250 47.91 10.10 64.16
N VAL B 251 47.28 11.27 63.95
CA VAL B 251 47.51 12.15 62.78
C VAL B 251 48.65 13.14 62.99
N ASN B 252 48.76 13.71 64.21
CA ASN B 252 49.77 14.71 64.59
C ASN B 252 51.21 14.19 64.47
N ALA B 253 51.40 12.86 64.48
CA ALA B 253 52.71 12.21 64.34
C ALA B 253 53.19 12.30 62.88
N GLU B 254 54.51 12.53 62.69
CA GLU B 254 55.14 12.64 61.37
C GLU B 254 55.18 11.32 60.59
N ILE B 255 55.51 11.40 59.28
CA ILE B 255 55.58 10.30 58.31
C ILE B 255 56.44 9.11 58.81
N HIS B 256 57.57 9.39 59.50
CA HIS B 256 58.47 8.37 60.04
C HIS B 256 57.78 7.41 61.03
N ASP B 257 56.76 7.91 61.76
CA ASP B 257 55.97 7.14 62.73
C ASP B 257 54.93 6.27 62.01
N TRP B 258 54.34 6.79 60.92
CA TRP B 258 53.32 6.12 60.09
C TRP B 258 53.92 4.94 59.33
N VAL B 259 53.22 3.79 59.31
CA VAL B 259 53.70 2.59 58.62
C VAL B 259 53.51 2.72 57.10
N ILE B 260 54.56 2.35 56.35
CA ILE B 260 54.61 2.41 54.89
C ILE B 260 54.01 1.12 54.32
N GLU B 261 53.09 1.24 53.35
CA GLU B 261 52.45 0.09 52.71
C GLU B 261 52.39 0.28 51.17
N PRO B 262 53.54 0.21 50.45
CA PRO B 262 53.52 0.43 48.99
C PRO B 262 52.91 -0.71 48.18
N VAL B 263 52.26 -0.36 47.05
CA VAL B 263 51.62 -1.31 46.13
C VAL B 263 52.02 -1.04 44.66
N VAL B 264 51.41 -1.79 43.72
CA VAL B 264 51.65 -1.67 42.27
C VAL B 264 50.72 -0.60 41.66
N GLY B 265 51.22 0.09 40.62
CA GLY B 265 50.51 1.17 39.94
C GLY B 265 49.29 0.77 39.14
N ASN B 266 49.30 -0.44 38.55
CA ASN B 266 48.20 -0.95 37.74
C ASN B 266 46.96 -1.37 38.55
N ARG B 267 47.12 -1.48 39.89
CA ARG B 267 46.04 -1.83 40.80
C ARG B 267 45.72 -0.66 41.74
N LEU B 268 44.42 -0.31 41.83
CA LEU B 268 43.93 0.80 42.64
C LEU B 268 43.20 0.38 43.93
N THR B 269 43.40 -0.90 44.33
CA THR B 269 42.81 -1.48 45.55
C THR B 269 43.82 -2.35 46.30
N HIS B 270 43.73 -2.36 47.65
CA HIS B 270 44.61 -3.15 48.51
C HIS B 270 43.93 -3.54 49.82
N GLN B 271 43.91 -4.85 50.12
CA GLN B 271 43.31 -5.40 51.35
C GLN B 271 44.32 -5.38 52.49
N ILE B 272 43.94 -4.76 53.62
CA ILE B 272 44.80 -4.66 54.81
C ILE B 272 44.29 -5.64 55.88
N GLN B 273 45.17 -6.57 56.30
CA GLN B 273 44.85 -7.60 57.29
C GLN B 273 45.47 -7.28 58.66
N GLU B 274 44.92 -7.90 59.74
CA GLU B 274 45.34 -7.78 61.14
C GLU B 274 45.28 -6.33 61.65
N LEU B 275 44.06 -5.79 61.78
CA LEU B 275 43.81 -4.43 62.26
C LEU B 275 43.29 -4.44 63.68
N THR B 276 43.84 -3.57 64.55
CA THR B 276 43.48 -3.44 65.97
C THR B 276 42.03 -3.00 66.20
N LEU B 277 41.42 -3.50 67.29
CA LEU B 277 40.04 -3.22 67.69
C LEU B 277 39.92 -1.95 68.53
N ASP B 278 38.78 -1.22 68.37
CA ASP B 278 38.42 0.04 69.06
C ASP B 278 39.52 1.12 68.90
N THR B 279 39.99 1.32 67.67
CA THR B 279 41.03 2.29 67.32
C THR B 279 40.63 3.12 66.08
N PRO B 280 40.69 4.46 66.14
CA PRO B 280 40.34 5.26 64.96
C PRO B 280 41.48 5.36 63.96
N TYR B 281 41.28 4.77 62.77
CA TYR B 281 42.25 4.73 61.68
C TYR B 281 42.15 5.93 60.74
N TYR B 282 43.33 6.44 60.33
CA TYR B 282 43.48 7.57 59.40
C TYR B 282 44.27 7.12 58.18
N PHE B 283 43.89 7.59 56.97
CA PHE B 283 44.53 7.19 55.72
C PHE B 283 45.05 8.34 54.85
N LYS B 284 46.20 8.10 54.19
CA LYS B 284 46.88 9.02 53.26
C LYS B 284 47.54 8.20 52.14
N ILE B 285 47.22 8.53 50.87
CA ILE B 285 47.76 7.84 49.70
C ILE B 285 48.61 8.79 48.83
N GLN B 286 49.73 8.29 48.28
CA GLN B 286 50.65 9.03 47.40
C GLN B 286 50.95 8.24 46.12
N ALA B 287 51.22 8.95 45.01
CA ALA B 287 51.52 8.35 43.71
C ALA B 287 53.02 8.34 43.39
N ARG B 288 53.47 7.33 42.62
CA ARG B 288 54.88 7.15 42.22
C ARG B 288 55.11 7.45 40.75
N ASN B 289 56.25 8.09 40.44
CA ASN B 289 56.67 8.43 39.09
C ASN B 289 58.18 8.26 38.89
N SER B 290 58.63 8.28 37.62
CA SER B 290 60.03 8.13 37.24
C SER B 290 60.87 9.35 37.63
N LYS B 291 60.23 10.53 37.69
CA LYS B 291 60.90 11.79 38.03
C LYS B 291 60.89 12.10 39.52
N GLY B 292 59.85 11.65 40.23
CA GLY B 292 59.69 11.86 41.66
C GLY B 292 58.48 11.22 42.28
N MET B 293 57.98 11.81 43.39
CA MET B 293 56.84 11.34 44.16
C MET B 293 55.72 12.39 44.25
N GLY B 294 54.48 11.91 44.36
CA GLY B 294 53.29 12.76 44.48
C GLY B 294 53.17 13.44 45.83
N PRO B 295 52.45 14.60 45.91
CA PRO B 295 52.31 15.27 47.22
C PRO B 295 51.35 14.59 48.18
N MET B 296 51.36 15.02 49.46
CA MET B 296 50.51 14.48 50.52
C MET B 296 49.04 14.89 50.41
N SER B 297 48.13 14.00 50.87
CA SER B 297 46.68 14.22 50.84
C SER B 297 46.10 14.36 52.26
N GLU B 298 44.86 14.86 52.36
CA GLU B 298 44.16 15.06 53.64
C GLU B 298 43.65 13.73 54.20
N ALA B 299 43.86 13.51 55.50
CA ALA B 299 43.45 12.29 56.22
C ALA B 299 41.94 12.13 56.36
N VAL B 300 41.47 10.87 56.35
CA VAL B 300 40.04 10.51 56.49
C VAL B 300 39.77 9.76 57.81
N GLN B 301 38.62 10.03 58.44
CA GLN B 301 38.22 9.41 59.71
C GLN B 301 37.45 8.11 59.50
N PHE B 302 37.87 7.04 60.20
CA PHE B 302 37.24 5.71 60.15
C PHE B 302 37.55 4.93 61.44
N ARG B 303 36.52 4.63 62.25
CA ARG B 303 36.66 3.90 63.51
C ARG B 303 36.20 2.44 63.42
N THR B 304 36.84 1.55 64.21
CA THR B 304 36.55 0.12 64.28
C THR B 304 35.79 -0.22 65.58
N PRO B 305 34.78 -1.13 65.55
CA PRO B 305 34.07 -1.46 66.80
C PRO B 305 34.75 -2.56 67.60
N PRO C 1 22.96 3.28 41.17
CA PRO C 1 23.35 2.59 39.94
C PRO C 1 22.85 1.13 39.89
N HIS C 2 22.06 0.81 38.85
CA HIS C 2 21.49 -0.52 38.66
C HIS C 2 22.59 -1.45 38.11
N LEU C 3 22.92 -2.51 38.87
CA LEU C 3 23.95 -3.47 38.50
C LEU C 3 23.40 -4.69 37.78
N ARG C 4 24.15 -5.14 36.76
CA ARG C 4 23.83 -6.34 35.96
C ARG C 4 25.14 -7.14 35.84
N THR C 5 25.30 -8.15 36.71
CA THR C 5 26.48 -9.01 36.75
C THR C 5 26.55 -9.99 35.56
N PHE C 6 27.70 -10.70 35.43
CA PHE C 6 27.91 -11.70 34.39
C PHE C 6 27.03 -12.94 34.64
N LYS C 7 26.59 -13.12 35.90
CA LYS C 7 25.73 -14.22 36.36
C LYS C 7 24.23 -13.89 36.18
N ASP C 8 23.91 -12.73 35.55
CA ASP C 8 22.56 -12.21 35.27
C ASP C 8 21.76 -11.93 36.55
N ASN C 9 22.40 -11.24 37.53
CA ASN C 9 21.79 -10.87 38.81
C ASN C 9 21.57 -9.36 38.88
N PHE C 10 20.36 -8.93 39.27
CA PHE C 10 20.02 -7.51 39.40
C PHE C 10 19.97 -7.09 40.87
N GLN C 11 20.85 -6.14 41.24
CA GLN C 11 20.96 -5.61 42.60
C GLN C 11 21.13 -4.09 42.60
N THR C 12 20.42 -3.42 43.53
CA THR C 12 20.45 -1.96 43.69
C THR C 12 21.34 -1.57 44.88
N CYS C 13 22.66 -1.44 44.63
CA CYS C 13 23.64 -1.08 45.65
C CYS C 13 24.06 0.37 45.59
N LYS C 14 24.10 1.04 46.76
CA LYS C 14 24.47 2.46 46.92
C LYS C 14 25.88 2.74 46.40
N VAL C 15 26.84 1.84 46.74
CA VAL C 15 28.28 1.87 46.38
C VAL C 15 28.85 3.31 46.36
N GLU C 16 28.66 4.05 47.48
CA GLU C 16 29.09 5.44 47.66
C GLU C 16 30.62 5.59 47.63
N GLY C 17 31.10 6.42 46.70
CA GLY C 17 32.52 6.69 46.49
C GLY C 17 33.16 5.70 45.54
N ALA C 18 34.50 5.58 45.59
CA ALA C 18 35.30 4.69 44.74
C ALA C 18 35.09 3.22 45.11
N TRP C 19 34.66 2.39 44.13
CA TRP C 19 34.40 0.95 44.30
C TRP C 19 34.87 0.16 43.06
N PRO C 20 35.60 -0.98 43.20
CA PRO C 20 36.07 -1.71 42.01
C PRO C 20 35.08 -2.73 41.45
N LEU C 21 34.77 -2.61 40.14
CA LEU C 21 33.86 -3.55 39.45
C LEU C 21 34.64 -4.79 38.99
N ILE C 22 35.76 -4.56 38.27
CA ILE C 22 36.66 -5.58 37.75
C ILE C 22 38.07 -5.32 38.30
N ASP C 23 38.67 -6.34 38.93
CA ASP C 23 40.02 -6.27 39.48
C ASP C 23 40.75 -7.62 39.35
N ASN C 24 41.82 -7.64 38.53
CA ASN C 24 42.66 -8.81 38.25
C ASN C 24 44.07 -8.42 37.78
N ASN C 25 44.70 -9.26 36.92
CA ASN C 25 46.04 -9.03 36.38
C ASN C 25 46.01 -8.77 34.85
N TYR C 26 44.80 -8.63 34.28
CA TYR C 26 44.59 -8.36 32.86
C TYR C 26 43.81 -7.05 32.58
N LEU C 27 42.94 -6.63 33.52
CA LEU C 27 42.12 -5.40 33.42
C LEU C 27 41.68 -4.88 34.79
N SER C 28 41.77 -3.55 35.00
CA SER C 28 41.35 -2.88 36.23
C SER C 28 40.24 -1.86 35.92
N VAL C 29 39.15 -1.89 36.70
CA VAL C 29 37.99 -0.99 36.55
C VAL C 29 37.65 -0.37 37.92
N GLN C 30 37.66 0.98 37.99
CA GLN C 30 37.35 1.74 39.22
C GLN C 30 36.32 2.82 38.93
N VAL C 31 35.21 2.83 39.70
CA VAL C 31 34.12 3.81 39.54
C VAL C 31 33.78 4.51 40.85
N THR C 32 33.53 5.84 40.80
CA THR C 32 33.15 6.61 41.99
C THR C 32 31.68 7.07 41.88
N ASN C 33 30.99 7.13 43.03
CA ASN C 33 29.56 7.51 43.09
C ASN C 33 29.27 8.66 44.03
N VAL C 34 28.34 9.53 43.61
CA VAL C 34 27.87 10.70 44.36
C VAL C 34 26.32 10.77 44.30
N PRO C 35 25.61 11.01 45.43
CA PRO C 35 24.14 11.07 45.36
C PRO C 35 23.63 12.34 44.68
N VAL C 36 22.61 12.19 43.82
CA VAL C 36 21.99 13.29 43.07
C VAL C 36 21.26 14.27 44.03
N VAL C 37 20.70 13.74 45.14
CA VAL C 37 20.00 14.49 46.18
C VAL C 37 20.85 14.40 47.47
N PRO C 38 21.19 15.53 48.15
CA PRO C 38 22.02 15.45 49.37
C PRO C 38 21.35 14.72 50.53
N GLY C 39 22.01 13.67 51.01
CA GLY C 39 21.53 12.84 52.11
C GLY C 39 20.36 11.96 51.73
N SER C 40 20.50 11.21 50.62
CA SER C 40 19.46 10.30 50.10
C SER C 40 20.04 8.92 49.76
N SER C 41 19.14 7.92 49.66
CA SER C 41 19.49 6.52 49.34
C SER C 41 19.98 6.34 47.89
N ALA C 42 19.41 7.11 46.95
CA ALA C 42 19.73 7.04 45.52
C ALA C 42 21.12 7.61 45.21
N THR C 43 21.88 6.91 44.34
CA THR C 43 23.23 7.27 43.90
C THR C 43 23.43 7.03 42.40
N ALA C 44 24.48 7.64 41.81
CA ALA C 44 24.83 7.53 40.38
C ALA C 44 26.34 7.73 40.14
N THR C 45 26.90 7.00 39.15
CA THR C 45 28.32 7.06 38.78
C THR C 45 28.69 8.39 38.12
N ASN C 46 29.82 8.98 38.54
CA ASN C 46 30.31 10.26 38.02
C ASN C 46 31.67 10.18 37.32
N LYS C 47 32.49 9.15 37.66
CA LYS C 47 33.83 8.98 37.11
C LYS C 47 34.21 7.49 36.94
N ILE C 48 34.66 7.11 35.73
CA ILE C 48 35.07 5.76 35.36
C ILE C 48 36.56 5.73 35.01
N THR C 49 37.32 4.83 35.66
CA THR C 49 38.76 4.65 35.43
C THR C 49 39.03 3.22 34.94
N ILE C 50 39.60 3.09 33.73
CA ILE C 50 39.93 1.79 33.11
C ILE C 50 41.45 1.71 32.99
N ILE C 51 42.07 0.71 33.64
CA ILE C 51 43.52 0.52 33.58
C ILE C 51 43.85 -0.79 32.87
N PHE C 52 44.67 -0.69 31.81
CA PHE C 52 45.14 -1.84 31.04
C PHE C 52 46.56 -2.16 31.52
N LYS C 53 46.79 -3.43 31.88
CA LYS C 53 48.07 -3.88 32.43
C LYS C 53 49.16 -3.99 31.37
N ALA C 54 50.42 -3.71 31.77
CA ALA C 54 51.60 -3.75 30.90
C ALA C 54 51.95 -5.19 30.46
N HIS C 55 51.64 -5.54 29.20
CA HIS C 55 51.92 -6.86 28.65
C HIS C 55 53.03 -6.80 27.59
N HIS C 56 54.05 -7.67 27.75
CA HIS C 56 55.20 -7.74 26.85
C HIS C 56 54.82 -8.23 25.45
N GLU C 57 55.28 -7.49 24.44
CA GLU C 57 55.05 -7.79 23.03
C GLU C 57 53.81 -7.20 22.41
N CYS C 58 52.76 -6.93 23.23
CA CYS C 58 51.51 -6.38 22.73
C CYS C 58 51.32 -4.89 23.04
N THR C 59 50.95 -4.54 24.29
CA THR C 59 50.66 -3.16 24.69
C THR C 59 51.27 -2.76 26.04
N ASP C 60 51.65 -1.48 26.17
CA ASP C 60 52.19 -0.89 27.39
C ASP C 60 51.02 -0.48 28.31
N GLN C 61 51.27 -0.22 29.60
CA GLN C 61 50.23 0.18 30.55
C GLN C 61 49.70 1.60 30.27
N LYS C 62 48.42 1.67 29.87
CA LYS C 62 47.73 2.93 29.55
C LYS C 62 46.52 3.09 30.46
N VAL C 63 46.44 4.24 31.17
CA VAL C 63 45.37 4.55 32.12
C VAL C 63 44.31 5.46 31.48
N TYR C 64 43.06 4.98 31.45
CA TYR C 64 41.91 5.72 30.92
C TYR C 64 41.09 6.27 32.09
N GLN C 65 40.70 7.55 32.00
CA GLN C 65 39.91 8.22 33.03
C GLN C 65 38.82 9.06 32.35
N ALA C 66 37.56 8.87 32.76
CA ALA C 66 36.39 9.59 32.23
C ALA C 66 35.57 10.17 33.36
N VAL C 67 35.30 11.50 33.32
CA VAL C 67 34.53 12.21 34.35
C VAL C 67 33.21 12.81 33.79
N THR C 68 32.49 13.58 34.62
CA THR C 68 31.24 14.25 34.24
C THR C 68 31.54 15.37 33.24
N ASP C 69 30.75 15.43 32.15
CA ASP C 69 30.87 16.40 31.03
C ASP C 69 32.23 16.27 30.32
N ASP C 70 32.75 15.02 30.23
CA ASP C 70 34.03 14.68 29.61
C ASP C 70 34.08 13.20 29.17
N LEU C 71 33.99 12.96 27.85
CA LEU C 71 34.03 11.63 27.22
C LEU C 71 35.30 11.53 26.34
N PRO C 72 36.48 11.25 26.94
CA PRO C 72 37.71 11.22 26.11
C PRO C 72 37.80 10.02 25.19
N ALA C 73 38.39 10.23 23.99
CA ALA C 73 38.62 9.20 22.98
C ALA C 73 40.05 8.66 23.11
N ALA C 74 40.75 9.03 24.21
CA ALA C 74 42.13 8.62 24.50
C ALA C 74 42.41 8.51 26.01
N PHE C 75 43.62 8.05 26.35
CA PHE C 75 44.10 7.86 27.73
C PHE C 75 44.72 9.15 28.27
N VAL C 76 45.01 9.20 29.59
CA VAL C 76 45.63 10.35 30.27
C VAL C 76 46.99 10.72 29.65
N ASP C 77 47.67 9.73 29.02
CA ASP C 77 48.95 9.88 28.33
C ASP C 77 48.78 10.63 26.99
N GLY C 78 47.53 10.92 26.62
CA GLY C 78 47.17 11.65 25.39
C GLY C 78 47.03 10.81 24.14
N THR C 79 47.67 9.62 24.11
CA THR C 79 47.67 8.70 22.97
C THR C 79 46.35 7.94 22.84
N THR C 80 45.94 7.67 21.59
CA THR C 80 44.70 6.97 21.23
C THR C 80 44.88 5.44 21.19
N SER C 81 46.07 4.95 20.82
CA SER C 81 46.38 3.52 20.72
C SER C 81 47.30 3.06 21.83
N GLY C 82 47.05 1.84 22.32
CA GLY C 82 47.82 1.22 23.39
C GLY C 82 49.20 0.77 22.96
N GLY C 83 50.20 1.12 23.78
CA GLY C 83 51.60 0.80 23.54
C GLY C 83 52.20 1.58 22.39
N ASP C 84 52.82 0.85 21.43
CA ASP C 84 53.45 1.41 20.23
C ASP C 84 52.41 1.94 19.23
N SER C 85 52.80 2.91 18.40
CA SER C 85 51.93 3.52 17.38
C SER C 85 51.56 2.54 16.26
N ASP C 86 52.50 1.66 15.85
CA ASP C 86 52.30 0.65 14.81
C ASP C 86 51.37 -0.48 15.27
N ALA C 87 51.34 -0.76 16.59
CA ALA C 87 50.51 -1.80 17.19
C ALA C 87 49.03 -1.40 17.17
N LYS C 88 48.19 -2.26 16.58
CA LYS C 88 46.74 -2.05 16.45
C LYS C 88 45.93 -3.00 17.35
N SER C 89 46.54 -3.44 18.48
CA SER C 89 45.94 -4.35 19.46
C SER C 89 44.88 -3.66 20.34
N LEU C 90 45.19 -2.45 20.82
CA LEU C 90 44.28 -1.66 21.67
C LEU C 90 43.87 -0.36 20.95
N ARG C 91 42.55 -0.18 20.77
CA ARG C 91 41.99 0.99 20.07
C ARG C 91 40.69 1.52 20.68
N ILE C 92 40.46 2.84 20.54
CA ILE C 92 39.26 3.54 21.03
C ILE C 92 38.56 4.18 19.84
N VAL C 93 37.25 3.91 19.68
CA VAL C 93 36.41 4.43 18.58
C VAL C 93 35.36 5.39 19.15
N GLU C 94 35.20 6.58 18.54
CA GLU C 94 34.25 7.60 18.97
C GLU C 94 33.17 7.86 17.92
N ARG C 95 31.96 8.29 18.37
CA ARG C 95 30.80 8.60 17.53
C ARG C 95 30.16 9.92 17.98
N TYR C 100 28.77 8.71 21.54
CA TYR C 100 29.05 7.38 22.04
C TYR C 100 30.53 7.01 21.85
N VAL C 101 31.22 6.62 22.92
CA VAL C 101 32.63 6.24 22.86
C VAL C 101 32.79 4.75 23.26
N GLU C 102 33.49 3.98 22.42
CA GLU C 102 33.71 2.55 22.63
C GLU C 102 35.20 2.15 22.63
N MET C 103 35.54 1.14 23.45
CA MET C 103 36.89 0.61 23.59
C MET C 103 36.99 -0.81 23.04
N HIS C 104 38.04 -1.08 22.25
CA HIS C 104 38.29 -2.40 21.66
C HIS C 104 39.67 -2.92 22.10
N ALA C 105 39.69 -4.11 22.72
CA ALA C 105 40.92 -4.76 23.18
C ALA C 105 40.95 -6.21 22.71
N ARG C 106 41.69 -6.46 21.61
CA ARG C 106 41.83 -7.78 21.00
C ARG C 106 42.73 -8.74 21.80
N TYR C 107 43.62 -8.20 22.65
CA TYR C 107 44.53 -9.02 23.44
C TYR C 107 43.86 -9.64 24.69
N ILE C 108 42.71 -9.08 25.11
CA ILE C 108 41.94 -9.56 26.27
C ILE C 108 40.43 -9.67 25.95
N GLY C 109 40.10 -9.76 24.66
CA GLY C 109 38.75 -9.89 24.11
C GLY C 109 37.62 -9.12 24.76
N THR C 110 37.87 -7.85 25.14
CA THR C 110 36.87 -7.01 25.81
C THR C 110 36.42 -5.81 24.97
N THR C 111 35.16 -5.38 25.17
CA THR C 111 34.53 -4.24 24.51
C THR C 111 33.77 -3.39 25.55
N VAL C 112 34.30 -2.19 25.86
CA VAL C 112 33.71 -1.27 26.84
C VAL C 112 32.95 -0.15 26.12
N PHE C 113 31.65 0.03 26.46
CA PHE C 113 30.77 1.05 25.88
C PHE C 113 30.42 2.11 26.93
N VAL C 114 30.90 3.35 26.71
CA VAL C 114 30.70 4.48 27.63
C VAL C 114 30.01 5.66 26.92
N ARG C 115 29.02 6.27 27.58
CA ARG C 115 28.28 7.45 27.09
C ARG C 115 27.62 8.24 28.22
N GLN C 116 27.53 9.57 28.07
CA GLN C 116 26.92 10.48 29.04
C GLN C 116 25.40 10.53 28.87
N VAL C 117 24.66 10.12 29.92
CA VAL C 117 23.19 10.12 29.94
C VAL C 117 22.71 11.11 31.01
N GLY C 118 22.21 12.25 30.54
CA GLY C 118 21.74 13.33 31.40
C GLY C 118 22.91 14.06 32.03
N ARG C 119 23.23 13.71 33.29
CA ARG C 119 24.34 14.29 34.05
C ARG C 119 25.34 13.23 34.51
N TYR C 120 25.06 11.94 34.23
CA TYR C 120 25.89 10.82 34.65
C TYR C 120 26.22 9.85 33.51
N LEU C 121 27.38 9.18 33.60
CA LEU C 121 27.88 8.23 32.60
C LEU C 121 27.25 6.84 32.69
N THR C 122 27.29 6.08 31.57
CA THR C 122 26.79 4.70 31.47
C THR C 122 27.95 3.76 31.12
N LEU C 123 27.84 2.47 31.50
CA LEU C 123 28.88 1.48 31.27
C LEU C 123 28.35 0.11 30.81
N ALA C 124 29.04 -0.52 29.85
CA ALA C 124 28.70 -1.83 29.29
C ALA C 124 29.97 -2.58 28.85
N ILE C 125 30.30 -3.70 29.51
CA ILE C 125 31.50 -4.50 29.23
C ILE C 125 31.14 -5.94 28.82
N ARG C 126 31.73 -6.41 27.70
CA ARG C 126 31.56 -7.77 27.16
C ARG C 126 32.93 -8.47 27.23
N MET C 127 33.07 -9.47 28.13
CA MET C 127 34.32 -10.20 28.35
C MET C 127 34.12 -11.73 28.38
N PRO C 128 35.07 -12.55 27.85
CA PRO C 128 34.89 -14.01 27.90
C PRO C 128 35.06 -14.58 29.32
N GLU C 129 34.57 -15.82 29.52
CA GLU C 129 34.57 -16.53 30.80
C GLU C 129 35.95 -16.71 31.46
N ASP C 130 36.94 -17.25 30.72
CA ASP C 130 38.30 -17.52 31.21
C ASP C 130 39.02 -16.29 31.76
N LEU C 131 38.92 -15.15 31.05
CA LEU C 131 39.57 -13.90 31.45
C LEU C 131 38.85 -13.21 32.60
N ALA C 132 37.52 -13.38 32.69
CA ALA C 132 36.69 -12.81 33.75
C ALA C 132 36.88 -13.53 35.10
N MET C 133 37.31 -14.81 35.06
CA MET C 133 37.52 -15.62 36.26
C MET C 133 38.99 -15.69 36.72
N SER C 134 39.78 -14.64 36.42
CA SER C 134 41.18 -14.54 36.83
C SER C 134 41.26 -13.69 38.11
N TYR C 135 41.97 -14.19 39.13
CA TYR C 135 42.14 -13.53 40.42
C TYR C 135 43.44 -13.92 41.12
N GLU C 136 44.11 -12.93 41.73
CA GLU C 136 45.37 -13.13 42.46
C GLU C 136 45.11 -13.19 43.98
N GLU C 137 46.17 -13.11 44.81
CA GLU C 137 46.09 -13.11 46.27
C GLU C 137 45.50 -11.78 46.75
N SER C 138 44.59 -11.84 47.74
CA SER C 138 43.85 -10.72 48.36
C SER C 138 43.00 -9.92 47.34
N GLN C 139 42.46 -10.64 46.32
CA GLN C 139 41.62 -10.09 45.26
C GLN C 139 40.32 -10.91 45.16
N ASP C 140 39.31 -10.50 45.94
CA ASP C 140 38.00 -11.16 46.01
C ASP C 140 36.81 -10.18 45.95
N LEU C 141 37.09 -8.88 45.76
CA LEU C 141 36.07 -7.82 45.68
C LEU C 141 35.84 -7.33 44.26
N GLN C 142 34.93 -8.02 43.55
CA GLN C 142 34.55 -7.71 42.17
C GLN C 142 33.04 -7.61 42.09
N LEU C 143 32.52 -6.38 41.81
CA LEU C 143 31.09 -6.10 41.72
C LEU C 143 30.48 -6.57 40.40
N CYS C 144 31.31 -6.64 39.33
CA CYS C 144 30.89 -7.08 37.99
C CYS C 144 30.71 -8.60 37.95
N VAL C 145 31.60 -9.36 38.62
CA VAL C 145 31.56 -10.82 38.66
C VAL C 145 30.62 -11.30 39.77
N ASN C 146 30.98 -11.01 41.04
CA ASN C 146 30.19 -11.40 42.21
C ASN C 146 29.24 -10.28 42.64
N GLY C 147 28.23 -10.64 43.43
CA GLY C 147 27.22 -9.73 43.94
C GLY C 147 27.77 -8.67 44.87
N CYS C 148 27.17 -7.46 44.84
CA CYS C 148 27.55 -6.32 45.67
C CYS C 148 27.26 -6.56 47.17
N PRO C 149 28.01 -5.93 48.12
CA PRO C 149 27.75 -6.19 49.55
C PRO C 149 26.33 -5.83 50.01
N LEU C 150 25.77 -6.63 50.93
CA LEU C 150 24.42 -6.46 51.49
C LEU C 150 24.25 -5.13 52.24
N SER C 151 25.35 -4.56 52.75
CA SER C 151 25.38 -3.28 53.46
C SER C 151 24.97 -2.12 52.53
N GLU C 152 25.42 -2.17 51.26
CA GLU C 152 25.11 -1.18 50.23
C GLU C 152 23.75 -1.46 49.57
N ARG C 153 23.28 -2.72 49.66
CA ARG C 153 22.01 -3.18 49.09
C ARG C 153 20.81 -2.62 49.84
N ILE C 154 19.75 -2.24 49.10
CA ILE C 154 18.51 -1.70 49.65
C ILE C 154 17.37 -2.73 49.45
N ASP C 155 16.72 -3.14 50.56
CA ASP C 155 15.64 -4.12 50.55
C ASP C 155 14.48 -3.65 51.43
N PRO D 89 48.69 -13.25 16.61
CA PRO D 89 49.88 -12.97 17.44
C PRO D 89 49.51 -12.36 18.78
N CYS D 90 48.80 -11.21 18.77
CA CYS D 90 48.34 -10.51 19.96
C CYS D 90 46.89 -10.88 20.29
N ASN D 91 46.14 -11.34 19.28
CA ASN D 91 44.72 -11.75 19.37
C ASN D 91 44.47 -12.90 20.35
N TYR D 92 43.19 -13.08 20.75
CA TYR D 92 42.70 -14.09 21.68
C TYR D 92 43.15 -15.53 21.37
N HIS D 93 43.18 -15.90 20.06
CA HIS D 93 43.59 -17.24 19.62
C HIS D 93 45.09 -17.50 19.83
N SER D 110 32.51 -18.35 24.92
CA SER D 110 31.28 -17.65 25.27
C SER D 110 31.56 -16.28 25.91
N TYR D 111 30.88 -15.23 25.41
CA TYR D 111 31.03 -13.85 25.89
C TYR D 111 30.00 -13.53 26.99
N LEU D 112 30.47 -12.96 28.11
CA LEU D 112 29.62 -12.58 29.24
C LEU D 112 29.52 -11.05 29.35
N PHE D 113 28.30 -10.53 29.59
CA PHE D 113 28.02 -9.09 29.66
C PHE D 113 27.90 -8.54 31.09
N CYS D 114 28.30 -7.26 31.27
CA CYS D 114 28.23 -6.53 32.54
C CYS D 114 27.72 -5.11 32.26
N GLY D 115 26.64 -4.71 32.93
CA GLY D 115 26.02 -3.41 32.77
C GLY D 115 26.01 -2.55 34.02
N LEU D 116 25.96 -1.21 33.82
CA LEU D 116 25.94 -0.21 34.90
C LEU D 116 25.32 1.12 34.40
N PHE D 117 24.13 1.46 34.94
CA PHE D 117 23.38 2.69 34.60
C PHE D 117 22.69 3.30 35.81
N GLY D 118 22.67 4.63 35.86
CA GLY D 118 22.06 5.41 36.93
C GLY D 118 20.54 5.38 36.95
N ASP D 119 19.95 5.77 38.10
CA ASP D 119 18.50 5.83 38.30
C ASP D 119 17.95 7.19 37.85
N PRO E 1 -12.88 -44.65 6.70
CA PRO E 1 -11.81 -43.88 7.32
C PRO E 1 -10.48 -43.96 6.56
N HIS E 2 -9.96 -42.80 6.13
CA HIS E 2 -8.70 -42.71 5.39
C HIS E 2 -7.53 -42.88 6.35
N LEU E 3 -6.72 -43.93 6.13
CA LEU E 3 -5.57 -44.25 6.97
C LEU E 3 -4.27 -43.67 6.46
N ARG E 4 -3.44 -43.17 7.38
CA ARG E 4 -2.11 -42.61 7.12
C ARG E 4 -1.15 -43.22 8.15
N THR E 5 -0.44 -44.28 7.75
CA THR E 5 0.51 -45.00 8.60
C THR E 5 1.80 -44.22 8.86
N PHE E 6 2.65 -44.72 9.78
CA PHE E 6 3.95 -44.12 10.12
C PHE E 6 4.93 -44.27 8.93
N LYS E 7 4.67 -45.24 8.04
CA LYS E 7 5.45 -45.55 6.84
C LYS E 7 5.01 -44.72 5.62
N ASP E 8 4.07 -43.75 5.84
CA ASP E 8 3.49 -42.83 4.84
C ASP E 8 2.74 -43.57 3.72
N ASN E 9 1.88 -44.54 4.11
CA ASN E 9 1.06 -45.33 3.18
C ASN E 9 -0.41 -44.97 3.32
N PHE E 10 -1.09 -44.71 2.19
CA PHE E 10 -2.51 -44.37 2.15
C PHE E 10 -3.36 -45.55 1.69
N GLN E 11 -4.26 -46.02 2.57
CA GLN E 11 -5.15 -47.15 2.31
C GLN E 11 -6.58 -46.86 2.80
N THR E 12 -7.58 -47.24 2.00
CA THR E 12 -9.00 -47.05 2.31
C THR E 12 -9.62 -48.38 2.77
N CYS E 13 -9.52 -48.67 4.08
CA CYS E 13 -10.03 -49.90 4.70
C CYS E 13 -11.34 -49.67 5.43
N LYS E 14 -12.33 -50.57 5.21
CA LYS E 14 -13.66 -50.54 5.81
C LYS E 14 -13.59 -50.58 7.34
N VAL E 15 -12.74 -51.48 7.89
CA VAL E 15 -12.46 -51.75 9.32
C VAL E 15 -13.76 -51.63 10.18
N GLU E 16 -14.81 -52.37 9.77
CA GLU E 16 -16.14 -52.40 10.43
C GLU E 16 -16.08 -52.96 11.85
N GLY E 17 -16.52 -52.15 12.81
CA GLY E 17 -16.53 -52.47 14.23
C GLY E 17 -15.23 -52.13 14.92
N ALA E 18 -14.97 -52.75 16.09
CA ALA E 18 -13.76 -52.52 16.89
C ALA E 18 -12.51 -53.10 16.24
N TRP E 19 -11.49 -52.25 16.01
CA TRP E 19 -10.21 -52.62 15.38
C TRP E 19 -9.04 -51.90 16.07
N PRO E 20 -7.91 -52.59 16.40
CA PRO E 20 -6.80 -51.90 17.09
C PRO E 20 -5.79 -51.22 16.15
N LEU E 21 -5.53 -49.92 16.37
CA LEU E 21 -4.56 -49.16 15.58
C LEU E 21 -3.16 -49.36 16.16
N ILE E 22 -3.02 -49.11 17.48
CA ILE E 22 -1.79 -49.25 18.25
C ILE E 22 -2.01 -50.26 19.39
N ASP E 23 -1.17 -51.30 19.46
CA ASP E 23 -1.23 -52.32 20.51
C ASP E 23 0.16 -52.81 20.90
N ASN E 24 0.56 -52.52 22.15
CA ASN E 24 1.86 -52.89 22.74
C ASN E 24 1.81 -52.96 24.28
N ASN E 25 2.93 -52.65 24.95
CA ASN E 25 3.05 -52.67 26.41
C ASN E 25 3.26 -51.25 26.99
N TYR E 26 3.15 -50.22 26.14
CA TYR E 26 3.31 -48.81 26.52
C TYR E 26 2.06 -47.96 26.22
N LEU E 27 1.26 -48.33 25.19
CA LEU E 27 0.04 -47.63 24.79
C LEU E 27 -0.93 -48.54 24.01
N SER E 28 -2.24 -48.45 24.33
CA SER E 28 -3.29 -49.22 23.65
C SER E 28 -4.30 -48.26 23.01
N VAL E 29 -4.65 -48.51 21.73
CA VAL E 29 -5.59 -47.69 20.95
C VAL E 29 -6.63 -48.61 20.30
N GLN E 30 -7.93 -48.38 20.58
CA GLN E 30 -9.05 -49.16 20.05
C GLN E 30 -10.12 -48.23 19.47
N VAL E 31 -10.50 -48.45 18.20
CA VAL E 31 -11.52 -47.64 17.50
C VAL E 31 -12.62 -48.51 16.88
N THR E 32 -13.89 -48.06 16.98
CA THR E 32 -15.02 -48.77 16.39
C THR E 32 -15.60 -47.97 15.22
N ASN E 33 -16.10 -48.69 14.19
CA ASN E 33 -16.65 -48.07 12.98
C ASN E 33 -18.05 -48.52 12.63
N VAL E 34 -18.87 -47.57 12.14
CA VAL E 34 -20.25 -47.77 11.72
C VAL E 34 -20.49 -47.07 10.36
N PRO E 35 -21.15 -47.72 9.37
CA PRO E 35 -21.37 -47.06 8.08
C PRO E 35 -22.42 -45.96 8.15
N VAL E 36 -22.15 -44.80 7.51
CA VAL E 36 -23.04 -43.63 7.46
C VAL E 36 -24.35 -43.96 6.69
N VAL E 37 -24.24 -44.84 5.67
CA VAL E 37 -25.36 -45.30 4.84
C VAL E 37 -25.56 -46.81 5.13
N PRO E 38 -26.80 -47.28 5.46
CA PRO E 38 -26.98 -48.71 5.74
C PRO E 38 -26.73 -49.64 4.55
N GLY E 39 -25.79 -50.58 4.74
CA GLY E 39 -25.40 -51.55 3.72
C GLY E 39 -24.60 -50.93 2.59
N SER E 40 -23.54 -50.18 2.93
CA SER E 40 -22.66 -49.51 1.97
C SER E 40 -21.17 -49.76 2.29
N SER E 41 -20.30 -49.53 1.28
CA SER E 41 -18.85 -49.71 1.40
C SER E 41 -18.17 -48.67 2.30
N ALA E 42 -18.69 -47.43 2.30
CA ALA E 42 -18.15 -46.32 3.10
C ALA E 42 -18.42 -46.47 4.60
N THR E 43 -17.41 -46.18 5.42
CA THR E 43 -17.44 -46.26 6.89
C THR E 43 -16.73 -45.07 7.56
N ALA E 44 -17.01 -44.84 8.86
CA ALA E 44 -16.43 -43.75 9.67
C ALA E 44 -16.36 -44.10 11.15
N THR E 45 -15.30 -43.63 11.85
CA THR E 45 -15.07 -43.87 13.29
C THR E 45 -16.08 -43.13 14.16
N ASN E 46 -16.62 -43.82 15.18
CA ASN E 46 -17.61 -43.27 16.09
C ASN E 46 -17.16 -43.23 17.56
N LYS E 47 -16.20 -44.10 17.93
CA LYS E 47 -15.69 -44.20 19.31
C LYS E 47 -14.19 -44.56 19.36
N ILE E 48 -13.41 -43.75 20.11
CA ILE E 48 -11.96 -43.90 20.29
C ILE E 48 -11.65 -44.20 21.78
N THR E 49 -10.91 -45.30 22.03
CA THR E 49 -10.49 -45.73 23.36
C THR E 49 -8.95 -45.73 23.45
N ILE E 50 -8.39 -44.92 24.35
CA ILE E 50 -6.95 -44.80 24.58
C ILE E 50 -6.63 -45.34 25.98
N ILE E 51 -5.81 -46.39 26.07
CA ILE E 51 -5.44 -46.98 27.36
C ILE E 51 -3.95 -46.78 27.61
N PHE E 52 -3.61 -46.16 28.75
CA PHE E 52 -2.23 -45.93 29.19
C PHE E 52 -1.91 -47.01 30.22
N LYS E 53 -0.80 -47.72 30.01
CA LYS E 53 -0.36 -48.83 30.86
C LYS E 53 0.20 -48.37 32.20
N ALA E 54 -0.04 -49.17 33.26
CA ALA E 54 0.42 -48.89 34.63
C ALA E 54 1.94 -48.99 34.76
N HIS E 55 2.62 -47.81 34.87
CA HIS E 55 4.07 -47.74 35.01
C HIS E 55 4.47 -47.26 36.40
N HIS E 56 5.37 -48.00 37.07
CA HIS E 56 5.86 -47.70 38.41
C HIS E 56 6.69 -46.42 38.45
N GLU E 57 6.36 -45.54 39.41
CA GLU E 57 7.04 -44.28 39.63
C GLU E 57 6.51 -43.08 38.86
N CYS E 58 5.88 -43.32 37.70
CA CYS E 58 5.36 -42.25 36.86
C CYS E 58 3.83 -42.09 36.92
N THR E 59 3.08 -42.96 36.22
CA THR E 59 1.61 -42.88 36.15
C THR E 59 0.91 -44.23 36.31
N ASP E 60 -0.30 -44.21 36.89
CA ASP E 60 -1.16 -45.38 37.08
C ASP E 60 -1.96 -45.61 35.79
N GLN E 61 -2.57 -46.80 35.62
CA GLN E 61 -3.36 -47.12 34.43
C GLN E 61 -4.69 -46.33 34.38
N LYS E 62 -4.80 -45.43 33.39
CA LYS E 62 -5.97 -44.58 33.17
C LYS E 62 -6.56 -44.85 31.79
N VAL E 63 -7.86 -45.19 31.73
CA VAL E 63 -8.58 -45.51 30.50
C VAL E 63 -9.37 -44.31 29.97
N TYR E 64 -9.06 -43.88 28.74
CA TYR E 64 -9.74 -42.78 28.07
C TYR E 64 -10.71 -43.35 27.03
N GLN E 65 -11.95 -42.82 27.01
CA GLN E 65 -13.00 -43.24 26.08
C GLN E 65 -13.71 -42.01 25.54
N ALA E 66 -13.81 -41.90 24.21
CA ALA E 66 -14.47 -40.78 23.51
C ALA E 66 -15.48 -41.32 22.50
N VAL E 67 -16.74 -40.86 22.58
CA VAL E 67 -17.83 -41.30 21.68
C VAL E 67 -18.39 -40.14 20.82
N THR E 68 -19.46 -40.40 20.05
CA THR E 68 -20.13 -39.39 19.22
C THR E 68 -20.85 -38.38 20.10
N ASP E 69 -20.67 -37.08 19.79
CA ASP E 69 -21.24 -35.92 20.53
C ASP E 69 -20.73 -35.87 21.99
N ASP E 70 -19.46 -36.29 22.20
CA ASP E 70 -18.79 -36.35 23.50
C ASP E 70 -17.26 -36.32 23.35
N LEU E 71 -16.64 -35.16 23.70
CA LEU E 71 -15.19 -34.93 23.65
C LEU E 71 -14.67 -34.70 25.08
N PRO E 72 -14.43 -35.76 25.88
CA PRO E 72 -14.01 -35.55 27.27
C PRO E 72 -12.58 -35.05 27.41
N ALA E 73 -12.35 -34.19 28.41
CA ALA E 73 -11.04 -33.62 28.74
C ALA E 73 -10.39 -34.44 29.87
N ALA E 74 -10.98 -35.61 30.19
CA ALA E 74 -10.52 -36.53 31.24
C ALA E 74 -10.83 -38.00 30.93
N PHE E 75 -10.35 -38.91 31.79
CA PHE E 75 -10.52 -40.36 31.68
C PHE E 75 -11.83 -40.79 32.36
N VAL E 76 -12.24 -42.07 32.17
CA VAL E 76 -13.46 -42.66 32.75
C VAL E 76 -13.46 -42.58 34.29
N ASP E 77 -12.25 -42.52 34.88
CA ASP E 77 -12.02 -42.41 36.33
C ASP E 77 -12.35 -40.98 36.82
N GLY E 78 -12.67 -40.07 35.90
CA GLY E 78 -13.03 -38.68 36.18
C GLY E 78 -11.86 -37.71 36.31
N THR E 79 -10.66 -38.22 36.62
CA THR E 79 -9.44 -37.43 36.81
C THR E 79 -8.84 -36.94 35.49
N THR E 80 -8.27 -35.73 35.51
CA THR E 80 -7.65 -35.08 34.34
C THR E 80 -6.17 -35.46 34.16
N SER E 81 -5.44 -35.72 35.27
CA SER E 81 -4.02 -36.09 35.24
C SER E 81 -3.81 -37.57 35.57
N GLY E 82 -2.84 -38.17 34.89
CA GLY E 82 -2.47 -39.58 35.05
C GLY E 82 -1.76 -39.86 36.36
N GLY E 83 -2.22 -40.90 37.05
CA GLY E 83 -1.67 -41.34 38.33
C GLY E 83 -1.98 -40.40 39.46
N ASP E 84 -0.93 -39.96 40.18
CA ASP E 84 -1.02 -39.04 41.32
C ASP E 84 -1.33 -37.62 40.86
N SER E 85 -1.95 -36.80 41.75
CA SER E 85 -2.33 -35.41 41.47
C SER E 85 -1.11 -34.49 41.30
N ASP E 86 -0.04 -34.72 42.09
CA ASP E 86 1.20 -33.95 42.04
C ASP E 86 2.02 -34.24 40.78
N ALA E 87 1.88 -35.46 40.21
CA ALA E 87 2.58 -35.89 39.00
C ALA E 87 2.03 -35.17 37.76
N LYS E 88 2.91 -34.50 37.02
CA LYS E 88 2.58 -33.75 35.80
C LYS E 88 3.10 -34.43 34.52
N SER E 89 3.25 -35.78 34.57
CA SER E 89 3.74 -36.61 33.47
C SER E 89 2.69 -36.79 32.36
N LEU E 90 1.43 -37.07 32.73
CA LEU E 90 0.32 -37.27 31.81
C LEU E 90 -0.73 -36.17 31.99
N ARG E 91 -1.01 -35.42 30.90
CA ARG E 91 -1.97 -34.31 30.92
C ARG E 91 -2.82 -34.20 29.65
N ILE E 92 -4.06 -33.68 29.80
CA ILE E 92 -5.01 -33.47 28.70
C ILE E 92 -5.35 -31.97 28.64
N VAL E 93 -5.21 -31.36 27.45
CA VAL E 93 -5.47 -29.93 27.21
C VAL E 93 -6.68 -29.78 26.27
N GLU E 94 -7.63 -28.90 26.63
CA GLU E 94 -8.85 -28.66 25.85
C GLU E 94 -8.91 -27.23 25.30
N ARG E 95 -9.59 -27.04 24.16
CA ARG E 95 -9.79 -25.75 23.48
C ARG E 95 -11.25 -25.59 23.05
N TYR E 100 -11.36 -28.43 20.24
CA TYR E 100 -10.21 -29.31 20.00
C TYR E 100 -9.62 -29.81 21.32
N VAL E 101 -9.50 -31.14 21.47
CA VAL E 101 -8.93 -31.75 22.68
C VAL E 101 -7.64 -32.51 22.33
N GLU E 102 -6.56 -32.22 23.09
CA GLU E 102 -5.25 -32.83 22.88
C GLU E 102 -4.69 -33.53 24.13
N MET E 103 -3.94 -34.63 23.91
CA MET E 103 -3.32 -35.43 24.96
C MET E 103 -1.80 -35.31 24.91
N HIS E 104 -1.17 -35.10 26.08
CA HIS E 104 0.29 -34.98 26.22
C HIS E 104 0.81 -36.05 27.18
N ALA E 105 1.76 -36.88 26.71
CA ALA E 105 2.38 -37.94 27.51
C ALA E 105 3.90 -37.87 27.37
N ARG E 106 4.56 -37.26 28.37
CA ARG E 106 6.00 -37.09 28.40
C ARG E 106 6.78 -38.37 28.70
N TYR E 107 6.13 -39.36 29.33
CA TYR E 107 6.79 -40.63 29.68
C TYR E 107 6.91 -41.59 28.49
N ILE E 108 6.09 -41.37 27.42
CA ILE E 108 6.11 -42.19 26.20
C ILE E 108 6.12 -41.32 24.91
N GLY E 109 6.54 -40.06 25.07
CA GLY E 109 6.69 -39.06 24.01
C GLY E 109 5.61 -39.00 22.94
N THR E 110 4.33 -39.14 23.32
CA THR E 110 3.21 -39.13 22.37
C THR E 110 2.27 -37.93 22.54
N THR E 111 1.65 -37.49 21.43
CA THR E 111 0.69 -36.38 21.36
C THR E 111 -0.52 -36.80 20.50
N VAL E 112 -1.68 -37.01 21.16
CA VAL E 112 -2.92 -37.43 20.49
C VAL E 112 -3.85 -36.23 20.31
N PHE E 113 -4.28 -35.96 19.06
CA PHE E 113 -5.18 -34.85 18.71
C PHE E 113 -6.55 -35.39 18.27
N VAL E 114 -7.59 -35.11 19.07
CA VAL E 114 -8.96 -35.58 18.82
C VAL E 114 -9.94 -34.40 18.72
N ARG E 115 -10.85 -34.43 17.72
CA ARG E 115 -11.90 -33.43 17.52
C ARG E 115 -13.07 -33.98 16.69
N GLN E 116 -14.30 -33.50 16.98
CA GLN E 116 -15.53 -33.90 16.29
C GLN E 116 -15.70 -33.12 14.98
N VAL E 117 -15.73 -33.83 13.84
CA VAL E 117 -15.91 -33.25 12.50
C VAL E 117 -17.24 -33.77 11.93
N GLY E 118 -18.25 -32.90 11.91
CA GLY E 118 -19.58 -33.22 11.43
C GLY E 118 -20.31 -34.08 12.43
N ARG E 119 -20.32 -35.40 12.19
CA ARG E 119 -20.96 -36.39 13.06
C ARG E 119 -19.97 -37.46 13.55
N TYR E 120 -18.71 -37.39 13.09
CA TYR E 120 -17.66 -38.37 13.43
C TYR E 120 -16.37 -37.71 13.91
N LEU E 121 -15.62 -38.42 14.78
CA LEU E 121 -14.36 -37.95 15.37
C LEU E 121 -13.15 -38.09 14.43
N THR E 122 -12.09 -37.30 14.70
CA THR E 122 -10.81 -37.32 13.97
C THR E 122 -9.67 -37.70 14.92
N LEU E 123 -8.59 -38.28 14.37
CA LEU E 123 -7.45 -38.74 15.17
C LEU E 123 -6.09 -38.42 14.53
N ALA E 124 -5.11 -38.01 15.36
CA ALA E 124 -3.74 -37.68 14.95
C ALA E 124 -2.75 -37.97 16.08
N ILE E 125 -1.85 -38.95 15.87
CA ILE E 125 -0.86 -39.38 16.87
C ILE E 125 0.57 -39.19 16.37
N ARG E 126 1.44 -38.57 17.19
CA ARG E 126 2.85 -38.33 16.92
C ARG E 126 3.67 -39.11 17.97
N MET E 127 4.36 -40.19 17.53
CA MET E 127 5.13 -41.06 18.41
C MET E 127 6.55 -41.36 17.87
N PRO E 128 7.60 -41.47 18.73
CA PRO E 128 8.95 -41.79 18.21
C PRO E 128 9.08 -43.22 17.72
N GLU E 129 10.13 -43.49 16.92
CA GLU E 129 10.41 -44.79 16.29
C GLU E 129 10.55 -45.97 17.27
N ASP E 130 11.41 -45.84 18.30
CA ASP E 130 11.68 -46.90 19.28
C ASP E 130 10.44 -47.39 20.04
N LEU E 131 9.57 -46.46 20.46
CA LEU E 131 8.35 -46.79 21.20
C LEU E 131 7.26 -47.36 20.29
N ALA E 132 7.24 -46.93 19.01
CA ALA E 132 6.27 -47.40 18.02
C ALA E 132 6.57 -48.83 17.54
N MET E 133 7.83 -49.27 17.65
CA MET E 133 8.26 -50.61 17.22
C MET E 133 8.38 -51.62 18.37
N SER E 134 7.57 -51.44 19.43
CA SER E 134 7.52 -52.36 20.58
C SER E 134 6.35 -53.31 20.39
N TYR E 135 6.60 -54.62 20.55
CA TYR E 135 5.59 -55.68 20.40
C TYR E 135 5.91 -56.91 21.23
N GLU E 136 4.89 -57.51 21.85
CA GLU E 136 5.00 -58.71 22.68
C GLU E 136 4.56 -59.95 21.89
N GLU E 137 4.37 -61.10 22.58
CA GLU E 137 3.92 -62.37 21.97
C GLU E 137 2.44 -62.24 21.58
N SER E 138 2.09 -62.76 20.39
CA SER E 138 0.75 -62.75 19.76
C SER E 138 0.20 -61.32 19.54
N GLN E 139 1.12 -60.37 19.25
CA GLN E 139 0.82 -58.95 19.00
C GLN E 139 1.46 -58.52 17.67
N ASP E 140 0.71 -58.71 16.56
CA ASP E 140 1.16 -58.40 15.20
C ASP E 140 0.10 -57.62 14.37
N LEU E 141 -1.04 -57.27 15.01
CA LEU E 141 -2.13 -56.55 14.35
C LEU E 141 -2.20 -55.08 14.77
N GLN E 142 -1.44 -54.24 14.04
CA GLN E 142 -1.36 -52.79 14.26
C GLN E 142 -1.63 -52.08 12.94
N LEU E 143 -2.75 -51.35 12.87
CA LEU E 143 -3.17 -50.61 11.67
C LEU E 143 -2.42 -49.29 11.49
N CYS E 144 -1.92 -48.72 12.59
CA CYS E 144 -1.15 -47.47 12.59
C CYS E 144 0.28 -47.70 12.09
N VAL E 145 0.89 -48.83 12.48
CA VAL E 145 2.27 -49.18 12.09
C VAL E 145 2.27 -49.89 10.73
N ASN E 146 1.66 -51.10 10.67
CA ASN E 146 1.56 -51.89 9.44
C ASN E 146 0.27 -51.63 8.68
N GLY E 147 0.24 -52.00 7.41
CA GLY E 147 -0.90 -51.83 6.53
C GLY E 147 -2.12 -52.64 6.94
N CYS E 148 -3.32 -52.08 6.69
CA CYS E 148 -4.61 -52.71 7.02
C CYS E 148 -4.87 -53.97 6.15
N PRO E 149 -5.65 -54.97 6.64
CA PRO E 149 -5.88 -56.18 5.82
C PRO E 149 -6.54 -55.93 4.47
N LEU E 150 -6.13 -56.70 3.44
CA LEU E 150 -6.62 -56.60 2.06
C LEU E 150 -8.13 -56.89 1.94
N SER E 151 -8.69 -57.66 2.90
CA SER E 151 -10.11 -58.01 2.97
C SER E 151 -10.97 -56.75 3.19
N GLU E 152 -10.48 -55.82 4.05
CA GLU E 152 -11.14 -54.56 4.36
C GLU E 152 -10.84 -53.49 3.30
N ARG E 153 -9.74 -53.65 2.56
CA ARG E 153 -9.28 -52.75 1.50
C ARG E 153 -10.19 -52.79 0.27
N ILE E 154 -10.45 -51.62 -0.33
CA ILE E 154 -11.29 -51.47 -1.52
C ILE E 154 -10.40 -51.07 -2.71
N ASP E 155 -10.42 -51.87 -3.79
CA ASP E 155 -9.63 -51.64 -5.01
C ASP E 155 -10.48 -51.84 -6.26
N PRO F 14 -16.13 12.97 4.65
CA PRO F 14 -17.47 13.57 4.57
C PRO F 14 -18.60 12.56 4.79
N ASP F 15 -18.42 11.33 4.27
CA ASP F 15 -19.41 10.23 4.34
C ASP F 15 -19.60 9.68 5.77
N PRO F 16 -20.86 9.60 6.27
CA PRO F 16 -21.08 9.07 7.63
C PRO F 16 -20.88 7.56 7.76
N CYS F 17 -20.97 6.83 6.64
CA CYS F 17 -20.80 5.38 6.57
C CYS F 17 -19.35 4.93 6.73
N SER F 18 -18.39 5.85 6.49
CA SER F 18 -16.96 5.60 6.61
C SER F 18 -16.42 6.10 7.95
N ASP F 19 -15.55 5.29 8.58
CA ASP F 19 -14.90 5.60 9.86
C ASP F 19 -13.68 6.53 9.60
N GLU F 20 -12.97 6.93 10.67
CA GLU F 20 -11.77 7.79 10.62
C GLU F 20 -10.65 7.17 9.79
N ASN F 21 -10.51 5.84 9.84
CA ASN F 21 -9.51 5.10 9.05
C ASN F 21 -10.09 4.70 7.69
N GLY F 22 -11.42 4.52 7.65
CA GLY F 22 -12.14 4.14 6.44
C GLY F 22 -12.81 2.79 6.54
N HIS F 23 -13.10 2.33 7.77
CA HIS F 23 -13.75 1.05 8.04
C HIS F 23 -15.29 1.20 8.06
N PRO F 24 -16.07 0.16 7.69
CA PRO F 24 -17.53 0.32 7.71
C PRO F 24 -18.14 0.49 9.10
N ARG F 25 -19.21 1.31 9.18
CA ARG F 25 -19.96 1.62 10.42
C ARG F 25 -21.44 1.86 10.11
N ARG F 26 -22.34 1.52 11.07
CA ARG F 26 -23.80 1.65 10.98
C ARG F 26 -24.25 3.03 10.44
N CYS F 27 -25.16 3.03 9.44
CA CYS F 27 -25.65 4.28 8.83
C CYS F 27 -27.13 4.48 9.12
N ILE F 28 -27.47 5.61 9.72
CA ILE F 28 -28.85 5.94 10.07
C ILE F 28 -29.27 7.26 9.41
N PRO F 29 -30.41 7.30 8.67
CA PRO F 29 -30.87 8.58 8.09
C PRO F 29 -31.39 9.49 9.20
N ASP F 30 -31.29 10.81 9.01
CA ASP F 30 -31.72 11.81 10.00
C ASP F 30 -33.21 11.73 10.35
N PHE F 31 -33.54 12.07 11.62
CA PHE F 31 -34.91 12.08 12.15
C PHE F 31 -35.67 13.18 11.45
N VAL F 32 -36.79 12.84 10.80
CA VAL F 32 -37.60 13.77 10.01
C VAL F 32 -39.09 13.62 10.32
N ASN F 33 -39.87 14.72 10.16
CA ASN F 33 -41.32 14.67 10.25
C ASN F 33 -41.74 14.32 8.83
N ALA F 34 -41.98 13.02 8.60
CA ALA F 34 -42.36 12.45 7.30
C ALA F 34 -43.68 13.02 6.75
N ALA F 35 -44.53 13.57 7.62
CA ALA F 35 -45.81 14.16 7.23
C ALA F 35 -45.66 15.52 6.54
N PHE F 36 -44.67 16.34 6.95
CA PHE F 36 -44.40 17.70 6.48
C PHE F 36 -44.47 17.87 4.96
N GLY F 37 -45.30 18.82 4.54
CA GLY F 37 -45.54 19.19 3.14
C GLY F 37 -46.19 18.14 2.26
N LYS F 38 -46.71 17.05 2.85
CA LYS F 38 -47.33 15.96 2.07
C LYS F 38 -48.85 16.02 2.01
N ASP F 39 -49.41 15.72 0.82
CA ASP F 39 -50.85 15.70 0.52
C ASP F 39 -51.55 14.62 1.36
N VAL F 40 -52.64 15.03 2.07
CA VAL F 40 -53.42 14.15 2.93
C VAL F 40 -54.86 14.09 2.41
N ARG F 41 -55.36 12.87 2.12
CA ARG F 41 -56.73 12.69 1.64
C ARG F 41 -57.70 12.58 2.80
N VAL F 42 -58.66 13.53 2.89
CA VAL F 42 -59.66 13.56 3.95
C VAL F 42 -61.07 13.27 3.41
N SER F 43 -61.97 12.77 4.27
CA SER F 43 -63.34 12.45 3.88
C SER F 43 -64.26 13.68 3.79
N SER F 44 -64.02 14.71 4.64
CA SER F 44 -64.84 15.92 4.65
C SER F 44 -64.07 17.22 4.87
N THR F 45 -64.56 18.31 4.26
CA THR F 45 -64.03 19.68 4.33
C THR F 45 -65.19 20.68 4.12
N CYS F 46 -65.30 21.69 5.00
CA CYS F 46 -66.32 22.74 4.93
C CYS F 46 -66.06 23.70 3.76
N GLY F 47 -67.13 24.27 3.21
CA GLY F 47 -67.05 25.22 2.12
C GLY F 47 -67.72 24.82 0.82
N ARG F 48 -67.98 23.51 0.64
CA ARG F 48 -68.62 22.98 -0.58
C ARG F 48 -69.85 22.10 -0.25
N PRO F 49 -71.06 22.69 -0.09
CA PRO F 49 -71.43 24.12 -0.17
C PRO F 49 -71.01 24.91 1.07
N PRO F 50 -70.86 26.27 1.01
CA PRO F 50 -70.43 27.02 2.20
C PRO F 50 -71.44 26.98 3.34
N ALA F 51 -70.97 26.54 4.53
CA ALA F 51 -71.79 26.38 5.73
C ALA F 51 -71.21 27.10 6.95
N ARG F 52 -72.07 27.42 7.92
CA ARG F 52 -71.71 28.09 9.17
C ARG F 52 -71.25 27.12 10.26
N TYR F 53 -70.20 27.52 11.00
CA TYR F 53 -69.64 26.76 12.13
C TYR F 53 -69.51 27.65 13.35
N CYS F 54 -69.63 27.08 14.57
CA CYS F 54 -69.55 27.87 15.79
C CYS F 54 -68.46 27.40 16.75
N VAL F 55 -67.62 28.35 17.20
CA VAL F 55 -66.52 28.10 18.14
C VAL F 55 -67.03 28.28 19.57
N VAL F 56 -66.86 27.25 20.41
CA VAL F 56 -67.28 27.28 21.81
C VAL F 56 -66.05 27.58 22.71
N SER F 57 -66.25 28.48 23.69
CA SER F 57 -65.22 28.91 24.63
C SER F 57 -65.76 28.95 26.05
N GLU F 58 -65.06 28.29 26.98
CA GLU F 58 -65.45 28.20 28.38
C GLU F 58 -64.60 29.12 29.26
N ARG F 59 -65.28 29.92 30.11
CA ARG F 59 -64.66 30.85 31.06
C ARG F 59 -65.46 30.87 32.35
N GLY F 60 -64.83 30.40 33.43
CA GLY F 60 -65.46 30.28 34.74
C GLY F 60 -66.44 29.14 34.77
N GLU F 61 -67.73 29.45 34.93
CA GLU F 61 -68.81 28.47 34.98
C GLU F 61 -69.74 28.59 33.76
N GLU F 62 -69.48 29.57 32.86
CA GLU F 62 -70.29 29.83 31.67
C GLU F 62 -69.59 29.48 30.35
N ARG F 63 -70.41 29.11 29.34
CA ARG F 63 -69.97 28.76 27.99
C ARG F 63 -70.40 29.87 27.02
N LEU F 64 -69.51 30.22 26.07
CA LEU F 64 -69.74 31.26 25.07
C LEU F 64 -69.54 30.69 23.67
N ARG F 65 -70.35 31.14 22.69
CA ARG F 65 -70.26 30.67 21.32
C ARG F 65 -70.09 31.81 20.32
N SER F 66 -69.11 31.68 19.40
CA SER F 66 -68.83 32.65 18.34
C SER F 66 -68.94 31.94 16.98
N CYS F 67 -69.97 32.26 16.20
CA CYS F 67 -70.21 31.63 14.90
C CYS F 67 -69.54 32.35 13.73
N HIS F 68 -68.82 31.58 12.91
CA HIS F 68 -68.09 32.04 11.72
C HIS F 68 -68.54 31.24 10.48
N LEU F 69 -68.10 31.67 9.28
CA LEU F 69 -68.45 30.99 8.03
C LEU F 69 -67.22 30.36 7.38
N CYS F 70 -67.39 29.15 6.81
CA CYS F 70 -66.35 28.43 6.11
C CYS F 70 -66.61 28.49 4.61
N ASN F 71 -65.80 29.27 3.88
CA ASN F 71 -65.90 29.45 2.43
C ASN F 71 -64.64 28.89 1.78
N ALA F 72 -64.76 27.75 1.06
CA ALA F 72 -63.66 27.06 0.39
C ALA F 72 -62.92 27.89 -0.66
N SER F 73 -63.66 28.80 -1.34
CA SER F 73 -63.11 29.68 -2.38
C SER F 73 -62.22 30.80 -1.80
N ASP F 74 -62.65 31.43 -0.69
CA ASP F 74 -61.90 32.51 -0.03
C ASP F 74 -60.71 31.92 0.74
N PRO F 75 -59.44 32.37 0.49
CA PRO F 75 -58.28 31.80 1.21
C PRO F 75 -58.24 32.04 2.72
N LYS F 76 -58.80 33.17 3.18
CA LYS F 76 -58.85 33.52 4.60
C LYS F 76 -59.96 32.77 5.35
N LYS F 77 -61.00 32.33 4.62
CA LYS F 77 -62.15 31.62 5.20
C LYS F 77 -62.09 30.09 5.03
N ALA F 78 -61.28 29.60 4.09
CA ALA F 78 -61.13 28.16 3.82
C ALA F 78 -60.29 27.43 4.85
N HIS F 79 -60.52 26.11 4.99
CA HIS F 79 -59.79 25.21 5.87
C HIS F 79 -59.47 23.91 5.08
N PRO F 80 -58.57 23.96 4.05
CA PRO F 80 -58.30 22.77 3.24
C PRO F 80 -57.42 21.71 3.92
N PRO F 81 -57.33 20.45 3.40
CA PRO F 81 -56.46 19.44 4.03
C PRO F 81 -54.96 19.79 4.01
N ALA F 82 -54.57 20.77 3.18
CA ALA F 82 -53.19 21.25 3.06
C ALA F 82 -52.75 22.00 4.33
N PHE F 83 -53.73 22.45 5.15
CA PHE F 83 -53.52 23.18 6.41
C PHE F 83 -53.09 22.25 7.57
N LEU F 84 -53.07 20.92 7.34
CA LEU F 84 -52.65 19.92 8.32
C LEU F 84 -51.12 19.79 8.26
N THR F 85 -50.60 19.67 7.03
CA THR F 85 -49.20 19.44 6.68
C THR F 85 -48.34 20.71 6.55
N ASP F 86 -48.95 21.91 6.43
CA ASP F 86 -48.23 23.18 6.30
C ASP F 86 -47.45 23.54 7.58
N LEU F 87 -46.57 24.56 7.51
CA LEU F 87 -45.78 24.98 8.67
C LEU F 87 -46.65 25.48 9.82
N ASN F 88 -46.43 24.91 11.02
CA ASN F 88 -47.16 25.25 12.22
C ASN F 88 -46.55 26.51 12.83
N ASN F 89 -47.37 27.57 12.91
CA ASN F 89 -46.96 28.85 13.48
C ASN F 89 -47.87 29.20 14.66
N PRO F 90 -47.32 29.33 15.90
CA PRO F 90 -48.18 29.65 17.05
C PRO F 90 -48.86 31.02 16.95
N HIS F 91 -48.18 31.98 16.30
CA HIS F 91 -48.67 33.35 16.07
C HIS F 91 -49.84 33.34 15.08
N ASN F 92 -49.73 32.56 13.99
CA ASN F 92 -50.77 32.41 12.98
C ASN F 92 -51.04 30.94 12.71
N LEU F 93 -51.97 30.36 13.49
CA LEU F 93 -52.34 28.95 13.36
C LEU F 93 -53.23 28.72 12.15
N THR F 94 -53.03 27.59 11.46
CA THR F 94 -53.78 27.20 10.28
C THR F 94 -54.28 25.77 10.45
N CYS F 95 -55.61 25.59 10.54
CA CYS F 95 -56.19 24.26 10.69
C CYS F 95 -57.23 23.92 9.63
N TRP F 96 -57.35 22.61 9.35
CA TRP F 96 -58.32 22.02 8.45
C TRP F 96 -59.59 21.79 9.29
N GLN F 97 -60.77 21.84 8.66
CA GLN F 97 -62.03 21.62 9.38
C GLN F 97 -62.97 20.71 8.60
N SER F 98 -63.46 19.66 9.28
CA SER F 98 -64.41 18.68 8.74
C SER F 98 -65.82 19.28 8.62
N GLU F 99 -66.73 18.59 7.90
CA GLU F 99 -68.12 18.99 7.74
C GLU F 99 -68.83 18.94 9.09
N ASN F 100 -69.77 19.87 9.33
CA ASN F 100 -70.50 19.98 10.59
C ASN F 100 -71.37 18.77 10.92
N TYR F 101 -71.31 18.35 12.19
CA TYR F 101 -72.04 17.25 12.82
C TYR F 101 -71.96 15.92 12.02
N LEU F 102 -70.77 15.29 12.05
CA LEU F 102 -70.53 13.99 11.43
C LEU F 102 -70.26 12.99 12.56
N GLN F 103 -71.19 12.97 13.53
CA GLN F 103 -71.19 12.13 14.71
C GLN F 103 -71.42 10.66 14.36
N PHE F 104 -70.93 9.76 15.22
CA PHE F 104 -71.05 8.29 15.14
C PHE F 104 -72.48 7.87 14.75
N PRO F 105 -72.70 6.87 13.84
CA PRO F 105 -71.72 5.98 13.18
C PRO F 105 -70.77 6.63 12.17
N HIS F 106 -71.18 7.78 11.57
CA HIS F 106 -70.37 8.50 10.56
C HIS F 106 -69.01 8.89 11.13
N ASN F 107 -67.95 8.75 10.31
CA ASN F 107 -66.60 9.09 10.74
C ASN F 107 -65.87 10.01 9.75
N VAL F 108 -64.75 10.60 10.21
CA VAL F 108 -63.90 11.48 9.40
C VAL F 108 -62.48 10.89 9.45
N THR F 109 -61.95 10.47 8.28
CA THR F 109 -60.63 9.84 8.17
C THR F 109 -59.61 10.70 7.43
N LEU F 110 -58.31 10.54 7.77
CA LEU F 110 -57.21 11.24 7.11
C LEU F 110 -56.16 10.22 6.73
N THR F 111 -55.98 9.99 5.42
CA THR F 111 -54.99 9.04 4.90
C THR F 111 -53.73 9.77 4.43
N LEU F 112 -52.58 9.35 4.95
CA LEU F 112 -51.27 9.91 4.60
C LEU F 112 -50.43 8.83 3.95
N SER F 113 -49.89 9.10 2.76
CA SER F 113 -49.06 8.14 2.04
C SER F 113 -47.61 8.62 1.96
N LEU F 114 -46.70 7.89 2.60
CA LEU F 114 -45.27 8.21 2.61
C LEU F 114 -44.59 7.68 1.35
N GLY F 115 -45.11 6.56 0.85
CA GLY F 115 -44.60 5.90 -0.36
C GLY F 115 -43.31 5.13 -0.16
N LYS F 116 -42.95 4.85 1.12
CA LYS F 116 -41.73 4.13 1.52
C LYS F 116 -41.81 3.66 2.98
N LYS F 117 -41.07 2.57 3.31
CA LYS F 117 -41.01 2.04 4.68
C LYS F 117 -40.23 3.00 5.57
N PHE F 118 -40.90 3.47 6.63
CA PHE F 118 -40.34 4.38 7.62
C PHE F 118 -40.47 3.78 9.01
N GLU F 119 -39.43 3.93 9.83
CA GLU F 119 -39.45 3.44 11.21
C GLU F 119 -40.01 4.58 12.09
N VAL F 120 -41.35 4.63 12.21
CA VAL F 120 -42.13 5.61 12.95
C VAL F 120 -41.86 5.58 14.45
N THR F 121 -41.53 6.74 15.04
CA THR F 121 -41.26 6.92 16.46
C THR F 121 -42.50 7.50 17.15
N TYR F 122 -43.22 8.41 16.44
CA TYR F 122 -44.43 9.04 16.95
C TYR F 122 -45.39 9.51 15.85
N VAL F 123 -46.67 9.65 16.22
CA VAL F 123 -47.74 10.19 15.37
C VAL F 123 -48.49 11.17 16.27
N SER F 124 -48.39 12.48 15.98
CA SER F 124 -49.01 13.53 16.79
C SER F 124 -50.07 14.35 16.05
N LEU F 125 -51.05 14.86 16.80
CA LEU F 125 -52.15 15.68 16.29
C LEU F 125 -52.44 16.83 17.27
N GLN F 126 -52.39 18.07 16.77
CA GLN F 126 -52.69 19.30 17.52
C GLN F 126 -54.06 19.77 17.03
N PHE F 127 -55.05 19.80 17.93
CA PHE F 127 -56.43 20.13 17.58
C PHE F 127 -56.85 21.59 17.81
N CYS F 128 -57.65 22.13 16.88
CA CYS F 128 -58.22 23.47 16.97
C CYS F 128 -59.55 23.38 17.71
N SER F 129 -60.34 22.33 17.38
CA SER F 129 -61.62 21.99 18.00
C SER F 129 -61.33 21.07 19.21
N PRO F 130 -62.29 20.70 20.10
CA PRO F 130 -61.94 19.77 21.18
C PRO F 130 -61.56 18.39 20.63
N ARG F 131 -60.65 17.68 21.34
CA ARG F 131 -60.18 16.34 20.96
C ARG F 131 -61.35 15.34 20.84
N PRO F 132 -61.27 14.31 19.96
CA PRO F 132 -62.41 13.40 19.84
C PRO F 132 -62.59 12.47 21.04
N GLU F 133 -63.83 12.00 21.23
CA GLU F 133 -64.19 11.04 22.26
C GLU F 133 -63.61 9.69 21.84
N SER F 134 -63.57 9.43 20.51
CA SER F 134 -63.04 8.22 19.90
C SER F 134 -62.23 8.50 18.64
N MET F 135 -60.95 8.11 18.67
CA MET F 135 -59.96 8.28 17.59
C MET F 135 -59.12 7.00 17.50
N ALA F 136 -58.64 6.67 16.29
CA ALA F 136 -57.79 5.50 16.06
C ALA F 136 -56.73 5.77 14.99
N ILE F 137 -55.52 5.24 15.23
CA ILE F 137 -54.37 5.36 14.31
C ILE F 137 -54.17 4.00 13.65
N TYR F 138 -54.06 3.99 12.31
CA TYR F 138 -53.89 2.83 11.47
C TYR F 138 -52.65 2.98 10.61
N LYS F 139 -51.99 1.85 10.31
CA LYS F 139 -50.79 1.83 9.47
C LYS F 139 -50.96 0.83 8.34
N SER F 140 -50.10 0.92 7.32
CA SER F 140 -50.13 0.01 6.18
C SER F 140 -48.72 -0.48 5.88
N MET F 141 -48.52 -1.81 5.87
CA MET F 141 -47.23 -2.44 5.59
C MET F 141 -47.00 -2.40 4.08
N ASP F 142 -48.03 -2.79 3.30
CA ASP F 142 -48.06 -2.67 1.85
C ASP F 142 -48.42 -1.20 1.58
N TYR F 143 -48.37 -0.75 0.34
CA TYR F 143 -48.59 0.66 0.06
C TYR F 143 -50.09 1.04 -0.05
N GLY F 144 -50.85 0.72 1.01
CA GLY F 144 -52.27 1.04 1.15
C GLY F 144 -53.30 -0.04 0.94
N ARG F 145 -52.88 -1.28 0.60
CA ARG F 145 -53.80 -2.41 0.35
C ARG F 145 -54.54 -2.86 1.61
N THR F 146 -53.82 -3.38 2.61
CA THR F 146 -54.43 -3.79 3.89
C THR F 146 -53.99 -2.86 5.02
N TRP F 147 -54.88 -2.67 6.01
CA TRP F 147 -54.61 -1.80 7.16
C TRP F 147 -54.57 -2.56 8.48
N VAL F 148 -53.59 -2.24 9.33
CA VAL F 148 -53.38 -2.84 10.64
C VAL F 148 -53.43 -1.73 11.70
N PRO F 149 -54.24 -1.87 12.78
CA PRO F 149 -54.29 -0.80 13.80
C PRO F 149 -52.96 -0.57 14.51
N PHE F 150 -52.70 0.70 14.87
CA PHE F 150 -51.48 1.17 15.52
C PHE F 150 -51.72 1.56 16.98
N GLN F 151 -52.81 2.33 17.24
CA GLN F 151 -53.20 2.82 18.58
C GLN F 151 -54.66 3.28 18.59
N PHE F 152 -55.37 3.06 19.70
CA PHE F 152 -56.75 3.48 19.88
C PHE F 152 -56.87 4.45 21.05
N TYR F 153 -57.80 5.42 20.94
CA TYR F 153 -58.09 6.41 21.98
C TYR F 153 -59.62 6.53 22.12
N SER F 154 -60.18 6.14 23.28
CA SER F 154 -61.62 6.19 23.54
C SER F 154 -61.98 6.15 25.03
N THR F 155 -63.21 6.61 25.39
CA THR F 155 -63.73 6.57 26.75
C THR F 155 -64.19 5.14 27.04
N GLN F 156 -64.77 4.48 26.03
CA GLN F 156 -65.26 3.11 26.09
C GLN F 156 -64.53 2.32 25.00
N CYS F 157 -63.34 1.80 25.33
CA CYS F 157 -62.52 1.00 24.44
C CYS F 157 -63.26 -0.28 24.02
N ARG F 158 -63.98 -0.90 24.97
CA ARG F 158 -64.78 -2.11 24.78
C ARG F 158 -65.89 -1.88 23.75
N LYS F 159 -66.82 -0.96 24.05
CA LYS F 159 -67.99 -0.65 23.22
C LYS F 159 -67.67 -0.05 21.87
N MET F 160 -66.59 0.74 21.76
CA MET F 160 -66.24 1.42 20.51
C MET F 160 -65.26 0.68 19.62
N TYR F 161 -64.08 0.32 20.16
CA TYR F 161 -63.00 -0.29 19.37
C TYR F 161 -62.70 -1.77 19.66
N ASN F 162 -63.55 -2.46 20.45
CA ASN F 162 -63.41 -3.88 20.81
C ASN F 162 -61.97 -4.21 21.28
N ARG F 163 -61.50 -3.45 22.26
CA ARG F 163 -60.18 -3.59 22.87
C ARG F 163 -60.29 -3.33 24.37
N PRO F 164 -59.46 -3.95 25.24
CA PRO F 164 -59.57 -3.67 26.68
C PRO F 164 -59.10 -2.26 27.04
N HIS F 165 -59.87 -1.59 27.93
CA HIS F 165 -59.60 -0.24 28.42
C HIS F 165 -58.40 -0.30 29.37
N ARG F 166 -57.41 0.62 29.16
CA ARG F 166 -56.17 0.74 29.93
C ARG F 166 -55.40 -0.60 30.04
N ALA F 167 -55.28 -1.31 28.91
CA ALA F 167 -54.58 -2.60 28.84
C ALA F 167 -53.06 -2.42 28.93
N PRO F 168 -52.38 -3.15 29.84
CA PRO F 168 -50.91 -3.02 29.91
C PRO F 168 -50.24 -3.77 28.76
N ILE F 169 -49.10 -3.24 28.27
CA ILE F 169 -48.37 -3.83 27.14
C ILE F 169 -47.79 -5.19 27.49
N THR F 170 -48.24 -6.21 26.76
CA THR F 170 -47.81 -7.61 26.93
C THR F 170 -46.54 -7.90 26.15
N LYS F 171 -45.61 -8.68 26.76
CA LYS F 171 -44.36 -9.11 26.16
C LYS F 171 -44.65 -10.12 25.04
N GLN F 172 -45.74 -10.88 25.21
CA GLN F 172 -46.22 -11.92 24.29
C GLN F 172 -46.65 -11.36 22.95
N ASN F 173 -47.22 -10.13 22.93
CA ASN F 173 -47.62 -9.45 21.70
C ASN F 173 -47.49 -7.93 21.82
N GLU F 174 -46.32 -7.43 21.41
CA GLU F 174 -45.97 -6.02 21.39
C GLU F 174 -46.37 -5.42 20.04
N GLN F 175 -46.68 -6.30 19.05
CA GLN F 175 -47.12 -5.92 17.70
C GLN F 175 -48.63 -5.66 17.63
N GLU F 176 -49.28 -5.55 18.80
CA GLU F 176 -50.70 -5.31 18.90
C GLU F 176 -51.00 -3.88 19.34
N ALA F 177 -52.01 -3.27 18.72
CA ALA F 177 -52.48 -1.92 19.03
C ALA F 177 -53.19 -1.96 20.39
N VAL F 178 -52.96 -0.94 21.21
CA VAL F 178 -53.55 -0.84 22.55
C VAL F 178 -54.48 0.37 22.65
N CYS F 179 -55.56 0.25 23.45
CA CYS F 179 -56.54 1.30 23.67
C CYS F 179 -56.45 1.88 25.09
N THR F 180 -56.55 3.22 25.22
CA THR F 180 -56.53 3.94 26.50
C THR F 180 -57.51 5.10 26.46
N ASP F 181 -57.92 5.59 27.65
CA ASP F 181 -58.81 6.73 27.80
C ASP F 181 -57.97 8.01 27.97
N SER F 182 -56.63 7.87 27.96
CA SER F 182 -55.68 8.97 28.08
C SER F 182 -55.76 9.85 26.84
N HIS F 183 -55.52 11.17 27.01
CA HIS F 183 -55.55 12.21 25.97
C HIS F 183 -56.93 12.39 25.28
N THR F 184 -58.01 11.83 25.86
CA THR F 184 -59.35 11.94 25.24
C THR F 184 -60.20 13.04 25.87
N ASP F 185 -59.79 13.59 27.03
CA ASP F 185 -60.49 14.66 27.76
C ASP F 185 -60.88 15.85 26.89
N MET F 186 -62.12 16.35 27.08
CA MET F 186 -62.65 17.50 26.33
C MET F 186 -61.83 18.77 26.59
N ARG F 187 -61.29 18.91 27.81
CA ARG F 187 -60.42 20.03 28.20
C ARG F 187 -58.97 19.64 27.86
N PRO F 188 -58.20 20.46 27.10
CA PRO F 188 -58.54 21.78 26.54
C PRO F 188 -59.45 21.73 25.32
N LEU F 189 -60.45 22.64 25.27
CA LEU F 189 -61.43 22.75 24.17
C LEU F 189 -60.79 23.26 22.86
N SER F 190 -59.54 23.75 22.96
CA SER F 190 -58.71 24.25 21.86
C SER F 190 -57.25 24.06 22.26
N GLY F 191 -56.44 23.57 21.31
CA GLY F 191 -55.02 23.33 21.51
C GLY F 191 -54.68 21.97 22.08
N GLY F 192 -55.67 21.07 22.11
CA GLY F 192 -55.52 19.72 22.62
C GLY F 192 -54.56 18.89 21.78
N LEU F 193 -53.66 18.15 22.46
CA LEU F 193 -52.66 17.31 21.79
C LEU F 193 -52.78 15.82 22.09
N ILE F 194 -52.59 14.99 21.04
CA ILE F 194 -52.58 13.53 21.09
C ILE F 194 -51.31 13.08 20.37
N ALA F 195 -50.28 12.65 21.13
CA ALA F 195 -49.02 12.17 20.56
C ALA F 195 -48.80 10.71 20.93
N PHE F 196 -48.79 9.84 19.90
CA PHE F 196 -48.62 8.41 20.07
C PHE F 196 -47.17 7.97 19.93
N SER F 197 -46.61 7.44 21.02
CA SER F 197 -45.25 6.92 21.07
C SER F 197 -45.33 5.43 20.73
N THR F 198 -44.75 5.07 19.58
CA THR F 198 -44.76 3.71 19.03
C THR F 198 -44.07 2.69 19.92
N LEU F 199 -43.00 3.09 20.64
CA LEU F 199 -42.26 2.18 21.51
C LEU F 199 -42.60 2.34 23.00
N ASP F 200 -43.67 3.09 23.32
CA ASP F 200 -44.09 3.33 24.69
C ASP F 200 -44.65 2.07 25.32
N GLY F 201 -44.21 1.79 26.54
CA GLY F 201 -44.64 0.66 27.34
C GLY F 201 -44.21 -0.73 26.88
N ARG F 202 -43.74 -0.85 25.61
CA ARG F 202 -43.28 -2.11 25.01
C ARG F 202 -42.09 -2.67 25.81
N PRO F 203 -42.23 -3.87 26.42
CA PRO F 203 -41.17 -4.41 27.30
C PRO F 203 -39.77 -4.56 26.70
N SER F 204 -39.65 -5.00 25.44
CA SER F 204 -38.33 -5.20 24.82
C SER F 204 -37.84 -3.99 24.00
N ALA F 205 -38.47 -2.80 24.19
CA ALA F 205 -38.10 -1.56 23.49
C ALA F 205 -36.68 -1.10 23.82
N HIS F 206 -36.18 -1.44 25.02
CA HIS F 206 -34.82 -1.13 25.49
C HIS F 206 -33.75 -1.80 24.61
N ASP F 207 -34.03 -3.03 24.12
CA ASP F 207 -33.13 -3.80 23.26
C ASP F 207 -33.75 -3.87 21.86
N PHE F 208 -34.09 -2.68 21.30
CA PHE F 208 -34.71 -2.49 19.99
C PHE F 208 -33.86 -3.04 18.84
N ASP F 209 -32.54 -2.71 18.83
CA ASP F 209 -31.57 -3.13 17.81
C ASP F 209 -31.54 -4.65 17.60
N ASN F 210 -31.80 -5.43 18.66
CA ASN F 210 -31.81 -6.89 18.62
C ASN F 210 -33.23 -7.49 18.56
N SER F 211 -34.27 -6.65 18.63
CA SER F 211 -35.68 -7.07 18.59
C SER F 211 -36.31 -6.84 17.20
N PRO F 212 -36.44 -7.90 16.36
CA PRO F 212 -37.08 -7.71 15.04
C PRO F 212 -38.60 -7.52 15.12
N VAL F 213 -39.20 -8.02 16.21
CA VAL F 213 -40.64 -7.93 16.49
C VAL F 213 -41.08 -6.46 16.58
N LEU F 214 -40.31 -5.63 17.31
CA LEU F 214 -40.59 -4.20 17.45
C LEU F 214 -40.09 -3.40 16.26
N GLN F 215 -39.06 -3.91 15.56
CA GLN F 215 -38.50 -3.30 14.35
C GLN F 215 -39.56 -3.31 13.25
N ASP F 216 -40.41 -4.35 13.25
CA ASP F 216 -41.52 -4.52 12.31
C ASP F 216 -42.71 -3.67 12.76
N TRP F 217 -42.88 -3.49 14.09
CA TRP F 217 -43.97 -2.70 14.67
C TRP F 217 -43.88 -1.22 14.31
N VAL F 218 -42.67 -0.65 14.33
CA VAL F 218 -42.43 0.75 14.00
C VAL F 218 -42.56 1.03 12.48
N THR F 219 -42.40 -0.01 11.63
CA THR F 219 -42.47 0.07 10.17
C THR F 219 -43.89 0.35 9.66
N ALA F 220 -44.00 1.37 8.79
CA ALA F 220 -45.26 1.79 8.14
C ALA F 220 -44.95 2.53 6.84
N THR F 221 -45.79 2.32 5.80
CA THR F 221 -45.64 3.00 4.52
C THR F 221 -46.68 4.09 4.35
N ASP F 222 -47.82 3.95 5.06
CA ASP F 222 -48.94 4.89 5.05
C ASP F 222 -49.54 4.97 6.45
N ILE F 223 -50.06 6.16 6.86
CA ILE F 223 -50.68 6.36 8.17
C ILE F 223 -52.10 6.91 7.98
N ARG F 224 -53.10 6.25 8.59
CA ARG F 224 -54.50 6.67 8.53
C ARG F 224 -55.03 6.93 9.93
N VAL F 225 -55.57 8.13 10.17
CA VAL F 225 -56.16 8.50 11.46
C VAL F 225 -57.65 8.65 11.24
N ALA F 226 -58.46 7.87 11.97
CA ALA F 226 -59.92 7.90 11.85
C ALA F 226 -60.54 8.47 13.12
N PHE F 227 -61.32 9.57 12.97
CA PHE F 227 -62.04 10.21 14.07
C PHE F 227 -63.44 9.61 14.06
N SER F 228 -63.75 8.75 15.05
CA SER F 228 -65.03 8.03 15.08
C SER F 228 -66.14 8.74 15.85
N ARG F 229 -65.91 9.14 17.12
CA ARG F 229 -66.92 9.84 17.92
C ARG F 229 -66.39 11.16 18.48
N LEU F 230 -67.21 12.22 18.40
CA LEU F 230 -66.84 13.54 18.91
C LEU F 230 -67.52 13.87 20.23
N HIS F 231 -66.88 14.71 21.04
CA HIS F 231 -67.39 15.14 22.34
C HIS F 231 -68.58 16.08 22.18
N THR F 232 -69.62 15.86 22.99
CA THR F 232 -70.84 16.65 22.95
C THR F 232 -71.37 16.95 24.35
N PHE F 233 -72.14 18.06 24.50
CA PHE F 233 -72.74 18.50 25.76
C PHE F 233 -74.15 17.90 25.96
N GLY F 234 -74.76 17.45 24.87
CA GLY F 234 -76.11 16.85 24.86
C GLY F 234 -77.23 17.82 24.53
N ASP F 235 -76.88 18.96 23.89
CA ASP F 235 -77.83 20.00 23.51
C ASP F 235 -78.29 19.90 22.04
N GLU F 236 -77.73 18.95 21.27
CA GLU F 236 -78.06 18.73 19.86
C GLU F 236 -79.49 18.23 19.61
N ASN F 237 -80.06 17.49 20.58
CA ASN F 237 -81.41 16.92 20.50
C ASN F 237 -82.51 17.88 20.99
N GLU F 238 -82.13 19.11 21.38
CA GLU F 238 -83.06 20.15 21.87
C GLU F 238 -83.96 20.71 20.75
N ASP F 239 -84.82 21.70 21.08
CA ASP F 239 -85.75 22.36 20.16
C ASP F 239 -85.02 22.97 18.96
N ASP F 240 -83.90 23.69 19.20
CA ASP F 240 -83.09 24.28 18.14
C ASP F 240 -81.87 23.39 17.88
N SER F 241 -81.94 22.62 16.79
CA SER F 241 -80.88 21.69 16.37
C SER F 241 -79.77 22.37 15.58
N GLU F 242 -80.12 23.34 14.71
CA GLU F 242 -79.21 24.09 13.84
C GLU F 242 -78.03 24.72 14.59
N LEU F 243 -78.29 25.60 15.59
CA LEU F 243 -77.28 26.28 16.39
C LEU F 243 -76.34 25.33 17.12
N ALA F 244 -76.89 24.25 17.70
CA ALA F 244 -76.14 23.25 18.47
C ALA F 244 -75.25 22.37 17.59
N ARG F 245 -75.83 21.70 16.57
CA ARG F 245 -75.10 20.79 15.66
C ARG F 245 -74.00 21.47 14.85
N ASP F 246 -74.11 22.80 14.62
CA ASP F 246 -73.10 23.58 13.89
C ASP F 246 -71.81 23.80 14.72
N SER F 247 -71.88 23.64 16.05
CA SER F 247 -70.75 23.84 16.95
C SER F 247 -69.97 22.56 17.30
N TYR F 248 -70.21 21.46 16.57
CA TYR F 248 -69.49 20.18 16.75
C TYR F 248 -68.86 19.74 15.42
N PHE F 249 -67.52 19.74 15.36
CA PHE F 249 -66.72 19.40 14.18
C PHE F 249 -65.28 18.98 14.57
N TYR F 250 -64.56 18.32 13.64
CA TYR F 250 -63.16 17.92 13.86
C TYR F 250 -62.24 18.92 13.14
N ALA F 251 -61.28 19.50 13.88
CA ALA F 251 -60.32 20.47 13.35
C ALA F 251 -58.92 20.20 13.89
N VAL F 252 -57.92 20.09 12.98
CA VAL F 252 -56.53 19.78 13.31
C VAL F 252 -55.59 20.79 12.66
N SER F 253 -54.71 21.42 13.46
CA SER F 253 -53.73 22.40 12.98
C SER F 253 -52.38 21.77 12.62
N ASP F 254 -51.93 20.76 13.39
CA ASP F 254 -50.64 20.12 13.15
C ASP F 254 -50.69 18.59 13.23
N LEU F 255 -50.21 17.93 12.16
CA LEU F 255 -50.12 16.47 12.04
C LEU F 255 -48.65 16.12 11.81
N GLN F 256 -48.03 15.47 12.80
CA GLN F 256 -46.61 15.10 12.72
C GLN F 256 -46.37 13.60 12.83
N VAL F 257 -45.79 13.01 11.79
CA VAL F 257 -45.41 11.60 11.74
C VAL F 257 -43.88 11.58 11.77
N GLY F 258 -43.33 11.44 12.96
CA GLY F 258 -41.89 11.44 13.16
C GLY F 258 -41.27 10.07 13.12
N GLY F 259 -40.07 9.99 12.56
CA GLY F 259 -39.33 8.76 12.43
C GLY F 259 -38.31 8.78 11.31
N ARG F 260 -37.34 7.86 11.37
CA ARG F 260 -36.27 7.75 10.39
C ARG F 260 -36.64 6.78 9.27
N CYS F 261 -36.03 6.98 8.08
CA CYS F 261 -36.19 6.18 6.86
C CYS F 261 -35.66 4.76 7.15
N LYS F 262 -36.48 3.71 6.92
CA LYS F 262 -36.04 2.34 7.19
C LYS F 262 -35.02 1.88 6.15
N CYS F 263 -33.74 1.84 6.56
CA CYS F 263 -32.63 1.42 5.70
C CYS F 263 -31.77 0.33 6.33
N ASN F 264 -32.30 -0.34 7.38
CA ASN F 264 -31.69 -1.43 8.15
C ASN F 264 -30.24 -1.17 8.61
N GLY F 265 -29.91 0.12 8.79
CA GLY F 265 -28.59 0.56 9.23
C GLY F 265 -27.53 0.54 8.15
N HIS F 266 -27.95 0.63 6.87
CA HIS F 266 -27.02 0.61 5.74
C HIS F 266 -27.08 1.87 4.85
N ALA F 267 -27.80 2.92 5.28
CA ALA F 267 -27.91 4.17 4.50
C ALA F 267 -28.07 5.38 5.40
N ALA F 268 -27.43 6.51 5.01
CA ALA F 268 -27.47 7.78 5.74
C ALA F 268 -28.53 8.75 5.18
N ARG F 269 -29.10 8.45 3.98
CA ARG F 269 -30.13 9.27 3.32
C ARG F 269 -30.98 8.51 2.30
N CYS F 270 -32.25 8.94 2.14
CA CYS F 270 -33.22 8.42 1.18
C CYS F 270 -33.32 9.39 0.00
N VAL F 271 -33.08 8.90 -1.22
CA VAL F 271 -33.07 9.71 -2.46
C VAL F 271 -34.12 9.17 -3.45
N ARG F 272 -34.77 10.08 -4.21
CA ARG F 272 -35.74 9.73 -5.26
C ARG F 272 -34.98 9.20 -6.50
N ASP F 273 -35.36 8.01 -7.00
CA ASP F 273 -34.70 7.36 -8.13
C ASP F 273 -35.19 7.86 -9.51
N ARG F 274 -34.84 7.09 -10.58
CA ARG F 274 -35.19 7.35 -11.98
C ARG F 274 -36.71 7.35 -12.27
N ASP F 275 -37.49 6.60 -11.47
CA ASP F 275 -38.95 6.50 -11.60
C ASP F 275 -39.68 7.40 -10.61
N ASP F 276 -38.94 8.33 -9.96
CA ASP F 276 -39.41 9.29 -8.95
C ASP F 276 -40.03 8.58 -7.72
N SER F 277 -39.32 7.55 -7.21
CA SER F 277 -39.72 6.75 -6.05
C SER F 277 -38.68 6.90 -4.93
N LEU F 278 -39.12 7.17 -3.68
CA LEU F 278 -38.24 7.31 -2.52
C LEU F 278 -37.60 5.95 -2.18
N VAL F 279 -36.26 5.89 -2.20
CA VAL F 279 -35.44 4.68 -1.97
C VAL F 279 -34.20 5.07 -1.12
N CYS F 280 -33.70 4.13 -0.28
CA CYS F 280 -32.49 4.32 0.52
C CYS F 280 -31.28 4.38 -0.41
N ASP F 281 -30.25 5.16 -0.04
CA ASP F 281 -29.00 5.20 -0.79
C ASP F 281 -28.09 4.19 -0.08
N CYS F 282 -28.34 2.90 -0.36
CA CYS F 282 -27.67 1.74 0.25
C CYS F 282 -26.15 1.78 0.16
N ARG F 283 -25.49 1.33 1.25
CA ARG F 283 -24.04 1.24 1.42
C ARG F 283 -23.67 -0.11 2.05
N HIS F 284 -22.37 -0.35 2.35
CA HIS F 284 -21.81 -1.60 2.90
C HIS F 284 -22.02 -2.79 1.93
N ASN F 285 -21.99 -2.49 0.62
CA ASN F 285 -22.16 -3.43 -0.50
C ASN F 285 -23.56 -4.08 -0.51
N THR F 286 -24.61 -3.27 -0.22
CA THR F 286 -26.00 -3.74 -0.22
C THR F 286 -26.84 -3.01 -1.29
N ALA F 287 -28.02 -3.58 -1.58
CA ALA F 287 -29.00 -3.05 -2.53
C ALA F 287 -30.40 -3.38 -2.01
N GLY F 288 -31.42 -2.70 -2.55
CA GLY F 288 -32.81 -2.87 -2.15
C GLY F 288 -33.47 -1.56 -1.76
N PRO F 289 -34.83 -1.51 -1.70
CA PRO F 289 -35.50 -0.25 -1.33
C PRO F 289 -35.27 0.14 0.13
N GLU F 290 -35.12 -0.86 1.02
CA GLU F 290 -34.89 -0.72 2.47
C GLU F 290 -33.55 -1.35 2.88
N CYS F 291 -32.66 -1.61 1.88
CA CYS F 291 -31.36 -2.28 2.04
C CYS F 291 -31.51 -3.70 2.64
N ASP F 292 -32.69 -4.33 2.39
CA ASP F 292 -33.08 -5.65 2.88
C ASP F 292 -32.29 -6.80 2.26
N ARG F 293 -31.85 -6.64 1.00
CA ARG F 293 -31.09 -7.68 0.31
C ARG F 293 -29.61 -7.25 0.11
N CYS F 294 -28.84 -8.00 -0.68
CA CYS F 294 -27.44 -7.70 -0.91
C CYS F 294 -27.07 -7.61 -2.38
N LYS F 295 -26.19 -6.64 -2.71
CA LYS F 295 -25.67 -6.32 -4.05
C LYS F 295 -25.10 -7.58 -4.74
N PRO F 296 -25.28 -7.77 -6.08
CA PRO F 296 -24.73 -8.97 -6.74
C PRO F 296 -23.23 -9.12 -6.53
N PHE F 297 -22.76 -10.39 -6.45
CA PHE F 297 -21.37 -10.80 -6.24
C PHE F 297 -20.88 -10.48 -4.81
N HIS F 298 -21.83 -10.29 -3.86
CA HIS F 298 -21.52 -10.02 -2.46
C HIS F 298 -22.27 -11.02 -1.55
N TYR F 299 -22.49 -12.24 -2.03
CA TYR F 299 -23.20 -13.29 -1.30
C TYR F 299 -22.26 -14.23 -0.52
N ASP F 300 -21.17 -13.67 0.06
CA ASP F 300 -20.20 -14.44 0.83
C ASP F 300 -20.66 -14.65 2.28
N ARG F 301 -21.63 -13.84 2.73
CA ARG F 301 -22.20 -13.88 4.09
C ARG F 301 -23.73 -13.63 4.02
N PRO F 302 -24.56 -14.30 4.87
CA PRO F 302 -26.01 -14.04 4.81
C PRO F 302 -26.34 -12.63 5.30
N TRP F 303 -27.37 -12.01 4.70
CA TRP F 303 -27.79 -10.64 5.05
C TRP F 303 -28.16 -10.51 6.52
N GLN F 304 -27.68 -9.42 7.14
CA GLN F 304 -27.95 -9.12 8.54
C GLN F 304 -28.03 -7.60 8.73
N ARG F 305 -29.04 -7.15 9.52
CA ARG F 305 -29.30 -5.75 9.84
C ARG F 305 -28.16 -5.21 10.73
N ALA F 306 -27.74 -3.97 10.49
CA ALA F 306 -26.65 -3.33 11.23
C ALA F 306 -27.02 -2.96 12.67
N THR F 307 -26.07 -3.17 13.60
CA THR F 307 -26.20 -2.85 15.02
C THR F 307 -25.16 -1.78 15.41
N ALA F 308 -25.24 -1.24 16.64
CA ALA F 308 -24.32 -0.21 17.13
C ALA F 308 -22.88 -0.68 17.24
N ARG F 309 -22.67 -1.90 17.76
CA ARG F 309 -21.33 -2.48 17.95
C ARG F 309 -20.75 -3.07 16.67
N GLU F 310 -21.59 -3.80 15.88
CA GLU F 310 -21.15 -4.43 14.63
C GLU F 310 -21.78 -3.79 13.39
N ALA F 311 -20.93 -3.40 12.42
CA ALA F 311 -21.33 -2.76 11.16
C ALA F 311 -22.20 -3.65 10.27
N ASN F 312 -21.95 -4.98 10.29
CA ASN F 312 -22.66 -6.02 9.53
C ASN F 312 -22.69 -5.72 8.01
N GLU F 313 -21.51 -5.44 7.44
CA GLU F 313 -21.31 -5.15 6.03
C GLU F 313 -21.50 -6.41 5.19
N CYS F 314 -21.86 -6.25 3.91
CA CYS F 314 -22.04 -7.39 3.01
C CYS F 314 -20.69 -7.75 2.36
N VAL F 315 -20.16 -8.94 2.69
CA VAL F 315 -18.85 -9.46 2.25
C VAL F 315 -18.83 -9.82 0.76
N ALA F 316 -17.82 -9.28 0.04
CA ALA F 316 -17.61 -9.50 -1.38
C ALA F 316 -17.04 -10.88 -1.68
N CYS F 317 -17.46 -11.46 -2.82
CA CYS F 317 -16.99 -12.77 -3.30
C CYS F 317 -15.59 -12.63 -3.88
N ASN F 318 -14.81 -13.72 -3.88
CA ASN F 318 -13.48 -13.76 -4.48
C ASN F 318 -13.39 -14.94 -5.43
N CYS F 319 -13.28 -14.65 -6.74
CA CYS F 319 -13.20 -15.66 -7.78
C CYS F 319 -11.89 -15.60 -8.58
N ASN F 320 -10.93 -14.77 -8.10
CA ASN F 320 -9.60 -14.52 -8.69
C ASN F 320 -9.68 -14.08 -10.17
N LEU F 321 -10.76 -13.31 -10.48
CA LEU F 321 -11.10 -12.76 -11.80
C LEU F 321 -11.34 -13.85 -12.86
N HIS F 322 -12.03 -14.94 -12.46
CA HIS F 322 -12.35 -16.05 -13.34
C HIS F 322 -13.86 -16.30 -13.46
N ALA F 323 -14.66 -15.72 -12.55
CA ALA F 323 -16.11 -15.85 -12.57
C ALA F 323 -16.77 -14.50 -12.30
N ARG F 324 -17.87 -14.22 -13.02
CA ARG F 324 -18.63 -12.98 -12.88
C ARG F 324 -19.79 -13.12 -11.89
N ARG F 325 -20.25 -14.37 -11.65
CA ARG F 325 -21.37 -14.67 -10.74
C ARG F 325 -20.98 -15.67 -9.65
N CYS F 326 -21.35 -15.36 -8.39
CA CYS F 326 -21.11 -16.21 -7.22
C CYS F 326 -22.46 -16.49 -6.49
N ARG F 327 -22.55 -17.64 -5.81
CA ARG F 327 -23.77 -18.06 -5.10
C ARG F 327 -23.45 -18.42 -3.64
N PHE F 328 -24.41 -18.21 -2.73
CA PHE F 328 -24.25 -18.53 -1.32
C PHE F 328 -24.66 -19.97 -1.03
N ASN F 329 -23.78 -20.71 -0.33
CA ASN F 329 -24.02 -22.08 0.08
C ASN F 329 -24.10 -22.11 1.60
N MET F 330 -25.27 -22.53 2.13
CA MET F 330 -25.53 -22.61 3.57
C MET F 330 -24.65 -23.68 4.24
N GLU F 331 -24.53 -24.85 3.60
CA GLU F 331 -23.74 -25.99 4.08
C GLU F 331 -22.25 -25.64 4.20
N LEU F 332 -21.71 -24.91 3.19
CA LEU F 332 -20.31 -24.46 3.19
C LEU F 332 -20.07 -23.40 4.26
N TYR F 333 -21.08 -22.54 4.51
CA TYR F 333 -21.03 -21.50 5.54
C TYR F 333 -21.06 -22.15 6.92
N LYS F 334 -21.79 -23.28 7.04
CA LYS F 334 -21.90 -24.08 8.26
C LYS F 334 -20.58 -24.83 8.51
N LEU F 335 -19.96 -25.38 7.43
CA LEU F 335 -18.69 -26.10 7.48
C LEU F 335 -17.50 -25.20 7.77
N SER F 336 -17.60 -23.90 7.43
CA SER F 336 -16.56 -22.89 7.66
C SER F 336 -16.61 -22.32 9.10
N GLY F 337 -17.66 -22.68 9.84
CA GLY F 337 -17.87 -22.22 11.21
C GLY F 337 -18.37 -20.79 11.24
N ARG F 338 -19.40 -20.50 10.42
CA ARG F 338 -20.06 -19.18 10.26
C ARG F 338 -19.07 -18.08 9.86
N LYS F 339 -18.14 -18.39 8.93
CA LYS F 339 -17.14 -17.45 8.44
C LYS F 339 -17.47 -16.97 7.01
N SER F 340 -17.41 -17.89 6.03
CA SER F 340 -17.68 -17.61 4.62
C SER F 340 -18.42 -18.78 3.97
N GLY F 341 -19.31 -18.46 3.02
CA GLY F 341 -20.10 -19.46 2.31
C GLY F 341 -20.34 -19.17 0.84
N GLY F 342 -19.54 -18.27 0.27
CA GLY F 342 -19.65 -17.89 -1.13
C GLY F 342 -18.88 -18.77 -2.09
N VAL F 343 -19.63 -19.49 -2.96
CA VAL F 343 -19.08 -20.39 -3.97
C VAL F 343 -19.31 -19.79 -5.37
N CYS F 344 -18.21 -19.60 -6.13
CA CYS F 344 -18.23 -19.03 -7.49
C CYS F 344 -18.94 -19.96 -8.48
N LEU F 345 -19.71 -19.36 -9.42
CA LEU F 345 -20.45 -20.12 -10.43
C LEU F 345 -19.79 -20.04 -11.81
N ASN F 346 -19.72 -21.18 -12.52
CA ASN F 346 -19.15 -21.36 -13.87
C ASN F 346 -17.75 -20.75 -13.99
N CYS F 347 -16.77 -21.39 -13.34
CA CYS F 347 -15.38 -20.96 -13.33
C CYS F 347 -14.74 -21.02 -14.72
N ARG F 348 -14.22 -19.87 -15.21
CA ARG F 348 -13.57 -19.77 -16.52
C ARG F 348 -12.06 -20.01 -16.44
N HIS F 349 -11.39 -20.07 -17.62
CA HIS F 349 -9.94 -20.26 -17.81
C HIS F 349 -9.42 -21.58 -17.24
N ASN F 350 -10.24 -22.66 -17.36
CA ASN F 350 -9.95 -24.04 -16.93
C ASN F 350 -9.54 -24.14 -15.46
N THR F 351 -10.34 -23.50 -14.58
CA THR F 351 -10.12 -23.48 -13.12
C THR F 351 -11.28 -24.16 -12.40
N ALA F 352 -11.06 -24.57 -11.14
CA ALA F 352 -12.07 -25.23 -10.29
C ALA F 352 -11.97 -24.77 -8.82
N GLY F 353 -12.96 -25.19 -8.01
CA GLY F 353 -12.97 -24.84 -6.58
C GLY F 353 -13.71 -23.54 -6.31
N ARG F 354 -14.15 -23.32 -5.06
CA ARG F 354 -14.75 -22.01 -4.72
C ARG F 354 -13.63 -20.98 -4.89
N HIS F 355 -12.39 -21.37 -4.57
CA HIS F 355 -11.21 -20.49 -4.79
C HIS F 355 -11.09 -20.22 -6.29
N CYS F 356 -11.52 -21.16 -7.14
CA CYS F 356 -11.51 -20.96 -8.62
C CYS F 356 -10.11 -21.03 -9.23
N HIS F 357 -9.19 -21.83 -8.67
CA HIS F 357 -7.87 -22.06 -9.34
C HIS F 357 -7.57 -23.57 -9.35
N TYR F 358 -7.32 -24.17 -10.53
CA TYR F 358 -7.13 -25.64 -10.60
C TYR F 358 -6.58 -26.08 -11.97
N CYS F 359 -6.28 -27.38 -12.12
CA CYS F 359 -5.73 -27.94 -13.40
C CYS F 359 -6.59 -29.13 -13.84
N LYS F 360 -6.50 -29.57 -15.11
CA LYS F 360 -7.39 -30.64 -15.63
C LYS F 360 -6.61 -31.81 -16.23
N GLU F 361 -7.28 -32.95 -16.49
CA GLU F 361 -6.64 -34.17 -17.05
C GLU F 361 -6.32 -33.97 -18.54
N GLY F 362 -5.45 -34.83 -19.12
CA GLY F 362 -5.01 -34.62 -20.51
C GLY F 362 -4.11 -33.39 -20.49
N TYR F 363 -3.83 -32.89 -19.29
CA TYR F 363 -3.03 -31.68 -19.06
C TYR F 363 -2.19 -31.81 -17.79
N TYR F 364 -1.06 -31.08 -17.73
CA TYR F 364 -0.14 -31.08 -16.59
C TYR F 364 0.32 -29.67 -16.22
N ARG F 365 0.64 -29.44 -14.93
CA ARG F 365 1.06 -28.14 -14.41
C ARG F 365 2.52 -27.77 -14.73
N ASP F 366 2.72 -26.50 -15.16
CA ASP F 366 4.04 -25.91 -15.47
C ASP F 366 4.58 -25.32 -14.16
N MET F 367 5.70 -25.87 -13.67
CA MET F 367 6.30 -25.47 -12.40
C MET F 367 6.97 -24.08 -12.41
N GLY F 368 7.34 -23.60 -13.59
CA GLY F 368 7.98 -22.29 -13.77
C GLY F 368 7.10 -21.10 -13.46
N LYS F 369 5.77 -21.27 -13.59
CA LYS F 369 4.76 -20.23 -13.35
C LYS F 369 3.74 -20.65 -12.27
N PRO F 370 3.23 -19.70 -11.43
CA PRO F 370 2.26 -20.10 -10.38
C PRO F 370 0.89 -20.54 -10.92
N ILE F 371 0.05 -21.10 -10.02
CA ILE F 371 -1.30 -21.62 -10.34
C ILE F 371 -2.26 -20.50 -10.81
N THR F 372 -2.08 -19.26 -10.32
CA THR F 372 -2.89 -18.09 -10.67
C THR F 372 -2.69 -17.62 -12.13
N HIS F 373 -1.54 -17.97 -12.75
CA HIS F 373 -1.19 -17.60 -14.12
C HIS F 373 -2.10 -18.26 -15.17
N ARG F 374 -2.22 -17.63 -16.35
CA ARG F 374 -3.03 -18.09 -17.49
C ARG F 374 -2.47 -19.41 -18.05
N LYS F 375 -1.15 -19.45 -18.28
CA LYS F 375 -0.45 -20.62 -18.81
C LYS F 375 0.09 -21.48 -17.65
N ALA F 376 -0.82 -21.87 -16.73
CA ALA F 376 -0.50 -22.70 -15.56
C ALA F 376 -0.52 -24.18 -15.92
N CYS F 377 -1.32 -24.56 -16.92
CA CYS F 377 -1.44 -25.95 -17.38
C CYS F 377 -1.01 -26.11 -18.84
N LYS F 378 0.05 -26.89 -19.06
CA LYS F 378 0.58 -27.21 -20.39
C LYS F 378 -0.16 -28.44 -20.92
N ALA F 379 -0.27 -28.56 -22.26
CA ALA F 379 -0.94 -29.68 -22.92
C ALA F 379 -0.13 -30.96 -22.82
N CYS F 380 -0.80 -32.07 -22.42
CA CYS F 380 -0.14 -33.36 -22.31
C CYS F 380 -0.41 -34.16 -23.59
N ASP F 381 0.55 -34.08 -24.53
CA ASP F 381 0.46 -34.68 -25.86
C ASP F 381 0.84 -36.17 -25.89
N CYS F 382 0.05 -37.00 -25.20
CA CYS F 382 0.27 -38.44 -25.13
C CYS F 382 -0.02 -39.10 -26.47
N HIS F 383 0.97 -39.85 -27.00
CA HIS F 383 0.90 -40.57 -28.27
C HIS F 383 -0.29 -41.53 -28.32
N PRO F 384 -1.08 -41.55 -29.42
CA PRO F 384 -2.26 -42.44 -29.47
C PRO F 384 -1.96 -43.93 -29.51
N VAL F 385 -0.78 -44.33 -30.04
CA VAL F 385 -0.40 -45.74 -30.12
C VAL F 385 0.64 -46.12 -29.05
N GLY F 386 1.42 -45.13 -28.61
CA GLY F 386 2.46 -45.31 -27.61
C GLY F 386 1.93 -45.39 -26.20
N ALA F 387 1.28 -44.31 -25.73
CA ALA F 387 0.71 -44.21 -24.39
C ALA F 387 -0.54 -45.08 -24.21
N ALA F 388 -0.79 -45.53 -22.97
CA ALA F 388 -1.94 -46.35 -22.61
C ALA F 388 -3.18 -45.47 -22.42
N GLY F 389 -3.03 -44.38 -21.66
CA GLY F 389 -4.08 -43.42 -21.38
C GLY F 389 -3.72 -42.01 -21.81
N LYS F 390 -4.69 -41.09 -21.70
CA LYS F 390 -4.54 -39.67 -22.06
C LYS F 390 -4.08 -38.85 -20.86
N THR F 391 -4.62 -39.18 -19.66
CA THR F 391 -4.29 -38.52 -18.39
C THR F 391 -2.87 -38.90 -17.94
N CYS F 392 -2.02 -37.88 -17.67
CA CYS F 392 -0.62 -38.04 -17.32
C CYS F 392 -0.26 -37.56 -15.91
N ASN F 393 1.07 -37.56 -15.60
CA ASN F 393 1.63 -37.10 -14.34
C ASN F 393 1.60 -35.57 -14.32
N GLN F 394 0.96 -34.98 -13.31
CA GLN F 394 0.76 -33.53 -13.17
C GLN F 394 2.00 -32.72 -12.81
N THR F 395 2.93 -33.28 -12.00
CA THR F 395 4.12 -32.54 -11.56
C THR F 395 5.31 -32.67 -12.54
N THR F 396 5.50 -33.84 -13.18
CA THR F 396 6.63 -34.07 -14.09
C THR F 396 6.28 -33.98 -15.58
N GLY F 397 5.07 -34.41 -15.94
CA GLY F 397 4.59 -34.42 -17.31
C GLY F 397 5.00 -35.69 -18.04
N GLN F 398 4.64 -36.85 -17.47
CA GLN F 398 4.96 -38.16 -18.02
C GLN F 398 3.69 -38.95 -18.33
N CYS F 399 3.52 -39.32 -19.61
CA CYS F 399 2.37 -40.09 -20.09
C CYS F 399 2.48 -41.56 -19.65
N PRO F 400 1.35 -42.26 -19.36
CA PRO F 400 1.45 -43.67 -18.96
C PRO F 400 1.86 -44.57 -20.13
N CYS F 401 3.18 -44.82 -20.24
CA CYS F 401 3.74 -45.64 -21.32
C CYS F 401 3.44 -47.12 -21.18
N LYS F 402 3.31 -47.79 -22.33
CA LYS F 402 3.05 -49.23 -22.44
C LYS F 402 4.29 -49.89 -23.03
N ASP F 403 4.65 -51.10 -22.54
CA ASP F 403 5.82 -51.90 -22.96
C ASP F 403 7.17 -51.21 -22.64
N GLY F 404 7.19 -50.45 -21.54
CA GLY F 404 8.36 -49.74 -21.05
C GLY F 404 8.98 -48.73 -22.00
N VAL F 405 8.14 -47.88 -22.63
CA VAL F 405 8.56 -46.83 -23.57
C VAL F 405 9.27 -45.69 -22.82
N THR F 406 10.48 -45.31 -23.28
CA THR F 406 11.33 -44.28 -22.67
C THR F 406 10.88 -42.83 -22.95
N GLY F 407 10.05 -42.64 -23.99
CA GLY F 407 9.55 -41.33 -24.39
C GLY F 407 8.78 -40.58 -23.32
N ILE F 408 8.95 -39.25 -23.28
CA ILE F 408 8.30 -38.33 -22.33
C ILE F 408 6.77 -38.30 -22.58
N THR F 409 6.39 -38.36 -23.87
CA THR F 409 5.01 -38.40 -24.35
C THR F 409 4.69 -39.77 -24.96
N CYS F 410 5.53 -40.78 -24.63
CA CYS F 410 5.48 -42.17 -25.09
C CYS F 410 5.62 -42.29 -26.62
N ASN F 411 6.62 -41.59 -27.19
CA ASN F 411 6.88 -41.53 -28.63
C ASN F 411 8.00 -42.43 -29.15
N ARG F 412 9.00 -42.79 -28.32
CA ARG F 412 10.12 -43.63 -28.79
C ARG F 412 10.24 -44.96 -28.04
N CYS F 413 10.49 -46.06 -28.78
CA CYS F 413 10.68 -47.40 -28.21
C CYS F 413 11.94 -47.46 -27.34
N ALA F 414 11.95 -48.34 -26.32
CA ALA F 414 13.08 -48.52 -25.42
C ALA F 414 14.28 -49.21 -26.12
N LYS F 415 15.42 -49.34 -25.40
CA LYS F 415 16.64 -49.98 -25.89
C LYS F 415 16.35 -51.45 -26.21
N GLY F 416 16.82 -51.88 -27.38
CA GLY F 416 16.63 -53.25 -27.87
C GLY F 416 15.27 -53.54 -28.46
N TYR F 417 14.28 -52.68 -28.17
CA TYR F 417 12.90 -52.80 -28.64
C TYR F 417 12.72 -52.20 -30.03
N GLN F 418 11.99 -52.91 -30.90
CA GLN F 418 11.67 -52.51 -32.27
C GLN F 418 10.16 -52.25 -32.39
N GLN F 419 9.76 -51.28 -33.25
CA GLN F 419 8.36 -50.91 -33.47
C GLN F 419 7.55 -52.05 -34.11
N SER F 420 6.38 -52.36 -33.54
CA SER F 420 5.49 -53.44 -33.97
C SER F 420 4.17 -52.98 -34.62
N ARG F 421 3.53 -53.90 -35.38
CA ARG F 421 2.27 -53.70 -36.08
C ARG F 421 1.06 -53.77 -35.15
N SER F 422 1.19 -54.52 -34.02
CA SER F 422 0.11 -54.73 -33.04
C SER F 422 -0.23 -53.47 -32.24
N PRO F 423 -1.54 -53.14 -32.05
CA PRO F 423 -1.89 -51.95 -31.26
C PRO F 423 -1.77 -52.15 -29.75
N ILE F 424 -1.71 -53.42 -29.29
CA ILE F 424 -1.57 -53.80 -27.88
C ILE F 424 -0.08 -53.72 -27.49
N ALA F 425 0.81 -54.26 -28.34
CA ALA F 425 2.25 -54.23 -28.11
C ALA F 425 2.95 -53.33 -29.15
N PRO F 426 3.20 -52.03 -28.83
CA PRO F 426 3.85 -51.14 -29.81
C PRO F 426 5.35 -51.39 -29.98
N CYS F 427 6.04 -51.90 -28.94
CA CYS F 427 7.47 -52.21 -28.98
C CYS F 427 7.74 -53.67 -28.60
N ILE F 428 8.55 -54.39 -29.39
CA ILE F 428 8.92 -55.79 -29.16
C ILE F 428 10.44 -55.93 -29.06
N LYS F 429 10.91 -56.60 -27.99
CA LYS F 429 12.33 -56.85 -27.72
C LYS F 429 12.86 -57.96 -28.61
N THR G 2 -34.49 43.81 10.83
CA THR G 2 -34.16 43.92 9.40
C THR G 2 -35.30 43.37 8.52
N GLY G 3 -35.50 42.05 8.54
CA GLY G 3 -36.51 41.40 7.73
C GLY G 3 -37.50 40.56 8.51
N GLU G 4 -38.71 41.12 8.70
CA GLU G 4 -39.82 40.48 9.41
C GLU G 4 -41.02 40.24 8.48
N THR G 5 -40.79 40.37 7.15
CA THR G 5 -41.80 40.16 6.11
C THR G 5 -42.14 38.65 5.94
N ARG G 6 -41.17 37.77 6.30
CA ARG G 6 -41.31 36.31 6.20
C ARG G 6 -40.91 35.60 7.49
N VAL G 7 -41.31 34.32 7.61
CA VAL G 7 -41.03 33.42 8.74
C VAL G 7 -39.57 32.91 8.61
N PRO G 8 -38.76 32.79 9.70
CA PRO G 8 -37.36 32.34 9.54
C PRO G 8 -37.16 31.00 8.86
N GLU G 9 -36.03 30.87 8.14
CA GLU G 9 -35.66 29.67 7.40
C GLU G 9 -35.25 28.52 8.34
N VAL G 10 -35.26 27.29 7.82
CA VAL G 10 -34.87 26.07 8.52
C VAL G 10 -33.38 26.13 8.97
N PRO G 11 -33.03 25.83 10.25
CA PRO G 11 -31.62 25.89 10.67
C PRO G 11 -30.71 24.93 9.87
N SER G 12 -29.43 25.29 9.70
CA SER G 12 -28.46 24.52 8.92
C SER G 12 -28.08 23.16 9.54
N SER G 13 -27.68 23.12 10.84
CA SER G 13 -27.31 21.86 11.49
C SER G 13 -27.82 21.72 12.93
N LEU G 14 -27.88 20.47 13.42
CA LEU G 14 -28.33 20.10 14.77
C LEU G 14 -27.57 18.85 15.22
N HIS G 15 -26.93 18.92 16.40
CA HIS G 15 -26.14 17.81 16.96
C HIS G 15 -26.41 17.61 18.44
N VAL G 16 -26.79 16.38 18.81
CA VAL G 16 -27.07 15.98 20.19
C VAL G 16 -25.93 15.12 20.78
N ARG G 17 -25.83 15.08 22.12
CA ARG G 17 -24.85 14.29 22.85
C ARG G 17 -25.52 13.79 24.13
N PRO G 18 -25.98 12.51 24.16
CA PRO G 18 -26.68 12.01 25.36
C PRO G 18 -25.76 11.58 26.49
N LEU G 19 -26.14 11.94 27.72
CA LEU G 19 -25.45 11.59 28.95
C LEU G 19 -26.40 10.80 29.87
N VAL G 20 -26.00 10.56 31.12
CA VAL G 20 -26.78 9.80 32.11
C VAL G 20 -28.15 10.45 32.40
N THR G 21 -28.17 11.77 32.68
CA THR G 21 -29.39 12.53 33.02
C THR G 21 -29.52 13.84 32.23
N SER G 22 -28.67 14.05 31.20
CA SER G 22 -28.66 15.26 30.39
C SER G 22 -28.37 15.00 28.90
N ILE G 23 -28.71 15.98 28.01
CA ILE G 23 -28.44 15.90 26.57
C ILE G 23 -27.84 17.23 26.05
N VAL G 24 -26.58 17.19 25.59
CA VAL G 24 -25.88 18.36 25.07
C VAL G 24 -26.33 18.62 23.63
N VAL G 25 -27.07 19.70 23.42
CA VAL G 25 -27.59 20.09 22.10
C VAL G 25 -26.72 21.22 21.52
N SER G 26 -26.32 21.08 20.25
CA SER G 26 -25.51 22.05 19.52
C SER G 26 -26.17 22.34 18.17
N TRP G 27 -26.10 23.60 17.70
CA TRP G 27 -26.72 24.00 16.44
C TRP G 27 -25.97 25.14 15.73
N THR G 28 -26.43 25.47 14.50
CA THR G 28 -25.90 26.54 13.66
C THR G 28 -27.08 27.30 13.00
N PRO G 29 -27.06 28.66 12.99
CA PRO G 29 -28.17 29.43 12.39
C PRO G 29 -28.42 29.14 10.90
N PRO G 30 -29.62 29.46 10.34
CA PRO G 30 -29.85 29.22 8.90
C PRO G 30 -28.91 30.01 7.98
N GLU G 31 -28.69 29.50 6.75
CA GLU G 31 -27.81 30.11 5.74
C GLU G 31 -28.26 31.51 5.31
N ASN G 32 -29.59 31.76 5.23
CA ASN G 32 -30.16 33.05 4.84
C ASN G 32 -30.10 34.05 6.00
N GLN G 33 -29.58 35.26 5.72
CA GLN G 33 -29.45 36.34 6.71
C GLN G 33 -30.46 37.47 6.51
N ASN G 34 -31.14 37.50 5.34
CA ASN G 34 -32.14 38.52 4.99
C ASN G 34 -33.31 38.56 5.97
N ILE G 35 -33.72 37.39 6.49
CA ILE G 35 -34.79 37.24 7.47
C ILE G 35 -34.14 37.20 8.86
N VAL G 36 -34.46 38.21 9.70
CA VAL G 36 -33.91 38.36 11.05
C VAL G 36 -34.42 37.24 12.00
N VAL G 37 -33.53 36.76 12.89
CA VAL G 37 -33.86 35.71 13.86
C VAL G 37 -33.64 36.22 15.29
N ARG G 38 -34.69 36.14 16.13
CA ARG G 38 -34.62 36.61 17.52
C ARG G 38 -34.06 35.57 18.48
N GLY G 39 -34.28 34.28 18.17
CA GLY G 39 -33.78 33.20 19.01
C GLY G 39 -34.07 31.78 18.53
N TYR G 40 -33.78 30.81 19.39
CA TYR G 40 -33.97 29.37 19.14
C TYR G 40 -34.90 28.74 20.18
N ALA G 41 -35.73 27.80 19.73
CA ALA G 41 -36.67 27.09 20.59
C ALA G 41 -36.40 25.58 20.60
N ILE G 42 -35.85 25.07 21.73
CA ILE G 42 -35.54 23.66 21.92
C ILE G 42 -36.80 22.94 22.43
N GLY G 43 -37.24 21.92 21.72
CA GLY G 43 -38.41 21.12 22.09
C GLY G 43 -38.04 19.66 22.28
N TYR G 44 -38.04 19.19 23.54
CA TYR G 44 -37.64 17.82 23.86
C TYR G 44 -38.76 16.97 24.51
N GLY G 45 -38.49 15.68 24.71
CA GLY G 45 -39.41 14.72 25.31
C GLY G 45 -39.27 13.30 24.80
N ILE G 46 -39.70 12.31 25.62
CA ILE G 46 -39.65 10.89 25.29
C ILE G 46 -40.69 10.55 24.22
N GLY G 47 -40.24 9.97 23.12
CA GLY G 47 -41.09 9.57 22.01
C GLY G 47 -41.47 10.70 21.07
N SER G 48 -41.98 11.80 21.63
CA SER G 48 -42.38 12.99 20.87
C SER G 48 -41.64 14.21 21.41
N PRO G 49 -41.36 15.24 20.58
CA PRO G 49 -40.66 16.43 21.11
C PRO G 49 -41.57 17.44 21.81
N HIS G 50 -42.89 17.18 21.84
CA HIS G 50 -43.93 18.04 22.40
C HIS G 50 -43.96 18.20 23.93
N ALA G 51 -43.24 17.34 24.68
CA ALA G 51 -43.25 17.35 26.16
C ALA G 51 -42.88 18.69 26.81
N GLN G 52 -41.69 19.26 26.48
CA GLN G 52 -41.24 20.55 27.03
C GLN G 52 -40.55 21.44 26.00
N THR G 53 -40.61 22.78 26.21
CA THR G 53 -40.04 23.78 25.31
C THR G 53 -39.18 24.82 26.04
N ILE G 54 -37.93 24.99 25.61
CA ILE G 54 -36.98 25.96 26.15
C ILE G 54 -36.60 26.96 25.06
N LYS G 55 -36.93 28.24 25.27
CA LYS G 55 -36.63 29.33 24.33
C LYS G 55 -35.39 30.10 24.78
N VAL G 56 -34.41 30.25 23.87
CA VAL G 56 -33.14 30.94 24.11
C VAL G 56 -32.90 32.08 23.11
N ASP G 57 -31.93 32.98 23.41
CA ASP G 57 -31.58 34.12 22.56
C ASP G 57 -30.84 33.67 21.28
N TYR G 58 -30.80 34.55 20.25
CA TYR G 58 -30.16 34.29 18.95
C TYR G 58 -28.65 34.08 19.04
N LYS G 59 -27.98 34.64 20.06
CA LYS G 59 -26.53 34.54 20.26
C LYS G 59 -26.09 33.12 20.65
N GLN G 60 -26.96 32.39 21.39
CA GLN G 60 -26.71 31.03 21.87
C GLN G 60 -26.54 30.02 20.72
N ARG G 61 -25.52 29.14 20.82
CA ARG G 61 -25.21 28.12 19.81
C ARG G 61 -25.25 26.69 20.36
N TYR G 62 -25.19 26.53 21.71
CA TYR G 62 -25.22 25.24 22.40
C TYR G 62 -26.01 25.32 23.71
N TYR G 63 -26.70 24.22 24.09
CA TYR G 63 -27.52 24.13 25.30
C TYR G 63 -27.65 22.69 25.79
N THR G 64 -27.38 22.45 27.09
CA THR G 64 -27.46 21.13 27.71
C THR G 64 -28.81 20.95 28.43
N ILE G 65 -29.68 20.06 27.90
CA ILE G 65 -31.00 19.79 28.49
C ILE G 65 -30.80 18.94 29.75
N GLU G 66 -31.11 19.50 30.93
CA GLU G 66 -30.93 18.85 32.23
C GLU G 66 -32.17 18.10 32.73
N ASN G 67 -32.03 17.39 33.88
CA ASN G 67 -33.06 16.60 34.58
C ASN G 67 -33.86 15.66 33.66
N LEU G 68 -33.20 14.59 33.20
CA LEU G 68 -33.83 13.62 32.30
C LEU G 68 -33.80 12.21 32.89
N ASP G 69 -34.59 11.30 32.30
CA ASP G 69 -34.66 9.91 32.74
C ASP G 69 -33.45 9.08 32.26
N PRO G 70 -33.01 8.06 33.02
CA PRO G 70 -31.76 7.35 32.68
C PRO G 70 -31.67 6.65 31.32
N SER G 71 -32.57 5.71 30.97
CA SER G 71 -32.42 4.97 29.72
C SER G 71 -33.48 5.32 28.66
N SER G 72 -34.13 6.47 28.81
CA SER G 72 -35.19 6.95 27.93
C SER G 72 -34.70 7.48 26.58
N HIS G 73 -35.58 7.39 25.56
CA HIS G 73 -35.32 7.81 24.17
C HIS G 73 -36.05 9.13 23.91
N TYR G 74 -35.28 10.23 23.91
CA TYR G 74 -35.77 11.58 23.70
C TYR G 74 -35.68 12.01 22.25
N VAL G 75 -36.63 12.84 21.82
CA VAL G 75 -36.68 13.44 20.48
C VAL G 75 -36.54 14.96 20.68
N ILE G 76 -35.43 15.53 20.22
CA ILE G 76 -35.13 16.97 20.35
C ILE G 76 -35.43 17.69 19.02
N THR G 77 -36.11 18.85 19.10
CA THR G 77 -36.53 19.66 17.97
C THR G 77 -36.03 21.09 18.10
N LEU G 78 -35.40 21.62 17.03
CA LEU G 78 -34.87 22.99 17.02
C LEU G 78 -35.58 23.87 15.99
N LYS G 79 -36.12 24.99 16.47
CA LYS G 79 -36.84 25.98 15.67
C LYS G 79 -36.19 27.35 15.79
N ALA G 80 -36.18 28.11 14.69
CA ALA G 80 -35.64 29.48 14.67
C ALA G 80 -36.84 30.42 14.73
N PHE G 81 -36.92 31.30 15.75
CA PHE G 81 -38.07 32.18 15.90
C PHE G 81 -37.73 33.67 15.96
N ASN G 82 -38.66 34.50 15.45
CA ASN G 82 -38.59 35.96 15.44
C ASN G 82 -39.93 36.55 15.93
N ASN G 83 -40.25 37.81 15.56
CA ASN G 83 -41.48 38.48 15.97
C ASN G 83 -42.72 38.03 15.18
N VAL G 84 -42.53 37.59 13.91
CA VAL G 84 -43.64 37.14 13.06
C VAL G 84 -44.06 35.69 13.43
N GLY G 85 -43.13 34.89 13.95
CA GLY G 85 -43.40 33.51 14.36
C GLY G 85 -42.23 32.55 14.36
N GLU G 86 -42.56 31.24 14.49
CA GLU G 86 -41.60 30.13 14.53
C GLU G 86 -41.36 29.51 13.16
N GLY G 87 -40.09 29.26 12.83
CA GLY G 87 -39.65 28.68 11.57
C GLY G 87 -39.81 27.17 11.45
N ILE G 88 -39.26 26.62 10.35
CA ILE G 88 -39.31 25.18 10.02
C ILE G 88 -38.39 24.40 10.99
N PRO G 89 -38.91 23.34 11.66
CA PRO G 89 -38.06 22.62 12.64
C PRO G 89 -37.03 21.67 12.07
N LEU G 90 -36.02 21.35 12.89
CA LEU G 90 -34.93 20.41 12.61
C LEU G 90 -34.95 19.39 13.75
N TYR G 91 -35.17 18.10 13.42
CA TYR G 91 -35.33 17.02 14.40
C TYR G 91 -34.09 16.15 14.54
N GLU G 92 -33.92 15.57 15.74
CA GLU G 92 -32.86 14.61 16.10
C GLU G 92 -33.29 13.83 17.35
N SER G 93 -32.95 12.54 17.42
CA SER G 93 -33.29 11.70 18.57
C SER G 93 -32.06 11.11 19.26
N ALA G 94 -32.15 10.90 20.59
CA ALA G 94 -31.07 10.34 21.39
C ALA G 94 -31.59 9.50 22.56
N VAL G 95 -30.82 8.45 22.91
CA VAL G 95 -31.13 7.56 24.03
C VAL G 95 -30.13 7.85 25.14
N THR G 96 -30.63 8.34 26.29
CA THR G 96 -29.81 8.69 27.47
C THR G 96 -29.11 7.47 28.04
N ARG G 97 -27.88 7.67 28.56
CA ARG G 97 -27.07 6.54 29.09
C ARG G 97 -27.64 6.05 30.42
N PRO G 98 -27.72 4.72 30.67
CA PRO G 98 -28.31 4.19 31.90
C PRO G 98 -27.57 4.61 33.17
N HIS G 99 -28.31 4.89 34.25
CA HIS G 99 -27.67 5.31 35.53
C HIS G 99 -26.87 4.15 36.12
N THR G 100 -25.70 4.45 36.71
CA THR G 100 -24.86 3.40 37.34
C THR G 100 -25.61 2.80 38.54
N VAL G 101 -25.48 1.48 38.73
CA VAL G 101 -26.21 0.81 39.85
C VAL G 101 -25.20 0.42 40.93
N PRO G 102 -25.39 0.85 42.20
CA PRO G 102 -24.50 0.46 43.29
C PRO G 102 -24.55 -1.05 43.53
N ASP G 103 -23.40 -1.67 43.80
CA ASP G 103 -23.35 -3.14 44.02
C ASP G 103 -22.91 -3.41 45.46
N PRO G 104 -23.63 -4.27 46.23
CA PRO G 104 -23.23 -4.61 47.59
C PRO G 104 -21.87 -5.33 47.61
N THR G 105 -21.03 -5.01 48.60
CA THR G 105 -19.69 -5.64 48.71
C THR G 105 -19.88 -7.15 48.95
N PRO G 106 -19.09 -8.04 48.30
CA PRO G 106 -19.29 -9.48 48.44
C PRO G 106 -19.02 -9.99 49.86
N MET G 107 -19.70 -11.08 50.26
CA MET G 107 -19.48 -11.67 51.59
C MET G 107 -18.22 -12.54 51.58
N MET G 108 -17.82 -13.04 52.76
CA MET G 108 -16.67 -13.93 52.92
C MET G 108 -17.13 -15.35 52.58
N PRO G 109 -16.42 -16.09 51.70
CA PRO G 109 -16.88 -17.45 51.34
C PRO G 109 -16.67 -18.47 52.47
N PRO G 110 -17.38 -19.62 52.47
CA PRO G 110 -17.15 -20.61 53.54
C PRO G 110 -15.72 -21.20 53.52
N VAL G 111 -15.22 -21.56 54.71
CA VAL G 111 -13.88 -22.12 54.90
C VAL G 111 -13.96 -23.55 55.44
N GLY G 112 -12.83 -24.27 55.42
CA GLY G 112 -12.72 -25.65 55.89
C GLY G 112 -13.63 -26.63 55.18
N VAL G 113 -13.69 -26.55 53.84
CA VAL G 113 -14.51 -27.43 53.01
C VAL G 113 -13.82 -28.79 52.84
N GLN G 114 -14.40 -29.83 53.43
CA GLN G 114 -13.86 -31.20 53.40
C GLN G 114 -14.85 -32.21 52.85
N ALA G 115 -14.39 -33.03 51.90
CA ALA G 115 -15.17 -34.10 51.28
C ALA G 115 -14.93 -35.43 52.00
N SER G 116 -16.02 -36.05 52.50
CA SER G 116 -15.96 -37.32 53.22
C SER G 116 -16.77 -38.36 52.46
N ILE G 117 -16.06 -39.29 51.78
CA ILE G 117 -16.65 -40.36 50.98
C ILE G 117 -17.25 -41.44 51.86
N LEU G 118 -18.55 -41.68 51.70
CA LEU G 118 -19.30 -42.67 52.48
C LEU G 118 -19.50 -43.95 51.67
N SER G 119 -20.04 -43.83 50.44
CA SER G 119 -20.27 -44.96 49.56
C SER G 119 -19.97 -44.61 48.09
N HIS G 120 -20.30 -45.53 47.16
CA HIS G 120 -20.11 -45.42 45.71
C HIS G 120 -20.95 -44.30 45.06
N ASP G 121 -22.06 -43.90 45.72
CA ASP G 121 -22.98 -42.88 45.24
C ASP G 121 -23.24 -41.74 46.24
N THR G 122 -22.61 -41.80 47.43
CA THR G 122 -22.81 -40.80 48.47
C THR G 122 -21.50 -40.25 49.07
N ILE G 123 -21.39 -38.91 49.11
CA ILE G 123 -20.28 -38.15 49.70
C ILE G 123 -20.90 -37.00 50.52
N ARG G 124 -20.48 -36.85 51.79
CA ARG G 124 -20.97 -35.77 52.64
C ARG G 124 -19.96 -34.62 52.66
N ILE G 125 -20.45 -33.38 52.50
CA ILE G 125 -19.62 -32.18 52.45
C ILE G 125 -19.82 -31.36 53.71
N THR G 126 -18.70 -30.99 54.35
CA THR G 126 -18.67 -30.20 55.59
C THR G 126 -17.90 -28.90 55.40
N TRP G 127 -18.54 -27.78 55.73
CA TRP G 127 -17.96 -26.44 55.65
C TRP G 127 -18.23 -25.63 56.91
N ALA G 128 -17.38 -24.63 57.16
CA ALA G 128 -17.47 -23.71 58.30
C ALA G 128 -17.67 -22.26 57.81
N ASP G 129 -18.02 -21.35 58.73
CA ASP G 129 -18.23 -19.94 58.42
C ASP G 129 -17.67 -19.05 59.53
N ASN G 130 -16.64 -18.24 59.19
CA ASN G 130 -15.97 -17.33 60.13
C ASN G 130 -16.84 -16.13 60.49
N SER G 131 -17.83 -15.79 59.64
CA SER G 131 -18.77 -14.68 59.83
C SER G 131 -19.74 -14.93 61.00
N LEU G 132 -20.07 -16.22 61.24
CA LEU G 132 -20.98 -16.68 62.29
C LEU G 132 -20.37 -16.48 63.70
N PRO G 133 -21.03 -15.70 64.61
CA PRO G 133 -20.45 -15.51 65.94
C PRO G 133 -20.90 -16.56 66.95
N THR G 139 -30.41 -16.61 63.61
CA THR G 139 -30.94 -15.26 63.51
C THR G 139 -31.11 -14.83 62.05
N ASP G 140 -30.01 -14.81 61.27
CA ASP G 140 -30.01 -14.45 59.85
C ASP G 140 -30.83 -15.43 59.01
N SER G 141 -31.23 -15.01 57.80
CA SER G 141 -31.97 -15.87 56.88
C SER G 141 -31.09 -16.27 55.67
N ARG G 142 -29.77 -16.41 55.93
CA ARG G 142 -28.78 -16.81 54.93
C ARG G 142 -28.74 -18.32 54.73
N TYR G 143 -28.74 -18.74 53.46
CA TYR G 143 -28.70 -20.15 53.08
C TYR G 143 -27.45 -20.43 52.26
N TYR G 144 -26.89 -21.63 52.42
CA TYR G 144 -25.70 -22.06 51.69
C TYR G 144 -26.10 -22.87 50.45
N THR G 145 -25.28 -22.79 49.39
CA THR G 145 -25.53 -23.52 48.15
C THR G 145 -24.31 -24.40 47.83
N VAL G 146 -24.55 -25.67 47.45
CA VAL G 146 -23.51 -26.66 47.14
C VAL G 146 -23.55 -26.98 45.63
N ARG G 147 -22.37 -27.19 45.03
CA ARG G 147 -22.27 -27.55 43.60
C ARG G 147 -21.25 -28.67 43.37
N TRP G 148 -21.54 -29.57 42.41
CA TRP G 148 -20.67 -30.69 42.05
C TRP G 148 -20.76 -31.10 40.59
N LYS G 149 -19.63 -31.52 40.00
CA LYS G 149 -19.55 -31.94 38.60
C LYS G 149 -18.41 -32.92 38.34
N THR G 150 -18.68 -33.90 37.46
CA THR G 150 -17.71 -34.88 36.97
C THR G 150 -17.37 -34.50 35.53
N ASN G 151 -16.16 -34.83 35.07
CA ASN G 151 -15.73 -34.49 33.72
C ASN G 151 -16.34 -35.36 32.62
N ILE G 152 -16.94 -36.52 32.99
CA ILE G 152 -17.60 -37.41 32.02
C ILE G 152 -19.11 -37.55 32.34
N PRO G 153 -20.02 -37.24 31.38
CA PRO G 153 -19.80 -36.81 29.99
C PRO G 153 -19.24 -35.40 29.86
N ALA G 154 -18.82 -35.03 28.63
CA ALA G 154 -18.24 -33.74 28.29
C ALA G 154 -19.26 -32.61 28.26
N ASN G 155 -18.78 -31.38 28.56
CA ASN G 155 -19.52 -30.10 28.58
C ASN G 155 -20.79 -30.14 29.45
N THR G 156 -20.74 -30.91 30.57
CA THR G 156 -21.84 -30.99 31.54
C THR G 156 -21.75 -29.81 32.51
N LYS G 157 -22.86 -29.50 33.20
CA LYS G 157 -22.92 -28.38 34.14
C LYS G 157 -22.97 -28.84 35.59
N TYR G 158 -22.61 -27.93 36.53
CA TYR G 158 -22.59 -28.19 37.97
C TYR G 158 -24.01 -28.41 38.50
N LYS G 159 -24.19 -29.46 39.32
CA LYS G 159 -25.48 -29.76 39.93
C LYS G 159 -25.57 -28.94 41.22
N ASN G 160 -26.63 -28.11 41.35
CA ASN G 160 -26.83 -27.25 42.51
C ASN G 160 -27.82 -27.83 43.51
N ALA G 161 -27.60 -27.54 44.81
CA ALA G 161 -28.44 -27.98 45.93
C ALA G 161 -28.32 -27.01 47.11
N ASN G 162 -29.47 -26.57 47.67
CA ASN G 162 -29.53 -25.63 48.78
C ASN G 162 -29.48 -26.32 50.15
N ALA G 163 -28.73 -25.73 51.09
CA ALA G 163 -28.55 -26.23 52.46
C ALA G 163 -28.54 -25.11 53.48
N THR G 164 -29.33 -25.26 54.56
CA THR G 164 -29.44 -24.27 55.65
C THR G 164 -28.48 -24.57 56.82
N THR G 165 -28.00 -25.82 56.89
CA THR G 165 -27.04 -26.28 57.90
C THR G 165 -25.61 -26.25 57.33
N LEU G 166 -24.59 -26.45 58.20
CA LEU G 166 -23.17 -26.42 57.83
C LEU G 166 -22.66 -27.69 57.11
N SER G 167 -23.56 -28.60 56.69
CA SER G 167 -23.18 -29.84 56.00
C SER G 167 -24.25 -30.31 55.00
N TYR G 168 -23.83 -31.04 53.94
CA TYR G 168 -24.75 -31.56 52.93
C TYR G 168 -24.33 -32.94 52.39
N LEU G 169 -25.31 -33.85 52.30
CA LEU G 169 -25.18 -35.23 51.82
C LEU G 169 -25.50 -35.32 50.32
N VAL G 170 -24.47 -35.53 49.48
CA VAL G 170 -24.61 -35.63 48.02
C VAL G 170 -24.98 -37.06 47.62
N THR G 171 -26.09 -37.21 46.87
CA THR G 171 -26.58 -38.52 46.41
C THR G 171 -26.70 -38.58 44.87
N GLY G 172 -26.86 -39.79 44.34
CA GLY G 172 -27.01 -40.05 42.92
C GLY G 172 -25.73 -39.83 42.12
N LEU G 173 -24.61 -40.36 42.62
CA LEU G 173 -23.29 -40.25 41.98
C LEU G 173 -22.88 -41.57 41.33
N LYS G 174 -21.92 -41.51 40.38
CA LYS G 174 -21.39 -42.68 39.69
C LYS G 174 -20.23 -43.29 40.51
N PRO G 175 -19.99 -44.63 40.50
CA PRO G 175 -18.88 -45.18 41.30
C PRO G 175 -17.51 -44.98 40.64
N ASN G 176 -16.47 -44.77 41.47
CA ASN G 176 -15.06 -44.55 41.07
C ASN G 176 -14.91 -43.44 40.02
N THR G 177 -15.30 -42.21 40.39
CA THR G 177 -15.20 -41.04 39.53
C THR G 177 -14.96 -39.79 40.39
N LEU G 178 -13.97 -38.98 39.99
CA LEU G 178 -13.56 -37.76 40.67
C LEU G 178 -14.59 -36.62 40.50
N TYR G 179 -15.02 -36.05 41.63
CA TYR G 179 -15.96 -34.94 41.71
C TYR G 179 -15.34 -33.73 42.38
N GLU G 180 -15.71 -32.52 41.91
CA GLU G 180 -15.26 -31.27 42.50
C GLU G 180 -16.40 -30.64 43.28
N PHE G 181 -16.13 -30.19 44.51
CA PHE G 181 -17.13 -29.60 45.40
C PHE G 181 -16.73 -28.21 45.87
N SER G 182 -17.72 -27.31 45.98
CA SER G 182 -17.56 -25.95 46.47
C SER G 182 -18.88 -25.43 47.00
N VAL G 183 -18.82 -24.50 47.97
CA VAL G 183 -20.00 -23.92 48.60
C VAL G 183 -19.97 -22.40 48.60
N MET G 184 -21.16 -21.78 48.53
CA MET G 184 -21.33 -20.32 48.57
C MET G 184 -22.40 -19.95 49.59
N VAL G 185 -22.37 -18.69 50.07
CA VAL G 185 -23.37 -18.18 51.01
C VAL G 185 -24.17 -17.05 50.34
N THR G 186 -25.51 -17.09 50.48
CA THR G 186 -26.42 -16.10 49.90
C THR G 186 -27.31 -15.52 51.01
N LYS G 187 -27.17 -14.21 51.28
CA LYS G 187 -27.96 -13.51 52.31
C LYS G 187 -29.16 -12.77 51.71
N GLY G 188 -28.99 -12.24 50.50
CA GLY G 188 -30.03 -11.52 49.77
C GLY G 188 -29.50 -11.06 48.44
N ARG G 189 -29.45 -9.72 48.23
CA ARG G 189 -28.89 -9.10 47.03
C ARG G 189 -27.36 -9.25 47.11
N ARG G 190 -26.85 -9.39 48.35
CA ARG G 190 -25.45 -9.60 48.70
C ARG G 190 -25.22 -11.11 48.82
N SER G 191 -24.22 -11.64 48.08
CA SER G 191 -23.86 -13.06 48.09
C SER G 191 -22.38 -13.27 47.80
N SER G 192 -21.77 -14.24 48.50
CA SER G 192 -20.36 -14.57 48.35
C SER G 192 -20.10 -15.55 47.23
N THR G 193 -18.90 -15.46 46.62
CA THR G 193 -18.43 -16.33 45.55
C THR G 193 -18.20 -17.76 46.10
N TRP G 194 -17.90 -18.73 45.20
CA TRP G 194 -17.67 -20.13 45.56
C TRP G 194 -16.40 -20.32 46.38
N SER G 195 -16.47 -21.20 47.40
CA SER G 195 -15.35 -21.55 48.29
C SER G 195 -14.28 -22.35 47.56
N MET G 196 -13.13 -22.54 48.21
CA MET G 196 -12.01 -23.32 47.68
C MET G 196 -12.49 -24.72 47.28
N THR G 197 -12.13 -25.16 46.06
CA THR G 197 -12.55 -26.45 45.49
C THR G 197 -11.98 -27.63 46.28
N ALA G 198 -12.87 -28.54 46.73
CA ALA G 198 -12.54 -29.75 47.47
C ALA G 198 -12.91 -30.95 46.61
N HIS G 199 -11.93 -31.83 46.34
CA HIS G 199 -12.16 -33.00 45.49
C HIS G 199 -12.47 -34.27 46.26
N GLY G 200 -13.49 -34.99 45.79
CA GLY G 200 -13.95 -36.24 46.37
C GLY G 200 -14.18 -37.30 45.32
N ALA G 201 -13.43 -38.41 45.41
CA ALA G 201 -13.54 -39.53 44.48
C ALA G 201 -14.36 -40.66 45.10
N THR G 202 -15.43 -41.10 44.40
CA THR G 202 -16.34 -42.16 44.85
C THR G 202 -15.66 -43.52 44.97
N PHE G 203 -16.23 -44.41 45.80
CA PHE G 203 -15.73 -45.76 46.00
C PHE G 203 -16.04 -46.64 44.79
N GLU G 204 -15.18 -47.65 44.54
CA GLU G 204 -15.33 -48.60 43.44
C GLU G 204 -16.52 -49.54 43.70
N LEU G 205 -17.10 -50.10 42.62
CA LEU G 205 -18.24 -51.01 42.70
C LEU G 205 -18.16 -52.14 41.66
N VAL G 206 -18.95 -53.21 41.86
CA VAL G 206 -19.07 -54.38 40.98
C VAL G 206 -19.70 -53.88 39.66
N PRO G 207 -19.09 -54.17 38.48
CA PRO G 207 -19.67 -53.67 37.21
C PRO G 207 -21.12 -54.11 36.98
N THR G 208 -21.95 -53.18 36.49
CA THR G 208 -23.38 -53.40 36.25
C THR G 208 -23.77 -53.48 34.75
N SER G 209 -22.79 -53.34 33.85
CA SER G 209 -23.02 -53.42 32.40
C SER G 209 -21.98 -54.31 31.67
N PRO G 210 -22.39 -55.14 30.68
CA PRO G 210 -21.42 -55.99 29.98
C PRO G 210 -20.63 -55.26 28.87
N PRO G 211 -19.40 -55.74 28.48
CA PRO G 211 -18.64 -55.05 27.42
C PRO G 211 -19.34 -55.03 26.05
N LYS G 212 -19.46 -53.82 25.48
CA LYS G 212 -20.11 -53.55 24.21
C LYS G 212 -19.15 -53.68 23.01
N ASP G 213 -19.72 -53.67 21.78
CA ASP G 213 -19.06 -53.76 20.47
C ASP G 213 -18.15 -55.00 20.33
N VAL G 214 -18.76 -56.20 20.47
CA VAL G 214 -18.05 -57.47 20.33
C VAL G 214 -17.96 -57.80 18.83
N THR G 215 -16.74 -57.71 18.27
CA THR G 215 -16.49 -57.97 16.85
C THR G 215 -15.45 -59.07 16.63
N VAL G 216 -15.85 -60.12 15.89
CA VAL G 216 -15.03 -61.29 15.56
C VAL G 216 -14.83 -61.33 14.03
N VAL G 217 -13.56 -61.40 13.58
CA VAL G 217 -13.23 -61.43 12.14
C VAL G 217 -12.05 -62.40 11.84
N SER G 218 -12.10 -63.05 10.67
CA SER G 218 -11.09 -64.00 10.20
C SER G 218 -9.81 -63.27 9.81
N LYS G 219 -8.67 -63.68 10.41
CA LYS G 219 -7.36 -63.09 10.17
C LYS G 219 -6.80 -63.51 8.81
N GLU G 220 -6.38 -62.52 7.99
CA GLU G 220 -5.75 -62.76 6.69
C GLU G 220 -4.32 -63.23 6.97
N GLY G 221 -4.03 -64.46 6.60
CA GLY G 221 -2.76 -65.12 6.90
C GLY G 221 -2.98 -65.91 8.16
N LYS G 222 -2.87 -67.26 8.06
CA LYS G 222 -3.14 -68.25 9.10
C LYS G 222 -4.66 -68.24 9.40
N PRO G 223 -5.48 -68.91 8.57
CA PRO G 223 -6.95 -68.89 8.80
C PRO G 223 -7.41 -69.66 10.03
N ARG G 224 -6.54 -70.55 10.57
CA ARG G 224 -6.81 -71.35 11.78
C ARG G 224 -6.86 -70.47 13.04
N THR G 225 -6.35 -69.23 12.94
CA THR G 225 -6.32 -68.24 14.02
C THR G 225 -7.30 -67.11 13.71
N ILE G 226 -8.23 -66.83 14.65
CA ILE G 226 -9.25 -65.79 14.51
C ILE G 226 -9.20 -64.83 15.73
N ILE G 227 -9.02 -63.54 15.45
CA ILE G 227 -8.91 -62.45 16.44
C ILE G 227 -10.29 -61.94 16.93
N VAL G 228 -10.41 -61.75 18.26
CA VAL G 228 -11.61 -61.23 18.94
C VAL G 228 -11.33 -59.78 19.42
N ASN G 229 -12.23 -58.86 19.08
CA ASN G 229 -12.11 -57.45 19.45
C ASN G 229 -13.27 -56.97 20.31
N TRP G 230 -12.95 -56.32 21.44
CA TRP G 230 -13.95 -55.79 22.36
C TRP G 230 -13.60 -54.39 22.85
N GLN G 231 -14.61 -53.69 23.39
CA GLN G 231 -14.49 -52.34 23.94
C GLN G 231 -14.93 -52.36 25.43
N PRO G 232 -14.45 -51.42 26.29
CA PRO G 232 -14.86 -51.48 27.70
C PRO G 232 -16.32 -51.05 27.92
N PRO G 233 -17.05 -51.65 28.88
CA PRO G 233 -18.45 -51.25 29.10
C PRO G 233 -18.59 -49.83 29.66
N SER G 234 -19.80 -49.24 29.48
CA SER G 234 -20.13 -47.89 29.96
C SER G 234 -20.05 -47.82 31.49
N GLU G 235 -20.71 -48.76 32.18
CA GLU G 235 -20.71 -48.83 33.64
C GLU G 235 -19.56 -49.73 34.12
N ALA G 236 -18.32 -49.23 34.01
CA ALA G 236 -17.11 -49.94 34.44
C ALA G 236 -17.06 -50.01 35.96
N ASN G 237 -17.57 -48.95 36.64
CA ASN G 237 -17.65 -48.78 38.11
C ASN G 237 -16.31 -48.94 38.86
N GLY G 238 -15.20 -48.77 38.14
CA GLY G 238 -13.86 -48.88 38.70
C GLY G 238 -12.76 -49.19 37.71
N LYS G 239 -11.51 -49.31 38.23
CA LYS G 239 -10.33 -49.62 37.44
C LYS G 239 -10.34 -51.10 37.03
N ILE G 240 -10.45 -51.36 35.72
CA ILE G 240 -10.51 -52.72 35.16
C ILE G 240 -9.12 -53.36 35.17
N THR G 241 -9.01 -54.54 35.82
CA THR G 241 -7.75 -55.28 35.96
C THR G 241 -7.59 -56.41 34.93
N GLY G 242 -8.71 -56.96 34.45
CA GLY G 242 -8.71 -58.04 33.47
C GLY G 242 -9.99 -58.21 32.69
N TYR G 243 -9.98 -59.12 31.71
CA TYR G 243 -11.13 -59.46 30.87
C TYR G 243 -11.20 -60.96 30.67
N ILE G 244 -12.42 -61.53 30.72
CA ILE G 244 -12.62 -62.97 30.55
C ILE G 244 -13.37 -63.27 29.25
N ILE G 245 -12.73 -64.00 28.33
CA ILE G 245 -13.31 -64.39 27.03
C ILE G 245 -13.81 -65.83 27.12
N TYR G 246 -15.04 -66.07 26.62
CA TYR G 246 -15.69 -67.39 26.61
C TYR G 246 -16.00 -67.79 25.17
N TYR G 247 -15.58 -69.01 24.77
CA TYR G 247 -15.84 -69.50 23.41
C TYR G 247 -16.20 -70.99 23.38
N SER G 248 -17.31 -71.33 22.71
CA SER G 248 -17.81 -72.70 22.58
C SER G 248 -18.67 -72.88 21.33
N THR G 249 -18.79 -74.14 20.86
CA THR G 249 -19.59 -74.51 19.69
C THR G 249 -21.09 -74.46 19.96
N ASP G 250 -21.50 -74.74 21.23
CA ASP G 250 -22.90 -74.73 21.66
C ASP G 250 -23.20 -73.59 22.64
N VAL G 251 -24.32 -72.87 22.41
CA VAL G 251 -24.77 -71.75 23.23
C VAL G 251 -25.63 -72.16 24.42
N ASN G 252 -26.52 -73.14 24.22
CA ASN G 252 -27.46 -73.66 25.23
C ASN G 252 -26.76 -74.28 26.46
N ALA G 253 -25.48 -74.67 26.32
CA ALA G 253 -24.66 -75.22 27.40
C ALA G 253 -24.25 -74.11 28.37
N GLU G 254 -24.24 -74.43 29.69
CA GLU G 254 -23.87 -73.49 30.75
C GLU G 254 -22.38 -73.12 30.76
N ILE G 255 -22.02 -72.08 31.55
CA ILE G 255 -20.67 -71.51 31.71
C ILE G 255 -19.59 -72.57 32.03
N HIS G 256 -19.93 -73.58 32.86
CA HIS G 256 -19.01 -74.66 33.24
C HIS G 256 -18.50 -75.48 32.05
N ASP G 257 -19.32 -75.59 30.98
CA ASP G 257 -18.97 -76.30 29.74
C ASP G 257 -18.07 -75.44 28.85
N TRP G 258 -18.31 -74.10 28.82
CA TRP G 258 -17.55 -73.12 28.04
C TRP G 258 -16.12 -72.97 28.59
N VAL G 259 -15.12 -72.92 27.69
CA VAL G 259 -13.71 -72.77 28.09
C VAL G 259 -13.40 -71.33 28.50
N ILE G 260 -12.70 -71.18 29.64
CA ILE G 260 -12.30 -69.90 30.21
C ILE G 260 -10.99 -69.45 29.58
N GLU G 261 -10.92 -68.18 29.12
CA GLU G 261 -9.71 -67.62 28.51
C GLU G 261 -9.44 -66.18 29.04
N PRO G 262 -9.01 -66.04 30.32
CA PRO G 262 -8.78 -64.70 30.87
C PRO G 262 -7.53 -64.00 30.34
N VAL G 263 -7.59 -62.65 30.25
CA VAL G 263 -6.50 -61.79 29.77
C VAL G 263 -6.26 -60.60 30.72
N VAL G 264 -5.34 -59.68 30.34
CA VAL G 264 -4.99 -58.49 31.11
C VAL G 264 -5.94 -57.31 30.73
N GLY G 265 -6.21 -56.44 31.70
CA GLY G 265 -7.11 -55.30 31.56
C GLY G 265 -6.64 -54.19 30.65
N ASN G 266 -5.31 -53.95 30.59
CA ASN G 266 -4.72 -52.89 29.77
C ASN G 266 -4.73 -53.21 28.26
N ARG G 267 -5.01 -54.48 27.89
CA ARG G 267 -5.10 -54.93 26.50
C ARG G 267 -6.51 -55.36 26.16
N LEU G 268 -7.03 -54.83 25.03
CA LEU G 268 -8.39 -55.08 24.55
C LEU G 268 -8.47 -56.03 23.34
N THR G 269 -7.36 -56.75 23.07
CA THR G 269 -7.25 -57.72 21.97
C THR G 269 -6.54 -59.00 22.42
N HIS G 270 -6.94 -60.15 21.85
CA HIS G 270 -6.35 -61.45 22.16
C HIS G 270 -6.47 -62.42 20.98
N GLN G 271 -5.32 -62.99 20.55
CA GLN G 271 -5.25 -63.94 19.44
C GLN G 271 -5.48 -65.36 19.94
N ILE G 272 -6.46 -66.06 19.35
CA ILE G 272 -6.81 -67.45 19.73
C ILE G 272 -6.27 -68.41 18.65
N GLN G 273 -5.41 -69.35 19.07
CA GLN G 273 -4.79 -70.34 18.18
C GLN G 273 -5.42 -71.72 18.34
N GLU G 274 -5.23 -72.58 17.31
CA GLU G 274 -5.72 -73.98 17.22
C GLU G 274 -7.24 -74.07 17.32
N LEU G 275 -7.94 -73.56 16.29
CA LEU G 275 -9.41 -73.57 16.22
C LEU G 275 -9.89 -74.62 15.23
N THR G 276 -10.92 -75.41 15.62
CA THR G 276 -11.50 -76.49 14.83
C THR G 276 -12.17 -76.00 13.53
N LEU G 277 -12.11 -76.83 12.47
CA LEU G 277 -12.66 -76.54 11.14
C LEU G 277 -14.13 -76.95 11.03
N ASP G 278 -14.91 -76.17 10.24
CA ASP G 278 -16.35 -76.34 9.95
C ASP G 278 -17.19 -76.42 11.25
N THR G 279 -16.94 -75.46 12.17
CA THR G 279 -17.63 -75.36 13.46
C THR G 279 -18.08 -73.92 13.73
N PRO G 280 -19.37 -73.69 14.08
CA PRO G 280 -19.80 -72.31 14.36
C PRO G 280 -19.46 -71.87 15.78
N TYR G 281 -18.56 -70.87 15.88
CA TYR G 281 -18.07 -70.32 17.15
C TYR G 281 -18.95 -69.18 17.68
N TYR G 282 -19.15 -69.17 19.01
CA TYR G 282 -19.92 -68.16 19.74
C TYR G 282 -19.02 -67.50 20.79
N PHE G 283 -19.16 -66.17 20.98
CA PHE G 283 -18.31 -65.42 21.91
C PHE G 283 -19.07 -64.60 22.96
N LYS G 284 -18.50 -64.54 24.18
CA LYS G 284 -19.01 -63.79 25.34
C LYS G 284 -17.82 -63.25 26.15
N ILE G 285 -17.78 -61.93 26.39
CA ILE G 285 -16.70 -61.26 27.14
C ILE G 285 -17.24 -60.63 28.43
N GLN G 286 -16.46 -60.71 29.54
CA GLN G 286 -16.79 -60.14 30.85
C GLN G 286 -15.62 -59.32 31.39
N ALA G 287 -15.92 -58.28 32.20
CA ALA G 287 -14.91 -57.40 32.80
C ALA G 287 -14.63 -57.72 34.27
N ARG G 288 -13.38 -57.47 34.72
CA ARG G 288 -12.92 -57.73 36.08
C ARG G 288 -12.71 -56.46 36.89
N ASN G 289 -13.09 -56.50 38.18
CA ASN G 289 -12.95 -55.40 39.13
C ASN G 289 -12.54 -55.88 40.52
N SER G 290 -12.12 -54.94 41.38
CA SER G 290 -11.69 -55.22 42.75
C SER G 290 -12.86 -55.61 43.67
N LYS G 291 -14.08 -55.13 43.34
CA LYS G 291 -15.29 -55.41 44.11
C LYS G 291 -16.04 -56.66 43.64
N GLY G 292 -15.94 -56.96 42.34
CA GLY G 292 -16.61 -58.12 41.74
C GLY G 292 -16.33 -58.32 40.26
N MET G 293 -17.29 -58.96 39.57
CA MET G 293 -17.22 -59.28 38.14
C MET G 293 -18.38 -58.66 37.34
N GLY G 294 -18.12 -58.36 36.07
CA GLY G 294 -19.10 -57.79 35.16
C GLY G 294 -20.16 -58.77 34.71
N PRO G 295 -21.37 -58.29 34.30
CA PRO G 295 -22.42 -59.23 33.87
C PRO G 295 -22.19 -59.84 32.49
N MET G 296 -22.97 -60.88 32.15
CA MET G 296 -22.89 -61.60 30.88
C MET G 296 -23.43 -60.80 29.69
N SER G 297 -22.84 -61.03 28.50
CA SER G 297 -23.21 -60.38 27.23
C SER G 297 -23.85 -61.36 26.24
N GLU G 298 -24.52 -60.83 25.19
CA GLU G 298 -25.17 -61.62 24.15
C GLU G 298 -24.14 -62.21 23.18
N ALA G 299 -24.31 -63.50 22.84
CA ALA G 299 -23.42 -64.25 21.95
C ALA G 299 -23.50 -63.79 20.49
N VAL G 300 -22.37 -63.88 19.76
CA VAL G 300 -22.25 -63.50 18.35
C VAL G 300 -21.97 -64.72 17.46
N GLN G 301 -22.56 -64.76 16.25
CA GLN G 301 -22.40 -65.86 15.30
C GLN G 301 -21.20 -65.65 14.36
N PHE G 302 -20.35 -66.69 14.24
CA PHE G 302 -19.16 -66.70 13.39
C PHE G 302 -18.77 -68.14 13.03
N ARG G 303 -18.86 -68.50 11.74
CA ARG G 303 -18.54 -69.85 11.24
C ARG G 303 -17.18 -69.91 10.53
N THR G 304 -16.51 -71.08 10.61
CA THR G 304 -15.21 -71.35 9.99
C THR G 304 -15.37 -72.25 8.75
N PRO G 305 -14.64 -72.04 7.64
CA PRO G 305 -14.79 -72.92 6.47
C PRO G 305 -13.90 -74.16 6.56
N PRO H 89 13.36 -37.26 34.91
CA PRO H 89 12.98 -38.41 35.75
C PRO H 89 11.95 -39.30 35.07
N CYS H 90 10.79 -38.73 34.71
CA CYS H 90 9.70 -39.45 34.02
C CYS H 90 9.78 -39.24 32.51
N ASN H 91 10.42 -38.14 32.08
CA ASN H 91 10.61 -37.72 30.68
C ASN H 91 11.37 -38.77 29.84
N TYR H 92 11.26 -38.63 28.49
CA TYR H 92 11.87 -39.49 27.47
C TYR H 92 13.38 -39.72 27.66
N HIS H 93 14.13 -38.67 28.06
CA HIS H 93 15.58 -38.75 28.28
C HIS H 93 15.95 -39.61 29.51
N SER H 110 13.67 -39.17 16.10
CA SER H 110 12.73 -38.81 15.04
C SER H 110 11.30 -39.17 15.39
N TYR H 111 10.36 -38.22 15.18
CA TYR H 111 8.93 -38.38 15.46
C TYR H 111 8.17 -38.86 14.22
N LEU H 112 7.34 -39.91 14.38
CA LEU H 112 6.54 -40.48 13.30
C LEU H 112 5.05 -40.18 13.52
N PHE H 113 4.33 -39.78 12.45
CA PHE H 113 2.92 -39.39 12.50
C PHE H 113 1.95 -40.48 12.01
N CYS H 114 0.74 -40.51 12.60
CA CYS H 114 -0.35 -41.43 12.26
C CYS H 114 -1.67 -40.65 12.23
N GLY H 115 -2.38 -40.71 11.10
CA GLY H 115 -3.64 -40.02 10.90
C GLY H 115 -4.83 -40.92 10.66
N LEU H 116 -6.04 -40.42 10.98
CA LEU H 116 -7.32 -41.13 10.82
C LEU H 116 -8.49 -40.13 10.74
N PHE H 117 -9.14 -40.05 9.56
CA PHE H 117 -10.28 -39.16 9.29
C PHE H 117 -11.32 -39.80 8.37
N GLY H 118 -12.59 -39.53 8.65
CA GLY H 118 -13.72 -40.05 7.90
C GLY H 118 -13.89 -39.45 6.51
N ASP H 119 -14.68 -40.13 5.66
CA ASP H 119 -14.97 -39.71 4.29
C ASP H 119 -16.18 -38.78 4.26
N PRO I 14 -15.32 4.55 -12.90
CA PRO I 14 -16.05 5.29 -13.94
C PRO I 14 -15.29 5.36 -15.27
N ASP I 15 -13.96 5.51 -15.22
CA ASP I 15 -13.06 5.63 -16.37
C ASP I 15 -12.95 4.32 -17.19
N PRO I 16 -13.18 4.38 -18.53
CA PRO I 16 -13.07 3.16 -19.36
C PRO I 16 -11.65 2.66 -19.57
N CYS I 17 -10.66 3.55 -19.40
CA CYS I 17 -9.23 3.26 -19.56
C CYS I 17 -8.66 2.41 -18.41
N SER I 18 -9.34 2.42 -17.25
CA SER I 18 -8.95 1.67 -16.07
C SER I 18 -9.72 0.35 -15.95
N ASP I 19 -9.01 -0.73 -15.59
CA ASP I 19 -9.58 -2.07 -15.39
C ASP I 19 -10.23 -2.16 -13.99
N GLU I 20 -10.81 -3.32 -13.65
CA GLU I 20 -11.46 -3.59 -12.36
C GLU I 20 -10.50 -3.45 -11.18
N ASN I 21 -9.22 -3.81 -11.37
CA ASN I 21 -8.17 -3.68 -10.35
C ASN I 21 -7.50 -2.31 -10.48
N GLY I 22 -7.49 -1.76 -11.69
CA GLY I 22 -6.89 -0.46 -11.99
C GLY I 22 -5.70 -0.53 -12.94
N HIS I 23 -5.65 -1.61 -13.75
CA HIS I 23 -4.60 -1.83 -14.74
C HIS I 23 -4.95 -1.19 -16.09
N PRO I 24 -3.95 -0.76 -16.91
CA PRO I 24 -4.30 -0.12 -18.20
C PRO I 24 -4.93 -1.08 -19.21
N ARG I 25 -5.87 -0.55 -20.02
CA ARG I 25 -6.60 -1.27 -21.08
C ARG I 25 -6.93 -0.34 -22.25
N ARG I 26 -7.00 -0.88 -23.48
CA ARG I 26 -7.29 -0.18 -24.74
C ARG I 26 -8.51 0.76 -24.63
N CYS I 27 -8.36 2.02 -25.08
CA CYS I 27 -9.43 3.02 -25.03
C CYS I 27 -9.90 3.42 -26.41
N ILE I 28 -11.19 3.25 -26.67
CA ILE I 28 -11.78 3.57 -27.97
C ILE I 28 -12.91 4.61 -27.81
N PRO I 29 -12.89 5.73 -28.55
CA PRO I 29 -14.01 6.70 -28.46
C PRO I 29 -15.26 6.10 -29.12
N ASP I 30 -16.45 6.50 -28.66
CA ASP I 30 -17.73 6.00 -29.17
C ASP I 30 -17.94 6.28 -30.67
N PHE I 31 -18.66 5.36 -31.35
CA PHE I 31 -18.98 5.46 -32.78
C PHE I 31 -19.95 6.62 -32.96
N VAL I 32 -19.59 7.59 -33.81
CA VAL I 32 -20.36 8.81 -34.04
C VAL I 32 -20.50 9.12 -35.53
N ASN I 33 -21.60 9.79 -35.92
CA ASN I 33 -21.77 10.31 -37.27
C ASN I 33 -21.10 11.68 -37.21
N ALA I 34 -19.83 11.73 -37.63
CA ALA I 34 -18.98 12.92 -37.64
C ALA I 34 -19.54 14.06 -38.49
N ALA I 35 -20.43 13.75 -39.45
CA ALA I 35 -21.04 14.75 -40.33
C ALA I 35 -22.11 15.57 -39.63
N PHE I 36 -22.89 14.95 -38.70
CA PHE I 36 -24.02 15.55 -37.97
C PHE I 36 -23.76 16.95 -37.43
N GLY I 37 -24.67 17.87 -37.81
CA GLY I 37 -24.67 19.28 -37.43
C GLY I 37 -23.52 20.12 -37.93
N LYS I 38 -22.70 19.60 -38.88
CA LYS I 38 -21.54 20.32 -39.39
C LYS I 38 -21.77 21.02 -40.73
N ASP I 39 -21.23 22.24 -40.86
CA ASP I 39 -21.31 23.09 -42.05
C ASP I 39 -20.62 22.42 -43.25
N VAL I 40 -21.34 22.32 -44.38
CA VAL I 40 -20.84 21.70 -45.61
C VAL I 40 -20.83 22.76 -46.73
N ARG I 41 -19.66 22.97 -47.36
CA ARG I 41 -19.52 23.93 -48.46
C ARG I 41 -19.87 23.28 -49.80
N VAL I 42 -20.92 23.79 -50.46
CA VAL I 42 -21.38 23.25 -51.75
C VAL I 42 -21.13 24.27 -52.88
N SER I 43 -21.02 23.78 -54.13
CA SER I 43 -20.78 24.63 -55.29
C SER I 43 -22.04 25.32 -55.80
N SER I 44 -23.22 24.68 -55.66
CA SER I 44 -24.49 25.26 -56.13
C SER I 44 -25.68 24.99 -55.22
N THR I 45 -26.63 25.96 -55.18
CA THR I 45 -27.88 25.95 -54.42
C THR I 45 -28.92 26.82 -55.16
N CYS I 46 -30.15 26.28 -55.34
CA CYS I 46 -31.25 26.98 -56.00
C CYS I 46 -31.81 28.10 -55.12
N GLY I 47 -32.35 29.14 -55.75
CA GLY I 47 -32.95 30.28 -55.06
C GLY I 47 -32.28 31.62 -55.27
N ARG I 48 -31.02 31.63 -55.74
CA ARG I 48 -30.26 32.87 -55.99
C ARG I 48 -29.69 32.90 -57.43
N PRO I 49 -30.45 33.39 -58.45
CA PRO I 49 -31.83 33.91 -58.42
C PRO I 49 -32.88 32.78 -58.31
N PRO I 50 -34.13 33.05 -57.85
CA PRO I 50 -35.12 31.96 -57.72
C PRO I 50 -35.52 31.34 -59.05
N ALA I 51 -35.36 30.02 -59.17
CA ALA I 51 -35.66 29.26 -60.39
C ALA I 51 -36.60 28.08 -60.14
N ARG I 52 -37.29 27.63 -61.21
CA ARG I 52 -38.23 26.52 -61.19
C ARG I 52 -37.54 25.15 -61.39
N TYR I 53 -37.98 24.14 -60.64
CA TYR I 53 -37.50 22.76 -60.71
C TYR I 53 -38.67 21.79 -60.84
N CYS I 54 -38.47 20.66 -61.52
CA CYS I 54 -39.56 19.69 -61.72
C CYS I 54 -39.23 18.30 -61.19
N VAL I 55 -40.15 17.73 -60.38
CA VAL I 55 -40.03 16.41 -59.79
C VAL I 55 -40.66 15.38 -60.74
N VAL I 56 -39.88 14.36 -61.14
CA VAL I 56 -40.35 13.28 -62.01
C VAL I 56 -40.74 12.04 -61.18
N SER I 57 -41.89 11.44 -61.50
CA SER I 57 -42.43 10.26 -60.82
C SER I 57 -42.92 9.22 -61.82
N GLU I 58 -42.45 7.98 -61.67
CA GLU I 58 -42.80 6.87 -62.57
C GLU I 58 -43.82 5.93 -61.91
N ARG I 59 -44.90 5.61 -62.66
CA ARG I 59 -45.96 4.71 -62.22
C ARG I 59 -46.44 3.90 -63.43
N GLY I 60 -46.20 2.58 -63.37
CA GLY I 60 -46.55 1.65 -64.43
C GLY I 60 -45.59 1.80 -65.59
N GLU I 61 -46.10 2.25 -66.74
CA GLU I 61 -45.31 2.46 -67.96
C GLU I 61 -45.21 3.95 -68.32
N GLU I 62 -45.87 4.83 -67.53
CA GLU I 62 -45.90 6.28 -67.77
C GLU I 62 -45.10 7.09 -66.73
N ARG I 63 -44.58 8.26 -67.18
CA ARG I 63 -43.82 9.21 -66.38
C ARG I 63 -44.66 10.47 -66.14
N LEU I 64 -44.61 11.00 -64.92
CA LEU I 64 -45.36 12.20 -64.52
C LEU I 64 -44.41 13.25 -63.94
N ARG I 65 -44.68 14.54 -64.23
CA ARG I 65 -43.84 15.64 -63.74
C ARG I 65 -44.63 16.69 -62.95
N SER I 66 -44.12 17.07 -61.77
CA SER I 66 -44.71 18.10 -60.91
C SER I 66 -43.68 19.20 -60.67
N CYS I 67 -43.91 20.39 -61.24
CA CYS I 67 -42.98 21.51 -61.14
C CYS I 67 -43.26 22.41 -59.93
N HIS I 68 -42.20 22.70 -59.15
CA HIS I 68 -42.21 23.54 -57.96
C HIS I 68 -41.17 24.67 -58.09
N LEU I 69 -41.18 25.64 -57.15
CA LEU I 69 -40.25 26.76 -57.16
C LEU I 69 -39.31 26.71 -55.96
N CYS I 70 -38.02 27.04 -56.19
CA CYS I 70 -37.00 27.08 -55.15
C CYS I 70 -36.68 28.54 -54.83
N ASN I 71 -37.11 29.01 -53.64
CA ASN I 71 -36.90 30.38 -53.17
C ASN I 71 -36.03 30.32 -51.91
N ALA I 72 -34.76 30.78 -52.02
CA ALA I 72 -33.76 30.79 -50.95
C ALA I 72 -34.18 31.58 -49.71
N SER I 73 -34.95 32.66 -49.90
CA SER I 73 -35.43 33.54 -48.83
C SER I 73 -36.53 32.88 -47.97
N ASP I 74 -37.50 32.21 -48.63
CA ASP I 74 -38.61 31.52 -47.94
C ASP I 74 -38.11 30.21 -47.29
N PRO I 75 -38.31 30.02 -45.96
CA PRO I 75 -37.82 28.79 -45.30
C PRO I 75 -38.45 27.47 -45.78
N LYS I 76 -39.72 27.52 -46.19
CA LYS I 76 -40.45 26.34 -46.66
C LYS I 76 -40.09 25.99 -48.11
N LYS I 77 -39.60 26.97 -48.90
CA LYS I 77 -39.24 26.80 -50.30
C LYS I 77 -37.73 26.62 -50.54
N ALA I 78 -36.89 27.01 -49.57
CA ALA I 78 -35.43 26.91 -49.66
C ALA I 78 -34.91 25.49 -49.45
N HIS I 79 -33.73 25.21 -50.01
CA HIS I 79 -33.01 23.94 -49.89
C HIS I 79 -31.51 24.26 -49.61
N PRO I 80 -31.17 24.80 -48.41
CA PRO I 80 -29.77 25.18 -48.15
C PRO I 80 -28.84 24.00 -47.84
N PRO I 81 -27.48 24.17 -47.86
CA PRO I 81 -26.58 23.04 -47.55
C PRO I 81 -26.70 22.52 -46.11
N ALA I 82 -27.37 23.29 -45.22
CA ALA I 82 -27.61 22.93 -43.82
C ALA I 82 -28.62 21.76 -43.72
N PHE I 83 -29.39 21.52 -44.80
CA PHE I 83 -30.40 20.47 -44.91
C PHE I 83 -29.79 19.07 -45.16
N LEU I 84 -28.46 19.00 -45.36
CA LEU I 84 -27.72 17.75 -45.57
C LEU I 84 -27.38 17.15 -44.20
N THR I 85 -26.86 18.01 -43.31
CA THR I 85 -26.36 17.69 -41.97
C THR I 85 -27.42 17.71 -40.85
N ASP I 86 -28.62 18.31 -41.09
CA ASP I 86 -29.69 18.38 -40.10
C ASP I 86 -30.29 17.00 -39.78
N LEU I 87 -31.12 16.89 -38.73
CA LEU I 87 -31.75 15.62 -38.34
C LEU I 87 -32.65 15.06 -39.43
N ASN I 88 -32.40 13.79 -39.80
CA ASN I 88 -33.16 13.08 -40.83
C ASN I 88 -34.44 12.55 -40.21
N ASN I 89 -35.58 13.03 -40.73
CA ASN I 89 -36.91 12.62 -40.28
C ASN I 89 -37.68 12.01 -41.46
N PRO I 90 -38.07 10.72 -41.39
CA PRO I 90 -38.81 10.11 -42.51
C PRO I 90 -40.17 10.76 -42.77
N HIS I 91 -40.82 11.24 -41.70
CA HIS I 91 -42.12 11.92 -41.73
C HIS I 91 -42.00 13.28 -42.44
N ASN I 92 -40.93 14.04 -42.12
CA ASN I 92 -40.67 15.36 -42.71
C ASN I 92 -39.21 15.40 -43.21
N LEU I 93 -39.00 14.97 -44.46
CA LEU I 93 -37.66 14.96 -45.06
C LEU I 93 -37.24 16.36 -45.48
N THR I 94 -35.95 16.66 -45.30
CA THR I 94 -35.34 17.95 -45.63
C THR I 94 -34.09 17.71 -46.48
N CYS I 95 -34.12 18.14 -47.75
CA CYS I 95 -32.97 17.99 -48.64
C CYS I 95 -32.48 19.28 -49.27
N TRP I 96 -31.18 19.32 -49.56
CA TRP I 96 -30.50 20.41 -50.25
C TRP I 96 -30.67 20.13 -51.75
N GLN I 97 -30.69 21.19 -52.58
CA GLN I 97 -30.84 21.03 -54.02
C GLN I 97 -29.90 21.92 -54.80
N SER I 98 -29.15 21.32 -55.73
CA SER I 98 -28.19 21.99 -56.61
C SER I 98 -28.90 22.79 -57.70
N GLU I 99 -28.16 23.68 -58.41
CA GLU I 99 -28.70 24.48 -59.52
C GLU I 99 -29.11 23.55 -60.66
N ASN I 100 -30.18 23.92 -61.38
CA ASN I 100 -30.73 23.12 -62.47
C ASN I 100 -29.80 22.96 -63.66
N TYR I 101 -29.73 21.71 -64.18
CA TYR I 101 -28.94 21.22 -65.31
C TYR I 101 -27.46 21.64 -65.25
N LEU I 102 -26.70 21.00 -64.34
CA LEU I 102 -25.26 21.19 -64.20
C LEU I 102 -24.58 19.87 -64.60
N GLN I 103 -24.95 19.39 -65.80
CA GLN I 103 -24.48 18.17 -66.42
C GLN I 103 -23.02 18.29 -66.83
N PHE I 104 -22.33 17.13 -66.92
CA PHE I 104 -20.93 16.96 -67.32
C PHE I 104 -20.60 17.82 -68.57
N PRO I 105 -19.44 18.51 -68.66
CA PRO I 105 -18.28 18.52 -67.75
C PRO I 105 -18.49 19.16 -66.37
N HIS I 106 -19.47 20.09 -66.26
CA HIS I 106 -19.78 20.79 -65.00
C HIS I 106 -20.12 19.81 -63.88
N ASN I 107 -19.63 20.07 -62.67
CA ASN I 107 -19.89 19.21 -61.52
C ASN I 107 -20.40 19.96 -60.29
N VAL I 108 -20.95 19.21 -59.31
CA VAL I 108 -21.45 19.75 -58.05
C VAL I 108 -20.70 19.01 -56.93
N THR I 109 -19.94 19.74 -56.11
CA THR I 109 -19.12 19.17 -55.03
C THR I 109 -19.60 19.58 -53.64
N LEU I 110 -19.37 18.71 -52.63
CA LEU I 110 -19.72 18.97 -51.23
C LEU I 110 -18.50 18.67 -50.38
N THR I 111 -17.90 19.72 -49.78
CA THR I 111 -16.72 19.58 -48.93
C THR I 111 -17.13 19.62 -47.45
N LEU I 112 -16.71 18.60 -46.70
CA LEU I 112 -16.98 18.48 -45.26
C LEU I 112 -15.67 18.49 -44.51
N SER I 113 -15.52 19.39 -43.53
CA SER I 113 -14.31 19.48 -42.73
C SER I 113 -14.55 19.07 -41.28
N LEU I 114 -13.92 17.96 -40.87
CA LEU I 114 -14.04 17.43 -39.51
C LEU I 114 -13.09 18.16 -38.57
N GLY I 115 -11.95 18.60 -39.10
CA GLY I 115 -10.92 19.33 -38.35
C GLY I 115 -10.08 18.47 -37.43
N LYS I 116 -10.11 17.13 -37.64
CA LYS I 116 -9.39 16.13 -36.86
C LYS I 116 -9.35 14.77 -37.57
N LYS I 117 -8.30 13.95 -37.28
CA LYS I 117 -8.16 12.61 -37.85
C LYS I 117 -9.23 11.68 -37.26
N PHE I 118 -10.06 11.11 -38.13
CA PHE I 118 -11.13 10.18 -37.80
C PHE I 118 -10.94 8.88 -38.56
N GLU I 119 -11.17 7.75 -37.88
CA GLU I 119 -11.10 6.44 -38.52
C GLU I 119 -12.49 6.11 -39.09
N VAL I 120 -12.75 6.57 -40.33
CA VAL I 120 -14.00 6.43 -41.07
C VAL I 120 -14.35 4.97 -41.40
N THR I 121 -15.57 4.56 -41.04
CA THR I 121 -16.09 3.22 -41.28
C THR I 121 -17.00 3.25 -42.52
N TYR I 122 -17.76 4.34 -42.70
CA TYR I 122 -18.67 4.51 -43.83
C TYR I 122 -18.94 5.98 -44.19
N VAL I 123 -19.34 6.22 -45.44
CA VAL I 123 -19.75 7.51 -45.97
C VAL I 123 -21.04 7.22 -46.75
N SER I 124 -22.20 7.70 -46.25
CA SER I 124 -23.49 7.44 -46.86
C SER I 124 -24.21 8.70 -47.36
N LEU I 125 -25.03 8.55 -48.40
CA LEU I 125 -25.82 9.62 -49.01
C LEU I 125 -27.22 9.11 -49.38
N GLN I 126 -28.25 9.78 -48.86
CA GLN I 126 -29.67 9.47 -49.12
C GLN I 126 -30.16 10.57 -50.07
N PHE I 127 -30.57 10.19 -51.28
CA PHE I 127 -30.97 11.13 -52.33
C PHE I 127 -32.47 11.39 -52.46
N CYS I 128 -32.83 12.66 -52.71
CA CYS I 128 -34.22 13.08 -52.94
C CYS I 128 -34.50 12.96 -54.45
N SER I 129 -33.51 13.36 -55.28
CA SER I 129 -33.53 13.28 -56.73
C SER I 129 -32.94 11.89 -57.13
N PRO I 130 -32.96 11.43 -58.40
CA PRO I 130 -32.33 10.13 -58.70
C PRO I 130 -30.82 10.19 -58.47
N ARG I 131 -30.22 9.06 -58.07
CA ARG I 131 -28.78 8.92 -57.82
C ARG I 131 -27.94 9.31 -59.06
N PRO I 132 -26.71 9.86 -58.91
CA PRO I 132 -25.96 10.25 -60.10
C PRO I 132 -25.43 9.08 -60.90
N GLU I 133 -25.19 9.32 -62.20
CA GLU I 133 -24.61 8.36 -63.13
C GLU I 133 -23.14 8.22 -62.76
N SER I 134 -22.51 9.33 -62.30
CA SER I 134 -21.12 9.40 -61.88
C SER I 134 -20.93 10.26 -60.62
N MET I 135 -20.41 9.61 -59.56
CA MET I 135 -20.13 10.21 -58.24
C MET I 135 -18.79 9.68 -57.74
N ALA I 136 -18.08 10.50 -56.95
CA ALA I 136 -16.78 10.12 -56.36
C ALA I 136 -16.61 10.68 -54.94
N ILE I 137 -16.01 9.86 -54.06
CA ILE I 137 -15.72 10.23 -52.68
C ILE I 137 -14.21 10.46 -52.55
N TYR I 138 -13.84 11.60 -51.97
CA TYR I 138 -12.47 12.05 -51.77
C TYR I 138 -12.22 12.33 -50.30
N LYS I 139 -10.97 12.09 -49.85
CA LYS I 139 -10.56 12.33 -48.47
C LYS I 139 -9.32 13.22 -48.44
N SER I 140 -9.01 13.79 -47.27
CA SER I 140 -7.84 14.62 -47.09
C SER I 140 -7.11 14.21 -45.82
N MET I 141 -5.82 13.87 -45.94
CA MET I 141 -4.96 13.46 -44.82
C MET I 141 -4.57 14.71 -44.05
N ASP I 142 -4.09 15.75 -44.78
CA ASP I 142 -3.82 17.09 -44.25
C ASP I 142 -5.20 17.76 -44.13
N TYR I 143 -5.27 18.93 -43.53
CA TYR I 143 -6.57 19.56 -43.30
C TYR I 143 -7.10 20.35 -44.54
N GLY I 144 -7.18 19.65 -45.68
CA GLY I 144 -7.72 20.19 -46.93
C GLY I 144 -6.76 20.59 -48.04
N ARG I 145 -5.42 20.46 -47.81
CA ARG I 145 -4.40 20.84 -48.80
C ARG I 145 -4.42 19.94 -50.05
N THR I 146 -4.11 18.64 -49.88
CA THR I 146 -4.15 17.68 -50.99
C THR I 146 -5.29 16.68 -50.81
N TRP I 147 -5.86 16.19 -51.92
CA TRP I 147 -6.97 15.25 -51.90
C TRP I 147 -6.60 13.90 -52.52
N VAL I 148 -7.02 12.80 -51.86
CA VAL I 148 -6.77 11.43 -52.30
C VAL I 148 -8.14 10.74 -52.49
N PRO I 149 -8.41 10.07 -53.64
CA PRO I 149 -9.70 9.41 -53.83
C PRO I 149 -9.95 8.27 -52.84
N PHE I 150 -11.23 8.10 -52.44
CA PHE I 150 -11.70 7.12 -51.47
C PHE I 150 -12.51 6.01 -52.13
N GLN I 151 -13.45 6.37 -53.04
CA GLN I 151 -14.33 5.44 -53.76
C GLN I 151 -14.96 6.13 -54.97
N PHE I 152 -15.16 5.38 -56.07
CA PHE I 152 -15.79 5.89 -57.28
C PHE I 152 -17.04 5.08 -57.61
N TYR I 153 -18.06 5.77 -58.18
CA TYR I 153 -19.32 5.16 -58.60
C TYR I 153 -19.68 5.69 -59.99
N SER I 154 -19.70 4.81 -61.01
CA SER I 154 -20.02 5.19 -62.40
C SER I 154 -20.43 4.00 -63.28
N THR I 155 -21.12 4.28 -64.40
CA THR I 155 -21.54 3.28 -65.39
C THR I 155 -20.30 2.92 -66.24
N GLN I 156 -19.48 3.94 -66.55
CA GLN I 156 -18.25 3.81 -67.32
C GLN I 156 -17.11 4.31 -66.45
N CYS I 157 -16.55 3.42 -65.62
CA CYS I 157 -15.42 3.72 -64.73
C CYS I 157 -14.19 4.15 -65.54
N ARG I 158 -13.95 3.48 -66.68
CA ARG I 158 -12.86 3.73 -67.60
C ARG I 158 -12.94 5.15 -68.18
N LYS I 159 -14.02 5.45 -68.91
CA LYS I 159 -14.24 6.72 -69.60
C LYS I 159 -14.39 7.92 -68.67
N MET I 160 -14.98 7.73 -67.48
CA MET I 160 -15.24 8.83 -66.55
C MET I 160 -14.15 9.06 -65.50
N TYR I 161 -13.81 8.03 -64.72
CA TYR I 161 -12.87 8.17 -63.60
C TYR I 161 -11.50 7.49 -63.78
N ASN I 162 -11.17 6.99 -64.99
CA ASN I 162 -9.90 6.33 -65.32
C ASN I 162 -9.53 5.25 -64.28
N ARG I 163 -10.46 4.34 -64.03
CA ARG I 163 -10.32 3.23 -63.10
C ARG I 163 -11.00 1.99 -63.70
N PRO I 164 -10.55 0.75 -63.40
CA PRO I 164 -11.22 -0.43 -63.96
C PRO I 164 -12.60 -0.66 -63.36
N HIS I 165 -13.58 -0.99 -64.22
CA HIS I 165 -14.96 -1.28 -63.84
C HIS I 165 -15.02 -2.62 -63.11
N ARG I 166 -15.70 -2.66 -61.95
CA ARG I 166 -15.86 -3.84 -61.09
C ARG I 166 -14.52 -4.52 -60.74
N ALA I 167 -13.51 -3.71 -60.38
CA ALA I 167 -12.18 -4.19 -60.03
C ALA I 167 -12.17 -4.86 -58.65
N PRO I 168 -11.65 -6.10 -58.53
CA PRO I 168 -11.59 -6.75 -57.21
C PRO I 168 -10.47 -6.15 -56.35
N ILE I 169 -10.70 -6.08 -55.02
CA ILE I 169 -9.73 -5.49 -54.08
C ILE I 169 -8.45 -6.32 -53.99
N THR I 170 -7.33 -5.68 -54.37
CA THR I 170 -6.01 -6.29 -54.36
C THR I 170 -5.34 -6.19 -52.99
N LYS I 171 -4.65 -7.27 -52.57
CA LYS I 171 -3.91 -7.33 -51.31
C LYS I 171 -2.68 -6.42 -51.40
N GLN I 172 -2.14 -6.27 -52.62
CA GLN I 172 -0.96 -5.48 -52.96
C GLN I 172 -1.18 -3.99 -52.72
N ASN I 173 -2.42 -3.49 -52.95
CA ASN I 173 -2.78 -2.10 -52.69
C ASN I 173 -4.24 -1.94 -52.27
N GLU I 174 -4.45 -1.96 -50.95
CA GLU I 174 -5.75 -1.81 -50.31
C GLU I 174 -6.00 -0.33 -50.04
N GLN I 175 -4.94 0.50 -50.15
CA GLN I 175 -4.98 1.96 -49.96
C GLN I 175 -5.39 2.70 -51.24
N GLU I 176 -5.91 1.95 -52.22
CA GLU I 176 -6.35 2.50 -53.50
C GLU I 176 -7.87 2.51 -53.58
N ALA I 177 -8.41 3.61 -54.14
CA ALA I 177 -9.84 3.79 -54.37
C ALA I 177 -10.27 2.88 -55.51
N VAL I 178 -11.45 2.26 -55.38
CA VAL I 178 -11.99 1.32 -56.37
C VAL I 178 -13.29 1.86 -56.97
N CYS I 179 -13.53 1.57 -58.27
CA CYS I 179 -14.73 1.99 -58.99
C CYS I 179 -15.65 0.81 -59.29
N THR I 180 -16.97 1.01 -59.13
CA THR I 180 -18.02 0.01 -59.41
C THR I 180 -19.24 0.68 -60.01
N ASP I 181 -20.08 -0.11 -60.71
CA ASP I 181 -21.33 0.35 -61.30
C ASP I 181 -22.49 0.11 -60.32
N SER I 182 -22.17 -0.46 -59.13
CA SER I 182 -23.14 -0.74 -58.07
C SER I 182 -23.64 0.57 -57.48
N HIS I 183 -24.91 0.59 -57.04
CA HIS I 183 -25.62 1.73 -56.43
C HIS I 183 -25.77 2.95 -57.38
N THR I 184 -25.55 2.78 -58.69
CA THR I 184 -25.66 3.89 -59.65
C THR I 184 -26.99 3.91 -60.40
N ASP I 185 -27.78 2.81 -60.32
CA ASP I 185 -29.09 2.66 -60.99
C ASP I 185 -30.03 3.84 -60.74
N MET I 186 -30.73 4.29 -61.81
CA MET I 186 -31.68 5.40 -61.75
C MET I 186 -32.85 5.09 -60.81
N ARG I 187 -33.27 3.81 -60.74
CA ARG I 187 -34.32 3.33 -59.84
C ARG I 187 -33.66 2.95 -58.50
N PRO I 188 -34.13 3.47 -57.34
CA PRO I 188 -35.28 4.38 -57.14
C PRO I 188 -35.02 5.83 -57.52
N LEU I 189 -36.00 6.46 -58.20
CA LEU I 189 -35.93 7.86 -58.65
C LEU I 189 -35.97 8.87 -57.47
N SER I 190 -36.31 8.36 -56.27
CA SER I 190 -36.37 9.10 -55.01
C SER I 190 -36.11 8.11 -53.87
N GLY I 191 -35.28 8.52 -52.92
CA GLY I 191 -34.91 7.70 -51.76
C GLY I 191 -33.73 6.78 -51.98
N GLY I 192 -33.02 6.98 -53.09
CA GLY I 192 -31.84 6.20 -53.45
C GLY I 192 -30.69 6.37 -52.48
N LEU I 193 -30.06 5.25 -52.07
CA LEU I 193 -28.95 5.27 -51.12
C LEU I 193 -27.62 4.76 -51.68
N ILE I 194 -26.53 5.45 -51.32
CA ILE I 194 -25.15 5.10 -51.67
C ILE I 194 -24.35 5.12 -50.35
N ALA I 195 -24.01 3.94 -49.81
CA ALA I 195 -23.24 3.83 -48.58
C ALA I 195 -21.92 3.12 -48.85
N PHE I 196 -20.82 3.85 -48.66
CA PHE I 196 -19.47 3.35 -48.89
C PHE I 196 -18.83 2.78 -47.64
N SER I 197 -18.54 1.48 -47.65
CA SER I 197 -17.89 0.77 -46.57
C SER I 197 -16.39 0.81 -46.86
N THR I 198 -15.65 1.53 -45.99
CA THR I 198 -14.20 1.74 -46.10
C THR I 198 -13.38 0.46 -46.06
N LEU I 199 -13.83 -0.53 -45.26
CA LEU I 199 -13.10 -1.81 -45.13
C LEU I 199 -13.71 -2.96 -45.93
N ASP I 200 -14.65 -2.65 -46.84
CA ASP I 200 -15.31 -3.64 -47.67
C ASP I 200 -14.37 -4.22 -48.70
N GLY I 201 -14.38 -5.56 -48.81
CA GLY I 201 -13.57 -6.30 -49.76
C GLY I 201 -12.07 -6.36 -49.53
N ARG I 202 -11.53 -5.46 -48.66
CA ARG I 202 -10.12 -5.36 -48.32
C ARG I 202 -9.65 -6.67 -47.67
N PRO I 203 -8.69 -7.40 -48.30
CA PRO I 203 -8.29 -8.72 -47.78
C PRO I 203 -7.79 -8.80 -46.34
N SER I 204 -7.01 -7.82 -45.86
CA SER I 204 -6.47 -7.85 -44.50
C SER I 204 -7.34 -7.08 -43.47
N ALA I 205 -8.60 -6.75 -43.83
CA ALA I 205 -9.55 -6.04 -42.96
C ALA I 205 -9.88 -6.82 -41.69
N HIS I 206 -9.82 -8.16 -41.76
CA HIS I 206 -10.07 -9.07 -40.64
C HIS I 206 -9.06 -8.87 -39.51
N ASP I 207 -7.79 -8.58 -39.85
CA ASP I 207 -6.70 -8.33 -38.91
C ASP I 207 -6.32 -6.84 -38.97
N PHE I 208 -7.35 -5.97 -38.80
CA PHE I 208 -7.24 -4.51 -38.83
C PHE I 208 -6.30 -3.96 -37.77
N ASP I 209 -6.44 -4.41 -36.51
CA ASP I 209 -5.62 -4.00 -35.35
C ASP I 209 -4.13 -4.13 -35.59
N ASN I 210 -3.70 -5.12 -36.40
CA ASN I 210 -2.30 -5.38 -36.73
C ASN I 210 -1.90 -4.85 -38.12
N SER I 211 -2.87 -4.31 -38.89
CA SER I 211 -2.63 -3.78 -40.24
C SER I 211 -2.55 -2.24 -40.25
N PRO I 212 -1.33 -1.65 -40.31
CA PRO I 212 -1.23 -0.18 -40.35
C PRO I 212 -1.63 0.40 -41.71
N VAL I 213 -1.52 -0.41 -42.77
CA VAL I 213 -1.87 -0.04 -44.15
C VAL I 213 -3.36 0.36 -44.23
N LEU I 214 -4.25 -0.45 -43.62
CA LEU I 214 -5.69 -0.17 -43.60
C LEU I 214 -6.06 0.85 -42.53
N GLN I 215 -5.25 0.94 -41.45
CA GLN I 215 -5.42 1.90 -40.37
C GLN I 215 -5.25 3.31 -40.92
N ASP I 216 -4.37 3.46 -41.93
CA ASP I 216 -4.10 4.72 -42.61
C ASP I 216 -5.18 4.98 -43.66
N TRP I 217 -5.74 3.91 -44.26
CA TRP I 217 -6.79 3.99 -45.28
C TRP I 217 -8.09 4.59 -44.72
N VAL I 218 -8.48 4.18 -43.51
CA VAL I 218 -9.70 4.66 -42.84
C VAL I 218 -9.56 6.11 -42.34
N THR I 219 -8.31 6.59 -42.13
CA THR I 219 -8.00 7.93 -41.64
C THR I 219 -8.31 9.04 -42.65
N ALA I 220 -9.06 10.07 -42.22
CA ALA I 220 -9.43 11.23 -43.00
C ALA I 220 -9.74 12.41 -42.08
N THR I 221 -9.37 13.63 -42.51
CA THR I 221 -9.64 14.85 -41.74
C THR I 221 -10.77 15.65 -42.37
N ASP I 222 -10.98 15.45 -43.69
CA ASP I 222 -12.02 16.12 -44.48
C ASP I 222 -12.56 15.13 -45.52
N ILE I 223 -13.86 15.23 -45.86
CA ILE I 223 -14.51 14.36 -46.86
C ILE I 223 -15.16 15.22 -47.94
N ARG I 224 -14.84 14.96 -49.21
CA ARG I 224 -15.39 15.68 -50.36
C ARG I 224 -16.11 14.70 -51.29
N VAL I 225 -17.38 14.96 -51.59
CA VAL I 225 -18.16 14.13 -52.51
C VAL I 225 -18.46 14.96 -53.74
N ALA I 226 -18.01 14.51 -54.91
CA ALA I 226 -18.21 15.21 -56.17
C ALA I 226 -19.17 14.46 -57.08
N PHE I 227 -20.27 15.14 -57.47
CA PHE I 227 -21.27 14.58 -58.38
C PHE I 227 -20.88 15.05 -59.77
N SER I 228 -20.38 14.12 -60.62
CA SER I 228 -19.87 14.48 -61.94
C SER I 228 -20.91 14.40 -63.07
N ARG I 229 -21.61 13.26 -63.23
CA ARG I 229 -22.62 13.10 -64.27
C ARG I 229 -23.96 12.65 -63.70
N LEU I 230 -25.06 13.27 -64.17
CA LEU I 230 -26.42 12.93 -63.72
C LEU I 230 -27.17 12.10 -64.74
N HIS I 231 -28.13 11.29 -64.26
CA HIS I 231 -28.96 10.43 -65.09
C HIS I 231 -29.96 11.25 -65.90
N THR I 232 -30.10 10.91 -67.19
CA THR I 232 -31.01 11.62 -68.10
C THR I 232 -31.76 10.64 -69.01
N PHE I 233 -32.95 11.05 -69.50
CA PHE I 233 -33.79 10.28 -70.41
C PHE I 233 -33.46 10.56 -71.89
N GLY I 234 -32.81 11.70 -72.15
CA GLY I 234 -32.41 12.13 -73.49
C GLY I 234 -33.39 13.08 -74.16
N ASP I 235 -34.26 13.73 -73.35
CA ASP I 235 -35.27 14.67 -73.82
C ASP I 235 -34.83 16.15 -73.73
N GLU I 236 -33.63 16.42 -73.15
CA GLU I 236 -33.07 17.76 -72.98
C GLU I 236 -32.72 18.47 -74.30
N ASN I 237 -32.36 17.69 -75.34
CA ASN I 237 -31.98 18.21 -76.65
C ASN I 237 -33.16 18.42 -77.61
N GLU I 238 -34.40 18.17 -77.13
CA GLU I 238 -35.64 18.32 -77.90
C GLU I 238 -35.98 19.81 -78.18
N ASP I 239 -37.13 20.06 -78.85
CA ASP I 239 -37.63 21.40 -79.19
C ASP I 239 -37.78 22.29 -77.95
N ASP I 240 -38.39 21.75 -76.87
CA ASP I 240 -38.55 22.48 -75.61
C ASP I 240 -37.47 22.03 -74.62
N SER I 241 -36.44 22.87 -74.45
CA SER I 241 -35.31 22.61 -73.57
C SER I 241 -35.59 22.99 -72.12
N GLU I 242 -36.33 24.11 -71.90
CA GLU I 242 -36.68 24.66 -70.58
C GLU I 242 -37.33 23.63 -69.64
N LEU I 243 -38.47 23.03 -70.05
CA LEU I 243 -39.22 22.03 -69.27
C LEU I 243 -38.39 20.80 -68.91
N ALA I 244 -37.59 20.30 -69.86
CA ALA I 244 -36.76 19.11 -69.70
C ALA I 244 -35.56 19.35 -68.78
N ARG I 245 -34.71 20.36 -69.08
CA ARG I 245 -33.51 20.69 -68.30
C ARG I 245 -33.79 21.08 -66.85
N ASP I 246 -35.00 21.59 -66.56
CA ASP I 246 -35.41 21.98 -65.21
C ASP I 246 -35.68 20.77 -64.30
N SER I 247 -35.90 19.57 -64.90
CA SER I 247 -36.20 18.35 -64.15
C SER I 247 -34.97 17.45 -63.87
N TYR I 248 -33.74 17.98 -64.08
CA TYR I 248 -32.48 17.27 -63.79
C TYR I 248 -31.62 18.11 -62.84
N PHE I 249 -31.43 17.60 -61.61
CA PHE I 249 -30.68 18.26 -60.52
C PHE I 249 -30.19 17.23 -59.47
N TYR I 250 -29.22 17.63 -58.62
CA TYR I 250 -28.71 16.77 -57.54
C TYR I 250 -29.35 17.23 -56.22
N ALA I 251 -29.99 16.29 -55.49
CA ALA I 251 -30.63 16.56 -54.20
C ALA I 251 -30.34 15.45 -53.20
N VAL I 252 -29.85 15.83 -52.00
CA VAL I 252 -29.47 14.89 -50.93
C VAL I 252 -30.13 15.29 -49.61
N SER I 253 -30.83 14.34 -48.97
CA SER I 253 -31.50 14.55 -47.68
C SER I 253 -30.63 14.21 -46.48
N ASP I 254 -29.82 13.13 -46.58
CA ASP I 254 -28.98 12.68 -45.49
C ASP I 254 -27.56 12.31 -45.91
N LEU I 255 -26.57 12.94 -45.24
CA LEU I 255 -25.13 12.72 -45.45
C LEU I 255 -24.54 12.25 -44.12
N GLN I 256 -24.12 10.97 -44.06
CA GLN I 256 -23.56 10.39 -42.85
C GLN I 256 -22.13 9.90 -43.03
N VAL I 257 -21.20 10.46 -42.24
CA VAL I 257 -19.79 10.06 -42.22
C VAL I 257 -19.59 9.41 -40.85
N GLY I 258 -19.70 8.08 -40.82
CA GLY I 258 -19.58 7.32 -39.59
C GLY I 258 -18.18 6.82 -39.34
N GLY I 259 -17.79 6.81 -38.07
CA GLY I 259 -16.48 6.36 -37.63
C GLY I 259 -16.06 6.95 -36.31
N ARG I 260 -15.07 6.30 -35.66
CA ARG I 260 -14.56 6.71 -34.36
C ARG I 260 -13.38 7.67 -34.50
N CYS I 261 -13.16 8.51 -33.48
CA CYS I 261 -12.09 9.50 -33.35
C CYS I 261 -10.75 8.74 -33.32
N LYS I 262 -9.78 9.08 -34.21
CA LYS I 262 -8.49 8.38 -34.23
C LYS I 262 -7.63 8.78 -33.03
N CYS I 263 -7.53 7.89 -32.04
CA CYS I 263 -6.77 8.11 -30.81
C CYS I 263 -5.79 6.97 -30.52
N ASN I 264 -5.52 6.13 -31.54
CA ASN I 264 -4.60 4.98 -31.53
C ASN I 264 -4.79 4.02 -30.32
N GLY I 265 -6.01 3.98 -29.80
CA GLY I 265 -6.39 3.13 -28.66
C GLY I 265 -5.95 3.66 -27.32
N HIS I 266 -5.73 4.98 -27.21
CA HIS I 266 -5.27 5.60 -25.97
C HIS I 266 -6.23 6.66 -25.40
N ALA I 267 -7.45 6.80 -25.96
CA ALA I 267 -8.43 7.78 -25.49
C ALA I 267 -9.86 7.29 -25.68
N ALA I 268 -10.73 7.59 -24.70
CA ALA I 268 -12.16 7.23 -24.71
C ALA I 268 -13.07 8.34 -25.25
N ARG I 269 -12.52 9.59 -25.38
CA ARG I 269 -13.26 10.76 -25.88
C ARG I 269 -12.36 11.86 -26.45
N CYS I 270 -12.90 12.62 -27.43
CA CYS I 270 -12.26 13.77 -28.08
C CYS I 270 -12.88 15.05 -27.51
N VAL I 271 -12.04 15.95 -26.96
CA VAL I 271 -12.46 17.20 -26.32
C VAL I 271 -11.82 18.41 -27.02
N ARG I 272 -12.56 19.54 -27.12
CA ARG I 272 -12.06 20.80 -27.69
C ARG I 272 -11.12 21.48 -26.67
N ASP I 273 -9.90 21.84 -27.10
CA ASP I 273 -8.88 22.45 -26.24
C ASP I 273 -9.04 23.97 -26.06
N ARG I 274 -7.97 24.63 -25.53
CA ARG I 274 -7.87 26.07 -25.27
C ARG I 274 -7.98 26.94 -26.53
N ASP I 275 -7.60 26.41 -27.70
CA ASP I 275 -7.65 27.11 -28.99
C ASP I 275 -8.89 26.71 -29.82
N ASP I 276 -9.86 26.01 -29.17
CA ASP I 276 -11.11 25.50 -29.74
C ASP I 276 -10.85 24.52 -30.91
N SER I 277 -9.92 23.57 -30.70
CA SER I 277 -9.53 22.54 -31.67
C SER I 277 -9.84 21.15 -31.11
N LEU I 278 -10.50 20.28 -31.91
CA LEU I 278 -10.84 18.91 -31.49
C LEU I 278 -9.56 18.07 -31.37
N VAL I 279 -9.32 17.53 -30.15
CA VAL I 279 -8.13 16.74 -29.78
C VAL I 279 -8.56 15.55 -28.90
N CYS I 280 -7.84 14.42 -28.96
CA CYS I 280 -8.08 13.23 -28.12
C CYS I 280 -7.72 13.58 -26.68
N ASP I 281 -8.43 12.98 -25.70
CA ASP I 281 -8.10 13.14 -24.29
C ASP I 281 -7.22 11.93 -23.96
N CYS I 282 -5.93 12.01 -24.39
CA CYS I 282 -4.92 10.96 -24.27
C CYS I 282 -4.73 10.43 -22.85
N ARG I 283 -4.51 9.11 -22.76
CA ARG I 283 -4.29 8.33 -21.53
C ARG I 283 -3.12 7.34 -21.76
N HIS I 284 -2.81 6.50 -20.74
CA HIS I 284 -1.70 5.53 -20.73
C HIS I 284 -0.33 6.24 -20.83
N ASN I 285 -0.25 7.45 -20.25
CA ASN I 285 0.93 8.33 -20.22
C ASN I 285 1.37 8.78 -21.63
N THR I 286 0.39 9.12 -22.49
CA THR I 286 0.64 9.60 -23.85
C THR I 286 0.15 11.03 -24.05
N ALA I 287 0.61 11.68 -25.14
CA ALA I 287 0.23 13.03 -25.55
C ALA I 287 0.21 13.08 -27.08
N GLY I 288 -0.41 14.11 -27.64
CA GLY I 288 -0.54 14.30 -29.08
C GLY I 288 -1.97 14.49 -29.52
N PRO I 289 -2.22 15.01 -30.75
CA PRO I 289 -3.61 15.20 -31.20
C PRO I 289 -4.36 13.90 -31.45
N GLU I 290 -3.63 12.83 -31.86
CA GLU I 290 -4.13 11.49 -32.15
C GLU I 290 -3.47 10.45 -31.24
N CYS I 291 -2.82 10.90 -30.14
CA CYS I 291 -2.06 10.10 -29.16
C CYS I 291 -0.90 9.35 -29.86
N ASP I 292 -0.39 9.91 -30.98
CA ASP I 292 0.68 9.37 -31.81
C ASP I 292 2.06 9.39 -31.14
N ARG I 293 2.31 10.34 -30.24
CA ARG I 293 3.59 10.44 -29.53
C ARG I 293 3.42 10.09 -28.04
N CYS I 294 4.47 10.33 -27.23
CA CYS I 294 4.43 10.01 -25.81
C CYS I 294 4.78 11.20 -24.90
N LYS I 295 4.07 11.31 -23.77
CA LYS I 295 4.20 12.34 -22.74
C LYS I 295 5.67 12.47 -22.27
N PRO I 296 6.19 13.70 -21.98
CA PRO I 296 7.59 13.81 -21.51
C PRO I 296 7.87 12.99 -20.27
N PHE I 297 9.13 12.47 -20.17
CA PHE I 297 9.63 11.62 -19.08
C PHE I 297 8.99 10.22 -19.10
N HIS I 298 8.44 9.80 -20.26
CA HIS I 298 7.84 8.47 -20.44
C HIS I 298 8.43 7.77 -21.67
N TYR I 299 9.71 8.06 -21.98
CA TYR I 299 10.41 7.48 -23.12
C TYR I 299 11.21 6.21 -22.77
N ASP I 300 10.66 5.37 -21.88
CA ASP I 300 11.30 4.12 -21.46
C ASP I 300 11.05 2.99 -22.47
N ARG I 301 10.02 3.14 -23.32
CA ARG I 301 9.61 2.17 -24.34
C ARG I 301 9.19 2.90 -25.62
N PRO I 302 9.49 2.37 -26.85
CA PRO I 302 9.06 3.06 -28.08
C PRO I 302 7.55 3.05 -28.22
N TRP I 303 6.99 4.13 -28.80
CA TRP I 303 5.54 4.27 -28.99
C TRP I 303 4.96 3.15 -29.82
N GLN I 304 3.81 2.61 -29.38
CA GLN I 304 3.09 1.54 -30.06
C GLN I 304 1.58 1.71 -29.86
N ARG I 305 0.82 1.52 -30.95
CA ARG I 305 -0.65 1.61 -30.98
C ARG I 305 -1.25 0.47 -30.15
N ALA I 306 -2.32 0.76 -29.40
CA ALA I 306 -2.99 -0.23 -28.55
C ALA I 306 -3.78 -1.28 -29.33
N THR I 307 -3.71 -2.53 -28.86
CA THR I 307 -4.43 -3.68 -29.42
C THR I 307 -5.42 -4.24 -28.38
N ALA I 308 -6.28 -5.20 -28.77
CA ALA I 308 -7.28 -5.80 -27.90
C ALA I 308 -6.67 -6.60 -26.75
N ARG I 309 -5.63 -7.40 -27.02
CA ARG I 309 -4.95 -8.22 -26.02
C ARG I 309 -3.96 -7.43 -25.17
N GLU I 310 -3.16 -6.54 -25.79
CA GLU I 310 -2.16 -5.74 -25.09
C GLU I 310 -2.51 -4.25 -25.05
N ALA I 311 -2.50 -3.65 -23.84
CA ALA I 311 -2.82 -2.24 -23.59
C ALA I 311 -1.83 -1.28 -24.26
N ASN I 312 -0.54 -1.66 -24.34
CA ASN I 312 0.57 -0.90 -24.94
C ASN I 312 0.69 0.51 -24.35
N GLU I 313 0.74 0.59 -23.01
CA GLU I 313 0.88 1.83 -22.25
C GLU I 313 2.29 2.40 -22.39
N CYS I 314 2.44 3.72 -22.21
CA CYS I 314 3.75 4.35 -22.30
C CYS I 314 4.45 4.31 -20.93
N VAL I 315 5.56 3.56 -20.85
CA VAL I 315 6.34 3.30 -19.63
C VAL I 315 7.10 4.55 -19.14
N ALA I 316 6.93 4.88 -17.85
CA ALA I 316 7.55 6.01 -17.18
C ALA I 316 9.02 5.76 -16.88
N CYS I 317 9.84 6.83 -16.96
CA CYS I 317 11.28 6.80 -16.68
C CYS I 317 11.48 6.78 -15.16
N ASN I 318 12.62 6.23 -14.71
CA ASN I 318 13.00 6.20 -13.30
C ASN I 318 14.40 6.77 -13.14
N CYS I 319 14.50 7.95 -12.50
CA CYS I 319 15.76 8.64 -12.27
C CYS I 319 16.09 8.82 -10.78
N ASN I 320 15.29 8.17 -9.91
CA ASN I 320 15.39 8.19 -8.44
C ASN I 320 15.35 9.63 -7.87
N LEU I 321 14.58 10.50 -8.54
CA LEU I 321 14.36 11.92 -8.25
C LEU I 321 15.67 12.74 -8.31
N HIS I 322 16.51 12.45 -9.34
CA HIS I 322 17.78 13.15 -9.57
C HIS I 322 17.84 13.83 -10.94
N ALA I 323 16.94 13.47 -11.85
CA ALA I 323 16.87 14.06 -13.18
C ALA I 323 15.43 14.36 -13.57
N ARG I 324 15.22 15.51 -14.24
CA ARG I 324 13.90 15.95 -14.69
C ARG I 324 13.61 15.52 -16.13
N ARG I 325 14.66 15.25 -16.92
CA ARG I 325 14.56 14.85 -18.32
C ARG I 325 15.26 13.52 -18.61
N CYS I 326 14.58 12.60 -19.33
CA CYS I 326 15.09 11.30 -19.75
C CYS I 326 14.99 11.15 -21.28
N ARG I 327 15.88 10.36 -21.88
CA ARG I 327 15.92 10.13 -23.34
C ARG I 327 15.90 8.63 -23.67
N PHE I 328 15.32 8.27 -24.82
CA PHE I 328 15.27 6.88 -25.27
C PHE I 328 16.50 6.51 -26.08
N ASN I 329 17.12 5.38 -25.71
CA ASN I 329 18.29 4.84 -26.40
C ASN I 329 17.89 3.51 -27.04
N MET I 330 17.99 3.44 -28.37
CA MET I 330 17.63 2.25 -29.15
C MET I 330 18.57 1.08 -28.86
N GLU I 331 19.90 1.37 -28.77
CA GLU I 331 20.95 0.39 -28.50
C GLU I 331 20.77 -0.27 -27.13
N LEU I 332 20.44 0.55 -26.09
CA LEU I 332 20.18 0.07 -24.73
C LEU I 332 18.91 -0.78 -24.67
N TYR I 333 17.88 -0.40 -25.47
CA TYR I 333 16.62 -1.13 -25.57
C TYR I 333 16.86 -2.48 -26.25
N LYS I 334 17.81 -2.51 -27.21
CA LYS I 334 18.22 -3.70 -27.94
C LYS I 334 19.04 -4.62 -27.01
N LEU I 335 19.94 -4.03 -26.20
CA LEU I 335 20.78 -4.75 -25.24
C LEU I 335 19.99 -5.32 -24.06
N SER I 336 18.83 -4.70 -23.72
CA SER I 336 17.95 -5.14 -22.64
C SER I 336 17.00 -6.28 -23.07
N GLY I 337 16.99 -6.58 -24.37
CA GLY I 337 16.15 -7.61 -24.97
C GLY I 337 14.72 -7.15 -25.09
N ARG I 338 14.53 -5.93 -25.66
CA ARG I 338 13.24 -5.26 -25.89
C ARG I 338 12.43 -5.08 -24.59
N LYS I 339 13.10 -4.71 -23.50
CA LYS I 339 12.47 -4.50 -22.19
C LYS I 339 12.36 -3.00 -21.87
N SER I 340 13.53 -2.34 -21.66
CA SER I 340 13.61 -0.92 -21.32
C SER I 340 14.80 -0.26 -22.01
N GLY I 341 14.65 1.00 -22.39
CA GLY I 341 15.69 1.76 -23.06
C GLY I 341 15.78 3.23 -22.68
N GLY I 342 15.19 3.58 -21.55
CA GLY I 342 15.19 4.95 -21.05
C GLY I 342 16.41 5.31 -20.20
N VAL I 343 17.23 6.24 -20.71
CA VAL I 343 18.43 6.74 -20.06
C VAL I 343 18.22 8.20 -19.61
N CYS I 344 18.39 8.46 -18.31
CA CYS I 344 18.23 9.78 -17.69
C CYS I 344 19.29 10.77 -18.19
N LEU I 345 18.88 12.04 -18.39
CA LEU I 345 19.79 13.09 -18.86
C LEU I 345 20.17 14.06 -17.75
N ASN I 346 21.48 14.44 -17.68
CA ASN I 346 22.09 15.35 -16.72
C ASN I 346 21.72 15.01 -15.26
N CYS I 347 22.28 13.91 -14.76
CA CYS I 347 22.05 13.41 -13.42
C CYS I 347 22.57 14.36 -12.35
N ARG I 348 21.68 14.82 -11.43
CA ARG I 348 22.03 15.74 -10.34
C ARG I 348 22.44 14.99 -9.08
N HIS I 349 22.90 15.75 -8.05
CA HIS I 349 23.31 15.29 -6.71
C HIS I 349 24.50 14.30 -6.76
N ASN I 350 25.44 14.53 -7.69
CA ASN I 350 26.68 13.75 -7.92
C ASN I 350 26.42 12.25 -8.11
N THR I 351 25.46 11.92 -9.00
CA THR I 351 25.07 10.55 -9.33
C THR I 351 25.37 10.24 -10.81
N ALA I 352 25.44 8.95 -11.16
CA ALA I 352 25.70 8.48 -12.53
C ALA I 352 24.88 7.24 -12.87
N GLY I 353 24.92 6.84 -14.16
CA GLY I 353 24.18 5.64 -14.61
C GLY I 353 22.80 5.98 -15.16
N ARG I 354 22.22 5.10 -15.98
CA ARG I 354 20.82 5.32 -16.44
C ARG I 354 19.93 5.26 -15.19
N HIS I 355 20.27 4.38 -14.25
CA HIS I 355 19.53 4.30 -12.96
C HIS I 355 19.68 5.64 -12.23
N CYS I 356 20.82 6.31 -12.40
CA CYS I 356 21.06 7.66 -11.79
C CYS I 356 21.48 7.58 -10.32
N HIS I 357 22.06 6.45 -9.87
CA HIS I 357 22.64 6.40 -8.50
C HIS I 357 24.09 5.91 -8.59
N TYR I 358 25.05 6.69 -8.10
CA TYR I 358 26.49 6.32 -8.24
C TYR I 358 27.41 7.24 -7.42
N CYS I 359 28.72 6.98 -7.44
CA CYS I 359 29.70 7.79 -6.65
C CYS I 359 30.81 8.29 -7.58
N LYS I 360 31.59 9.29 -7.17
CA LYS I 360 32.61 9.91 -8.07
C LYS I 360 34.01 9.86 -7.48
N GLU I 361 35.05 10.10 -8.30
CA GLU I 361 36.47 10.07 -7.84
C GLU I 361 36.78 11.29 -6.97
N GLY I 362 37.86 11.23 -6.17
CA GLY I 362 38.14 12.32 -5.21
C GLY I 362 37.09 12.21 -4.13
N TYR I 363 36.28 11.16 -4.18
CA TYR I 363 35.18 10.92 -3.25
C TYR I 363 35.01 9.42 -2.97
N TYR I 364 34.45 9.08 -1.79
CA TYR I 364 34.23 7.70 -1.35
C TYR I 364 32.84 7.51 -0.74
N ARG I 365 32.28 6.29 -0.84
CA ARG I 365 30.95 5.96 -0.33
C ARG I 365 30.88 5.75 1.18
N ASP I 366 29.84 6.34 1.83
CA ASP I 366 29.55 6.22 3.25
C ASP I 366 28.66 4.98 3.44
N MET I 367 29.18 3.97 4.14
CA MET I 367 28.49 2.68 4.35
C MET I 367 27.27 2.74 5.29
N GLY I 368 27.22 3.75 6.16
CA GLY I 368 26.13 3.96 7.10
C GLY I 368 24.79 4.31 6.46
N LYS I 369 24.83 4.92 5.26
CA LYS I 369 23.64 5.35 4.52
C LYS I 369 23.57 4.70 3.12
N PRO I 370 22.36 4.37 2.58
CA PRO I 370 22.29 3.75 1.24
C PRO I 370 22.69 4.66 0.08
N ILE I 371 22.84 4.09 -1.12
CA ILE I 371 23.25 4.78 -2.35
C ILE I 371 22.22 5.85 -2.80
N THR I 372 20.91 5.63 -2.50
CA THR I 372 19.81 6.53 -2.85
C THR I 372 19.84 7.85 -2.05
N HIS I 373 20.50 7.86 -0.88
CA HIS I 373 20.62 9.03 0.02
C HIS I 373 21.45 10.17 -0.60
N ARG I 374 21.18 11.41 -0.16
CA ARG I 374 21.86 12.63 -0.61
C ARG I 374 23.34 12.62 -0.22
N LYS I 375 23.62 12.28 1.06
CA LYS I 375 24.98 12.18 1.61
C LYS I 375 25.51 10.75 1.48
N ALA I 376 25.49 10.20 0.25
CA ALA I 376 25.96 8.86 -0.07
C ALA I 376 27.46 8.84 -0.31
N CYS I 377 28.02 9.97 -0.77
CA CYS I 377 29.45 10.10 -1.04
C CYS I 377 30.11 11.19 -0.20
N LYS I 378 31.05 10.77 0.68
CA LYS I 378 31.82 11.67 1.54
C LYS I 378 33.04 12.16 0.76
N ALA I 379 33.55 13.36 1.10
CA ALA I 379 34.71 13.95 0.46
C ALA I 379 36.00 13.24 0.85
N CYS I 380 36.84 12.91 -0.14
CA CYS I 380 38.12 12.25 0.11
C CYS I 380 39.21 13.31 0.12
N ASP I 381 39.56 13.78 1.34
CA ASP I 381 40.52 14.85 1.58
C ASP I 381 41.97 14.39 1.58
N CYS I 382 42.44 13.90 0.42
CA CYS I 382 43.82 13.43 0.27
C CYS I 382 44.82 14.58 0.30
N HIS I 383 45.80 14.48 1.22
CA HIS I 383 46.86 15.46 1.44
C HIS I 383 47.63 15.77 0.15
N PRO I 384 47.87 17.06 -0.19
CA PRO I 384 48.57 17.36 -1.46
C PRO I 384 50.04 16.94 -1.52
N VAL I 385 50.73 16.85 -0.36
CA VAL I 385 52.13 16.45 -0.33
C VAL I 385 52.30 15.00 0.16
N GLY I 386 51.34 14.52 0.94
CA GLY I 386 51.33 13.17 1.50
C GLY I 386 50.91 12.11 0.51
N ALA I 387 49.67 12.21 0.00
CA ALA I 387 49.10 11.26 -0.95
C ALA I 387 49.70 11.41 -2.36
N ALA I 388 49.73 10.31 -3.12
CA ALA I 388 50.23 10.26 -4.49
C ALA I 388 49.19 10.79 -5.47
N GLY I 389 47.95 10.30 -5.34
CA GLY I 389 46.82 10.70 -6.17
C GLY I 389 45.66 11.26 -5.36
N LYS I 390 44.64 11.76 -6.06
CA LYS I 390 43.44 12.35 -5.46
C LYS I 390 42.35 11.28 -5.27
N THR I 391 42.22 10.37 -6.24
CA THR I 391 41.26 9.26 -6.25
C THR I 391 41.67 8.20 -5.20
N CYS I 392 40.73 7.87 -4.29
CA CYS I 392 40.96 6.95 -3.17
C CYS I 392 40.13 5.66 -3.22
N ASN I 393 40.21 4.86 -2.14
CA ASN I 393 39.46 3.62 -1.96
C ASN I 393 38.01 3.96 -1.62
N GLN I 394 37.06 3.45 -2.43
CA GLN I 394 35.63 3.75 -2.31
C GLN I 394 34.91 3.11 -1.12
N THR I 395 35.31 1.89 -0.69
CA THR I 395 34.65 1.19 0.41
C THR I 395 35.21 1.55 1.80
N THR I 396 36.53 1.79 1.92
CA THR I 396 37.17 2.09 3.21
C THR I 396 37.48 3.57 3.43
N GLY I 397 37.85 4.27 2.36
CA GLY I 397 38.22 5.68 2.41
C GLY I 397 39.68 5.86 2.74
N GLN I 398 40.56 5.24 1.93
CA GLN I 398 42.01 5.29 2.10
C GLN I 398 42.68 5.90 0.87
N CYS I 399 43.39 7.02 1.07
CA CYS I 399 44.12 7.73 0.02
C CYS I 399 45.39 6.97 -0.38
N PRO I 400 45.82 7.01 -1.67
CA PRO I 400 47.03 6.28 -2.05
C PRO I 400 48.30 6.95 -1.48
N CYS I 401 48.75 6.47 -0.31
CA CYS I 401 49.90 7.00 0.39
C CYS I 401 51.23 6.67 -0.28
N LYS I 402 52.20 7.59 -0.16
CA LYS I 402 53.55 7.44 -0.70
C LYS I 402 54.52 7.33 0.48
N ASP I 403 55.56 6.47 0.35
CA ASP I 403 56.59 6.19 1.36
C ASP I 403 56.02 5.52 2.64
N GLY I 404 54.97 4.72 2.46
CA GLY I 404 54.29 3.97 3.52
C GLY I 404 53.71 4.80 4.64
N VAL I 405 52.99 5.89 4.30
CA VAL I 405 52.34 6.79 5.26
C VAL I 405 51.12 6.11 5.91
N THR I 406 51.06 6.12 7.26
CA THR I 406 50.01 5.47 8.06
C THR I 406 48.67 6.24 8.09
N GLY I 407 48.70 7.53 7.74
CA GLY I 407 47.52 8.39 7.74
C GLY I 407 46.40 7.91 6.85
N ILE I 408 45.14 8.12 7.30
CA ILE I 408 43.89 7.75 6.59
C ILE I 408 43.76 8.59 5.30
N THR I 409 44.16 9.87 5.39
CA THR I 409 44.15 10.85 4.30
C THR I 409 45.59 11.21 3.90
N CYS I 410 46.55 10.34 4.30
CA CYS I 410 48.01 10.46 4.09
C CYS I 410 48.59 11.73 4.73
N ASN I 411 48.24 11.98 6.01
CA ASN I 411 48.64 13.17 6.74
C ASN I 411 49.80 12.97 7.74
N ARG I 412 50.03 11.76 8.27
CA ARG I 412 51.09 11.53 9.25
C ARG I 412 52.14 10.52 8.78
N CYS I 413 53.44 10.82 9.02
CA CYS I 413 54.55 9.92 8.67
C CYS I 413 54.50 8.63 9.50
N ALA I 414 55.03 7.53 8.93
CA ALA I 414 55.08 6.23 9.61
C ALA I 414 56.09 6.21 10.76
N LYS I 415 56.14 5.09 11.52
CA LYS I 415 57.05 4.88 12.65
C LYS I 415 58.50 4.95 12.17
N GLY I 416 59.33 5.71 12.88
CA GLY I 416 60.74 5.90 12.57
C GLY I 416 61.02 6.91 11.47
N TYR I 417 59.98 7.24 10.68
CA TYR I 417 60.07 8.19 9.56
C TYR I 417 59.90 9.63 10.03
N GLN I 418 60.74 10.52 9.49
CA GLN I 418 60.73 11.97 9.77
C GLN I 418 60.33 12.73 8.51
N GLN I 419 59.62 13.87 8.67
CA GLN I 419 59.17 14.72 7.56
C GLN I 419 60.33 15.35 6.79
N SER I 420 60.29 15.24 5.46
CA SER I 420 61.32 15.73 4.55
C SER I 420 60.92 16.94 3.68
N ARG I 421 61.93 17.66 3.16
CA ARG I 421 61.80 18.84 2.31
C ARG I 421 61.44 18.47 0.86
N SER I 422 61.80 17.25 0.41
CA SER I 422 61.57 16.77 -0.95
C SER I 422 60.09 16.48 -1.25
N PRO I 423 59.56 16.91 -2.43
CA PRO I 423 58.15 16.63 -2.75
C PRO I 423 57.90 15.19 -3.19
N ILE I 424 58.96 14.48 -3.61
CA ILE I 424 58.93 13.08 -4.07
C ILE I 424 58.91 12.16 -2.83
N ALA I 425 59.79 12.44 -1.86
CA ALA I 425 59.88 11.66 -0.62
C ALA I 425 59.44 12.50 0.59
N PRO I 426 58.14 12.42 1.01
CA PRO I 426 57.69 13.23 2.15
C PRO I 426 58.17 12.73 3.52
N CYS I 427 58.43 11.41 3.65
CA CYS I 427 58.92 10.80 4.89
C CYS I 427 60.22 10.01 4.65
N ILE I 428 61.23 10.24 5.50
CA ILE I 428 62.54 9.55 5.41
C ILE I 428 62.84 8.83 6.74
N LYS I 429 63.21 7.53 6.64
CA LYS I 429 63.54 6.67 7.77
C LYS I 429 64.93 6.99 8.30
N THR J 2 -48.80 12.83 -24.63
CA THR J 2 -48.46 13.98 -23.79
C THR J 2 -47.84 15.12 -24.62
N GLY J 3 -46.63 14.92 -25.11
CA GLY J 3 -45.89 15.92 -25.87
C GLY J 3 -45.46 15.47 -27.24
N GLU J 4 -46.20 15.91 -28.28
CA GLU J 4 -45.93 15.61 -29.68
C GLU J 4 -45.60 16.89 -30.48
N THR J 5 -45.32 17.99 -29.76
CA THR J 5 -44.96 19.30 -30.33
C THR J 5 -43.53 19.28 -30.91
N ARG J 6 -42.66 18.40 -30.38
CA ARG J 6 -41.27 18.24 -30.81
C ARG J 6 -40.88 16.78 -31.09
N VAL J 7 -39.76 16.59 -31.79
CA VAL J 7 -39.17 15.28 -32.16
C VAL J 7 -38.46 14.71 -30.89
N PRO J 8 -38.55 13.38 -30.60
CA PRO J 8 -37.89 12.85 -29.38
C PRO J 8 -36.39 13.10 -29.26
N GLU J 9 -35.93 13.25 -28.02
CA GLU J 9 -34.52 13.51 -27.68
C GLU J 9 -33.65 12.28 -27.92
N VAL J 10 -32.34 12.50 -28.01
CA VAL J 10 -31.31 11.46 -28.21
C VAL J 10 -31.29 10.47 -27.02
N PRO J 11 -31.32 9.12 -27.24
CA PRO J 11 -31.30 8.18 -26.10
C PRO J 11 -30.05 8.33 -25.22
N SER J 12 -30.18 8.02 -23.91
CA SER J 12 -29.10 8.16 -22.93
C SER J 12 -27.93 7.18 -23.13
N SER J 13 -28.20 5.87 -23.25
CA SER J 13 -27.13 4.87 -23.44
C SER J 13 -27.47 3.78 -24.47
N LEU J 14 -26.41 3.11 -24.99
CA LEU J 14 -26.49 2.02 -25.97
C LEU J 14 -25.33 1.06 -25.74
N HIS J 15 -25.64 -0.24 -25.58
CA HIS J 15 -24.63 -1.28 -25.33
C HIS J 15 -24.88 -2.54 -26.16
N VAL J 16 -23.86 -2.95 -26.93
CA VAL J 16 -23.90 -4.15 -27.78
C VAL J 16 -23.10 -5.31 -27.17
N ARG J 17 -23.41 -6.54 -27.57
CA ARG J 17 -22.73 -7.75 -27.13
C ARG J 17 -22.69 -8.72 -28.34
N PRO J 18 -21.55 -8.82 -29.05
CA PRO J 18 -21.50 -9.69 -30.23
C PRO J 18 -21.27 -11.16 -29.92
N LEU J 19 -21.99 -12.02 -30.63
CA LEU J 19 -21.92 -13.47 -30.54
C LEU J 19 -21.55 -14.05 -31.91
N VAL J 20 -21.61 -15.38 -32.08
CA VAL J 20 -21.26 -16.08 -33.30
C VAL J 20 -22.14 -15.65 -34.50
N THR J 21 -23.48 -15.62 -34.33
CA THR J 21 -24.45 -15.28 -35.38
C THR J 21 -25.50 -14.25 -34.89
N SER J 22 -25.29 -13.65 -33.70
CA SER J 22 -26.23 -12.69 -33.12
C SER J 22 -25.54 -11.54 -32.36
N ILE J 23 -26.27 -10.41 -32.13
CA ILE J 23 -25.76 -9.25 -31.37
C ILE J 23 -26.81 -8.78 -30.34
N VAL J 24 -26.47 -8.88 -29.04
CA VAL J 24 -27.36 -8.49 -27.94
C VAL J 24 -27.26 -6.97 -27.76
N VAL J 25 -28.34 -6.25 -28.10
CA VAL J 25 -28.40 -4.79 -28.00
C VAL J 25 -29.20 -4.41 -26.74
N SER J 26 -28.67 -3.48 -25.95
CA SER J 26 -29.29 -2.97 -24.72
C SER J 26 -29.27 -1.44 -24.75
N TRP J 27 -30.34 -0.80 -24.23
CA TRP J 27 -30.46 0.65 -24.23
C TRP J 27 -31.25 1.20 -23.05
N THR J 28 -31.28 2.55 -22.93
CA THR J 28 -32.01 3.30 -21.90
C THR J 28 -32.70 4.52 -22.54
N PRO J 29 -33.99 4.79 -22.21
CA PRO J 29 -34.70 5.94 -22.81
C PRO J 29 -34.05 7.31 -22.56
N PRO J 30 -34.36 8.37 -23.37
CA PRO J 30 -33.75 9.69 -23.09
C PRO J 30 -34.13 10.28 -21.73
N GLU J 31 -33.28 11.18 -21.19
CA GLU J 31 -33.47 11.84 -19.89
C GLU J 31 -34.74 12.69 -19.82
N ASN J 32 -35.13 13.34 -20.94
CA ASN J 32 -36.33 14.19 -21.00
C ASN J 32 -37.59 13.34 -21.15
N GLN J 33 -38.60 13.62 -20.30
CA GLN J 33 -39.87 12.90 -20.30
C GLN J 33 -41.04 13.72 -20.87
N ASN J 34 -40.83 15.05 -21.05
CA ASN J 34 -41.84 15.98 -21.59
C ASN J 34 -42.30 15.60 -22.99
N ILE J 35 -41.37 15.09 -23.82
CA ILE J 35 -41.65 14.61 -25.18
C ILE J 35 -41.91 13.10 -25.11
N VAL J 36 -43.14 12.68 -25.48
CA VAL J 36 -43.59 11.29 -25.45
C VAL J 36 -42.85 10.44 -26.52
N VAL J 37 -42.52 9.19 -26.15
CA VAL J 37 -41.82 8.25 -27.04
C VAL J 37 -42.68 6.98 -27.25
N ARG J 38 -42.97 6.66 -28.51
CA ARG J 38 -43.80 5.49 -28.87
C ARG J 38 -43.00 4.19 -28.95
N GLY J 39 -41.71 4.29 -29.33
CA GLY J 39 -40.85 3.13 -29.44
C GLY J 39 -39.41 3.39 -29.84
N TYR J 40 -38.67 2.31 -30.13
CA TYR J 40 -37.27 2.33 -30.53
C TYR J 40 -37.07 1.66 -31.89
N ALA J 41 -36.15 2.21 -32.69
CA ALA J 41 -35.84 1.69 -34.03
C ALA J 41 -34.37 1.27 -34.13
N ILE J 42 -34.13 -0.05 -34.16
CA ILE J 42 -32.79 -0.64 -34.27
C ILE J 42 -32.42 -0.72 -35.76
N GLY J 43 -31.30 -0.11 -36.14
CA GLY J 43 -30.80 -0.11 -37.51
C GLY J 43 -29.42 -0.73 -37.58
N TYR J 44 -29.32 -1.94 -38.16
CA TYR J 44 -28.05 -2.67 -38.23
C TYR J 44 -27.56 -2.95 -39.67
N GLY J 45 -26.34 -3.50 -39.79
CA GLY J 45 -25.71 -3.85 -41.06
C GLY J 45 -24.21 -3.73 -41.08
N ILE J 46 -23.55 -4.49 -42.00
CA ILE J 46 -22.09 -4.51 -42.16
C ILE J 46 -21.62 -3.19 -42.78
N GLY J 47 -20.70 -2.51 -42.09
CA GLY J 47 -20.12 -1.25 -42.55
C GLY J 47 -20.99 -0.04 -42.29
N SER J 48 -22.26 -0.11 -42.71
CA SER J 48 -23.22 0.97 -42.51
C SER J 48 -24.45 0.43 -41.76
N PRO J 49 -25.17 1.27 -40.96
CA PRO J 49 -26.35 0.74 -40.26
C PRO J 49 -27.63 0.70 -41.10
N HIS J 50 -27.56 1.17 -42.36
CA HIS J 50 -28.67 1.28 -43.30
C HIS J 50 -29.25 -0.05 -43.86
N ALA J 51 -28.54 -1.18 -43.69
CA ALA J 51 -28.96 -2.49 -44.23
C ALA J 51 -30.37 -2.95 -43.83
N GLN J 52 -30.67 -3.03 -42.51
CA GLN J 52 -31.97 -3.45 -42.01
C GLN J 52 -32.46 -2.65 -40.80
N THR J 53 -33.80 -2.53 -40.62
CA THR J 53 -34.43 -1.77 -39.55
C THR J 53 -35.51 -2.56 -38.82
N ILE J 54 -35.39 -2.66 -37.48
CA ILE J 54 -36.34 -3.35 -36.61
C ILE J 54 -36.94 -2.33 -35.63
N LYS J 55 -38.27 -2.12 -35.71
CA LYS J 55 -39.01 -1.20 -34.85
C LYS J 55 -39.69 -1.96 -33.71
N VAL J 56 -39.46 -1.51 -32.47
CA VAL J 56 -40.01 -2.12 -31.24
C VAL J 56 -40.80 -1.10 -30.40
N ASP J 57 -41.62 -1.59 -29.43
CA ASP J 57 -42.42 -0.74 -28.53
C ASP J 57 -41.54 0.00 -27.51
N TYR J 58 -42.09 1.07 -26.89
CA TYR J 58 -41.41 1.91 -25.90
C TYR J 58 -41.02 1.17 -24.60
N LYS J 59 -41.75 0.09 -24.26
CA LYS J 59 -41.52 -0.71 -23.06
C LYS J 59 -40.22 -1.52 -23.12
N GLN J 60 -39.85 -1.97 -24.34
CA GLN J 60 -38.64 -2.77 -24.61
C GLN J 60 -37.35 -2.02 -24.26
N ARG J 61 -36.40 -2.71 -23.59
CA ARG J 61 -35.12 -2.13 -23.17
C ARG J 61 -33.91 -2.90 -23.73
N TYR J 62 -34.12 -4.15 -24.21
CA TYR J 62 -33.08 -5.01 -24.80
C TYR J 62 -33.63 -5.84 -25.97
N TYR J 63 -32.77 -6.10 -26.98
CA TYR J 63 -33.13 -6.87 -28.18
C TYR J 63 -31.90 -7.54 -28.81
N THR J 64 -32.01 -8.85 -29.11
CA THR J 64 -30.93 -9.63 -29.71
C THR J 64 -31.13 -9.74 -31.23
N ILE J 65 -30.26 -9.09 -32.03
CA ILE J 65 -30.33 -9.13 -33.50
C ILE J 65 -29.83 -10.50 -33.97
N GLU J 66 -30.74 -11.30 -34.56
CA GLU J 66 -30.45 -12.67 -35.01
C GLU J 66 -30.04 -12.75 -36.49
N ASN J 67 -29.66 -13.97 -36.95
CA ASN J 67 -29.24 -14.33 -38.32
C ASN J 67 -28.20 -13.37 -38.91
N LEU J 68 -26.97 -13.44 -38.40
CA LEU J 68 -25.87 -12.57 -38.86
C LEU J 68 -24.69 -13.40 -39.36
N ASP J 69 -23.76 -12.73 -40.07
CA ASP J 69 -22.56 -13.37 -40.63
C ASP J 69 -21.49 -13.61 -39.54
N PRO J 70 -20.66 -14.68 -39.65
CA PRO J 70 -19.73 -15.03 -38.57
C PRO J 70 -18.67 -14.01 -38.15
N SER J 71 -17.81 -13.52 -39.05
CA SER J 71 -16.74 -12.61 -38.62
C SER J 71 -16.91 -11.15 -39.11
N SER J 72 -18.15 -10.79 -39.49
CA SER J 72 -18.50 -9.47 -40.01
C SER J 72 -18.55 -8.37 -38.95
N HIS J 73 -18.30 -7.11 -39.39
CA HIS J 73 -18.30 -5.91 -38.55
C HIS J 73 -19.57 -5.11 -38.80
N TYR J 74 -20.51 -5.21 -37.87
CA TYR J 74 -21.81 -4.55 -37.92
C TYR J 74 -21.81 -3.21 -37.21
N VAL J 75 -22.61 -2.28 -37.71
CA VAL J 75 -22.81 -0.95 -37.13
C VAL J 75 -24.30 -0.88 -36.73
N ILE J 76 -24.57 -0.80 -35.42
CA ILE J 76 -25.93 -0.74 -34.87
C ILE J 76 -26.30 0.70 -34.49
N THR J 77 -27.51 1.14 -34.86
CA THR J 77 -28.03 2.48 -34.65
C THR J 77 -29.36 2.44 -33.90
N LEU J 78 -29.49 3.24 -32.82
CA LEU J 78 -30.72 3.30 -32.03
C LEU J 78 -31.36 4.68 -32.10
N LYS J 79 -32.64 4.71 -32.50
CA LYS J 79 -33.45 5.92 -32.64
C LYS J 79 -34.70 5.82 -31.77
N ALA J 80 -35.13 6.94 -31.18
CA ALA J 80 -36.35 7.01 -30.37
C ALA J 80 -37.42 7.65 -31.26
N PHE J 81 -38.54 6.94 -31.50
CA PHE J 81 -39.58 7.46 -32.40
C PHE J 81 -40.98 7.57 -31.78
N ASN J 82 -41.75 8.57 -32.22
CA ASN J 82 -43.12 8.85 -31.83
C ASN J 82 -44.00 9.09 -33.09
N ASN J 83 -45.14 9.79 -32.94
CA ASN J 83 -46.05 10.07 -34.05
C ASN J 83 -45.56 11.20 -34.97
N VAL J 84 -44.77 12.15 -34.44
CA VAL J 84 -44.25 13.27 -35.23
C VAL J 84 -43.03 12.83 -36.08
N GLY J 85 -42.29 11.82 -35.61
CA GLY J 85 -41.13 11.31 -36.33
C GLY J 85 -40.05 10.62 -35.50
N GLU J 86 -38.88 10.38 -36.13
CA GLU J 86 -37.71 9.72 -35.54
C GLU J 86 -36.71 10.72 -34.97
N GLY J 87 -36.22 10.43 -33.76
CA GLY J 87 -35.26 11.26 -33.03
C GLY J 87 -33.81 11.13 -33.47
N ILE J 88 -32.91 11.78 -32.72
CA ILE J 88 -31.46 11.80 -32.96
C ILE J 88 -30.87 10.40 -32.68
N PRO J 89 -30.11 9.80 -33.62
CA PRO J 89 -29.58 8.45 -33.39
C PRO J 89 -28.37 8.33 -32.47
N LEU J 90 -28.17 7.11 -31.93
CA LEU J 90 -27.05 6.73 -31.06
C LEU J 90 -26.40 5.52 -31.73
N TYR J 91 -25.12 5.65 -32.10
CA TYR J 91 -24.38 4.63 -32.85
C TYR J 91 -23.42 3.81 -31.99
N GLU J 92 -23.17 2.55 -32.41
CA GLU J 92 -22.22 1.60 -31.81
C GLU J 92 -21.88 0.52 -32.83
N SER J 93 -20.62 0.06 -32.85
CA SER J 93 -20.20 -1.00 -33.77
C SER J 93 -19.66 -2.23 -33.05
N ALA J 94 -19.83 -3.41 -33.67
CA ALA J 94 -19.38 -4.70 -33.11
C ALA J 94 -18.97 -5.68 -34.20
N VAL J 95 -17.97 -6.53 -33.89
CA VAL J 95 -17.47 -7.56 -34.79
C VAL J 95 -17.92 -8.91 -34.21
N THR J 96 -18.77 -9.62 -34.98
CA THR J 96 -19.32 -10.93 -34.60
C THR J 96 -18.23 -11.98 -34.45
N ARG J 97 -18.40 -12.91 -33.50
CA ARG J 97 -17.35 -13.94 -33.23
C ARG J 97 -17.34 -14.99 -34.34
N PRO J 98 -16.16 -15.47 -34.79
CA PRO J 98 -16.08 -16.41 -35.92
C PRO J 98 -16.80 -17.73 -35.65
N HIS J 99 -17.46 -18.29 -36.68
CA HIS J 99 -18.23 -19.56 -36.52
C HIS J 99 -17.26 -20.71 -36.19
N THR J 100 -17.66 -21.58 -35.25
CA THR J 100 -16.90 -22.80 -34.93
C THR J 100 -16.88 -23.72 -36.16
N VAL J 101 -15.74 -24.36 -36.45
CA VAL J 101 -15.61 -25.19 -37.67
C VAL J 101 -15.56 -26.67 -37.26
N PRO J 102 -16.44 -27.54 -37.81
CA PRO J 102 -16.38 -28.97 -37.49
C PRO J 102 -15.04 -29.55 -37.99
N ASP J 103 -14.41 -30.39 -37.16
CA ASP J 103 -13.08 -30.95 -37.53
C ASP J 103 -13.21 -32.47 -37.67
N PRO J 104 -12.74 -33.07 -38.78
CA PRO J 104 -12.78 -34.53 -38.95
C PRO J 104 -11.91 -35.21 -37.89
N THR J 105 -12.35 -36.34 -37.35
CA THR J 105 -11.59 -37.03 -36.29
C THR J 105 -10.25 -37.48 -36.86
N PRO J 106 -9.12 -37.34 -36.12
CA PRO J 106 -7.81 -37.69 -36.67
C PRO J 106 -7.70 -39.18 -37.03
N MET J 107 -6.95 -39.51 -38.08
CA MET J 107 -6.76 -40.90 -38.49
C MET J 107 -5.78 -41.61 -37.55
N MET J 108 -5.63 -42.93 -37.72
CA MET J 108 -4.69 -43.74 -36.94
C MET J 108 -3.29 -43.57 -37.56
N PRO J 109 -2.25 -43.26 -36.78
CA PRO J 109 -0.91 -43.07 -37.38
C PRO J 109 -0.26 -44.38 -37.82
N PRO J 110 0.75 -44.36 -38.73
CA PRO J 110 1.39 -45.63 -39.12
C PRO J 110 2.12 -46.32 -37.96
N VAL J 111 2.16 -47.66 -38.01
CA VAL J 111 2.80 -48.50 -36.98
C VAL J 111 3.99 -49.27 -37.57
N GLY J 112 4.81 -49.87 -36.71
CA GLY J 112 5.97 -50.66 -37.08
C GLY J 112 7.02 -49.90 -37.88
N VAL J 113 7.33 -48.67 -37.44
CA VAL J 113 8.31 -47.80 -38.09
C VAL J 113 9.73 -48.24 -37.72
N GLN J 114 10.48 -48.77 -38.71
CA GLN J 114 11.84 -49.27 -38.50
C GLN J 114 12.85 -48.62 -39.44
N ALA J 115 13.97 -48.16 -38.87
CA ALA J 115 15.06 -47.53 -39.61
C ALA J 115 16.14 -48.57 -39.95
N SER J 116 16.43 -48.72 -41.25
CA SER J 116 17.43 -49.67 -41.74
C SER J 116 18.56 -48.91 -42.44
N ILE J 117 19.72 -48.81 -41.76
CA ILE J 117 20.90 -48.10 -42.26
C ILE J 117 21.59 -48.90 -43.38
N LEU J 118 21.71 -48.28 -44.56
CA LEU J 118 22.32 -48.90 -45.73
C LEU J 118 23.75 -48.39 -45.93
N SER J 119 23.93 -47.06 -45.93
CA SER J 119 25.25 -46.44 -46.10
C SER J 119 25.39 -45.18 -45.22
N HIS J 120 26.51 -44.44 -45.41
CA HIS J 120 26.86 -43.20 -44.69
C HIS J 120 25.89 -42.04 -44.97
N ASP J 121 25.18 -42.08 -46.12
CA ASP J 121 24.25 -41.03 -46.54
C ASP J 121 22.84 -41.56 -46.87
N THR J 122 22.62 -42.88 -46.74
CA THR J 122 21.33 -43.50 -47.06
C THR J 122 20.79 -44.42 -45.96
N ILE J 123 19.52 -44.20 -45.57
CA ILE J 123 18.76 -44.99 -44.60
C ILE J 123 17.35 -45.21 -45.19
N ARG J 124 16.88 -46.46 -45.23
CA ARG J 124 15.53 -46.76 -45.72
C ARG J 124 14.57 -46.94 -44.55
N ILE J 125 13.39 -46.30 -44.66
CA ILE J 125 12.37 -46.32 -43.61
C ILE J 125 11.18 -47.17 -44.05
N THR J 126 10.77 -48.10 -43.18
CA THR J 126 9.66 -49.03 -43.42
C THR J 126 8.58 -48.87 -42.35
N TRP J 127 7.34 -48.65 -42.80
CA TRP J 127 6.18 -48.52 -41.93
C TRP J 127 4.99 -49.32 -42.45
N ALA J 128 4.07 -49.67 -41.53
CA ALA J 128 2.84 -50.42 -41.80
C ALA J 128 1.61 -49.58 -41.49
N ASP J 129 0.42 -50.03 -41.93
CA ASP J 129 -0.85 -49.36 -41.68
C ASP J 129 -1.96 -50.36 -41.36
N ASN J 130 -2.49 -50.29 -40.13
CA ASN J 130 -3.56 -51.18 -39.64
C ASN J 130 -4.91 -50.88 -40.28
N SER J 131 -5.09 -49.65 -40.80
CA SER J 131 -6.32 -49.18 -41.47
C SER J 131 -6.54 -49.88 -42.81
N LEU J 132 -5.43 -50.25 -43.49
CA LEU J 132 -5.42 -50.92 -44.80
C LEU J 132 -5.96 -52.36 -44.70
N PRO J 133 -7.05 -52.72 -45.44
CA PRO J 133 -7.58 -54.09 -45.36
C PRO J 133 -6.92 -55.04 -46.36
N THR J 139 -7.03 -48.25 -53.80
CA THR J 139 -8.34 -47.64 -53.94
C THR J 139 -8.33 -46.18 -53.48
N ASP J 140 -7.98 -45.93 -52.21
CA ASP J 140 -7.89 -44.60 -51.60
C ASP J 140 -6.81 -43.74 -52.28
N SER J 141 -6.88 -42.41 -52.11
CA SER J 141 -5.89 -41.49 -52.65
C SER J 141 -5.04 -40.88 -51.52
N ARG J 142 -4.82 -41.67 -50.45
CA ARG J 142 -4.02 -41.27 -49.29
C ARG J 142 -2.53 -41.46 -49.53
N TYR J 143 -1.75 -40.44 -49.18
CA TYR J 143 -0.30 -40.45 -49.32
C TYR J 143 0.36 -40.29 -47.97
N TYR J 144 1.51 -40.93 -47.78
CA TYR J 144 2.29 -40.86 -46.54
C TYR J 144 3.37 -39.79 -46.65
N THR J 145 3.72 -39.16 -45.52
CA THR J 145 4.75 -38.14 -45.45
C THR J 145 5.83 -38.55 -44.45
N VAL J 146 7.12 -38.41 -44.82
CA VAL J 146 8.27 -38.78 -44.00
C VAL J 146 9.01 -37.51 -43.57
N ARG J 147 9.54 -37.49 -42.33
CA ARG J 147 10.33 -36.36 -41.82
C ARG J 147 11.58 -36.81 -41.06
N TRP J 148 12.69 -36.06 -41.19
CA TRP J 148 13.96 -36.36 -40.53
C TRP J 148 14.78 -35.11 -40.20
N LYS J 149 15.49 -35.14 -39.05
CA LYS J 149 16.31 -34.03 -38.57
C LYS J 149 17.46 -34.49 -37.68
N THR J 150 18.62 -33.83 -37.83
CA THR J 150 19.81 -34.02 -37.00
C THR J 150 19.92 -32.79 -36.09
N ASN J 151 20.52 -32.95 -34.91
CA ASN J 151 20.65 -31.86 -33.96
C ASN J 151 21.74 -30.83 -34.33
N ILE J 152 22.65 -31.18 -35.27
CA ILE J 152 23.71 -30.27 -35.71
C ILE J 152 23.55 -29.97 -37.23
N PRO J 153 23.45 -28.68 -37.65
CA PRO J 153 23.49 -27.44 -36.86
C PRO J 153 22.26 -27.22 -35.98
N ALA J 154 22.33 -26.22 -35.09
CA ALA J 154 21.27 -25.86 -34.14
C ALA J 154 20.08 -25.16 -34.80
N ASN J 155 18.89 -25.34 -34.18
CA ASN J 155 17.60 -24.76 -34.57
C ASN J 155 17.21 -25.04 -36.05
N THR J 156 17.60 -26.21 -36.57
CA THR J 156 17.26 -26.64 -37.93
C THR J 156 15.87 -27.27 -37.93
N LYS J 157 15.23 -27.35 -39.10
CA LYS J 157 13.88 -27.90 -39.24
C LYS J 157 13.88 -29.28 -39.90
N TYR J 158 12.78 -30.05 -39.71
CA TYR J 158 12.59 -31.39 -40.25
C TYR J 158 12.47 -31.34 -41.78
N LYS J 159 13.19 -32.22 -42.47
CA LYS J 159 13.14 -32.32 -43.93
C LYS J 159 11.96 -33.23 -44.29
N ASN J 160 11.01 -32.72 -45.09
CA ASN J 160 9.82 -33.48 -45.49
C ASN J 160 9.95 -34.10 -46.87
N ALA J 161 9.32 -35.27 -47.07
CA ALA J 161 9.29 -36.01 -48.34
C ALA J 161 8.03 -36.89 -48.42
N ASN J 162 7.31 -36.81 -49.56
CA ASN J 162 6.07 -37.58 -49.80
C ASN J 162 6.32 -38.95 -50.40
N ALA J 163 5.58 -39.95 -49.92
CA ALA J 163 5.67 -41.34 -50.35
C ALA J 163 4.29 -42.00 -50.46
N THR J 164 4.01 -42.67 -51.60
CA THR J 164 2.73 -43.37 -51.85
C THR J 164 2.78 -44.85 -51.45
N THR J 165 4.00 -45.41 -51.34
CA THR J 165 4.25 -46.79 -50.94
C THR J 165 4.57 -46.86 -49.42
N LEU J 166 4.61 -48.08 -48.85
CA LEU J 166 4.87 -48.32 -47.43
C LEU J 166 6.35 -48.19 -47.00
N SER J 167 7.22 -47.66 -47.88
CA SER J 167 8.65 -47.47 -47.57
C SER J 167 9.28 -46.27 -48.29
N TYR J 168 10.33 -45.68 -47.69
CA TYR J 168 11.03 -44.53 -48.29
C TYR J 168 12.53 -44.54 -48.03
N LEU J 169 13.31 -44.27 -49.10
CA LEU J 169 14.77 -44.22 -49.13
C LEU J 169 15.26 -42.78 -48.91
N VAL J 170 15.85 -42.51 -47.73
CA VAL J 170 16.36 -41.18 -47.36
C VAL J 170 17.79 -41.01 -47.87
N THR J 171 18.03 -39.93 -48.65
CA THR J 171 19.34 -39.62 -49.22
C THR J 171 19.85 -38.22 -48.81
N GLY J 172 21.14 -37.97 -49.04
CA GLY J 172 21.78 -36.70 -48.72
C GLY J 172 21.97 -36.46 -47.24
N LEU J 173 22.46 -37.49 -46.52
CA LEU J 173 22.71 -37.43 -45.07
C LEU J 173 24.21 -37.33 -44.75
N LYS J 174 24.55 -36.86 -43.55
CA LYS J 174 25.93 -36.73 -43.09
C LYS J 174 26.40 -38.07 -42.46
N PRO J 175 27.69 -38.46 -42.54
CA PRO J 175 28.11 -39.75 -41.95
C PRO J 175 28.28 -39.67 -40.43
N ASN J 176 27.96 -40.78 -39.73
CA ASN J 176 28.04 -40.95 -38.27
C ASN J 176 27.32 -39.82 -37.49
N THR J 177 26.00 -39.71 -37.71
CA THR J 177 25.16 -38.71 -37.04
C THR J 177 23.75 -39.28 -36.85
N LEU J 178 23.23 -39.15 -35.61
CA LEU J 178 21.92 -39.63 -35.22
C LEU J 178 20.78 -38.81 -35.82
N TYR J 179 19.83 -39.50 -36.48
CA TYR J 179 18.65 -38.93 -37.12
C TYR J 179 17.38 -39.50 -36.51
N GLU J 180 16.33 -38.66 -36.41
CA GLU J 180 15.03 -39.07 -35.92
C GLU J 180 14.06 -39.16 -37.09
N PHE J 181 13.30 -40.26 -37.17
CA PHE J 181 12.34 -40.50 -38.26
C PHE J 181 10.94 -40.76 -37.75
N SER J 182 9.94 -40.25 -38.48
CA SER J 182 8.51 -40.43 -38.19
C SER J 182 7.71 -40.26 -39.47
N VAL J 183 6.55 -40.92 -39.54
CA VAL J 183 5.67 -40.86 -40.70
C VAL J 183 4.22 -40.53 -40.34
N MET J 184 3.52 -39.84 -41.25
CA MET J 184 2.12 -39.47 -41.07
C MET J 184 1.32 -39.85 -42.33
N VAL J 185 -0.01 -39.99 -42.19
CA VAL J 185 -0.90 -40.31 -43.30
C VAL J 185 -1.86 -39.14 -43.53
N THR J 186 -2.03 -38.73 -44.80
CA THR J 186 -2.90 -37.62 -45.20
C THR J 186 -3.89 -38.10 -46.26
N LYS J 187 -5.20 -38.10 -45.94
CA LYS J 187 -6.25 -38.52 -46.87
C LYS J 187 -6.93 -37.34 -47.57
N GLY J 188 -7.04 -36.22 -46.86
CA GLY J 188 -7.63 -34.99 -47.38
C GLY J 188 -7.60 -33.92 -46.31
N ARG J 189 -8.79 -33.45 -45.90
CA ARG J 189 -8.96 -32.48 -44.82
C ARG J 189 -8.66 -33.19 -43.50
N ARG J 190 -8.84 -34.53 -43.51
CA ARG J 190 -8.58 -35.46 -42.42
C ARG J 190 -7.15 -36.00 -42.59
N SER J 191 -6.31 -35.88 -41.54
CA SER J 191 -4.92 -36.35 -41.55
C SER J 191 -4.46 -36.75 -40.14
N SER J 192 -3.68 -37.83 -40.07
CA SER J 192 -3.16 -38.34 -38.80
C SER J 192 -1.85 -37.68 -38.39
N THR J 193 -1.61 -37.60 -37.08
CA THR J 193 -0.41 -37.06 -36.47
C THR J 193 0.81 -37.96 -36.78
N TRP J 194 2.02 -37.51 -36.41
CA TRP J 194 3.27 -38.25 -36.65
C TRP J 194 3.36 -39.53 -35.83
N SER J 195 3.88 -40.60 -36.46
CA SER J 195 4.07 -41.92 -35.85
C SER J 195 5.18 -41.90 -34.80
N MET J 196 5.30 -42.99 -34.01
CA MET J 196 6.34 -43.15 -33.00
C MET J 196 7.73 -42.92 -33.61
N THR J 197 8.55 -42.08 -32.95
CA THR J 197 9.88 -41.71 -33.43
C THR J 197 10.84 -42.91 -33.46
N ALA J 198 11.45 -43.15 -34.63
CA ALA J 198 12.41 -44.22 -34.88
C ALA J 198 13.77 -43.60 -35.18
N HIS J 199 14.80 -43.95 -34.40
CA HIS J 199 16.13 -43.37 -34.57
C HIS J 199 17.07 -44.22 -35.42
N GLY J 200 17.76 -43.55 -36.33
CA GLY J 200 18.71 -44.17 -37.25
C GLY J 200 20.01 -43.39 -37.32
N ALA J 201 21.13 -44.03 -36.93
CA ALA J 201 22.45 -43.42 -36.95
C ALA J 201 23.23 -43.90 -38.18
N THR J 202 23.72 -42.95 -38.99
CA THR J 202 24.49 -43.22 -40.22
C THR J 202 25.83 -43.92 -39.96
N PHE J 203 26.34 -44.63 -40.98
CA PHE J 203 27.62 -45.31 -40.90
C PHE J 203 28.78 -44.33 -40.95
N GLU J 204 29.91 -44.67 -40.32
CA GLU J 204 31.13 -43.86 -40.28
C GLU J 204 31.80 -43.82 -41.67
N LEU J 205 32.58 -42.77 -41.94
CA LEU J 205 33.28 -42.58 -43.20
C LEU J 205 34.67 -41.96 -43.02
N VAL J 206 35.53 -42.07 -44.06
CA VAL J 206 36.88 -41.51 -44.12
C VAL J 206 36.73 -39.97 -44.09
N PRO J 207 37.43 -39.23 -43.20
CA PRO J 207 37.28 -37.76 -43.16
C PRO J 207 37.58 -37.08 -44.49
N THR J 208 36.75 -36.07 -44.86
CA THR J 208 36.87 -35.35 -46.12
C THR J 208 37.33 -33.89 -45.96
N SER J 209 37.61 -33.44 -44.71
CA SER J 209 38.08 -32.09 -44.43
C SER J 209 39.26 -32.07 -43.42
N PRO J 210 40.30 -31.21 -43.64
CA PRO J 210 41.43 -31.19 -42.70
C PRO J 210 41.17 -30.36 -41.43
N PRO J 211 41.89 -30.62 -40.29
CA PRO J 211 41.65 -29.83 -39.07
C PRO J 211 41.96 -28.34 -39.20
N LYS J 212 40.97 -27.51 -38.82
CA LYS J 212 41.02 -26.05 -38.91
C LYS J 212 41.62 -25.40 -37.64
N ASP J 213 41.92 -24.08 -37.73
CA ASP J 213 42.47 -23.21 -36.67
C ASP J 213 43.80 -23.74 -36.10
N VAL J 214 44.81 -23.89 -36.96
CA VAL J 214 46.14 -24.35 -36.57
C VAL J 214 46.91 -23.13 -36.02
N THR J 215 47.16 -23.11 -34.70
CA THR J 215 47.85 -22.01 -34.02
C THR J 215 49.08 -22.49 -33.26
N VAL J 216 50.25 -21.92 -33.59
CA VAL J 216 51.56 -22.23 -33.00
C VAL J 216 52.08 -20.97 -32.29
N VAL J 217 52.44 -21.09 -31.00
CA VAL J 217 52.94 -19.97 -30.19
C VAL J 217 54.08 -20.40 -29.24
N SER J 218 55.05 -19.49 -29.02
CA SER J 218 56.21 -19.70 -28.15
C SER J 218 55.79 -19.72 -26.67
N LYS J 219 56.14 -20.79 -25.96
CA LYS J 219 55.80 -20.97 -24.55
C LYS J 219 56.68 -20.09 -23.65
N GLU J 220 56.04 -19.31 -22.75
CA GLU J 220 56.73 -18.47 -21.78
C GLU J 220 57.26 -19.41 -20.69
N GLY J 221 58.59 -19.48 -20.58
CA GLY J 221 59.26 -20.41 -19.68
C GLY J 221 59.61 -21.62 -20.51
N LYS J 222 60.93 -21.88 -20.67
CA LYS J 222 61.52 -22.93 -21.52
C LYS J 222 61.22 -22.58 -23.00
N PRO J 223 62.02 -21.66 -23.62
CA PRO J 223 61.75 -21.26 -25.01
C PRO J 223 62.06 -22.35 -26.04
N ARG J 224 62.84 -23.38 -25.65
CA ARG J 224 63.20 -24.52 -26.50
C ARG J 224 61.98 -25.42 -26.80
N THR J 225 60.90 -25.25 -26.02
CA THR J 225 59.64 -25.99 -26.15
C THR J 225 58.55 -25.06 -26.67
N ILE J 226 57.91 -25.45 -27.79
CA ILE J 226 56.83 -24.69 -28.42
C ILE J 226 55.57 -25.55 -28.59
N ILE J 227 54.43 -25.08 -28.03
CA ILE J 227 53.13 -25.75 -28.03
C ILE J 227 52.34 -25.51 -29.34
N VAL J 228 51.74 -26.60 -29.88
CA VAL J 228 50.90 -26.59 -31.08
C VAL J 228 49.42 -26.80 -30.68
N ASN J 229 48.53 -25.92 -31.16
CA ASN J 229 47.11 -25.97 -30.86
C ASN J 229 46.25 -26.15 -32.11
N TRP J 230 45.34 -27.13 -32.07
CA TRP J 230 44.43 -27.43 -33.19
C TRP J 230 43.00 -27.67 -32.73
N GLN J 231 42.06 -27.58 -33.67
CA GLN J 231 40.63 -27.81 -33.45
C GLN J 231 40.15 -28.94 -34.37
N PRO J 232 39.07 -29.69 -34.04
CA PRO J 232 38.65 -30.79 -34.92
C PRO J 232 38.00 -30.28 -36.21
N PRO J 233 38.19 -30.98 -37.36
CA PRO J 233 37.57 -30.52 -38.61
C PRO J 233 36.05 -30.62 -38.63
N SER J 234 35.39 -29.85 -39.52
CA SER J 234 33.94 -29.83 -39.67
C SER J 234 33.42 -31.20 -40.14
N GLU J 235 34.02 -31.77 -41.20
CA GLU J 235 33.64 -33.07 -41.73
C GLU J 235 34.50 -34.16 -41.07
N ALA J 236 34.20 -34.45 -39.79
CA ALA J 236 34.89 -35.48 -39.01
C ALA J 236 34.50 -36.87 -39.52
N ASN J 237 33.23 -37.03 -39.96
CA ASN J 237 32.63 -38.24 -40.53
C ASN J 237 32.71 -39.49 -39.62
N GLY J 238 32.90 -39.26 -38.32
CA GLY J 238 32.99 -40.33 -37.32
C GLY J 238 33.72 -39.97 -36.05
N LYS J 239 33.83 -40.96 -35.13
CA LYS J 239 34.50 -40.81 -33.84
C LYS J 239 36.02 -40.79 -34.06
N ILE J 240 36.65 -39.64 -33.75
CA ILE J 240 38.09 -39.43 -33.91
C ILE J 240 38.87 -40.16 -32.80
N THR J 241 39.80 -41.04 -33.19
CA THR J 241 40.61 -41.86 -32.28
C THR J 241 42.01 -41.27 -32.02
N GLY J 242 42.54 -40.51 -32.99
CA GLY J 242 43.85 -39.89 -32.89
C GLY J 242 44.09 -38.73 -33.81
N TYR J 243 45.25 -38.07 -33.66
CA TYR J 243 45.68 -36.94 -34.48
C TYR J 243 47.16 -37.07 -34.82
N ILE J 244 47.53 -36.75 -36.08
CA ILE J 244 48.93 -36.85 -36.52
C ILE J 244 49.50 -35.47 -36.81
N ILE J 245 50.56 -35.09 -36.07
CA ILE J 245 51.24 -33.80 -36.22
C ILE J 245 52.52 -34.00 -37.04
N TYR J 246 52.75 -33.12 -38.03
CA TYR J 246 53.92 -33.16 -38.91
C TYR J 246 54.70 -31.85 -38.78
N TYR J 247 56.02 -31.93 -38.54
CA TYR J 247 56.86 -30.74 -38.40
C TYR J 247 58.24 -30.92 -39.05
N SER J 248 58.63 -29.95 -39.90
CA SER J 248 59.90 -29.94 -40.62
C SER J 248 60.35 -28.52 -41.00
N THR J 249 61.66 -28.35 -41.23
CA THR J 249 62.28 -27.08 -41.62
C THR J 249 61.97 -26.71 -43.07
N ASP J 250 61.79 -27.72 -43.95
CA ASP J 250 61.48 -27.53 -45.37
C ASP J 250 60.08 -28.02 -45.73
N VAL J 251 59.34 -27.20 -46.50
CA VAL J 251 57.97 -27.48 -46.95
C VAL J 251 57.90 -28.28 -48.24
N ASN J 252 58.78 -27.96 -49.21
CA ASN J 252 58.86 -28.60 -50.52
C ASN J 252 59.15 -30.12 -50.48
N ALA J 253 59.71 -30.60 -49.35
CA ALA J 253 60.02 -32.02 -49.12
C ALA J 253 58.72 -32.79 -48.83
N GLU J 254 58.62 -34.02 -49.37
CA GLU J 254 57.46 -34.90 -49.20
C GLU J 254 57.29 -35.43 -47.76
N ILE J 255 56.11 -36.03 -47.48
CA ILE J 255 55.68 -36.59 -46.18
C ILE J 255 56.72 -37.55 -45.56
N HIS J 256 57.38 -38.39 -46.40
CA HIS J 256 58.40 -39.35 -45.95
C HIS J 256 59.60 -38.68 -45.24
N ASP J 257 59.93 -37.42 -45.63
CA ASP J 257 61.01 -36.64 -45.04
C ASP J 257 60.58 -36.02 -43.70
N TRP J 258 59.30 -35.59 -43.60
CA TRP J 258 58.68 -34.98 -42.42
C TRP J 258 58.55 -36.00 -41.29
N VAL J 259 58.89 -35.60 -40.04
CA VAL J 259 58.80 -36.50 -38.89
C VAL J 259 57.36 -36.64 -38.41
N ILE J 260 56.96 -37.90 -38.15
CA ILE J 260 55.62 -38.29 -37.70
C ILE J 260 55.54 -38.14 -36.18
N GLU J 261 54.49 -37.47 -35.67
CA GLU J 261 54.29 -37.29 -34.23
C GLU J 261 52.81 -37.54 -33.84
N PRO J 262 52.34 -38.82 -33.88
CA PRO J 262 50.93 -39.09 -33.56
C PRO J 262 50.57 -38.97 -32.08
N VAL J 263 49.33 -38.55 -31.79
CA VAL J 263 48.78 -38.37 -30.43
C VAL J 263 47.39 -39.03 -30.28
N VAL J 264 46.76 -38.86 -29.10
CA VAL J 264 45.43 -39.40 -28.79
C VAL J 264 44.32 -38.42 -29.24
N GLY J 265 43.17 -38.97 -29.63
CA GLY J 265 42.02 -38.22 -30.14
C GLY J 265 41.31 -37.35 -29.14
N ASN J 266 41.27 -37.78 -27.86
CA ASN J 266 40.58 -37.04 -26.78
C ASN J 266 41.33 -35.78 -26.34
N ARG J 267 42.61 -35.63 -26.74
CA ARG J 267 43.44 -34.47 -26.43
C ARG J 267 43.78 -33.69 -27.69
N LEU J 268 43.55 -32.37 -27.64
CA LEU J 268 43.78 -31.45 -28.76
C LEU J 268 45.03 -30.56 -28.61
N THR J 269 45.93 -30.93 -27.69
CA THR J 269 47.19 -30.23 -27.42
C THR J 269 48.35 -31.21 -27.23
N HIS J 270 49.56 -30.81 -27.65
CA HIS J 270 50.77 -31.63 -27.51
C HIS J 270 52.03 -30.75 -27.42
N GLN J 271 52.83 -30.96 -26.36
CA GLN J 271 54.08 -30.24 -26.12
C GLN J 271 55.24 -30.91 -26.84
N ILE J 272 55.97 -30.15 -27.68
CA ILE J 272 57.12 -30.66 -28.44
C ILE J 272 58.41 -30.15 -27.78
N GLN J 273 59.28 -31.08 -27.37
CA GLN J 273 60.56 -30.78 -26.72
C GLN J 273 61.75 -30.98 -27.66
N GLU J 274 62.90 -30.35 -27.31
CA GLU J 274 64.18 -30.39 -28.05
C GLU J 274 64.06 -29.88 -29.49
N LEU J 275 63.80 -28.57 -29.64
CA LEU J 275 63.65 -27.92 -30.95
C LEU J 275 64.89 -27.08 -31.28
N THR J 276 65.38 -27.20 -32.52
CA THR J 276 66.58 -26.51 -33.02
C THR J 276 66.42 -24.97 -33.05
N LEU J 277 67.53 -24.26 -32.81
CA LEU J 277 67.61 -22.79 -32.78
C LEU J 277 67.84 -22.18 -34.15
N ASP J 278 67.25 -20.98 -34.40
CA ASP J 278 67.33 -20.19 -35.64
C ASP J 278 66.90 -21.02 -36.89
N THR J 279 65.76 -21.71 -36.77
CA THR J 279 65.19 -22.55 -37.82
C THR J 279 63.69 -22.28 -38.00
N PRO J 280 63.21 -22.01 -39.25
CA PRO J 280 61.77 -21.77 -39.43
C PRO J 280 60.96 -23.07 -39.51
N TYR J 281 60.10 -23.29 -38.51
CA TYR J 281 59.25 -24.47 -38.39
C TYR J 281 57.91 -24.33 -39.11
N TYR J 282 57.47 -25.42 -39.77
CA TYR J 282 56.21 -25.52 -40.48
C TYR J 282 55.38 -26.66 -39.90
N PHE J 283 54.05 -26.47 -39.79
CA PHE J 283 53.16 -27.47 -39.18
C PHE J 283 51.98 -27.91 -40.05
N LYS J 284 51.62 -29.20 -39.95
CA LYS J 284 50.50 -29.85 -40.65
C LYS J 284 49.89 -30.93 -39.74
N ILE J 285 48.57 -30.84 -39.49
CA ILE J 285 47.85 -31.79 -38.62
C ILE J 285 46.80 -32.58 -39.43
N GLN J 286 46.63 -33.89 -39.13
CA GLN J 286 45.67 -34.78 -39.76
C GLN J 286 44.86 -35.55 -38.71
N ALA J 287 43.60 -35.91 -39.03
CA ALA J 287 42.70 -36.64 -38.13
C ALA J 287 42.60 -38.13 -38.47
N ARG J 288 42.38 -38.97 -37.43
CA ARG J 288 42.27 -40.42 -37.57
C ARG J 288 40.84 -40.94 -37.38
N ASN J 289 40.46 -41.93 -38.18
CA ASN J 289 39.14 -42.57 -38.15
C ASN J 289 39.22 -44.08 -38.38
N SER J 290 38.13 -44.81 -38.08
CA SER J 290 38.03 -46.25 -38.25
C SER J 290 37.99 -46.67 -39.72
N LYS J 291 37.50 -45.79 -40.60
CA LYS J 291 37.38 -46.04 -42.04
C LYS J 291 38.61 -45.61 -42.83
N GLY J 292 39.30 -44.57 -42.36
CA GLY J 292 40.49 -44.03 -43.01
C GLY J 292 41.16 -42.88 -42.27
N MET J 293 41.86 -42.02 -43.04
CA MET J 293 42.59 -40.86 -42.54
C MET J 293 42.11 -39.55 -43.17
N GLY J 294 42.24 -38.47 -42.42
CA GLY J 294 41.86 -37.12 -42.85
C GLY J 294 42.79 -36.52 -43.89
N PRO J 295 42.32 -35.56 -44.72
CA PRO J 295 43.21 -34.97 -45.73
C PRO J 295 44.23 -33.99 -45.17
N MET J 296 45.22 -33.60 -46.00
CA MET J 296 46.29 -32.67 -45.64
C MET J 296 45.84 -31.22 -45.52
N SER J 297 46.49 -30.45 -44.62
CA SER J 297 46.19 -29.04 -44.36
C SER J 297 47.35 -28.12 -44.80
N GLU J 298 47.08 -26.81 -44.91
CA GLU J 298 48.06 -25.81 -45.33
C GLU J 298 49.04 -25.49 -44.18
N ALA J 299 50.35 -25.43 -44.50
CA ALA J 299 51.42 -25.17 -43.55
C ALA J 299 51.42 -23.74 -43.01
N VAL J 300 51.86 -23.58 -41.74
CA VAL J 300 51.95 -22.29 -41.04
C VAL J 300 53.40 -21.90 -40.75
N GLN J 301 53.73 -20.60 -40.87
CA GLN J 301 55.07 -20.07 -40.63
C GLN J 301 55.30 -19.68 -39.17
N PHE J 302 56.43 -20.15 -38.59
CA PHE J 302 56.83 -19.88 -37.21
C PHE J 302 58.35 -20.06 -37.06
N ARG J 303 59.07 -18.95 -36.75
CA ARG J 303 60.53 -18.96 -36.60
C ARG J 303 60.97 -18.88 -35.13
N THR J 304 62.12 -19.50 -34.82
CA THR J 304 62.73 -19.54 -33.49
C THR J 304 63.94 -18.59 -33.41
N PRO J 305 64.15 -17.85 -32.28
CA PRO J 305 65.32 -16.96 -32.21
C PRO J 305 66.58 -17.68 -31.72
N PRO K 1 38.75 -11.43 -24.11
CA PRO K 1 37.96 -12.24 -23.18
C PRO K 1 38.43 -12.12 -21.72
N HIS K 2 37.51 -11.68 -20.83
CA HIS K 2 37.80 -11.51 -19.41
C HIS K 2 37.82 -12.88 -18.73
N LEU K 3 38.97 -13.25 -18.16
CA LEU K 3 39.18 -14.54 -17.49
C LEU K 3 38.93 -14.47 -15.98
N ARG K 4 38.27 -15.51 -15.45
CA ARG K 4 37.99 -15.69 -14.02
C ARG K 4 38.37 -17.13 -13.67
N THR K 5 39.58 -17.31 -13.11
CA THR K 5 40.12 -18.61 -12.73
C THR K 5 39.45 -19.18 -11.48
N PHE K 6 39.75 -20.46 -11.14
CA PHE K 6 39.24 -21.13 -9.95
C PHE K 6 39.85 -20.52 -8.68
N LYS K 7 41.02 -19.86 -8.81
CA LYS K 7 41.76 -19.19 -7.74
C LYS K 7 41.27 -17.73 -7.53
N ASP K 8 40.19 -17.31 -8.23
CA ASP K 8 39.55 -16.00 -8.20
C ASP K 8 40.50 -14.86 -8.64
N ASN K 9 41.19 -15.08 -9.79
CA ASN K 9 42.13 -14.12 -10.37
C ASN K 9 41.56 -13.56 -11.68
N PHE K 10 41.58 -12.22 -11.83
CA PHE K 10 41.10 -11.54 -13.03
C PHE K 10 42.25 -11.06 -13.90
N GLN K 11 42.31 -11.58 -15.13
CA GLN K 11 43.35 -11.24 -16.12
C GLN K 11 42.77 -11.05 -17.52
N THR K 12 43.23 -10.00 -18.22
CA THR K 12 42.80 -9.67 -19.58
C THR K 12 43.85 -10.13 -20.61
N CYS K 13 43.74 -11.40 -21.04
CA CYS K 13 44.65 -12.01 -22.01
C CYS K 13 44.05 -12.08 -23.41
N LYS K 14 44.86 -11.69 -24.42
CA LYS K 14 44.48 -11.68 -25.85
C LYS K 14 44.08 -13.07 -26.34
N VAL K 15 44.87 -14.11 -25.95
CA VAL K 15 44.71 -15.54 -26.29
C VAL K 15 44.19 -15.76 -27.73
N GLU K 16 44.89 -15.14 -28.72
CA GLU K 16 44.56 -15.19 -30.15
C GLU K 16 44.66 -16.61 -30.73
N GLY K 17 43.55 -17.09 -31.28
CA GLY K 17 43.45 -18.42 -31.87
C GLY K 17 43.06 -19.48 -30.85
N ALA K 18 43.32 -20.75 -31.18
CA ALA K 18 43.01 -21.91 -30.33
C ALA K 18 43.91 -21.97 -29.09
N TRP K 19 43.30 -21.98 -27.89
CA TRP K 19 43.99 -22.02 -26.60
C TRP K 19 43.24 -22.95 -25.60
N PRO K 20 43.93 -23.86 -24.86
CA PRO K 20 43.20 -24.75 -23.94
C PRO K 20 42.97 -24.18 -22.54
N LEU K 21 41.70 -24.17 -22.09
CA LEU K 21 41.34 -23.69 -20.74
C LEU K 21 41.51 -24.82 -19.73
N ILE K 22 40.91 -25.99 -20.02
CA ILE K 22 40.96 -27.20 -19.20
C ILE K 22 41.54 -28.34 -20.05
N ASP K 23 42.60 -29.00 -19.54
CA ASP K 23 43.24 -30.13 -20.21
C ASP K 23 43.76 -31.15 -19.19
N ASN K 24 43.16 -32.36 -19.21
CA ASN K 24 43.49 -33.48 -18.32
C ASN K 24 43.09 -34.84 -18.93
N ASN K 25 42.72 -35.82 -18.08
CA ASN K 25 42.32 -37.16 -18.50
C ASN K 25 40.83 -37.45 -18.19
N TYR K 26 40.09 -36.40 -17.75
CA TYR K 26 38.66 -36.48 -17.42
C TYR K 26 37.79 -35.52 -18.25
N LEU K 27 38.36 -34.36 -18.70
CA LEU K 27 37.67 -33.34 -19.50
C LEU K 27 38.65 -32.49 -20.31
N SER K 28 38.32 -32.21 -21.59
CA SER K 28 39.11 -31.37 -22.49
C SER K 28 38.28 -30.17 -22.95
N VAL K 29 38.85 -28.95 -22.86
CA VAL K 29 38.20 -27.69 -23.25
C VAL K 29 39.15 -26.90 -24.18
N GLN K 30 38.68 -26.58 -25.41
CA GLN K 30 39.45 -25.84 -26.41
C GLN K 30 38.63 -24.68 -26.96
N VAL K 31 39.17 -23.45 -26.90
CA VAL K 31 38.49 -22.23 -27.38
C VAL K 31 39.36 -21.44 -28.37
N THR K 32 38.75 -20.91 -29.44
CA THR K 32 39.46 -20.09 -30.43
C THR K 32 38.99 -18.63 -30.36
N ASN K 33 39.91 -17.68 -30.61
CA ASN K 33 39.64 -16.25 -30.52
C ASN K 33 40.00 -15.48 -31.79
N VAL K 34 39.15 -14.50 -32.14
CA VAL K 34 39.30 -13.61 -33.28
C VAL K 34 39.01 -12.15 -32.86
N PRO K 35 39.85 -11.15 -33.26
CA PRO K 35 39.58 -9.76 -32.84
C PRO K 35 38.39 -9.15 -33.57
N VAL K 36 37.53 -8.43 -32.83
CA VAL K 36 36.32 -7.77 -33.36
C VAL K 36 36.71 -6.62 -34.34
N VAL K 37 37.86 -5.97 -34.09
CA VAL K 37 38.41 -4.88 -34.91
C VAL K 37 39.73 -5.40 -35.54
N PRO K 38 39.93 -5.30 -36.87
CA PRO K 38 41.18 -5.81 -37.48
C PRO K 38 42.43 -5.07 -37.04
N GLY K 39 43.38 -5.83 -36.47
CA GLY K 39 44.65 -5.31 -35.98
C GLY K 39 44.51 -4.49 -34.70
N SER K 40 43.82 -5.06 -33.70
CA SER K 40 43.58 -4.41 -32.40
C SER K 40 43.89 -5.34 -31.22
N SER K 41 44.09 -4.75 -30.03
CA SER K 41 44.40 -5.48 -28.79
C SER K 41 43.23 -6.32 -28.27
N ALA K 42 41.99 -5.83 -28.44
CA ALA K 42 40.76 -6.49 -27.99
C ALA K 42 40.42 -7.74 -28.80
N THR K 43 40.03 -8.83 -28.10
CA THR K 43 39.67 -10.12 -28.68
C THR K 43 38.42 -10.72 -28.00
N ALA K 44 37.77 -11.71 -28.66
CA ALA K 44 36.57 -12.41 -28.17
C ALA K 44 36.47 -13.84 -28.72
N THR K 45 35.93 -14.77 -27.90
CA THR K 45 35.76 -16.19 -28.25
C THR K 45 34.67 -16.39 -29.30
N ASN K 46 34.96 -17.22 -30.32
CA ASN K 46 34.03 -17.51 -31.42
C ASN K 46 33.61 -18.99 -31.51
N LYS K 47 34.44 -19.90 -30.97
CA LYS K 47 34.19 -21.35 -31.03
C LYS K 47 34.68 -22.08 -29.77
N ILE K 48 33.78 -22.88 -29.15
CA ILE K 48 34.05 -23.67 -27.94
C ILE K 48 33.93 -25.16 -28.24
N THR K 49 34.98 -25.93 -27.90
CA THR K 49 35.04 -27.39 -28.10
C THR K 49 35.20 -28.09 -26.75
N ILE K 50 34.22 -28.93 -26.37
CA ILE K 50 34.22 -29.69 -25.11
C ILE K 50 34.34 -31.18 -25.45
N ILE K 51 35.41 -31.84 -24.98
CA ILE K 51 35.63 -33.26 -25.23
C ILE K 51 35.54 -34.05 -23.92
N PHE K 52 34.65 -35.05 -23.88
CA PHE K 52 34.47 -35.94 -22.74
C PHE K 52 35.22 -37.23 -23.05
N LYS K 53 36.09 -37.66 -22.13
CA LYS K 53 36.94 -38.84 -22.29
C LYS K 53 36.16 -40.14 -22.16
N ALA K 54 36.56 -41.18 -22.93
CA ALA K 54 35.94 -42.50 -22.94
C ALA K 54 36.18 -43.26 -21.62
N HIS K 55 35.12 -43.36 -20.79
CA HIS K 55 35.19 -44.05 -19.51
C HIS K 55 34.36 -45.34 -19.53
N HIS K 56 34.97 -46.46 -19.11
CA HIS K 56 34.34 -47.78 -19.07
C HIS K 56 33.22 -47.85 -18.05
N GLU K 57 32.06 -48.36 -18.49
CA GLU K 57 30.88 -48.55 -17.66
C GLU K 57 29.91 -47.38 -17.59
N CYS K 58 30.42 -46.14 -17.81
CA CYS K 58 29.58 -44.94 -17.73
C CYS K 58 29.24 -44.35 -19.11
N THR K 59 30.18 -43.63 -19.74
CA THR K 59 29.95 -42.95 -21.03
C THR K 59 31.10 -43.12 -22.03
N ASP K 60 30.75 -43.14 -23.33
CA ASP K 60 31.70 -43.23 -24.44
C ASP K 60 32.20 -41.82 -24.76
N GLN K 61 33.31 -41.70 -25.53
CA GLN K 61 33.88 -40.40 -25.90
C GLN K 61 32.99 -39.63 -26.90
N LYS K 62 32.42 -38.50 -26.44
CA LYS K 62 31.54 -37.63 -27.23
C LYS K 62 32.14 -36.24 -27.33
N VAL K 63 32.33 -35.74 -28.57
CA VAL K 63 32.92 -34.43 -28.86
C VAL K 63 31.85 -33.37 -29.11
N TYR K 64 31.84 -32.30 -28.30
CA TYR K 64 30.92 -31.17 -28.42
C TYR K 64 31.65 -30.01 -29.07
N GLN K 65 31.01 -29.37 -30.06
CA GLN K 65 31.56 -28.22 -30.77
C GLN K 65 30.47 -27.16 -30.95
N ALA K 66 30.76 -25.91 -30.54
CA ALA K 66 29.84 -24.78 -30.64
C ALA K 66 30.53 -23.58 -31.31
N VAL K 67 29.92 -23.04 -32.38
CA VAL K 67 30.47 -21.91 -33.15
C VAL K 67 29.55 -20.66 -33.09
N THR K 68 29.91 -19.60 -33.84
CA THR K 68 29.13 -18.36 -33.92
C THR K 68 27.82 -18.63 -34.66
N ASP K 69 26.69 -18.13 -34.10
CA ASP K 69 25.32 -18.27 -34.59
C ASP K 69 24.89 -19.76 -34.64
N ASP K 70 25.38 -20.56 -33.66
CA ASP K 70 25.11 -22.00 -33.54
C ASP K 70 25.32 -22.48 -32.08
N LEU K 71 24.19 -22.77 -31.38
CA LEU K 71 24.17 -23.26 -30.00
C LEU K 71 23.59 -24.68 -29.98
N PRO K 72 24.38 -25.73 -30.30
CA PRO K 72 23.81 -27.08 -30.35
C PRO K 72 23.46 -27.67 -28.99
N ALA K 73 22.37 -28.45 -28.95
CA ALA K 73 21.90 -29.14 -27.74
C ALA K 73 22.41 -30.59 -27.74
N ALA K 74 23.35 -30.91 -28.67
CA ALA K 74 23.96 -32.23 -28.82
C ALA K 74 25.40 -32.17 -29.33
N PHE K 75 26.06 -33.34 -29.41
CA PHE K 75 27.44 -33.51 -29.87
C PHE K 75 27.50 -33.67 -31.39
N VAL K 76 28.71 -33.63 -31.98
CA VAL K 76 28.94 -33.79 -33.43
C VAL K 76 28.41 -35.13 -33.95
N ASP K 77 28.33 -36.15 -33.06
CA ASP K 77 27.80 -37.48 -33.34
C ASP K 77 26.27 -37.47 -33.49
N GLY K 78 25.65 -36.31 -33.24
CA GLY K 78 24.21 -36.09 -33.34
C GLY K 78 23.39 -36.45 -32.11
N THR K 79 23.93 -37.33 -31.25
CA THR K 79 23.26 -37.81 -30.04
C THR K 79 23.28 -36.77 -28.91
N THR K 80 22.19 -36.73 -28.12
CA THR K 80 21.99 -35.82 -27.00
C THR K 80 22.59 -36.34 -25.67
N SER K 81 22.59 -37.67 -25.47
CA SER K 81 23.12 -38.30 -24.26
C SER K 81 24.45 -39.03 -24.52
N GLY K 82 25.34 -38.95 -23.53
CA GLY K 82 26.66 -39.57 -23.59
C GLY K 82 26.62 -41.07 -23.46
N GLY K 83 27.34 -41.74 -24.36
CA GLY K 83 27.45 -43.20 -24.42
C GLY K 83 26.17 -43.86 -24.89
N ASP K 84 25.67 -44.83 -24.09
CA ASP K 84 24.45 -45.58 -24.37
C ASP K 84 23.19 -44.71 -24.16
N SER K 85 22.09 -45.06 -24.86
CA SER K 85 20.81 -44.34 -24.78
C SER K 85 20.14 -44.48 -23.40
N ASP K 86 20.25 -45.65 -22.77
CA ASP K 86 19.67 -45.94 -21.44
C ASP K 86 20.43 -45.22 -20.32
N ALA K 87 21.73 -44.95 -20.53
CA ALA K 87 22.60 -44.25 -19.56
C ALA K 87 22.22 -42.77 -19.47
N LYS K 88 21.93 -42.31 -18.24
CA LYS K 88 21.52 -40.93 -17.94
C LYS K 88 22.63 -40.18 -17.17
N SER K 89 23.90 -40.58 -17.36
CA SER K 89 25.08 -39.99 -16.71
C SER K 89 25.46 -38.63 -17.31
N LEU K 90 25.46 -38.52 -18.65
CA LEU K 90 25.80 -37.30 -19.37
C LEU K 90 24.57 -36.77 -20.14
N ARG K 91 24.15 -35.53 -19.83
CA ARG K 91 22.98 -34.91 -20.47
C ARG K 91 23.16 -33.41 -20.75
N ILE K 92 22.47 -32.91 -21.81
CA ILE K 92 22.48 -31.52 -22.23
C ILE K 92 21.05 -30.98 -22.17
N VAL K 93 20.84 -29.84 -21.48
CA VAL K 93 19.54 -29.20 -21.30
C VAL K 93 19.54 -27.84 -22.04
N GLU K 94 18.47 -27.57 -22.83
CA GLU K 94 18.34 -26.32 -23.60
C GLU K 94 17.13 -25.49 -23.14
N ARG K 95 17.22 -24.15 -23.31
CA ARG K 95 16.18 -23.19 -22.94
C ARG K 95 15.98 -22.17 -24.07
N TYR K 100 19.51 -20.30 -23.83
CA TYR K 100 20.55 -20.75 -22.91
C TYR K 100 20.70 -22.28 -22.96
N VAL K 101 21.92 -22.76 -23.20
CA VAL K 101 22.20 -24.20 -23.26
C VAL K 101 23.19 -24.60 -22.13
N GLU K 102 22.82 -25.63 -21.36
CA GLU K 102 23.61 -26.13 -20.23
C GLU K 102 23.96 -27.61 -20.33
N MET K 103 25.16 -27.97 -19.83
CA MET K 103 25.68 -29.34 -19.82
C MET K 103 25.76 -29.89 -18.39
N HIS K 104 25.29 -31.13 -18.19
CA HIS K 104 25.31 -31.81 -16.89
C HIS K 104 26.09 -33.12 -17.00
N ALA K 105 27.14 -33.27 -16.17
CA ALA K 105 27.97 -34.47 -16.13
C ALA K 105 28.14 -34.95 -14.69
N ARG K 106 27.33 -35.96 -14.30
CA ARG K 106 27.33 -36.53 -12.96
C ARG K 106 28.55 -37.41 -12.66
N TYR K 107 29.22 -37.93 -13.70
CA TYR K 107 30.38 -38.80 -13.53
C TYR K 107 31.68 -38.01 -13.22
N ILE K 108 31.70 -36.69 -13.51
CA ILE K 108 32.84 -35.80 -13.26
C ILE K 108 32.40 -34.48 -12.58
N GLY K 109 31.21 -34.49 -11.97
CA GLY K 109 30.59 -33.38 -11.24
C GLY K 109 30.75 -31.99 -11.82
N THR K 110 30.60 -31.84 -13.15
CA THR K 110 30.74 -30.54 -13.82
C THR K 110 29.43 -30.03 -14.46
N THR K 111 29.29 -28.70 -14.53
CA THR K 111 28.15 -28.00 -15.13
C THR K 111 28.65 -26.84 -16.00
N VAL K 112 28.51 -27.00 -17.35
CA VAL K 112 28.96 -26.00 -18.32
C VAL K 112 27.77 -25.19 -18.84
N PHE K 113 27.83 -23.86 -18.71
CA PHE K 113 26.78 -22.93 -19.15
C PHE K 113 27.26 -22.10 -20.36
N VAL K 114 26.63 -22.32 -21.53
CA VAL K 114 26.98 -21.65 -22.79
C VAL K 114 25.78 -20.90 -23.37
N ARG K 115 26.00 -19.66 -23.85
CA ARG K 115 24.99 -18.82 -24.50
C ARG K 115 25.62 -17.73 -25.39
N GLN K 116 24.93 -17.39 -26.50
CA GLN K 116 25.37 -16.38 -27.47
C GLN K 116 25.00 -14.96 -26.97
N VAL K 117 26.01 -14.11 -26.75
CA VAL K 117 25.85 -12.72 -26.31
C VAL K 117 26.35 -11.80 -27.43
N GLY K 118 25.41 -11.16 -28.13
CA GLY K 118 25.70 -10.27 -29.25
C GLY K 118 26.12 -11.06 -30.46
N ARG K 119 27.44 -11.14 -30.69
CA ARG K 119 28.04 -11.89 -31.81
C ARG K 119 29.03 -12.97 -31.33
N TYR K 120 29.25 -13.05 -29.99
CA TYR K 120 30.19 -14.01 -29.40
C TYR K 120 29.59 -14.81 -28.24
N LEU K 121 30.09 -16.03 -28.03
CA LEU K 121 29.63 -16.96 -26.99
C LEU K 121 30.18 -16.65 -25.59
N THR K 122 29.47 -17.14 -24.55
CA THR K 122 29.87 -17.01 -23.14
C THR K 122 30.08 -18.40 -22.53
N LEU K 123 30.93 -18.49 -21.48
CA LEU K 123 31.26 -19.77 -20.84
C LEU K 123 31.32 -19.68 -19.31
N ALA K 124 30.79 -20.72 -18.63
CA ALA K 124 30.76 -20.82 -17.16
C ALA K 124 30.82 -22.30 -16.73
N ILE K 125 31.93 -22.70 -16.06
CA ILE K 125 32.15 -24.08 -15.62
C ILE K 125 32.29 -24.17 -14.09
N ARG K 126 31.55 -25.11 -13.47
CA ARG K 126 31.58 -25.38 -12.02
C ARG K 126 32.11 -26.82 -11.84
N MET K 127 33.34 -26.97 -11.30
CA MET K 127 33.99 -28.27 -11.12
C MET K 127 34.61 -28.43 -9.71
N PRO K 128 34.58 -29.63 -9.08
CA PRO K 128 35.19 -29.79 -7.75
C PRO K 128 36.72 -29.74 -7.79
N GLU K 129 37.34 -29.51 -6.62
CA GLU K 129 38.79 -29.37 -6.43
C GLU K 129 39.63 -30.57 -6.92
N ASP K 130 39.31 -31.80 -6.49
CA ASP K 130 40.04 -33.02 -6.82
C ASP K 130 40.13 -33.31 -8.33
N LEU K 131 39.02 -33.11 -9.06
CA LEU K 131 38.96 -33.35 -10.50
C LEU K 131 39.64 -32.23 -11.29
N ALA K 132 39.62 -31.00 -10.77
CA ALA K 132 40.24 -29.83 -11.40
C ALA K 132 41.77 -29.86 -11.29
N MET K 133 42.32 -30.58 -10.28
CA MET K 133 43.75 -30.66 -10.04
C MET K 133 44.39 -31.97 -10.57
N SER K 134 43.79 -32.54 -11.64
CA SER K 134 44.31 -33.74 -12.30
C SER K 134 45.13 -33.31 -13.52
N TYR K 135 46.36 -33.87 -13.65
CA TYR K 135 47.28 -33.56 -14.75
C TYR K 135 48.24 -34.72 -15.03
N GLU K 136 48.49 -34.98 -16.32
CA GLU K 136 49.38 -36.05 -16.78
C GLU K 136 50.75 -35.45 -17.18
N GLU K 137 51.61 -36.25 -17.87
CA GLU K 137 52.92 -35.82 -18.35
C GLU K 137 52.75 -34.85 -19.53
N SER K 138 53.56 -33.76 -19.54
CA SER K 138 53.58 -32.68 -20.52
C SER K 138 52.22 -31.92 -20.62
N GLN K 139 51.52 -31.82 -19.46
CA GLN K 139 50.22 -31.15 -19.32
C GLN K 139 50.29 -30.13 -18.17
N ASP K 140 50.71 -28.89 -18.50
CA ASP K 140 50.88 -27.79 -17.54
C ASP K 140 50.27 -26.47 -18.03
N LEU K 141 49.61 -26.48 -19.21
CA LEU K 141 48.99 -25.29 -19.80
C LEU K 141 47.46 -25.29 -19.67
N GLN K 142 46.97 -24.77 -18.54
CA GLN K 142 45.55 -24.65 -18.21
C GLN K 142 45.24 -23.21 -17.82
N LEU K 143 44.44 -22.52 -18.64
CA LEU K 143 44.06 -21.13 -18.43
C LEU K 143 42.96 -20.97 -17.38
N CYS K 144 42.14 -22.03 -17.19
CA CYS K 144 41.05 -22.04 -16.21
C CYS K 144 41.58 -22.23 -14.79
N VAL K 145 42.62 -23.08 -14.62
CA VAL K 145 43.24 -23.37 -13.32
C VAL K 145 44.32 -22.33 -13.00
N ASN K 146 45.39 -22.31 -13.81
CA ASN K 146 46.51 -21.38 -13.65
C ASN K 146 46.32 -20.11 -14.49
N GLY K 147 47.06 -19.06 -14.14
CA GLY K 147 47.03 -17.78 -14.83
C GLY K 147 47.51 -17.83 -16.26
N CYS K 148 46.93 -17.00 -17.13
CA CYS K 148 47.26 -16.91 -18.56
C CYS K 148 48.69 -16.34 -18.78
N PRO K 149 49.40 -16.67 -19.89
CA PRO K 149 50.76 -16.14 -20.08
C PRO K 149 50.85 -14.61 -20.14
N LEU K 150 51.93 -14.05 -19.58
CA LEU K 150 52.19 -12.60 -19.51
C LEU K 150 52.32 -11.95 -20.90
N SER K 151 52.69 -12.75 -21.92
CA SER K 151 52.83 -12.32 -23.32
C SER K 151 51.47 -11.89 -23.89
N GLU K 152 50.40 -12.62 -23.53
CA GLU K 152 49.03 -12.34 -23.96
C GLU K 152 48.37 -11.29 -23.07
N ARG K 153 48.88 -11.10 -21.85
CA ARG K 153 48.40 -10.14 -20.85
C ARG K 153 48.70 -8.70 -21.26
N ILE K 154 47.74 -7.79 -21.01
CA ILE K 154 47.86 -6.36 -21.31
C ILE K 154 47.94 -5.58 -19.99
N ASP K 155 49.02 -4.80 -19.80
CA ASP K 155 49.28 -3.98 -18.61
C ASP K 155 49.74 -2.58 -18.98
N PRO L 89 26.42 -45.31 -8.66
CA PRO L 89 27.21 -46.17 -9.55
C PRO L 89 28.14 -45.36 -10.45
N CYS L 90 27.57 -44.44 -11.25
CA CYS L 90 28.32 -43.55 -12.15
C CYS L 90 28.58 -42.20 -11.49
N ASN L 91 27.76 -41.82 -10.50
CA ASN L 91 27.80 -40.56 -9.75
C ASN L 91 29.13 -40.36 -8.99
N TYR L 92 29.40 -39.10 -8.59
CA TYR L 92 30.60 -38.64 -7.86
C TYR L 92 30.94 -39.47 -6.62
N HIS L 93 29.91 -39.89 -5.85
CA HIS L 93 30.09 -40.70 -4.63
C HIS L 93 30.58 -42.12 -4.93
N SER L 110 33.92 -29.23 -2.13
CA SER L 110 33.80 -27.83 -2.51
C SER L 110 33.86 -27.64 -4.03
N TYR L 111 32.91 -26.86 -4.58
CA TYR L 111 32.81 -26.57 -6.02
C TYR L 111 33.53 -25.28 -6.37
N LEU L 112 34.38 -25.32 -7.41
CA LEU L 112 35.15 -24.17 -7.90
C LEU L 112 34.62 -23.70 -9.25
N PHE L 113 34.47 -22.37 -9.43
CA PHE L 113 33.92 -21.76 -10.65
C PHE L 113 34.98 -21.18 -11.59
N CYS L 114 34.69 -21.21 -12.91
CA CYS L 114 35.53 -20.68 -13.99
C CYS L 114 34.65 -19.94 -15.00
N GLY L 115 34.96 -18.67 -15.25
CA GLY L 115 34.21 -17.82 -16.17
C GLY L 115 34.99 -17.33 -17.36
N LEU L 116 34.27 -17.02 -18.47
CA LEU L 116 34.84 -16.52 -19.73
C LEU L 116 33.78 -15.75 -20.53
N PHE L 117 33.98 -14.41 -20.68
CA PHE L 117 33.08 -13.52 -21.41
C PHE L 117 33.84 -12.43 -22.18
N GLY L 118 33.35 -12.09 -23.37
CA GLY L 118 33.93 -11.09 -24.24
C GLY L 118 33.76 -9.66 -23.77
N ASP L 119 34.56 -8.74 -24.34
CA ASP L 119 34.55 -7.31 -24.02
C ASP L 119 33.53 -6.58 -24.89
#